data_7ZCE
#
_entry.id   7ZCE
#
_cell.length_a   1.00
_cell.length_b   1.00
_cell.length_c   1.00
_cell.angle_alpha   90.00
_cell.angle_beta   90.00
_cell.angle_gamma   90.00
#
_symmetry.space_group_name_H-M   'P 1'
#
loop_
_entity.id
_entity.type
_entity.pdbx_description
1 polymer 'Spike glycoprotein,Fibritin'
2 polymer 'scFv76 single chain fragment'
3 branched 2-acetamido-2-deoxy-beta-D-glucopyranose-(1-4)-2-acetamido-2-deoxy-beta-D-glucopyranose
4 non-polymer 2-acetamido-2-deoxy-beta-D-glucopyranose
#
loop_
_entity_poly.entity_id
_entity_poly.type
_entity_poly.pdbx_seq_one_letter_code
_entity_poly.pdbx_strand_id
1 'polypeptide(L)'
;MFVFLVLLPLVSSQCVNLTTRTQLPPAYTNSFTRGVYYPDKVFRSSVLHSTQDLFLPFFSNVTWFHAIHVSGTNGTKRFD
NPVLPFNDGVYFASTEKSNIIRGWIFGTTLDSKTQSLLIVNNATNVVIKVCEFQFCNDPFLGVYYHKNNKSWMESEFRVY
SSANNCTFEYVSQPFLMDLEGKQGNFKNLREFVFKNIDGYFKIYSKHTPINLVRDLPQGFSALEPLVDLPIGINITRFQT
LLALHRSYLTPGDSSSGWTAGAAAYYVGYLQPRTFLLKYNENGTITDAVDCALDPLSETKCTLKSFTVEKGIYQTSNFRV
QPTESIVRFPNITNLCPFGEVFNATRFASVYAWNRKRISNCVADYSVLYNSASFSTFKCYGVSPTKLNDLCFTNVYADSF
VIRGDEVRQIAPGQTGKIADYNYKLPDDFTGCVIAWNSNNLDSKVGGNYNYLYRLFRKSNLKPFERDISTEIYQAGSTPC
NGVEGFNCYFPLQSYGFQPTNGVGYQPYRVVVLSFELLHAPATVCGPKKSTNLVKNKCVNFNFNGLTGTGVLTESNKKFL
PFQQFGRDIADTTDAVRDPQTLEILDITPCSFGGVSVITPGTNTSNQVAVLYQDVNCTEVPVAIHADQLTPTWRVYSTGS
NVFQTRAGCLIGAEHVNNSYECDIPIGAGICASYQTQTNSPGSASSVASQSIIAYTMSLGAENSVAYSNNSIAIPTNFTI
SVTTEILPVSMTKTSVDCTMYICGDSTECSNLLLQYGSFCTQLNRALTGIAVEQDKNTQEVFAQVKQIYKTPPIKDFGGF
NFSQILPDPSKPSKRSPIEDLLFNKVTLADAGFIKQYGDCLGDIAARDLICAQKFNGLTVLPPLLTDEMIAQYTSALLAG
TITSGWTFGAGPALQIPFPMQMAYRFNGIGVTQNVLYENQKLIANQFNSAIGKIQDSLSSTPSALGKLQDVVNQNAQALN
TLVKQLSSNFGAISSVLNDILSRLDPPEAEVQIDRLITGRLQSLQTYVTQQLIRAAEIRASANLAATKMSECVLGQSKRV
DFCGKGYHLMSFPQSAPHGVVFLHVTYVPAQEKNFTTAPAICHDGKAHFPREGVFVSNGTHWFVTQRNFYEPQIITTDNT
FVSGNCDVVIGIVNNTVYDPLQPELDSFKEELDKYFKNHTSPDVDLGDISGINASVVNIQKEIDRLNEVAKNLNESLIDL
QELGKYEQGSGYIPEAPRDGQAYVRKDGEWVLLSTFLGRSLEVLFQGPGHHHHHHHHSAWSHPQFEKGGGSGGGGSGGSA
WSHPQFEK
;
A,B,C
2 'polypeptide(L)'
;RTMEEVQLLQSAGGLVQPGGSLRLSCAASGFTVSANYMSWVRQAPGKGLEWVSVIYPGGSTFYADSVKGRFTISRDNSKN
TLYLQMNSLRVEDTAVYYCARDLSVAGAFDIWGQGTLVTVSSGGGGSGGGGSGGGGSEIVLTQSPGTLSLSPGERATLSC
RASQSVSSSYLAWYQQKPGQAPRLLIYGASSRATGIPDRFSGSGSGTDFTLTISRLEPEDFAVYYCQQYGSSPYTFGQGT
KLEIKRAAAGDYKDDDDKHHHHHH
;
E,F,G
#
# COMPACT_ATOMS: atom_id res chain seq x y z
N ALA A 27 -33.51 9.66 -45.10
CA ALA A 27 -32.58 8.90 -45.91
C ALA A 27 -31.22 8.80 -45.22
N TYR A 28 -31.08 7.80 -44.35
CA TYR A 28 -29.90 7.68 -43.51
C TYR A 28 -28.70 7.22 -44.34
N THR A 29 -27.52 7.73 -43.98
CA THR A 29 -26.27 7.42 -44.65
C THR A 29 -25.23 7.05 -43.60
N ASN A 30 -24.35 6.12 -43.97
CA ASN A 30 -23.30 5.67 -43.06
C ASN A 30 -22.08 6.56 -43.17
N SER A 31 -21.65 7.12 -42.04
CA SER A 31 -20.42 7.90 -41.97
C SER A 31 -19.25 6.92 -41.92
N PHE A 32 -18.49 6.84 -43.00
CA PHE A 32 -17.47 5.82 -43.14
C PHE A 32 -16.40 5.93 -42.05
N THR A 33 -15.61 7.00 -42.09
CA THR A 33 -14.50 7.16 -41.16
C THR A 33 -14.38 8.59 -40.66
N ARG A 34 -15.50 9.31 -40.59
CA ARG A 34 -15.50 10.72 -40.24
C ARG A 34 -15.80 10.91 -38.76
N GLY A 35 -15.29 12.02 -38.22
CA GLY A 35 -15.56 12.37 -36.84
C GLY A 35 -14.40 12.17 -35.89
N VAL A 36 -13.18 12.41 -36.37
CA VAL A 36 -11.97 12.24 -35.57
C VAL A 36 -11.33 13.61 -35.40
N TYR A 37 -11.03 13.97 -34.15
CA TYR A 37 -10.51 15.28 -33.81
C TYR A 37 -9.33 15.14 -32.87
N TYR A 38 -8.56 16.22 -32.74
CA TYR A 38 -7.46 16.24 -31.78
C TYR A 38 -8.03 16.29 -30.37
N PRO A 39 -7.73 15.31 -29.51
CA PRO A 39 -8.33 15.30 -28.17
C PRO A 39 -7.64 16.17 -27.15
N ASP A 40 -6.44 16.69 -27.45
CA ASP A 40 -5.71 17.50 -26.49
C ASP A 40 -4.74 18.41 -27.22
N LYS A 41 -4.24 19.40 -26.50
CA LYS A 41 -3.24 20.33 -27.03
C LYS A 41 -1.82 19.81 -26.78
N VAL A 42 -1.56 18.57 -27.17
CA VAL A 42 -0.31 17.88 -26.89
C VAL A 42 0.30 17.45 -28.21
N PHE A 43 1.59 17.75 -28.38
CA PHE A 43 2.32 17.40 -29.59
C PHE A 43 2.84 15.97 -29.50
N ARG A 44 2.77 15.26 -30.62
CA ARG A 44 3.31 13.91 -30.73
C ARG A 44 3.69 13.65 -32.17
N SER A 45 4.85 13.03 -32.38
CA SER A 45 5.41 12.87 -33.72
C SER A 45 5.74 11.40 -33.97
N SER A 46 5.19 10.86 -35.07
CA SER A 46 5.54 9.54 -35.56
C SER A 46 5.36 8.45 -34.50
N VAL A 47 4.27 8.56 -33.73
CA VAL A 47 3.96 7.62 -32.68
C VAL A 47 2.47 7.26 -32.77
N LEU A 48 2.16 6.05 -32.32
CA LEU A 48 0.79 5.55 -32.29
C LEU A 48 0.30 5.61 -30.85
N HIS A 49 -0.79 6.35 -30.61
CA HIS A 49 -1.32 6.57 -29.28
C HIS A 49 -2.74 6.05 -29.19
N SER A 50 -3.10 5.57 -28.00
CA SER A 50 -4.43 5.04 -27.72
C SER A 50 -5.12 5.95 -26.70
N THR A 51 -6.31 6.43 -27.06
CA THR A 51 -7.08 7.32 -26.19
C THR A 51 -8.50 6.79 -26.04
N GLN A 52 -9.12 7.16 -24.92
CA GLN A 52 -10.49 6.75 -24.60
C GLN A 52 -11.28 8.02 -24.33
N ASP A 53 -11.85 8.60 -25.39
CA ASP A 53 -12.68 9.80 -25.28
C ASP A 53 -13.93 9.58 -26.11
N LEU A 54 -14.72 10.64 -26.27
CA LEU A 54 -15.96 10.57 -27.04
C LEU A 54 -15.65 10.73 -28.51
N PHE A 55 -15.97 9.72 -29.30
CA PHE A 55 -15.75 9.75 -30.75
C PHE A 55 -16.97 9.19 -31.45
N LEU A 56 -17.17 9.62 -32.69
CA LEU A 56 -18.25 9.07 -33.51
C LEU A 56 -17.85 7.68 -34.00
N PRO A 57 -18.65 6.66 -33.71
CA PRO A 57 -18.25 5.29 -34.08
C PRO A 57 -18.06 5.13 -35.58
N PHE A 58 -17.08 4.31 -35.95
CA PHE A 58 -16.79 4.07 -37.35
C PHE A 58 -17.94 3.34 -38.02
N PHE A 59 -18.21 3.72 -39.27
CA PHE A 59 -19.22 3.05 -40.11
C PHE A 59 -20.59 3.02 -39.43
N SER A 60 -20.93 4.09 -38.72
CA SER A 60 -22.22 4.20 -38.07
C SER A 60 -23.16 5.07 -38.89
N ASN A 61 -24.46 4.79 -38.79
CA ASN A 61 -25.44 5.55 -39.55
C ASN A 61 -25.71 6.89 -38.89
N VAL A 62 -25.99 7.90 -39.72
CA VAL A 62 -26.32 9.23 -39.24
C VAL A 62 -27.69 9.62 -39.78
N THR A 63 -28.18 10.78 -39.39
CA THR A 63 -29.48 11.27 -39.81
C THR A 63 -29.29 12.36 -40.86
N TRP A 64 -30.00 12.25 -41.97
CA TRP A 64 -29.93 13.20 -43.08
C TRP A 64 -31.17 14.07 -43.06
N PHE A 65 -30.97 15.38 -43.10
CA PHE A 65 -32.08 16.33 -43.02
C PHE A 65 -32.02 17.28 -44.21
N HIS A 66 -33.20 17.65 -44.70
CA HIS A 66 -33.32 18.57 -45.83
C HIS A 66 -33.89 19.91 -45.36
N ASN A 81 -34.03 21.75 -39.78
CA ASN A 81 -35.22 22.45 -39.32
C ASN A 81 -35.96 21.71 -38.18
N PRO A 82 -36.08 20.38 -38.25
CA PRO A 82 -36.66 19.65 -37.12
C PRO A 82 -35.87 19.89 -35.83
N VAL A 83 -36.49 19.48 -34.73
CA VAL A 83 -35.91 19.62 -33.39
C VAL A 83 -35.25 18.31 -33.01
N LEU A 84 -34.05 18.38 -32.45
CA LEU A 84 -33.26 17.21 -32.13
C LEU A 84 -32.81 17.24 -30.68
N PRO A 85 -32.60 16.07 -30.07
CA PRO A 85 -32.06 16.04 -28.70
C PRO A 85 -30.56 16.22 -28.68
N PHE A 86 -29.95 16.10 -27.50
CA PHE A 86 -28.51 16.31 -27.33
C PHE A 86 -28.05 15.39 -26.21
N ASN A 87 -27.55 14.21 -26.57
CA ASN A 87 -27.16 13.23 -25.57
C ASN A 87 -25.79 13.54 -24.98
N ASP A 88 -24.75 13.49 -25.81
CA ASP A 88 -23.39 13.79 -25.36
C ASP A 88 -22.61 14.69 -26.30
N GLY A 89 -22.96 14.79 -27.57
CA GLY A 89 -22.27 15.65 -28.50
C GLY A 89 -22.90 15.49 -29.87
N VAL A 90 -22.54 16.41 -30.76
CA VAL A 90 -23.12 16.40 -32.10
C VAL A 90 -22.02 16.63 -33.13
N TYR A 91 -22.32 16.18 -34.36
CA TYR A 91 -21.39 16.12 -35.48
C TYR A 91 -21.99 16.82 -36.71
N PHE A 92 -22.40 18.07 -36.53
CA PHE A 92 -23.07 18.79 -37.61
C PHE A 92 -22.12 18.95 -38.79
N ALA A 93 -22.42 18.27 -39.90
CA ALA A 93 -21.61 18.36 -41.10
C ALA A 93 -22.50 18.75 -42.28
N SER A 94 -22.00 19.62 -43.14
CA SER A 94 -22.85 20.12 -44.22
C SER A 94 -22.00 20.59 -45.40
N THR A 95 -22.55 20.41 -46.60
CA THR A 95 -22.01 21.00 -47.82
C THR A 95 -22.91 22.16 -48.20
N GLU A 96 -22.41 23.39 -48.02
CA GLU A 96 -23.26 24.56 -48.10
C GLU A 96 -23.47 25.02 -49.54
N LYS A 97 -22.39 25.48 -50.19
CA LYS A 97 -22.34 25.87 -51.59
C LYS A 97 -23.11 27.16 -51.88
N SER A 98 -23.93 27.63 -50.94
CA SER A 98 -24.62 28.90 -51.16
C SER A 98 -24.84 29.71 -49.88
N ASN A 99 -24.30 29.31 -48.73
CA ASN A 99 -24.37 30.07 -47.48
C ASN A 99 -25.82 30.28 -47.03
N ILE A 100 -26.46 29.17 -46.67
CA ILE A 100 -27.86 29.16 -46.23
C ILE A 100 -27.97 28.99 -44.72
N ILE A 101 -27.37 27.94 -44.17
CA ILE A 101 -27.78 27.40 -42.88
C ILE A 101 -26.85 27.86 -41.74
N ARG A 102 -26.18 29.00 -41.93
CA ARG A 102 -25.35 29.53 -40.86
C ARG A 102 -26.19 29.80 -39.62
N GLY A 103 -25.64 29.49 -38.45
CA GLY A 103 -26.34 29.73 -37.21
C GLY A 103 -26.59 28.50 -36.37
N TRP A 104 -26.73 28.68 -35.05
CA TRP A 104 -26.94 27.59 -34.12
C TRP A 104 -27.65 28.11 -32.89
N ILE A 105 -28.56 27.30 -32.35
CA ILE A 105 -29.24 27.59 -31.10
C ILE A 105 -29.15 26.35 -30.22
N PHE A 106 -28.79 26.54 -28.96
CA PHE A 106 -28.68 25.44 -28.01
C PHE A 106 -29.57 25.72 -26.82
N GLY A 107 -29.75 24.70 -25.97
CA GLY A 107 -30.49 24.89 -24.74
C GLY A 107 -31.44 23.77 -24.39
N THR A 108 -32.10 23.89 -23.24
CA THR A 108 -33.08 22.90 -22.80
C THR A 108 -34.52 23.39 -22.84
N THR A 109 -34.74 24.69 -22.74
CA THR A 109 -36.08 25.27 -22.83
C THR A 109 -35.96 26.62 -23.49
N LEU A 110 -36.51 26.74 -24.71
CA LEU A 110 -36.32 27.92 -25.55
C LEU A 110 -37.44 28.94 -25.40
N ASP A 111 -38.09 29.01 -24.24
CA ASP A 111 -39.24 29.90 -24.04
C ASP A 111 -39.04 30.72 -22.77
N SER A 112 -38.30 31.82 -22.90
CA SER A 112 -38.20 32.85 -21.85
C SER A 112 -37.80 32.28 -20.50
N LYS A 113 -36.93 31.27 -20.50
CA LYS A 113 -36.52 30.62 -19.26
C LYS A 113 -35.25 29.82 -19.51
N THR A 114 -34.43 29.71 -18.46
CA THR A 114 -33.25 28.86 -18.47
C THR A 114 -32.29 29.26 -19.60
N GLN A 115 -31.68 30.43 -19.41
CA GLN A 115 -30.82 31.09 -20.39
C GLN A 115 -30.00 30.12 -21.23
N SER A 116 -30.05 30.30 -22.55
CA SER A 116 -29.54 29.32 -23.50
C SER A 116 -28.64 29.99 -24.53
N LEU A 117 -27.73 29.20 -25.10
CA LEU A 117 -26.72 29.72 -26.01
C LEU A 117 -27.33 30.15 -27.33
N LEU A 118 -26.54 30.87 -28.12
CA LEU A 118 -26.95 31.37 -29.43
C LEU A 118 -25.75 31.84 -30.23
N ILE A 119 -25.59 31.32 -31.46
CA ILE A 119 -24.50 31.71 -32.34
C ILE A 119 -25.09 32.08 -33.69
N VAL A 120 -24.77 33.28 -34.18
CA VAL A 120 -25.28 33.73 -35.47
C VAL A 120 -24.16 34.40 -36.26
N ASN A 121 -24.03 34.04 -37.53
CA ASN A 121 -23.11 34.70 -38.44
C ASN A 121 -23.89 35.59 -39.40
N ASN A 122 -23.28 36.73 -39.75
CA ASN A 122 -23.90 37.65 -40.70
C ASN A 122 -22.88 38.14 -41.72
N ALA A 123 -21.99 37.24 -42.16
CA ALA A 123 -21.01 37.44 -43.23
C ALA A 123 -19.92 38.44 -42.85
N THR A 124 -19.97 39.05 -41.68
CA THR A 124 -18.92 39.97 -41.23
C THR A 124 -18.24 39.47 -39.97
N ASN A 125 -19.00 39.14 -38.93
CA ASN A 125 -18.44 38.64 -37.69
C ASN A 125 -19.50 37.79 -37.00
N VAL A 126 -19.07 36.66 -36.46
CA VAL A 126 -19.99 35.78 -35.73
C VAL A 126 -20.24 36.36 -34.34
N VAL A 127 -21.46 36.20 -33.87
CA VAL A 127 -21.88 36.67 -32.56
C VAL A 127 -22.31 35.46 -31.75
N ILE A 128 -21.65 35.24 -30.62
CA ILE A 128 -21.84 34.04 -29.82
C ILE A 128 -22.51 34.39 -28.49
N LYS A 129 -23.08 35.59 -28.41
CA LYS A 129 -23.63 36.09 -27.15
C LYS A 129 -24.77 35.20 -26.65
N VAL A 130 -24.66 34.72 -25.42
CA VAL A 130 -25.71 33.90 -24.84
C VAL A 130 -26.80 34.82 -24.32
N CYS A 131 -28.02 34.63 -24.82
CA CYS A 131 -29.03 35.65 -24.62
C CYS A 131 -30.43 35.10 -24.91
N GLU A 132 -31.35 35.29 -23.96
CA GLU A 132 -32.68 34.70 -24.08
C GLU A 132 -33.51 35.42 -25.15
N PHE A 133 -34.31 34.65 -25.86
CA PHE A 133 -35.25 35.18 -26.86
C PHE A 133 -36.58 34.48 -26.65
N GLN A 134 -37.51 34.68 -27.59
CA GLN A 134 -38.79 33.99 -27.56
C GLN A 134 -38.75 32.69 -28.35
N PHE A 135 -38.07 32.69 -29.50
CA PHE A 135 -37.90 31.51 -30.33
C PHE A 135 -39.26 30.91 -30.74
N CYS A 136 -40.02 31.71 -31.48
CA CYS A 136 -41.34 31.30 -31.95
C CYS A 136 -41.40 31.13 -33.46
N ASN A 137 -41.02 32.15 -34.23
CA ASN A 137 -41.11 32.11 -35.67
C ASN A 137 -39.77 31.84 -36.36
N ASP A 138 -38.71 31.55 -35.58
CA ASP A 138 -37.38 31.30 -36.12
C ASP A 138 -36.94 32.44 -37.03
N PRO A 139 -36.55 33.60 -36.45
CA PRO A 139 -36.25 34.79 -37.27
C PRO A 139 -35.39 34.52 -38.50
N PHE A 140 -35.85 35.01 -39.65
CA PHE A 140 -35.21 34.76 -40.92
C PHE A 140 -34.29 35.93 -41.30
N LEU A 141 -33.08 35.61 -41.74
CA LEU A 141 -32.15 36.65 -42.15
C LEU A 141 -32.65 37.38 -43.39
N GLY A 142 -33.15 36.65 -44.38
CA GLY A 142 -33.74 37.25 -45.56
C GLY A 142 -32.78 38.02 -46.44
N VAL A 143 -31.56 37.52 -46.61
CA VAL A 143 -30.58 38.19 -47.46
C VAL A 143 -30.02 37.21 -48.49
N SER A 155 -30.53 42.39 -48.18
CA SER A 155 -31.22 43.62 -48.58
C SER A 155 -32.24 44.04 -47.53
N GLU A 156 -32.58 43.11 -46.64
CA GLU A 156 -33.54 43.40 -45.57
C GLU A 156 -33.29 42.44 -44.42
N PHE A 157 -33.85 42.78 -43.26
CA PHE A 157 -33.69 41.98 -42.05
C PHE A 157 -35.02 41.89 -41.34
N ARG A 158 -35.14 40.85 -40.49
CA ARG A 158 -36.35 40.60 -39.72
C ARG A 158 -36.08 40.89 -38.25
N VAL A 159 -37.08 41.48 -37.59
CA VAL A 159 -36.94 41.79 -36.16
C VAL A 159 -36.81 40.51 -35.37
N TYR A 160 -35.84 40.49 -34.46
CA TYR A 160 -35.61 39.31 -33.63
C TYR A 160 -36.75 39.15 -32.62
N SER A 161 -36.73 38.02 -31.91
CA SER A 161 -37.82 37.64 -31.03
C SER A 161 -38.02 38.63 -29.89
N SER A 162 -37.07 38.72 -28.97
CA SER A 162 -37.17 39.58 -27.81
C SER A 162 -35.85 39.58 -27.05
N ALA A 163 -35.58 40.68 -26.35
CA ALA A 163 -34.36 40.84 -25.55
C ALA A 163 -34.74 40.65 -24.08
N ASN A 164 -34.43 39.48 -23.53
CA ASN A 164 -34.71 39.14 -22.15
C ASN A 164 -33.43 39.26 -21.32
N ASN A 165 -33.48 38.77 -20.08
CA ASN A 165 -32.31 38.73 -19.21
C ASN A 165 -31.13 38.12 -19.95
N CYS A 166 -30.07 38.91 -20.12
CA CYS A 166 -28.98 38.59 -21.03
C CYS A 166 -27.67 38.70 -20.25
N THR A 167 -26.83 37.67 -20.34
CA THR A 167 -25.76 37.50 -19.37
C THR A 167 -24.34 37.57 -19.93
N PHE A 168 -24.10 37.19 -21.18
CA PHE A 168 -22.73 37.20 -21.69
C PHE A 168 -22.72 37.45 -23.18
N GLU A 169 -21.73 38.23 -23.63
CA GLU A 169 -21.64 38.66 -25.02
C GLU A 169 -20.25 38.35 -25.56
N TYR A 170 -20.20 38.04 -26.87
CA TYR A 170 -18.93 37.73 -27.53
C TYR A 170 -19.10 38.00 -29.02
N VAL A 171 -18.27 38.89 -29.57
CA VAL A 171 -18.27 39.20 -30.99
C VAL A 171 -16.82 39.32 -31.43
N SER A 172 -16.33 38.31 -32.15
CA SER A 172 -14.97 38.31 -32.68
C SER A 172 -14.86 37.14 -33.65
N GLN A 173 -13.64 36.85 -34.10
CA GLN A 173 -13.30 35.65 -34.87
C GLN A 173 -14.15 35.52 -36.13
N PRO A 174 -13.87 36.29 -37.18
CA PRO A 174 -14.64 36.14 -38.43
C PRO A 174 -14.56 34.71 -38.95
N PHE A 175 -15.67 34.25 -39.51
CA PHE A 175 -15.87 32.82 -39.77
C PHE A 175 -15.44 32.41 -41.17
N LEU A 176 -16.06 33.01 -42.20
CA LEU A 176 -15.85 32.62 -43.59
C LEU A 176 -16.07 31.13 -43.81
N LYS A 187 -16.88 24.05 -54.07
CA LYS A 187 -17.41 22.85 -53.44
C LYS A 187 -16.67 22.59 -52.12
N ASN A 188 -17.25 23.09 -51.03
CA ASN A 188 -16.64 22.97 -49.71
C ASN A 188 -17.57 22.21 -48.77
N LEU A 189 -16.96 21.44 -47.88
CA LEU A 189 -17.67 20.69 -46.85
C LEU A 189 -17.16 21.15 -45.49
N ARG A 190 -18.09 21.52 -44.61
CA ARG A 190 -17.76 22.04 -43.29
C ARG A 190 -18.28 21.07 -42.24
N GLU A 191 -17.38 20.62 -41.36
CA GLU A 191 -17.70 19.69 -40.30
C GLU A 191 -17.46 20.35 -38.96
N PHE A 192 -18.39 20.15 -38.02
CA PHE A 192 -18.33 20.78 -36.71
C PHE A 192 -18.75 19.77 -35.65
N VAL A 193 -17.83 19.46 -34.74
CA VAL A 193 -18.13 18.65 -33.57
C VAL A 193 -18.35 19.59 -32.39
N PHE A 194 -19.53 19.52 -31.79
CA PHE A 194 -19.85 20.28 -30.60
C PHE A 194 -19.94 19.32 -29.43
N LYS A 195 -19.20 19.62 -28.36
CA LYS A 195 -19.25 18.79 -27.16
C LYS A 195 -19.29 19.68 -25.94
N ASN A 196 -19.77 19.11 -24.83
CA ASN A 196 -19.88 19.82 -23.56
C ASN A 196 -19.32 18.94 -22.46
N ILE A 197 -18.41 19.50 -21.66
CA ILE A 197 -17.80 18.75 -20.55
C ILE A 197 -17.18 19.77 -19.60
N ASP A 198 -17.36 19.52 -18.30
CA ASP A 198 -16.76 20.33 -17.24
C ASP A 198 -17.13 21.80 -17.42
N GLY A 199 -18.40 22.05 -17.74
CA GLY A 199 -18.89 23.40 -17.92
C GLY A 199 -18.26 24.13 -19.08
N TYR A 200 -17.59 23.40 -19.96
CA TYR A 200 -16.94 23.98 -21.13
C TYR A 200 -17.64 23.49 -22.39
N PHE A 201 -17.98 24.43 -23.26
CA PHE A 201 -18.62 24.14 -24.54
C PHE A 201 -17.54 24.22 -25.62
N LYS A 202 -17.06 23.06 -26.06
CA LYS A 202 -15.94 22.99 -26.98
C LYS A 202 -16.43 22.77 -28.41
N ILE A 203 -15.86 23.53 -29.35
CA ILE A 203 -16.21 23.45 -30.76
C ILE A 203 -14.96 23.08 -31.55
N TYR A 204 -15.08 22.05 -32.39
CA TYR A 204 -14.03 21.67 -33.32
C TYR A 204 -14.57 21.78 -34.74
N SER A 205 -13.76 22.31 -35.66
CA SER A 205 -14.22 22.60 -37.00
C SER A 205 -13.21 22.14 -38.03
N LYS A 206 -13.70 21.92 -39.25
CA LYS A 206 -12.82 21.70 -40.40
C LYS A 206 -13.58 22.03 -41.67
N HIS A 207 -12.97 22.87 -42.51
CA HIS A 207 -13.51 23.20 -43.83
C HIS A 207 -12.58 22.61 -44.88
N THR A 208 -13.12 21.80 -45.78
CA THR A 208 -12.30 21.12 -46.76
C THR A 208 -12.90 21.20 -48.16
N PRO A 209 -12.07 21.30 -49.20
CA PRO A 209 -12.59 21.26 -50.56
C PRO A 209 -12.79 19.84 -51.04
N ILE A 210 -13.88 19.63 -51.78
CA ILE A 210 -14.23 18.32 -52.32
C ILE A 210 -14.61 18.47 -53.78
N ASN A 211 -14.57 17.34 -54.50
CA ASN A 211 -14.90 17.30 -55.92
C ASN A 211 -16.26 16.67 -56.18
N LEU A 212 -16.53 15.53 -55.57
CA LEU A 212 -17.80 14.85 -55.79
C LEU A 212 -18.96 15.61 -55.16
N VAL A 213 -20.15 15.35 -55.67
CA VAL A 213 -21.35 16.05 -55.23
C VAL A 213 -22.37 15.15 -54.56
N ARG A 214 -22.27 13.82 -54.73
CA ARG A 214 -23.31 12.92 -54.25
C ARG A 214 -23.46 12.98 -52.73
N ASP A 215 -22.42 12.55 -52.01
CA ASP A 215 -22.51 12.44 -50.56
C ASP A 215 -21.10 12.49 -49.98
N LEU A 216 -20.97 12.06 -48.72
CA LEU A 216 -19.70 12.12 -48.02
C LEU A 216 -18.69 11.19 -48.69
N PRO A 217 -17.44 11.62 -48.84
CA PRO A 217 -16.42 10.77 -49.45
C PRO A 217 -15.81 9.82 -48.42
N GLN A 218 -14.81 9.05 -48.88
CA GLN A 218 -14.16 8.04 -48.06
C GLN A 218 -12.82 8.50 -47.51
N GLY A 219 -12.52 9.80 -47.59
CA GLY A 219 -11.26 10.32 -47.10
C GLY A 219 -11.25 10.47 -45.60
N PHE A 220 -10.08 10.85 -45.09
CA PHE A 220 -9.87 11.08 -43.66
C PHE A 220 -9.33 12.48 -43.44
N SER A 221 -9.83 13.15 -42.40
CA SER A 221 -9.41 14.51 -42.09
C SER A 221 -9.69 14.78 -40.62
N ALA A 222 -8.65 15.12 -39.86
CA ALA A 222 -8.83 15.44 -38.46
C ALA A 222 -9.44 16.83 -38.31
N LEU A 223 -10.00 17.09 -37.13
CA LEU A 223 -10.65 18.35 -36.82
C LEU A 223 -9.83 19.14 -35.81
N GLU A 224 -9.51 20.39 -36.14
CA GLU A 224 -8.73 21.26 -35.27
C GLU A 224 -9.65 22.15 -34.43
N PRO A 225 -9.33 22.31 -33.15
CA PRO A 225 -10.22 23.10 -32.28
C PRO A 225 -10.21 24.57 -32.64
N LEU A 226 -11.33 25.24 -32.35
CA LEU A 226 -11.43 26.69 -32.45
C LEU A 226 -11.59 27.36 -31.10
N VAL A 227 -12.57 26.95 -30.30
CA VAL A 227 -12.91 27.68 -29.09
C VAL A 227 -13.47 26.72 -28.06
N ASP A 228 -13.30 27.08 -26.79
CA ASP A 228 -13.84 26.35 -25.64
C ASP A 228 -14.53 27.35 -24.72
N LEU A 229 -15.79 27.62 -25.00
CA LEU A 229 -16.55 28.62 -24.24
C LEU A 229 -16.66 28.20 -22.77
N PRO A 230 -16.32 29.09 -21.84
CA PRO A 230 -16.55 28.83 -20.40
C PRO A 230 -17.91 29.34 -19.93
N ILE A 231 -18.97 28.66 -20.36
CA ILE A 231 -20.33 29.11 -20.09
C ILE A 231 -20.90 28.34 -18.90
N GLY A 232 -21.03 27.02 -19.05
CA GLY A 232 -21.39 26.16 -17.93
C GLY A 232 -22.87 26.07 -17.61
N ILE A 233 -23.69 25.73 -18.61
CA ILE A 233 -25.10 25.43 -18.42
C ILE A 233 -25.41 24.13 -19.14
N ASN A 234 -26.13 23.23 -18.45
CA ASN A 234 -26.50 21.94 -19.03
C ASN A 234 -27.35 22.14 -20.27
N ILE A 235 -27.01 21.44 -21.34
CA ILE A 235 -27.68 21.56 -22.63
C ILE A 235 -28.20 20.20 -23.03
N THR A 236 -29.46 20.14 -23.48
CA THR A 236 -30.05 18.89 -23.92
C THR A 236 -30.87 19.02 -25.21
N ARG A 237 -30.74 20.13 -25.93
CA ARG A 237 -31.49 20.31 -27.17
C ARG A 237 -30.79 21.36 -28.01
N PHE A 238 -30.96 21.27 -29.33
CA PHE A 238 -30.39 22.26 -30.23
C PHE A 238 -31.24 22.33 -31.50
N GLN A 239 -31.12 23.47 -32.18
CA GLN A 239 -31.92 23.77 -33.37
C GLN A 239 -30.99 24.25 -34.48
N THR A 240 -31.56 24.71 -35.59
CA THR A 240 -30.78 25.30 -36.67
C THR A 240 -31.66 26.29 -37.42
N LEU A 241 -31.06 27.39 -37.86
CA LEU A 241 -31.75 28.41 -38.61
C LEU A 241 -31.10 28.58 -39.98
N LEU A 242 -31.93 28.85 -40.99
CA LEU A 242 -31.44 28.95 -42.35
C LEU A 242 -31.35 30.41 -42.80
N ALA A 263 -31.18 23.63 -48.41
CA ALA A 263 -30.02 22.75 -48.51
C ALA A 263 -30.22 21.49 -47.67
N ALA A 264 -29.11 20.86 -47.29
CA ALA A 264 -29.16 19.63 -46.52
C ALA A 264 -27.90 19.50 -45.68
N TYR A 265 -28.02 18.82 -44.54
CA TYR A 265 -26.90 18.60 -43.64
C TYR A 265 -27.04 17.21 -43.01
N TYR A 266 -26.06 16.86 -42.19
CA TYR A 266 -26.03 15.56 -41.53
C TYR A 266 -25.74 15.75 -40.05
N VAL A 267 -26.34 14.90 -39.22
CA VAL A 267 -26.19 14.95 -37.78
C VAL A 267 -25.75 13.59 -37.28
N GLY A 268 -24.68 13.55 -36.50
CA GLY A 268 -24.21 12.32 -35.89
C GLY A 268 -23.96 12.53 -34.41
N TYR A 269 -24.21 11.47 -33.65
CA TYR A 269 -24.17 11.54 -32.19
C TYR A 269 -22.91 10.84 -31.67
N LEU A 270 -22.20 11.53 -30.79
CA LEU A 270 -20.97 10.98 -30.21
C LEU A 270 -21.31 9.87 -29.22
N GLN A 271 -20.27 9.11 -28.87
CA GLN A 271 -20.44 7.93 -28.02
C GLN A 271 -19.10 7.60 -27.41
N PRO A 272 -19.04 7.13 -26.17
CA PRO A 272 -17.76 6.68 -25.61
C PRO A 272 -17.16 5.56 -26.42
N ARG A 273 -15.84 5.62 -26.63
CA ARG A 273 -15.17 4.67 -27.49
C ARG A 273 -13.67 4.76 -27.22
N THR A 274 -12.94 3.78 -27.77
CA THR A 274 -11.49 3.74 -27.70
C THR A 274 -10.95 3.81 -29.13
N PHE A 275 -9.97 4.68 -29.35
CA PHE A 275 -9.39 4.90 -30.66
C PHE A 275 -7.88 4.73 -30.59
N LEU A 276 -7.28 4.37 -31.73
CA LEU A 276 -5.83 4.28 -31.87
C LEU A 276 -5.41 5.34 -32.88
N LEU A 277 -4.91 6.47 -32.39
CA LEU A 277 -4.56 7.60 -33.22
C LEU A 277 -3.11 7.48 -33.69
N LYS A 278 -2.89 7.72 -34.98
CA LYS A 278 -1.57 7.65 -35.58
C LYS A 278 -1.12 9.03 -36.01
N TYR A 279 0.02 9.48 -35.50
CA TYR A 279 0.59 10.77 -35.83
C TYR A 279 1.75 10.61 -36.80
N ASN A 280 1.92 11.58 -37.68
CA ASN A 280 3.03 11.58 -38.62
C ASN A 280 4.20 12.37 -38.02
N GLU A 281 5.20 12.67 -38.84
CA GLU A 281 6.38 13.38 -38.34
C GLU A 281 6.02 14.80 -37.90
N ASN A 282 5.17 15.50 -38.66
CA ASN A 282 4.86 16.88 -38.32
C ASN A 282 3.98 16.98 -37.09
N GLY A 283 3.16 15.96 -36.82
CA GLY A 283 2.29 15.99 -35.66
C GLY A 283 0.82 16.09 -36.01
N THR A 284 0.44 15.53 -37.15
CA THR A 284 -0.94 15.51 -37.61
C THR A 284 -1.45 14.08 -37.66
N ILE A 285 -2.71 13.90 -37.29
CA ILE A 285 -3.33 12.57 -37.29
C ILE A 285 -3.59 12.15 -38.72
N THR A 286 -2.76 11.26 -39.26
CA THR A 286 -2.94 10.79 -40.62
C THR A 286 -4.18 9.92 -40.74
N ASP A 287 -4.33 8.94 -39.85
CA ASP A 287 -5.49 8.08 -39.84
C ASP A 287 -5.57 7.37 -38.50
N ALA A 288 -6.69 6.70 -38.27
CA ALA A 288 -6.91 5.98 -37.02
C ALA A 288 -7.82 4.80 -37.29
N VAL A 289 -7.84 3.86 -36.36
CA VAL A 289 -8.64 2.65 -36.47
C VAL A 289 -9.58 2.56 -35.27
N ASP A 290 -10.85 2.29 -35.55
CA ASP A 290 -11.80 2.05 -34.47
C ASP A 290 -11.44 0.74 -33.77
N CYS A 291 -11.72 0.67 -32.48
CA CYS A 291 -11.15 -0.37 -31.63
C CYS A 291 -12.23 -1.33 -31.11
N ALA A 292 -13.45 -1.23 -31.64
CA ALA A 292 -14.51 -2.14 -31.26
C ALA A 292 -15.31 -2.59 -32.49
N LEU A 293 -14.93 -2.08 -33.66
CA LEU A 293 -15.70 -2.37 -34.87
C LEU A 293 -15.55 -3.83 -35.29
N ASP A 294 -14.33 -4.32 -35.35
CA ASP A 294 -14.04 -5.64 -35.90
C ASP A 294 -13.08 -6.40 -34.99
N PRO A 295 -13.10 -7.73 -35.03
CA PRO A 295 -12.06 -8.49 -34.34
C PRO A 295 -10.66 -8.16 -34.84
N LEU A 296 -10.51 -7.92 -36.14
CA LEU A 296 -9.21 -7.57 -36.70
C LEU A 296 -8.70 -6.25 -36.12
N SER A 297 -9.59 -5.26 -36.05
CA SER A 297 -9.24 -3.97 -35.49
C SER A 297 -8.91 -4.10 -34.01
N GLU A 298 -9.65 -4.97 -33.31
CA GLU A 298 -9.38 -5.16 -31.89
C GLU A 298 -8.01 -5.79 -31.66
N THR A 299 -7.63 -6.77 -32.49
CA THR A 299 -6.28 -7.32 -32.40
C THR A 299 -5.24 -6.29 -32.81
N LYS A 300 -5.57 -5.39 -33.74
CA LYS A 300 -4.67 -4.29 -34.04
C LYS A 300 -4.43 -3.42 -32.81
N CYS A 301 -5.50 -3.15 -32.05
CA CYS A 301 -5.36 -2.43 -30.80
C CYS A 301 -4.45 -3.18 -29.83
N THR A 302 -4.67 -4.49 -29.70
CA THR A 302 -3.86 -5.28 -28.76
C THR A 302 -2.39 -5.28 -29.16
N LEU A 303 -2.11 -5.42 -30.45
CA LEU A 303 -0.74 -5.44 -30.94
C LEU A 303 -0.10 -4.07 -31.00
N LYS A 304 -0.90 -3.01 -30.93
CA LYS A 304 -0.41 -1.62 -31.01
C LYS A 304 0.30 -1.40 -32.35
N SER A 305 -0.37 -1.77 -33.43
CA SER A 305 0.22 -1.70 -34.76
C SER A 305 -0.89 -1.60 -35.80
N PHE A 306 -0.50 -1.23 -37.01
CA PHE A 306 -1.43 -1.14 -38.13
C PHE A 306 -1.33 -2.32 -39.10
N THR A 307 -0.22 -3.05 -39.09
CA THR A 307 -0.05 -4.23 -39.93
C THR A 307 0.15 -5.44 -39.03
N VAL A 308 -0.55 -6.53 -39.34
CA VAL A 308 -0.56 -7.73 -38.52
C VAL A 308 0.02 -8.87 -39.32
N GLU A 309 1.03 -9.55 -38.76
CA GLU A 309 1.62 -10.71 -39.42
C GLU A 309 0.68 -11.90 -39.31
N LYS A 310 0.89 -12.88 -40.18
CA LYS A 310 0.07 -14.08 -40.19
C LYS A 310 0.23 -14.84 -38.88
N GLY A 311 -0.89 -15.24 -38.29
CA GLY A 311 -0.83 -16.03 -37.08
C GLY A 311 -2.10 -15.91 -36.26
N ILE A 312 -2.01 -16.40 -35.03
CA ILE A 312 -3.12 -16.43 -34.08
C ILE A 312 -2.75 -15.57 -32.88
N TYR A 313 -3.66 -14.70 -32.46
CA TYR A 313 -3.42 -13.80 -31.34
C TYR A 313 -4.56 -13.91 -30.34
N GLN A 314 -4.22 -14.06 -29.07
CA GLN A 314 -5.22 -14.04 -28.01
C GLN A 314 -5.64 -12.60 -27.76
N THR A 315 -6.94 -12.33 -27.86
CA THR A 315 -7.45 -10.97 -27.91
C THR A 315 -7.98 -10.48 -26.57
N SER A 316 -8.95 -11.17 -26.00
CA SER A 316 -9.61 -10.68 -24.79
C SER A 316 -10.11 -11.88 -24.00
N ASN A 317 -11.03 -11.63 -23.06
CA ASN A 317 -11.60 -12.65 -22.20
C ASN A 317 -13.10 -12.71 -22.43
N PHE A 318 -13.68 -13.87 -22.09
CA PHE A 318 -15.10 -14.12 -22.31
C PHE A 318 -15.68 -14.86 -21.11
N ARG A 319 -16.83 -14.38 -20.63
CA ARG A 319 -17.50 -15.00 -19.50
C ARG A 319 -19.00 -14.76 -19.61
N VAL A 320 -19.76 -15.59 -18.90
CA VAL A 320 -21.22 -15.56 -18.95
C VAL A 320 -21.73 -14.92 -17.66
N GLN A 321 -22.53 -13.87 -17.79
CA GLN A 321 -23.05 -13.15 -16.65
C GLN A 321 -24.28 -13.87 -16.07
N PRO A 322 -24.53 -13.71 -14.77
CA PRO A 322 -25.73 -14.31 -14.18
C PRO A 322 -27.00 -13.68 -14.74
N THR A 323 -28.06 -14.50 -14.80
CA THR A 323 -29.33 -14.06 -15.34
C THR A 323 -30.44 -14.01 -14.29
N GLU A 324 -30.21 -14.52 -13.09
CA GLU A 324 -31.26 -14.57 -12.08
C GLU A 324 -30.61 -14.70 -10.70
N SER A 325 -31.41 -14.44 -9.67
CA SER A 325 -30.97 -14.56 -8.29
C SER A 325 -32.00 -15.40 -7.52
N ILE A 326 -31.50 -16.32 -6.70
CA ILE A 326 -32.34 -17.23 -5.94
C ILE A 326 -31.82 -17.31 -4.51
N VAL A 327 -32.74 -17.22 -3.55
CA VAL A 327 -32.43 -17.38 -2.13
C VAL A 327 -33.39 -18.40 -1.56
N ARG A 328 -32.85 -19.47 -0.98
CA ARG A 328 -33.66 -20.54 -0.40
C ARG A 328 -33.42 -20.61 1.11
N PHE A 329 -34.51 -20.65 1.87
CA PHE A 329 -34.48 -20.70 3.31
C PHE A 329 -35.45 -21.79 3.78
N PRO A 330 -35.23 -22.32 4.99
CA PRO A 330 -36.15 -23.35 5.49
C PRO A 330 -37.56 -22.79 5.66
N ASN A 331 -38.56 -23.66 5.47
CA ASN A 331 -39.94 -23.25 5.53
C ASN A 331 -40.34 -22.92 6.97
N ILE A 332 -41.61 -22.54 7.13
CA ILE A 332 -42.10 -22.09 8.43
C ILE A 332 -42.16 -23.27 9.39
N THR A 333 -41.64 -23.07 10.60
CA THR A 333 -41.73 -24.10 11.63
C THR A 333 -43.15 -24.18 12.18
N ASN A 334 -43.63 -23.10 12.79
CA ASN A 334 -44.99 -23.03 13.31
C ASN A 334 -45.36 -21.58 13.54
N LEU A 335 -46.66 -21.32 13.64
CA LEU A 335 -47.15 -19.99 13.92
C LEU A 335 -47.03 -19.67 15.41
N CYS A 336 -47.16 -18.39 15.73
CA CYS A 336 -47.08 -17.93 17.11
C CYS A 336 -48.44 -17.52 17.63
N PRO A 337 -48.65 -17.60 18.95
CA PRO A 337 -49.93 -17.14 19.53
C PRO A 337 -49.99 -15.63 19.67
N PHE A 338 -49.08 -14.92 18.97
CA PHE A 338 -48.99 -13.47 19.10
C PHE A 338 -50.30 -12.77 18.75
N GLY A 339 -51.11 -13.36 17.89
CA GLY A 339 -52.40 -12.76 17.56
C GLY A 339 -53.32 -12.65 18.75
N GLU A 340 -53.26 -13.62 19.67
CA GLU A 340 -54.10 -13.58 20.86
C GLU A 340 -53.76 -12.40 21.75
N VAL A 341 -52.48 -12.02 21.80
CA VAL A 341 -52.09 -10.86 22.61
C VAL A 341 -52.77 -9.60 22.11
N PHE A 342 -52.83 -9.41 20.80
CA PHE A 342 -53.46 -8.22 20.25
C PHE A 342 -54.98 -8.29 20.28
N ASN A 343 -55.55 -9.47 20.07
CA ASN A 343 -57.00 -9.59 19.91
C ASN A 343 -57.56 -10.62 20.88
N ALA A 344 -57.18 -10.51 22.15
CA ALA A 344 -57.77 -11.32 23.20
C ALA A 344 -59.07 -10.67 23.68
N THR A 345 -59.69 -11.25 24.70
CA THR A 345 -60.97 -10.79 25.23
C THR A 345 -60.84 -10.07 26.57
N ARG A 346 -60.20 -10.71 27.55
CA ARG A 346 -60.07 -10.16 28.89
C ARG A 346 -58.64 -9.70 29.13
N PHE A 347 -58.47 -8.47 29.59
CA PHE A 347 -57.17 -7.88 29.86
C PHE A 347 -57.07 -7.47 31.32
N ALA A 348 -55.87 -7.57 31.87
CA ALA A 348 -55.63 -7.19 33.25
C ALA A 348 -55.27 -5.70 33.35
N SER A 349 -55.60 -5.12 34.49
CA SER A 349 -55.40 -3.68 34.70
C SER A 349 -53.94 -3.38 35.00
N VAL A 350 -53.64 -2.10 35.20
CA VAL A 350 -52.27 -1.66 35.43
C VAL A 350 -51.77 -2.13 36.80
N TYR A 351 -52.66 -2.19 37.80
CA TYR A 351 -52.23 -2.56 39.14
C TYR A 351 -51.67 -3.98 39.17
N ALA A 352 -52.29 -4.89 38.44
CA ALA A 352 -51.79 -6.25 38.24
C ALA A 352 -51.61 -6.45 36.74
N TRP A 353 -50.46 -6.04 36.24
CA TRP A 353 -50.17 -6.13 34.81
C TRP A 353 -49.69 -7.52 34.44
N ASN A 354 -50.33 -8.12 33.45
CA ASN A 354 -50.06 -9.50 33.05
C ASN A 354 -49.04 -9.56 31.92
N ARG A 355 -48.26 -10.63 31.92
CA ARG A 355 -47.21 -10.87 30.95
C ARG A 355 -47.43 -12.21 30.27
N LYS A 356 -46.77 -12.37 29.12
CA LYS A 356 -46.84 -13.62 28.36
C LYS A 356 -45.58 -13.73 27.52
N ARG A 357 -44.77 -14.74 27.78
CA ARG A 357 -43.61 -15.01 26.95
C ARG A 357 -44.03 -15.75 25.68
N ILE A 358 -43.31 -15.49 24.59
CA ILE A 358 -43.58 -16.17 23.33
C ILE A 358 -42.55 -17.28 23.15
N SER A 359 -43.02 -18.50 22.93
CA SER A 359 -42.17 -19.67 22.86
C SER A 359 -41.50 -19.77 21.49
N ASN A 360 -40.89 -20.91 21.22
CA ASN A 360 -40.15 -21.12 19.98
C ASN A 360 -41.12 -21.26 18.81
N CYS A 361 -41.18 -20.23 17.98
CA CYS A 361 -42.03 -20.25 16.79
C CYS A 361 -41.50 -19.21 15.81
N VAL A 362 -42.08 -19.20 14.61
CA VAL A 362 -41.68 -18.25 13.58
C VAL A 362 -42.42 -16.94 13.84
N ALA A 363 -41.65 -15.89 14.12
CA ALA A 363 -42.26 -14.59 14.42
C ALA A 363 -42.94 -14.03 13.19
N ASP A 364 -44.17 -13.54 13.38
CA ASP A 364 -44.99 -12.99 12.31
C ASP A 364 -45.18 -11.50 12.59
N TYR A 365 -44.30 -10.68 12.02
CA TYR A 365 -44.29 -9.25 12.28
C TYR A 365 -44.72 -8.41 11.08
N SER A 366 -44.91 -9.02 9.91
CA SER A 366 -45.27 -8.25 8.72
C SER A 366 -46.66 -7.64 8.84
N VAL A 367 -47.61 -8.37 9.43
CA VAL A 367 -48.99 -7.89 9.52
C VAL A 367 -49.18 -6.85 10.61
N LEU A 368 -48.13 -6.47 11.33
CA LEU A 368 -48.24 -5.50 12.41
C LEU A 368 -48.27 -4.06 11.87
N TYR A 369 -47.24 -3.68 11.12
CA TYR A 369 -47.19 -2.34 10.56
C TYR A 369 -48.18 -2.13 9.42
N ASN A 370 -48.57 -3.20 8.73
CA ASN A 370 -49.56 -3.10 7.66
C ASN A 370 -50.95 -2.80 8.18
N SER A 371 -51.20 -2.94 9.48
CA SER A 371 -52.50 -2.66 10.05
C SER A 371 -52.60 -1.18 10.41
N ALA A 372 -53.65 -0.53 9.92
CA ALA A 372 -53.89 0.88 10.20
C ALA A 372 -54.51 1.10 11.58
N SER A 373 -54.83 0.03 12.31
CA SER A 373 -55.45 0.16 13.63
C SER A 373 -54.49 0.73 14.66
N PHE A 374 -53.18 0.74 14.38
CA PHE A 374 -52.20 1.26 15.31
C PHE A 374 -51.89 2.72 14.99
N SER A 375 -51.97 3.57 16.02
CA SER A 375 -51.72 5.00 15.87
C SER A 375 -50.58 5.51 16.75
N THR A 376 -49.99 4.66 17.59
CA THR A 376 -48.91 5.06 18.49
C THR A 376 -47.78 4.04 18.43
N PHE A 377 -47.37 3.68 17.21
CA PHE A 377 -46.26 2.74 17.03
C PHE A 377 -44.92 3.46 17.12
N LYS A 378 -44.71 4.21 18.20
CA LYS A 378 -43.46 4.92 18.44
C LYS A 378 -42.67 4.15 19.48
N CYS A 379 -41.43 3.80 19.14
CA CYS A 379 -40.58 3.06 20.06
C CYS A 379 -39.12 3.28 19.68
N TYR A 380 -38.25 3.20 20.67
CA TYR A 380 -36.81 3.42 20.49
C TYR A 380 -36.08 2.08 20.52
N GLY A 381 -35.06 1.96 19.68
CA GLY A 381 -34.28 0.75 19.59
C GLY A 381 -33.91 0.40 18.17
N VAL A 382 -34.24 -0.83 17.75
CA VAL A 382 -33.96 -1.29 16.40
C VAL A 382 -34.90 -0.57 15.43
N SER A 383 -34.59 -0.64 14.14
CA SER A 383 -35.42 0.01 13.13
C SER A 383 -36.78 -0.66 13.04
N PRO A 384 -37.85 0.09 12.75
CA PRO A 384 -39.18 -0.51 12.64
C PRO A 384 -39.40 -1.30 11.35
N THR A 385 -38.38 -1.48 10.53
CA THR A 385 -38.51 -2.21 9.28
C THR A 385 -37.80 -3.56 9.27
N LYS A 386 -36.70 -3.71 10.00
CA LYS A 386 -35.94 -4.96 10.00
C LYS A 386 -36.35 -5.88 11.14
N LEU A 387 -37.65 -6.14 11.28
CA LEU A 387 -38.11 -7.03 12.34
C LEU A 387 -37.85 -8.50 12.00
N ASN A 388 -37.98 -8.87 10.72
CA ASN A 388 -37.71 -10.24 10.32
C ASN A 388 -36.22 -10.59 10.34
N ASP A 389 -35.35 -9.60 10.49
CA ASP A 389 -33.91 -9.80 10.54
C ASP A 389 -33.35 -9.64 11.95
N LEU A 390 -34.12 -9.98 12.97
CA LEU A 390 -33.70 -9.85 14.35
C LEU A 390 -33.63 -11.22 15.01
N CYS A 391 -32.71 -11.36 15.97
CA CYS A 391 -32.45 -12.61 16.67
C CYS A 391 -32.36 -12.38 18.17
N PHE A 392 -33.34 -11.68 18.72
CA PHE A 392 -33.47 -11.59 20.17
C PHE A 392 -33.86 -12.94 20.76
N THR A 393 -33.27 -13.26 21.90
CA THR A 393 -33.43 -14.61 22.47
C THR A 393 -34.88 -14.87 22.86
N ASN A 394 -35.47 -13.99 23.65
CA ASN A 394 -36.82 -14.19 24.17
C ASN A 394 -37.60 -12.89 24.09
N VAL A 395 -38.91 -13.01 23.89
CA VAL A 395 -39.80 -11.86 23.78
C VAL A 395 -40.96 -12.04 24.76
N TYR A 396 -41.25 -10.97 25.51
CA TYR A 396 -42.34 -10.93 26.47
C TYR A 396 -43.33 -9.83 26.08
N ALA A 397 -44.61 -10.10 26.27
CA ALA A 397 -45.67 -9.13 26.01
C ALA A 397 -46.39 -8.83 27.32
N ASP A 398 -46.39 -7.56 27.70
CA ASP A 398 -47.08 -7.10 28.91
C ASP A 398 -48.27 -6.25 28.52
N SER A 399 -49.40 -6.43 29.18
CA SER A 399 -50.64 -5.75 28.79
C SER A 399 -51.26 -5.02 29.95
N PHE A 400 -51.84 -3.85 29.67
CA PHE A 400 -52.60 -3.13 30.67
C PHE A 400 -53.60 -2.21 29.98
N VAL A 401 -54.49 -1.62 30.78
CA VAL A 401 -55.69 -0.96 30.27
C VAL A 401 -55.69 0.49 30.79
N ILE A 402 -54.51 1.11 30.82
CA ILE A 402 -54.42 2.50 31.28
C ILE A 402 -55.30 3.40 30.42
N ARG A 403 -55.60 4.59 30.95
CA ARG A 403 -56.60 5.46 30.37
C ARG A 403 -55.97 6.74 29.82
N GLY A 404 -56.50 7.20 28.69
CA GLY A 404 -56.28 8.53 28.15
C GLY A 404 -54.83 8.86 27.85
N ASP A 405 -54.48 10.13 28.07
CA ASP A 405 -53.17 10.65 27.73
C ASP A 405 -52.06 10.14 28.63
N GLU A 406 -52.38 9.28 29.60
CA GLU A 406 -51.36 8.69 30.46
C GLU A 406 -50.43 7.77 29.69
N VAL A 407 -50.77 7.38 28.46
CA VAL A 407 -49.94 6.49 27.67
C VAL A 407 -48.64 7.18 27.27
N ARG A 408 -48.69 8.49 27.01
CA ARG A 408 -47.53 9.19 26.48
C ARG A 408 -46.35 9.18 27.43
N GLN A 409 -46.57 8.93 28.72
CA GLN A 409 -45.48 8.88 29.69
C GLN A 409 -44.56 7.69 29.47
N ILE A 410 -44.95 6.72 28.64
CA ILE A 410 -44.09 5.58 28.33
C ILE A 410 -42.93 6.08 27.47
N ALA A 411 -41.74 6.12 28.05
CA ALA A 411 -40.56 6.65 27.38
C ALA A 411 -39.33 6.08 28.07
N PRO A 412 -38.17 6.10 27.39
CA PRO A 412 -36.94 5.62 28.06
C PRO A 412 -36.48 6.58 29.15
N GLY A 413 -37.17 6.53 30.29
CA GLY A 413 -36.90 7.42 31.39
C GLY A 413 -37.94 8.51 31.53
N GLN A 414 -38.88 8.33 32.45
CA GLN A 414 -39.96 9.27 32.65
C GLN A 414 -40.57 9.04 34.02
N THR A 415 -41.03 10.12 34.65
CA THR A 415 -41.67 10.04 35.96
C THR A 415 -43.05 10.67 35.89
N GLY A 416 -43.94 10.18 36.73
CA GLY A 416 -45.32 10.65 36.74
C GLY A 416 -46.19 9.75 37.58
N LYS A 417 -47.49 10.05 37.55
CA LYS A 417 -48.44 9.26 38.33
C LYS A 417 -48.48 7.81 37.89
N ILE A 418 -48.11 7.52 36.64
CA ILE A 418 -48.16 6.16 36.15
C ILE A 418 -46.80 5.47 36.25
N ALA A 419 -45.72 6.13 35.82
CA ALA A 419 -44.40 5.52 35.87
C ALA A 419 -43.63 5.88 37.14
N ASP A 420 -44.28 5.74 38.29
CA ASP A 420 -43.60 5.84 39.58
C ASP A 420 -43.81 4.61 40.43
N TYR A 421 -45.05 4.13 40.55
CA TYR A 421 -45.38 2.99 41.40
C TYR A 421 -46.10 1.90 40.60
N ASN A 422 -45.74 1.76 39.33
CA ASN A 422 -46.41 0.86 38.42
C ASN A 422 -45.39 0.47 37.33
N TYR A 423 -45.89 -0.05 36.22
CA TYR A 423 -45.07 -0.42 35.07
C TYR A 423 -44.06 0.68 34.76
N LYS A 424 -42.78 0.32 34.83
CA LYS A 424 -41.68 1.26 34.65
C LYS A 424 -40.85 0.84 33.45
N LEU A 425 -40.46 1.82 32.64
CA LEU A 425 -39.68 1.57 31.43
C LEU A 425 -38.23 2.00 31.67
N PRO A 426 -37.30 1.07 31.71
CA PRO A 426 -35.89 1.41 31.92
C PRO A 426 -35.27 1.97 30.64
N ASP A 427 -33.98 2.29 30.73
CA ASP A 427 -33.23 2.78 29.58
C ASP A 427 -32.73 1.65 28.69
N ASP A 428 -32.97 0.40 29.07
CA ASP A 428 -32.59 -0.78 28.30
C ASP A 428 -33.82 -1.64 28.03
N PHE A 429 -34.89 -0.99 27.58
CA PHE A 429 -36.19 -1.63 27.38
C PHE A 429 -36.41 -2.12 25.96
N THR A 430 -35.33 -2.55 25.29
CA THR A 430 -35.36 -2.90 23.86
C THR A 430 -36.65 -3.63 23.48
N GLY A 431 -37.34 -3.10 22.48
CA GLY A 431 -38.66 -3.55 22.13
C GLY A 431 -39.53 -2.41 21.66
N CYS A 432 -40.84 -2.53 21.82
CA CYS A 432 -41.74 -1.48 21.37
C CYS A 432 -42.99 -1.46 22.24
N VAL A 433 -43.83 -0.45 21.99
CA VAL A 433 -45.10 -0.27 22.70
C VAL A 433 -46.19 -0.03 21.66
N ILE A 434 -47.36 -0.63 21.87
CA ILE A 434 -48.48 -0.54 20.95
C ILE A 434 -49.72 -0.14 21.73
N ALA A 435 -50.45 0.85 21.22
CA ALA A 435 -51.68 1.34 21.83
C ALA A 435 -52.87 0.99 20.95
N TRP A 436 -54.03 0.88 21.60
CA TRP A 436 -55.29 0.52 20.95
C TRP A 436 -56.27 1.69 21.06
N ASN A 437 -57.51 1.44 20.62
CA ASN A 437 -58.58 2.41 20.72
C ASN A 437 -59.73 1.80 21.50
N SER A 438 -60.27 2.59 22.44
CA SER A 438 -61.36 2.12 23.28
C SER A 438 -62.71 2.47 22.67
N ASN A 439 -63.72 1.68 23.03
CA ASN A 439 -65.07 1.85 22.51
C ASN A 439 -66.03 1.23 23.52
N ASN A 440 -67.28 1.00 23.09
CA ASN A 440 -68.25 0.34 23.95
C ASN A 440 -67.89 -1.12 24.25
N LEU A 441 -66.92 -1.68 23.53
CA LEU A 441 -66.45 -3.03 23.85
C LEU A 441 -65.88 -3.10 25.25
N ASP A 442 -65.11 -2.08 25.65
CA ASP A 442 -64.60 -1.95 27.01
C ASP A 442 -65.16 -0.65 27.59
N SER A 443 -66.39 -0.75 28.10
CA SER A 443 -67.13 0.37 28.66
C SER A 443 -68.46 -0.17 29.17
N LYS A 444 -69.16 0.65 29.95
CA LYS A 444 -70.47 0.29 30.47
C LYS A 444 -71.29 1.55 30.67
N VAL A 445 -72.60 1.44 30.45
CA VAL A 445 -73.49 2.58 30.66
C VAL A 445 -73.52 2.95 32.14
N GLY A 446 -73.59 1.96 33.03
CA GLY A 446 -73.48 2.24 34.44
C GLY A 446 -72.09 2.69 34.84
N GLY A 447 -71.07 2.09 34.23
CA GLY A 447 -69.68 2.43 34.52
C GLY A 447 -68.85 1.19 34.80
N ASN A 448 -67.55 1.41 34.87
CA ASN A 448 -66.58 0.36 35.14
C ASN A 448 -65.98 0.61 36.53
N TYR A 449 -66.08 -0.40 37.39
CA TYR A 449 -65.60 -0.28 38.77
C TYR A 449 -64.72 -1.44 39.21
N ASN A 450 -64.40 -2.37 38.31
CA ASN A 450 -63.60 -3.53 38.65
C ASN A 450 -62.11 -3.32 38.39
N TYR A 451 -61.71 -2.11 37.99
CA TYR A 451 -60.33 -1.81 37.66
C TYR A 451 -59.72 -0.91 38.72
N LEU A 452 -58.44 -1.14 39.04
CA LEU A 452 -57.75 -0.42 40.10
C LEU A 452 -56.41 0.07 39.59
N TYR A 453 -55.89 1.10 40.26
CA TYR A 453 -54.56 1.63 39.95
C TYR A 453 -53.91 2.11 41.23
N ARG A 454 -52.59 1.88 41.32
CA ARG A 454 -51.85 2.33 42.49
C ARG A 454 -51.75 3.86 42.50
N LEU A 455 -51.95 4.44 43.68
CA LEU A 455 -51.88 5.89 43.82
C LEU A 455 -50.94 6.30 44.95
N PHE A 456 -50.86 5.49 45.99
CA PHE A 456 -50.10 5.82 47.18
C PHE A 456 -49.07 4.74 47.45
N ARG A 457 -47.80 5.15 47.58
CA ARG A 457 -46.71 4.25 47.95
C ARG A 457 -45.62 5.08 48.62
N LYS A 458 -44.47 4.44 48.88
CA LYS A 458 -43.40 5.09 49.61
C LYS A 458 -42.11 5.26 48.82
N SER A 459 -41.88 4.46 47.78
CA SER A 459 -40.64 4.57 47.00
C SER A 459 -40.92 4.16 45.57
N ASN A 460 -40.10 4.68 44.66
CA ASN A 460 -40.26 4.38 43.25
C ASN A 460 -39.99 2.91 42.98
N LEU A 461 -40.81 2.32 42.12
CA LEU A 461 -40.67 0.91 41.77
C LEU A 461 -39.54 0.72 40.78
N LYS A 462 -38.80 -0.37 40.95
CA LYS A 462 -37.72 -0.70 40.03
C LYS A 462 -38.29 -1.09 38.68
N PRO A 463 -37.52 -0.93 37.60
CA PRO A 463 -38.03 -1.31 36.27
C PRO A 463 -38.40 -2.78 36.21
N PHE A 464 -39.51 -3.06 35.51
CA PHE A 464 -40.04 -4.41 35.35
C PHE A 464 -40.25 -5.09 36.71
N GLU A 465 -40.87 -4.36 37.63
CA GLU A 465 -41.19 -4.88 38.95
C GLU A 465 -42.65 -4.61 39.27
N ARG A 466 -43.24 -5.51 40.05
CA ARG A 466 -44.60 -5.37 40.52
C ARG A 466 -44.63 -5.51 42.03
N ASP A 467 -45.58 -4.80 42.66
CA ASP A 467 -45.71 -4.80 44.12
C ASP A 467 -47.20 -4.89 44.45
N ILE A 468 -47.66 -6.10 44.73
CA ILE A 468 -49.07 -6.31 45.07
C ILE A 468 -49.21 -6.59 46.57
N SER A 469 -49.42 -5.54 47.35
CA SER A 469 -49.68 -5.66 48.78
C SER A 469 -50.45 -4.42 49.19
N THR A 470 -51.77 -4.54 49.31
CA THR A 470 -52.66 -3.38 49.43
C THR A 470 -53.50 -3.50 50.70
N GLU A 471 -52.96 -3.04 51.82
CA GLU A 471 -53.75 -2.86 53.03
C GLU A 471 -53.82 -1.40 53.45
N ILE A 472 -52.68 -0.77 53.73
CA ILE A 472 -52.60 0.63 54.16
C ILE A 472 -51.20 1.14 53.80
N TYR A 473 -51.13 2.33 53.22
CA TYR A 473 -49.84 2.92 52.87
C TYR A 473 -49.28 3.82 53.97
N GLN A 474 -50.01 4.00 55.07
CA GLN A 474 -49.52 4.65 56.28
C GLN A 474 -49.06 6.09 55.99
N ALA A 475 -50.05 6.91 55.62
CA ALA A 475 -49.78 8.33 55.41
C ALA A 475 -49.30 9.00 56.68
N GLY A 476 -49.95 8.72 57.80
CA GLY A 476 -49.58 9.29 59.08
C GLY A 476 -48.78 8.33 59.94
N SER A 477 -48.39 8.82 61.11
CA SER A 477 -47.64 8.03 62.07
C SER A 477 -48.53 7.23 63.02
N THR A 478 -49.83 7.46 63.00
CA THR A 478 -50.73 6.75 63.89
C THR A 478 -50.85 5.27 63.47
N PRO A 479 -51.17 4.38 64.40
CA PRO A 479 -51.34 2.97 64.03
C PRO A 479 -52.45 2.79 63.01
N CYS A 480 -52.23 1.86 62.08
CA CYS A 480 -53.13 1.57 60.98
C CYS A 480 -53.42 0.07 60.91
N ASN A 481 -53.80 -0.50 62.05
CA ASN A 481 -53.99 -1.94 62.19
C ASN A 481 -55.12 -2.49 61.33
N GLY A 482 -55.77 -1.63 60.54
CA GLY A 482 -56.83 -2.09 59.67
C GLY A 482 -58.16 -1.36 59.85
N VAL A 483 -58.09 -0.13 60.36
CA VAL A 483 -59.28 0.70 60.54
C VAL A 483 -59.19 1.86 59.57
N GLU A 484 -60.19 1.98 58.70
CA GLU A 484 -60.22 3.06 57.72
C GLU A 484 -60.55 4.37 58.41
N GLY A 485 -59.65 5.34 58.34
CA GLY A 485 -59.86 6.60 59.02
C GLY A 485 -58.76 7.58 58.72
N PHE A 486 -58.62 8.57 59.60
CA PHE A 486 -57.60 9.60 59.43
C PHE A 486 -56.22 9.01 59.63
N ASN A 487 -55.28 9.42 58.79
CA ASN A 487 -53.90 8.92 58.74
C ASN A 487 -53.80 7.45 58.34
N CYS A 488 -54.92 6.82 57.97
CA CYS A 488 -54.94 5.42 57.53
C CYS A 488 -55.89 5.33 56.34
N TYR A 489 -55.35 5.46 55.13
CA TYR A 489 -56.14 5.50 53.92
C TYR A 489 -55.77 4.34 53.01
N PHE A 490 -56.76 3.90 52.22
CA PHE A 490 -56.53 2.80 51.30
C PHE A 490 -55.90 3.32 50.01
N PRO A 491 -54.79 2.74 49.56
CA PRO A 491 -54.00 3.34 48.48
C PRO A 491 -54.44 2.99 47.07
N LEU A 492 -55.43 2.12 46.89
CA LEU A 492 -55.89 1.72 45.56
C LEU A 492 -57.25 2.33 45.30
N GLN A 493 -57.43 2.93 44.12
CA GLN A 493 -58.64 3.63 43.77
C GLN A 493 -59.22 3.04 42.49
N SER A 494 -60.54 2.92 42.45
CA SER A 494 -61.21 2.36 41.28
C SER A 494 -61.27 3.37 40.15
N TYR A 495 -61.16 2.87 38.93
CA TYR A 495 -61.30 3.72 37.75
C TYR A 495 -62.74 4.17 37.57
N GLY A 496 -62.91 5.33 36.97
CA GLY A 496 -64.21 5.83 36.60
C GLY A 496 -64.34 6.03 35.10
N PHE A 497 -65.17 5.23 34.45
CA PHE A 497 -65.32 5.26 33.00
C PHE A 497 -66.78 5.44 32.63
N GLN A 498 -67.05 6.46 31.83
CA GLN A 498 -68.38 6.77 31.33
C GLN A 498 -68.27 7.16 29.87
N PRO A 499 -69.34 6.99 29.09
CA PRO A 499 -69.31 7.45 27.69
C PRO A 499 -69.15 8.95 27.61
N THR A 500 -68.01 9.40 27.09
CA THR A 500 -67.64 10.81 27.07
C THR A 500 -67.04 11.12 25.71
N ASN A 501 -66.35 12.27 25.61
CA ASN A 501 -65.70 12.64 24.37
C ASN A 501 -64.68 11.59 23.94
N GLY A 502 -63.90 11.07 24.89
CA GLY A 502 -62.93 10.04 24.61
C GLY A 502 -61.54 10.53 24.30
N VAL A 503 -61.29 11.84 24.40
CA VAL A 503 -59.95 12.36 24.12
C VAL A 503 -58.94 11.86 25.14
N GLY A 504 -59.33 11.82 26.42
CA GLY A 504 -58.44 11.36 27.46
C GLY A 504 -59.12 10.59 28.56
N TYR A 505 -60.37 10.17 28.34
CA TYR A 505 -61.18 9.51 29.35
C TYR A 505 -61.72 8.18 28.82
N GLN A 506 -60.85 7.40 28.19
CA GLN A 506 -61.22 6.08 27.69
C GLN A 506 -60.20 5.05 28.12
N PRO A 507 -60.64 3.82 28.40
CA PRO A 507 -59.71 2.76 28.81
C PRO A 507 -58.89 2.22 27.65
N TYR A 508 -57.80 2.90 27.30
CA TYR A 508 -56.99 2.43 26.18
C TYR A 508 -56.29 1.14 26.54
N ARG A 509 -55.97 0.35 25.53
CA ARG A 509 -55.30 -0.94 25.71
C ARG A 509 -53.86 -0.82 25.23
N VAL A 510 -52.92 -0.96 26.15
CA VAL A 510 -51.51 -0.74 25.85
C VAL A 510 -50.74 -2.02 26.11
N VAL A 511 -49.99 -2.48 25.11
CA VAL A 511 -49.14 -3.65 25.23
C VAL A 511 -47.70 -3.21 24.98
N VAL A 512 -46.77 -3.92 25.62
CA VAL A 512 -45.35 -3.65 25.49
C VAL A 512 -44.64 -4.94 25.15
N LEU A 513 -43.89 -4.95 24.05
CA LEU A 513 -43.05 -6.08 23.66
C LEU A 513 -41.62 -5.78 24.09
N SER A 514 -41.04 -6.69 24.85
CA SER A 514 -39.67 -6.56 25.34
C SER A 514 -38.85 -7.74 24.84
N PHE A 515 -37.62 -7.45 24.41
CA PHE A 515 -36.72 -8.44 23.85
C PHE A 515 -35.50 -8.63 24.74
N GLU A 516 -34.94 -9.83 24.71
CA GLU A 516 -33.70 -10.14 25.41
C GLU A 516 -32.53 -10.03 24.45
N LEU A 517 -31.41 -9.53 24.97
CA LEU A 517 -30.26 -9.18 24.12
C LEU A 517 -29.35 -10.38 23.87
N LEU A 518 -28.74 -10.94 24.91
CA LEU A 518 -27.88 -12.10 24.73
C LEU A 518 -27.79 -12.86 26.05
N HIS A 519 -28.56 -13.94 26.18
CA HIS A 519 -28.32 -14.94 27.20
C HIS A 519 -28.41 -16.36 26.68
N ALA A 520 -29.12 -16.59 25.58
CA ALA A 520 -29.16 -17.86 24.87
C ALA A 520 -29.32 -17.55 23.39
N PRO A 521 -28.91 -18.48 22.53
CA PRO A 521 -29.15 -18.29 21.09
C PRO A 521 -30.63 -18.23 20.78
N ALA A 522 -30.99 -17.38 19.82
CA ALA A 522 -32.39 -17.13 19.50
C ALA A 522 -32.96 -18.23 18.60
N THR A 523 -34.29 -18.33 18.61
CA THR A 523 -35.01 -19.30 17.81
C THR A 523 -36.19 -18.71 17.04
N VAL A 524 -36.24 -17.38 16.88
CA VAL A 524 -37.39 -16.73 16.25
C VAL A 524 -36.94 -15.91 15.05
N CYS A 525 -35.92 -16.38 14.34
CA CYS A 525 -35.32 -15.66 13.23
C CYS A 525 -35.80 -16.29 11.92
N GLY A 526 -36.96 -15.86 11.43
CA GLY A 526 -37.52 -16.41 10.23
C GLY A 526 -37.54 -15.47 9.03
N PRO A 527 -36.64 -15.68 8.09
CA PRO A 527 -36.78 -15.08 6.75
C PRO A 527 -37.45 -16.04 5.78
N LYS A 528 -38.07 -15.48 4.75
CA LYS A 528 -38.78 -16.28 3.75
C LYS A 528 -38.10 -16.23 2.39
N LYS A 529 -37.97 -15.03 1.80
CA LYS A 529 -37.31 -14.78 0.52
C LYS A 529 -38.06 -15.39 -0.67
N SER A 530 -39.08 -16.20 -0.40
CA SER A 530 -40.10 -16.62 -1.36
C SER A 530 -39.59 -16.82 -2.79
N THR A 531 -38.61 -17.70 -2.98
CA THR A 531 -37.99 -17.89 -4.28
C THR A 531 -38.09 -19.36 -4.70
N ASN A 532 -38.43 -19.57 -5.96
CA ASN A 532 -38.51 -20.91 -6.53
C ASN A 532 -37.17 -21.30 -7.16
N LEU A 533 -36.99 -22.60 -7.34
CA LEU A 533 -35.73 -23.13 -7.88
C LEU A 533 -35.62 -22.87 -9.38
N VAL A 534 -34.38 -22.76 -9.84
CA VAL A 534 -34.05 -22.69 -11.26
C VAL A 534 -32.84 -23.59 -11.50
N LYS A 535 -32.85 -24.30 -12.62
CA LYS A 535 -31.81 -25.29 -12.91
C LYS A 535 -31.31 -25.11 -14.33
N ASN A 536 -30.17 -25.75 -14.60
CA ASN A 536 -29.56 -25.86 -15.92
C ASN A 536 -29.17 -24.52 -16.53
N LYS A 537 -29.24 -23.43 -15.77
CA LYS A 537 -28.85 -22.12 -16.27
C LYS A 537 -28.09 -21.37 -15.19
N CYS A 538 -27.22 -20.46 -15.64
CA CYS A 538 -26.42 -19.69 -14.71
C CYS A 538 -27.30 -18.81 -13.83
N VAL A 539 -26.97 -18.77 -12.54
CA VAL A 539 -27.79 -18.08 -11.56
C VAL A 539 -26.95 -17.81 -10.33
N ASN A 540 -27.22 -16.69 -9.66
CA ASN A 540 -26.65 -16.41 -8.35
C ASN A 540 -27.55 -17.03 -7.29
N PHE A 541 -26.93 -17.66 -6.30
CA PHE A 541 -27.67 -18.39 -5.27
C PHE A 541 -27.17 -17.99 -3.89
N ASN A 542 -28.10 -18.06 -2.93
CA ASN A 542 -27.86 -17.73 -1.53
C ASN A 542 -28.43 -18.82 -0.63
N PHE A 543 -28.07 -20.07 -0.91
CA PHE A 543 -28.66 -21.22 -0.23
C PHE A 543 -28.25 -21.27 1.24
N ASN A 544 -29.08 -20.70 2.11
CA ASN A 544 -28.91 -20.78 3.56
C ASN A 544 -27.53 -20.28 4.00
N GLY A 545 -27.14 -19.13 3.47
CA GLY A 545 -25.88 -18.49 3.82
C GLY A 545 -24.76 -18.71 2.83
N LEU A 546 -24.88 -19.68 1.93
CA LEU A 546 -23.86 -19.93 0.91
C LEU A 546 -24.14 -19.03 -0.28
N THR A 547 -23.35 -17.96 -0.41
CA THR A 547 -23.50 -17.03 -1.52
C THR A 547 -22.53 -17.42 -2.64
N GLY A 548 -23.07 -17.59 -3.84
CA GLY A 548 -22.23 -17.97 -4.96
C GLY A 548 -22.95 -17.80 -6.27
N THR A 549 -22.27 -18.19 -7.34
CA THR A 549 -22.84 -18.16 -8.68
C THR A 549 -22.50 -19.48 -9.39
N GLY A 550 -23.47 -20.02 -10.12
CA GLY A 550 -23.23 -21.25 -10.83
C GLY A 550 -24.51 -21.77 -11.46
N VAL A 551 -24.43 -23.01 -11.94
CA VAL A 551 -25.58 -23.71 -12.50
C VAL A 551 -25.96 -24.84 -11.56
N LEU A 552 -27.24 -24.91 -11.20
CA LEU A 552 -27.73 -25.87 -10.22
C LEU A 552 -28.29 -27.08 -10.96
N THR A 553 -27.39 -28.00 -11.32
CA THR A 553 -27.81 -29.20 -12.02
C THR A 553 -28.36 -30.24 -11.03
N GLU A 554 -28.71 -31.41 -11.55
CA GLU A 554 -29.25 -32.49 -10.73
C GLU A 554 -28.11 -33.39 -10.27
N SER A 555 -28.06 -33.64 -8.96
CA SER A 555 -27.00 -34.44 -8.37
C SER A 555 -27.48 -35.87 -8.12
N ASN A 556 -26.51 -36.75 -7.86
CA ASN A 556 -26.79 -38.15 -7.58
C ASN A 556 -25.94 -38.68 -6.44
N LYS A 557 -25.56 -37.81 -5.50
CA LYS A 557 -24.75 -38.22 -4.37
C LYS A 557 -25.64 -38.78 -3.26
N LYS A 558 -25.01 -39.15 -2.15
CA LYS A 558 -25.68 -39.82 -1.03
C LYS A 558 -25.36 -39.13 0.29
N PHE A 559 -25.58 -37.82 0.33
CA PHE A 559 -25.38 -37.02 1.53
C PHE A 559 -25.99 -37.71 2.76
N LEU A 560 -25.26 -37.64 3.88
CA LEU A 560 -25.79 -38.13 5.14
C LEU A 560 -26.91 -37.22 5.63
N PRO A 561 -27.82 -37.75 6.45
CA PRO A 561 -28.97 -36.93 6.89
C PRO A 561 -28.59 -35.66 7.62
N PHE A 562 -27.48 -35.64 8.34
CA PHE A 562 -27.07 -34.47 9.11
C PHE A 562 -26.10 -33.56 8.37
N GLN A 563 -25.82 -33.85 7.10
CA GLN A 563 -24.90 -33.04 6.31
C GLN A 563 -25.68 -32.12 5.38
N GLN A 564 -25.18 -30.91 5.19
CA GLN A 564 -25.84 -29.90 4.38
C GLN A 564 -25.16 -29.67 3.03
N PHE A 565 -23.86 -29.41 3.03
CA PHE A 565 -23.14 -29.13 1.80
C PHE A 565 -21.83 -29.91 1.77
N GLY A 566 -21.42 -30.28 0.56
CA GLY A 566 -20.18 -31.00 0.35
C GLY A 566 -19.01 -30.06 0.08
N ARG A 567 -17.86 -30.66 -0.18
CA ARG A 567 -16.66 -29.90 -0.46
C ARG A 567 -15.70 -30.77 -1.25
N ASP A 568 -14.77 -30.10 -1.94
CA ASP A 568 -13.81 -30.77 -2.81
C ASP A 568 -12.47 -30.92 -2.09
N ILE A 569 -11.47 -31.40 -2.81
CA ILE A 569 -10.13 -31.56 -2.24
C ILE A 569 -9.53 -30.20 -1.94
N ALA A 570 -9.68 -29.24 -2.85
CA ALA A 570 -9.13 -27.91 -2.67
C ALA A 570 -10.02 -27.02 -1.81
N ASP A 571 -10.98 -27.60 -1.10
CA ASP A 571 -11.89 -26.87 -0.20
C ASP A 571 -12.69 -25.82 -0.98
N THR A 572 -13.49 -26.30 -1.92
CA THR A 572 -14.44 -25.48 -2.65
C THR A 572 -15.79 -26.18 -2.65
N THR A 573 -16.85 -25.37 -2.59
CA THR A 573 -18.20 -25.92 -2.55
C THR A 573 -18.50 -26.71 -3.82
N ASP A 574 -19.13 -27.86 -3.66
CA ASP A 574 -19.45 -28.73 -4.79
C ASP A 574 -20.92 -29.09 -4.86
N ALA A 575 -21.58 -29.29 -3.73
CA ALA A 575 -22.99 -29.62 -3.72
C ALA A 575 -23.64 -29.01 -2.47
N VAL A 576 -24.91 -28.61 -2.61
CA VAL A 576 -25.65 -27.98 -1.52
C VAL A 576 -27.01 -28.64 -1.41
N ARG A 577 -27.50 -28.78 -0.17
CA ARG A 577 -28.81 -29.36 0.07
C ARG A 577 -29.83 -28.24 0.20
N ASP A 578 -30.71 -28.13 -0.79
CA ASP A 578 -31.86 -27.24 -0.69
C ASP A 578 -32.82 -27.81 0.34
N PRO A 579 -33.12 -27.07 1.42
CA PRO A 579 -33.99 -27.58 2.50
C PRO A 579 -35.47 -27.27 2.30
N GLN A 580 -35.99 -27.57 1.11
CA GLN A 580 -37.43 -27.50 0.85
C GLN A 580 -37.98 -28.88 0.56
N THR A 581 -37.45 -29.57 -0.44
CA THR A 581 -37.67 -30.99 -0.61
C THR A 581 -36.49 -31.80 -0.11
N LEU A 582 -35.55 -31.15 0.58
CA LEU A 582 -34.32 -31.78 1.07
C LEU A 582 -33.58 -32.48 -0.06
N GLU A 583 -33.18 -31.68 -1.04
CA GLU A 583 -32.59 -32.21 -2.28
C GLU A 583 -31.19 -31.68 -2.49
N ILE A 584 -30.28 -32.57 -2.86
CA ILE A 584 -28.90 -32.21 -3.10
C ILE A 584 -28.74 -31.77 -4.55
N LEU A 585 -28.05 -30.65 -4.77
CA LEU A 585 -27.84 -30.09 -6.09
C LEU A 585 -26.37 -29.74 -6.25
N ASP A 586 -25.79 -30.13 -7.38
CA ASP A 586 -24.39 -29.84 -7.66
C ASP A 586 -24.21 -28.38 -8.07
N ILE A 587 -22.95 -27.95 -8.11
CA ILE A 587 -22.59 -26.60 -8.53
C ILE A 587 -21.46 -26.71 -9.54
N THR A 588 -21.63 -26.04 -10.69
CA THR A 588 -20.62 -26.00 -11.73
C THR A 588 -20.33 -24.55 -12.07
N PRO A 589 -19.07 -24.14 -12.15
CA PRO A 589 -18.76 -22.73 -12.39
C PRO A 589 -19.26 -22.26 -13.74
N CYS A 590 -19.50 -20.95 -13.82
CA CYS A 590 -19.91 -20.34 -15.08
C CYS A 590 -18.85 -20.56 -16.15
N SER A 591 -19.30 -20.88 -17.35
CA SER A 591 -18.38 -21.13 -18.45
C SER A 591 -17.61 -19.85 -18.79
N PHE A 592 -16.29 -19.95 -18.86
CA PHE A 592 -15.45 -18.82 -19.18
C PHE A 592 -14.21 -19.31 -19.92
N GLY A 593 -13.60 -18.41 -20.67
CA GLY A 593 -12.44 -18.76 -21.46
C GLY A 593 -11.98 -17.57 -22.27
N GLY A 594 -11.00 -17.81 -23.13
CA GLY A 594 -10.44 -16.77 -23.95
C GLY A 594 -10.97 -16.78 -25.37
N VAL A 595 -10.63 -15.72 -26.11
CA VAL A 595 -10.94 -15.60 -27.52
C VAL A 595 -9.64 -15.34 -28.26
N SER A 596 -9.44 -16.02 -29.38
CA SER A 596 -8.28 -15.82 -30.23
C SER A 596 -8.73 -15.51 -31.64
N VAL A 597 -7.91 -14.75 -32.35
CA VAL A 597 -8.20 -14.39 -33.74
C VAL A 597 -7.09 -14.94 -34.62
N ILE A 598 -7.48 -15.69 -35.64
CA ILE A 598 -6.57 -16.27 -36.60
C ILE A 598 -6.67 -15.45 -37.89
N THR A 599 -5.54 -14.90 -38.32
CA THR A 599 -5.52 -14.08 -39.53
C THR A 599 -4.35 -14.50 -40.41
N PRO A 600 -4.54 -14.49 -41.74
CA PRO A 600 -3.44 -14.80 -42.66
C PRO A 600 -2.48 -13.66 -42.92
N GLY A 601 -2.56 -12.58 -42.14
CA GLY A 601 -1.73 -11.42 -42.38
C GLY A 601 -2.46 -10.36 -43.16
N THR A 602 -2.37 -9.10 -42.70
CA THR A 602 -3.07 -8.02 -43.38
C THR A 602 -2.55 -7.77 -44.79
N ASN A 603 -1.31 -8.15 -45.07
CA ASN A 603 -0.77 -7.99 -46.42
C ASN A 603 -1.49 -8.89 -47.42
N THR A 604 -1.79 -10.13 -47.03
CA THR A 604 -2.41 -11.07 -47.96
C THR A 604 -3.89 -10.75 -48.15
N SER A 605 -4.67 -10.81 -47.07
CA SER A 605 -6.10 -10.59 -47.14
C SER A 605 -6.56 -9.78 -45.93
N ASN A 606 -7.87 -9.64 -45.79
CA ASN A 606 -8.48 -8.84 -44.74
C ASN A 606 -9.59 -9.61 -44.05
N GLN A 607 -9.45 -10.93 -43.94
CA GLN A 607 -10.47 -11.81 -43.40
C GLN A 607 -9.90 -12.61 -42.24
N VAL A 608 -10.68 -12.79 -41.19
CA VAL A 608 -10.21 -13.42 -39.97
C VAL A 608 -11.18 -14.52 -39.54
N ALA A 609 -10.70 -15.38 -38.65
CA ALA A 609 -11.52 -16.39 -38.00
C ALA A 609 -11.38 -16.27 -36.50
N VAL A 610 -12.42 -16.67 -35.76
CA VAL A 610 -12.46 -16.46 -34.32
C VAL A 610 -12.55 -17.81 -33.63
N LEU A 611 -11.68 -18.03 -32.65
CA LEU A 611 -11.69 -19.25 -31.84
C LEU A 611 -12.10 -18.91 -30.42
N TYR A 612 -13.17 -19.54 -29.95
CA TYR A 612 -13.58 -19.43 -28.56
C TYR A 612 -13.06 -20.64 -27.81
N GLN A 613 -12.24 -20.40 -26.79
CA GLN A 613 -11.48 -21.47 -26.15
C GLN A 613 -12.24 -22.07 -24.99
N ASP A 614 -12.21 -23.41 -24.91
CA ASP A 614 -12.72 -24.16 -23.76
C ASP A 614 -14.19 -23.87 -23.48
N VAL A 615 -14.97 -23.62 -24.53
CA VAL A 615 -16.41 -23.38 -24.40
C VAL A 615 -17.14 -24.18 -25.46
N ASN A 616 -18.29 -24.73 -25.09
CA ASN A 616 -19.14 -25.49 -26.00
C ASN A 616 -20.16 -24.50 -26.57
N CYS A 617 -19.81 -23.87 -27.69
CA CYS A 617 -20.58 -22.73 -28.19
C CYS A 617 -21.85 -23.19 -28.90
N THR A 618 -22.63 -23.97 -28.16
CA THR A 618 -24.05 -24.14 -28.48
C THR A 618 -24.89 -23.01 -27.91
N GLU A 619 -24.26 -22.08 -27.20
CA GLU A 619 -24.93 -20.97 -26.55
C GLU A 619 -24.39 -19.60 -26.94
N VAL A 620 -23.21 -19.52 -27.57
CA VAL A 620 -22.62 -18.21 -27.87
C VAL A 620 -23.51 -17.47 -28.86
N PRO A 621 -23.90 -16.22 -28.58
CA PRO A 621 -24.75 -15.42 -29.47
C PRO A 621 -23.94 -14.72 -30.57
N SER A 640 -22.15 -18.39 -38.64
CA SER A 640 -22.70 -19.25 -39.68
C SER A 640 -21.86 -20.53 -39.83
N ASN A 641 -20.54 -20.36 -39.89
CA ASN A 641 -19.61 -21.49 -40.01
C ASN A 641 -19.06 -21.81 -38.63
N VAL A 642 -19.90 -22.45 -37.82
CA VAL A 642 -19.50 -22.88 -36.48
C VAL A 642 -18.99 -24.31 -36.58
N PHE A 643 -17.85 -24.58 -35.93
CA PHE A 643 -17.24 -25.91 -35.98
C PHE A 643 -16.61 -26.18 -34.63
N GLN A 644 -17.17 -27.15 -33.89
CA GLN A 644 -16.67 -27.48 -32.56
C GLN A 644 -15.45 -28.39 -32.67
N THR A 645 -14.38 -28.03 -31.97
CA THR A 645 -13.13 -28.78 -32.01
C THR A 645 -12.82 -29.29 -30.61
N ARG A 646 -11.62 -29.85 -30.44
CA ARG A 646 -11.15 -30.29 -29.13
C ARG A 646 -10.45 -29.18 -28.36
N ALA A 647 -10.34 -27.98 -28.94
CA ALA A 647 -9.72 -26.84 -28.29
C ALA A 647 -10.65 -25.64 -28.26
N GLY A 648 -11.96 -25.88 -28.27
CA GLY A 648 -12.96 -24.83 -28.29
C GLY A 648 -13.87 -24.94 -29.50
N CYS A 649 -14.13 -23.81 -30.13
CA CYS A 649 -14.91 -23.84 -31.36
C CYS A 649 -14.52 -22.68 -32.27
N LEU A 650 -14.52 -22.97 -33.57
CA LEU A 650 -14.14 -22.02 -34.61
C LEU A 650 -15.38 -21.40 -35.23
N ILE A 651 -15.30 -20.10 -35.50
CA ILE A 651 -16.34 -19.34 -36.18
C ILE A 651 -15.70 -18.63 -37.35
N GLY A 652 -16.31 -18.75 -38.52
CA GLY A 652 -15.77 -18.12 -39.71
C GLY A 652 -14.64 -18.88 -40.36
N ALA A 653 -14.62 -20.21 -40.22
CA ALA A 653 -13.58 -21.03 -40.83
C ALA A 653 -14.21 -22.34 -41.31
N GLU A 654 -13.97 -22.68 -42.56
CA GLU A 654 -14.58 -23.86 -43.17
C GLU A 654 -13.75 -25.10 -42.86
N HIS A 655 -14.41 -26.15 -42.40
CA HIS A 655 -13.73 -27.40 -42.10
C HIS A 655 -13.52 -28.20 -43.39
N VAL A 656 -12.33 -28.79 -43.51
CA VAL A 656 -12.01 -29.61 -44.69
C VAL A 656 -11.45 -30.94 -44.22
N ASN A 657 -11.51 -31.92 -45.12
CA ASN A 657 -11.04 -33.27 -44.85
C ASN A 657 -9.61 -33.50 -45.33
N ASN A 658 -9.17 -32.79 -46.36
CA ASN A 658 -7.81 -32.96 -46.87
C ASN A 658 -6.79 -32.54 -45.83
N SER A 659 -5.66 -33.24 -45.82
CA SER A 659 -4.60 -33.00 -44.85
C SER A 659 -3.40 -32.38 -45.55
N TYR A 660 -2.80 -31.38 -44.91
CA TYR A 660 -1.63 -30.69 -45.43
C TYR A 660 -0.65 -30.50 -44.28
N GLU A 661 0.40 -29.72 -44.54
CA GLU A 661 1.30 -29.31 -43.47
C GLU A 661 0.59 -28.31 -42.57
N CYS A 662 1.18 -28.05 -41.41
CA CYS A 662 0.53 -27.23 -40.39
C CYS A 662 0.92 -25.77 -40.59
N ASP A 663 -0.06 -24.96 -41.00
CA ASP A 663 -0.01 -23.51 -40.89
C ASP A 663 -0.44 -23.12 -39.48
N ILE A 664 -0.86 -21.87 -39.29
CA ILE A 664 -1.17 -21.31 -37.97
C ILE A 664 -1.85 -22.35 -37.09
N PRO A 665 -1.24 -22.72 -35.96
CA PRO A 665 -1.75 -23.86 -35.17
C PRO A 665 -2.79 -23.43 -34.14
N ILE A 666 -3.77 -24.30 -33.95
CA ILE A 666 -4.86 -24.07 -33.01
C ILE A 666 -4.70 -24.91 -31.75
N GLY A 667 -4.48 -26.21 -31.91
CA GLY A 667 -4.28 -27.10 -30.78
C GLY A 667 -4.98 -28.43 -31.00
N ALA A 668 -4.58 -29.42 -30.21
CA ALA A 668 -5.16 -30.76 -30.26
C ALA A 668 -5.04 -31.39 -31.65
N GLY A 669 -3.96 -31.08 -32.36
CA GLY A 669 -3.68 -31.74 -33.62
C GLY A 669 -4.38 -31.19 -34.84
N ILE A 670 -5.01 -30.02 -34.75
CA ILE A 670 -5.66 -29.42 -35.91
C ILE A 670 -4.97 -28.09 -36.21
N CYS A 671 -5.00 -27.70 -37.48
CA CYS A 671 -4.36 -26.48 -37.94
C CYS A 671 -5.33 -25.72 -38.83
N ALA A 672 -5.04 -24.42 -39.01
CA ALA A 672 -5.86 -23.54 -39.82
C ALA A 672 -4.98 -22.84 -40.85
N SER A 673 -5.49 -22.72 -42.07
CA SER A 673 -4.74 -22.13 -43.17
C SER A 673 -5.67 -21.26 -44.01
N TYR A 674 -5.08 -20.56 -44.97
CA TYR A 674 -5.80 -19.70 -45.90
C TYR A 674 -5.55 -20.20 -47.31
N GLN A 675 -6.60 -20.69 -47.97
CA GLN A 675 -6.44 -21.34 -49.27
C GLN A 675 -7.47 -20.82 -50.26
N THR A 676 -7.11 -20.89 -51.54
CA THR A 676 -8.00 -20.46 -52.61
C THR A 676 -8.92 -21.60 -53.06
N GLN A 690 -11.47 -17.86 -52.45
CA GLN A 690 -10.42 -17.86 -51.46
C GLN A 690 -11.00 -17.69 -50.06
N SER A 691 -10.80 -18.70 -49.21
CA SER A 691 -11.37 -18.70 -47.87
C SER A 691 -10.32 -19.24 -46.89
N ILE A 692 -10.76 -19.48 -45.66
CA ILE A 692 -9.91 -19.96 -44.58
C ILE A 692 -10.44 -21.29 -44.09
N ILE A 693 -9.55 -22.28 -44.01
CA ILE A 693 -9.95 -23.66 -43.78
C ILE A 693 -9.25 -24.20 -42.53
N ALA A 694 -9.86 -25.24 -41.96
CA ALA A 694 -9.34 -25.93 -40.80
C ALA A 694 -9.27 -27.43 -41.10
N TYR A 695 -8.12 -28.04 -40.82
CA TYR A 695 -7.89 -29.44 -41.13
C TYR A 695 -7.07 -30.07 -40.02
N THR A 696 -6.73 -31.35 -40.22
CA THR A 696 -5.84 -32.07 -39.31
C THR A 696 -4.46 -32.19 -39.95
N MET A 697 -3.43 -31.85 -39.19
CA MET A 697 -2.09 -31.75 -39.74
C MET A 697 -1.61 -33.10 -40.26
N SER A 698 -0.83 -33.06 -41.33
CA SER A 698 -0.16 -34.24 -41.86
C SER A 698 1.32 -34.14 -41.53
N LEU A 699 1.85 -35.18 -40.89
CA LEU A 699 3.22 -35.13 -40.39
C LEU A 699 4.22 -35.02 -41.53
N GLY A 700 4.00 -35.75 -42.61
CA GLY A 700 4.91 -35.69 -43.74
C GLY A 700 4.49 -36.66 -44.82
N ALA A 701 5.26 -36.67 -45.90
CA ALA A 701 4.99 -37.57 -47.01
C ALA A 701 5.27 -39.01 -46.60
N GLU A 702 4.33 -39.90 -46.89
CA GLU A 702 4.49 -41.31 -46.57
C GLU A 702 5.53 -41.93 -47.50
N ASN A 703 6.53 -42.57 -46.93
CA ASN A 703 7.62 -43.15 -47.68
C ASN A 703 7.85 -44.58 -47.23
N SER A 704 8.22 -45.44 -48.18
CA SER A 704 8.59 -46.82 -47.90
C SER A 704 9.85 -47.14 -48.68
N VAL A 705 10.85 -47.68 -47.99
CA VAL A 705 12.14 -48.01 -48.60
C VAL A 705 12.16 -49.51 -48.89
N ALA A 706 12.62 -49.88 -50.09
CA ALA A 706 12.57 -51.26 -50.55
C ALA A 706 13.68 -52.07 -49.87
N TYR A 707 13.45 -52.38 -48.60
CA TYR A 707 14.39 -53.19 -47.86
C TYR A 707 14.31 -54.64 -48.33
N SER A 708 15.47 -55.25 -48.55
CA SER A 708 15.56 -56.65 -48.92
C SER A 708 16.98 -57.11 -48.71
N ASN A 709 17.14 -58.38 -48.36
CA ASN A 709 18.47 -58.93 -48.19
C ASN A 709 19.19 -59.00 -49.54
N ASN A 710 20.51 -59.07 -49.48
CA ASN A 710 21.41 -59.07 -50.64
C ASN A 710 21.08 -57.94 -51.63
N SER A 711 20.55 -56.83 -51.13
CA SER A 711 20.29 -55.65 -51.94
C SER A 711 20.75 -54.42 -51.18
N ILE A 712 21.49 -53.54 -51.87
CA ILE A 712 22.00 -52.31 -51.28
C ILE A 712 21.81 -51.18 -52.28
N ALA A 713 21.91 -49.95 -51.79
CA ALA A 713 21.83 -48.76 -52.63
C ALA A 713 23.05 -47.91 -52.37
N ILE A 714 23.68 -47.42 -53.44
CA ILE A 714 24.92 -46.67 -53.29
C ILE A 714 24.85 -45.38 -54.10
N PRO A 715 25.23 -44.24 -53.52
CA PRO A 715 25.20 -43.00 -54.30
C PRO A 715 26.30 -42.97 -55.36
N THR A 716 26.05 -42.19 -56.41
CA THR A 716 27.00 -42.02 -57.50
C THR A 716 27.43 -40.58 -57.69
N ASN A 717 26.96 -39.66 -56.85
CA ASN A 717 27.26 -38.25 -56.99
C ASN A 717 27.10 -37.60 -55.62
N PHE A 718 27.32 -36.29 -55.55
CA PHE A 718 27.25 -35.57 -54.30
C PHE A 718 26.87 -34.12 -54.56
N THR A 719 26.66 -33.37 -53.48
CA THR A 719 26.36 -31.95 -53.57
C THR A 719 26.83 -31.27 -52.30
N ILE A 720 27.12 -29.97 -52.41
CA ILE A 720 27.61 -29.17 -51.31
C ILE A 720 26.54 -28.16 -50.93
N SER A 721 26.20 -28.09 -49.64
CA SER A 721 25.18 -27.18 -49.16
C SER A 721 25.74 -26.38 -47.99
N VAL A 722 25.32 -25.12 -47.91
CA VAL A 722 25.75 -24.21 -46.85
C VAL A 722 24.50 -23.78 -46.07
N THR A 723 24.54 -23.98 -44.76
CA THR A 723 23.42 -23.69 -43.88
C THR A 723 23.82 -22.65 -42.86
N THR A 724 22.91 -21.72 -42.58
CA THR A 724 23.15 -20.67 -41.61
C THR A 724 22.63 -21.09 -40.23
N GLU A 725 23.05 -20.33 -39.21
CA GLU A 725 22.58 -20.57 -37.84
C GLU A 725 22.83 -19.33 -37.02
N ILE A 726 21.77 -18.77 -36.45
CA ILE A 726 21.85 -17.53 -35.68
C ILE A 726 21.66 -17.87 -34.20
N LEU A 727 22.47 -17.26 -33.34
CA LEU A 727 22.48 -17.65 -31.94
C LEU A 727 22.86 -16.47 -31.04
N PRO A 728 22.03 -16.10 -30.08
CA PRO A 728 22.33 -14.95 -29.22
C PRO A 728 23.53 -15.22 -28.32
N VAL A 729 24.28 -14.16 -28.03
CA VAL A 729 25.50 -14.28 -27.25
C VAL A 729 25.50 -13.35 -26.05
N SER A 730 24.81 -12.22 -26.16
CA SER A 730 24.92 -11.18 -25.13
C SER A 730 23.55 -10.53 -24.93
N MET A 731 23.55 -9.42 -24.19
CA MET A 731 22.35 -8.72 -23.79
C MET A 731 22.73 -7.36 -23.24
N THR A 732 21.88 -6.36 -23.46
CA THR A 732 22.20 -4.99 -23.07
C THR A 732 22.32 -4.85 -21.56
N LYS A 733 23.23 -3.99 -21.12
CA LYS A 733 23.51 -3.77 -19.71
C LYS A 733 22.80 -2.52 -19.22
N THR A 734 22.38 -2.56 -17.96
CA THR A 734 21.61 -1.46 -17.39
C THR A 734 21.87 -1.39 -15.88
N SER A 735 21.57 -0.23 -15.31
CA SER A 735 21.72 -0.01 -13.87
C SER A 735 20.66 0.96 -13.39
N VAL A 736 20.17 0.71 -12.18
CA VAL A 736 19.07 1.46 -11.57
C VAL A 736 19.43 1.73 -10.11
N ASP A 737 19.06 2.92 -9.62
CA ASP A 737 19.31 3.29 -8.23
C ASP A 737 18.02 3.69 -7.52
N CYS A 738 17.88 3.22 -6.28
CA CYS A 738 16.65 3.48 -5.52
C CYS A 738 16.47 4.96 -5.24
N THR A 739 17.51 5.62 -4.73
CA THR A 739 17.36 6.97 -4.21
C THR A 739 16.78 7.90 -5.26
N MET A 740 17.11 7.67 -6.53
CA MET A 740 16.57 8.51 -7.59
C MET A 740 15.32 7.92 -8.22
N TYR A 741 15.25 6.59 -8.38
CA TYR A 741 14.08 6.01 -9.03
C TYR A 741 12.83 6.16 -8.18
N ILE A 742 12.91 5.75 -6.90
CA ILE A 742 11.71 5.72 -6.06
C ILE A 742 11.20 7.13 -5.81
N CYS A 743 12.08 8.04 -5.38
CA CYS A 743 11.66 9.40 -5.09
C CYS A 743 12.89 10.31 -5.18
N GLY A 744 12.99 11.05 -6.28
CA GLY A 744 14.06 12.00 -6.44
C GLY A 744 13.79 13.31 -5.73
N ASP A 745 14.85 14.11 -5.61
CA ASP A 745 14.83 15.47 -5.06
C ASP A 745 13.87 15.61 -3.87
N SER A 746 13.96 14.65 -2.95
CA SER A 746 13.16 14.66 -1.74
C SER A 746 13.98 14.14 -0.58
N THR A 747 13.65 14.59 0.62
CA THR A 747 14.36 14.17 1.82
C THR A 747 13.50 13.40 2.82
N GLU A 748 12.22 13.77 2.96
CA GLU A 748 11.34 13.00 3.84
C GLU A 748 11.14 11.59 3.31
N CYS A 749 10.97 11.44 2.00
CA CYS A 749 10.83 10.11 1.42
C CYS A 749 12.09 9.29 1.62
N SER A 750 13.26 9.91 1.45
CA SER A 750 14.51 9.17 1.67
C SER A 750 14.66 8.77 3.13
N ASN A 751 14.27 9.65 4.06
CA ASN A 751 14.34 9.31 5.47
C ASN A 751 13.40 8.16 5.81
N LEU A 752 12.22 8.13 5.19
CA LEU A 752 11.31 7.01 5.41
C LEU A 752 11.84 5.74 4.76
N LEU A 753 12.51 5.86 3.62
CA LEU A 753 12.97 4.69 2.89
C LEU A 753 14.16 4.03 3.58
N LEU A 754 15.05 4.83 4.17
CA LEU A 754 16.20 4.25 4.85
C LEU A 754 15.81 3.43 6.07
N GLN A 755 14.57 3.55 6.54
CA GLN A 755 14.05 2.72 7.62
C GLN A 755 13.66 1.32 7.17
N TYR A 756 13.68 1.06 5.87
CA TYR A 756 13.31 -0.24 5.32
C TYR A 756 14.48 -1.22 5.30
N GLY A 757 15.49 -1.00 6.14
CA GLY A 757 16.62 -1.90 6.19
C GLY A 757 17.63 -1.64 5.09
N SER A 758 17.89 -2.66 4.27
CA SER A 758 18.87 -2.55 3.20
C SER A 758 18.34 -3.19 1.91
N PHE A 759 17.09 -2.92 1.57
CA PHE A 759 16.54 -3.45 0.32
C PHE A 759 16.88 -2.58 -0.86
N CYS A 760 18.11 -2.10 -0.95
CA CYS A 760 18.58 -1.40 -2.14
C CYS A 760 20.04 -1.63 -2.46
N THR A 761 20.75 -2.47 -1.70
CA THR A 761 22.14 -2.80 -2.02
C THR A 761 22.25 -4.08 -2.83
N GLN A 762 21.47 -5.11 -2.48
CA GLN A 762 21.52 -6.35 -3.25
C GLN A 762 20.97 -6.15 -4.66
N LEU A 763 20.06 -5.20 -4.85
CA LEU A 763 19.57 -4.93 -6.21
C LEU A 763 20.69 -4.42 -7.10
N ASN A 764 21.41 -3.40 -6.64
CA ASN A 764 22.54 -2.88 -7.41
C ASN A 764 23.63 -3.93 -7.56
N ARG A 765 23.84 -4.74 -6.52
CA ARG A 765 24.83 -5.81 -6.61
C ARG A 765 24.46 -6.82 -7.69
N ALA A 766 23.19 -7.21 -7.75
CA ALA A 766 22.73 -8.16 -8.76
C ALA A 766 22.85 -7.57 -10.16
N LEU A 767 22.50 -6.29 -10.33
CA LEU A 767 22.61 -5.67 -11.64
C LEU A 767 24.08 -5.58 -12.08
N THR A 768 24.98 -5.25 -11.15
CA THR A 768 26.40 -5.22 -11.49
C THR A 768 26.89 -6.61 -11.88
N GLY A 769 26.46 -7.64 -11.14
CA GLY A 769 26.83 -9.00 -11.50
C GLY A 769 26.35 -9.38 -12.88
N ILE A 770 25.12 -8.98 -13.22
CA ILE A 770 24.58 -9.27 -14.55
C ILE A 770 25.42 -8.58 -15.63
N ALA A 771 25.79 -7.32 -15.41
CA ALA A 771 26.59 -6.61 -16.40
C ALA A 771 27.94 -7.28 -16.59
N VAL A 772 28.60 -7.65 -15.49
CA VAL A 772 29.90 -8.31 -15.60
C VAL A 772 29.77 -9.64 -16.32
N GLU A 773 28.68 -10.38 -16.03
CA GLU A 773 28.45 -11.65 -16.71
C GLU A 773 28.25 -11.45 -18.21
N GLN A 774 27.53 -10.40 -18.60
CA GLN A 774 27.35 -10.13 -20.03
C GLN A 774 28.68 -9.83 -20.71
N ASP A 775 29.53 -9.05 -20.05
CA ASP A 775 30.85 -8.77 -20.62
C ASP A 775 31.67 -10.04 -20.77
N LYS A 776 31.64 -10.91 -19.75
CA LYS A 776 32.36 -12.18 -19.84
C LYS A 776 31.82 -13.04 -20.97
N ASN A 777 30.49 -13.07 -21.13
CA ASN A 777 29.88 -13.86 -22.20
C ASN A 777 30.35 -13.39 -23.57
N THR A 778 30.32 -12.08 -23.82
CA THR A 778 30.73 -11.61 -25.12
C THR A 778 32.24 -11.75 -25.35
N GLN A 779 33.03 -11.77 -24.27
CA GLN A 779 34.47 -11.97 -24.45
C GLN A 779 34.83 -13.42 -24.72
N GLU A 780 34.15 -14.35 -24.05
CA GLU A 780 34.55 -15.76 -24.10
C GLU A 780 34.36 -16.36 -25.49
N VAL A 781 33.26 -16.03 -26.15
CA VAL A 781 32.96 -16.64 -27.44
C VAL A 781 34.00 -16.27 -28.48
N PHE A 782 34.37 -14.98 -28.55
CA PHE A 782 35.20 -14.48 -29.63
C PHE A 782 36.70 -14.49 -29.31
N ALA A 783 37.08 -14.45 -28.04
CA ALA A 783 38.50 -14.43 -27.72
C ALA A 783 39.09 -15.84 -27.75
N GLN A 784 38.91 -16.55 -28.85
CA GLN A 784 39.39 -17.92 -28.98
C GLN A 784 40.72 -18.03 -29.71
N VAL A 785 41.25 -16.93 -30.23
CA VAL A 785 42.47 -16.97 -31.04
C VAL A 785 43.57 -16.24 -30.29
N LYS A 786 44.81 -16.67 -30.53
CA LYS A 786 45.97 -16.13 -29.83
C LYS A 786 46.51 -14.87 -30.49
N GLN A 787 46.72 -14.91 -31.81
CA GLN A 787 47.29 -13.81 -32.57
C GLN A 787 46.27 -13.32 -33.59
N ILE A 788 46.70 -12.41 -34.45
CA ILE A 788 45.86 -11.83 -35.49
C ILE A 788 46.49 -12.17 -36.84
N TYR A 789 45.89 -13.12 -37.55
CA TYR A 789 46.35 -13.50 -38.87
C TYR A 789 45.65 -12.67 -39.94
N LYS A 790 46.31 -12.51 -41.07
CA LYS A 790 45.74 -11.84 -42.23
C LYS A 790 45.95 -12.70 -43.47
N THR A 791 44.93 -12.78 -44.31
CA THR A 791 45.04 -13.52 -45.55
C THR A 791 45.99 -12.80 -46.51
N PRO A 792 46.76 -13.54 -47.31
CA PRO A 792 47.68 -12.91 -48.25
C PRO A 792 46.92 -12.21 -49.36
N PRO A 793 47.50 -11.17 -49.97
CA PRO A 793 46.81 -10.47 -51.06
C PRO A 793 46.46 -11.39 -52.23
N ILE A 794 47.29 -12.39 -52.52
CA ILE A 794 47.00 -13.31 -53.61
C ILE A 794 45.80 -14.17 -53.24
N LYS A 795 44.90 -14.37 -54.21
CA LYS A 795 43.66 -15.09 -53.97
C LYS A 795 43.56 -16.33 -54.85
N ASP A 796 44.64 -17.09 -54.96
CA ASP A 796 44.63 -18.33 -55.73
C ASP A 796 44.37 -19.51 -54.81
N PHE A 797 43.11 -19.63 -54.39
CA PHE A 797 42.69 -20.71 -53.52
C PHE A 797 42.24 -21.95 -54.30
N GLY A 798 42.65 -22.06 -55.56
CA GLY A 798 42.30 -23.22 -56.36
C GLY A 798 40.92 -23.19 -56.96
N GLY A 799 40.25 -22.04 -56.99
CA GLY A 799 38.92 -21.92 -57.56
C GLY A 799 37.86 -21.49 -56.57
N PHE A 800 38.17 -21.36 -55.29
CA PHE A 800 37.22 -20.91 -54.29
C PHE A 800 37.32 -19.39 -54.18
N ASN A 801 36.16 -18.74 -54.06
CA ASN A 801 36.11 -17.29 -54.12
C ASN A 801 36.31 -16.63 -52.75
N PHE A 802 35.45 -16.94 -51.79
CA PHE A 802 35.50 -16.41 -50.43
C PHE A 802 35.27 -14.90 -50.36
N SER A 803 34.96 -14.26 -51.48
CA SER A 803 34.85 -12.80 -51.48
C SER A 803 33.67 -12.30 -50.67
N GLN A 804 32.67 -13.15 -50.42
CA GLN A 804 31.47 -12.74 -49.71
C GLN A 804 31.60 -12.84 -48.19
N ILE A 805 32.75 -13.28 -47.68
CA ILE A 805 32.96 -13.37 -46.24
C ILE A 805 34.21 -12.66 -45.76
N LEU A 806 35.21 -12.42 -46.61
CA LEU A 806 36.40 -11.71 -46.20
C LEU A 806 36.07 -10.24 -45.98
N PRO A 807 36.86 -9.55 -45.15
CA PRO A 807 36.62 -8.11 -44.93
C PRO A 807 36.81 -7.32 -46.21
N ASP A 808 36.05 -6.23 -46.33
CA ASP A 808 36.03 -5.41 -47.53
C ASP A 808 36.93 -4.20 -47.35
N PRO A 809 38.00 -4.06 -48.13
CA PRO A 809 38.84 -2.85 -48.02
C PRO A 809 38.10 -1.57 -48.34
N SER A 810 37.15 -1.61 -49.27
CA SER A 810 36.43 -0.41 -49.70
C SER A 810 35.21 -0.16 -48.80
N LYS A 811 35.50 0.00 -47.51
CA LYS A 811 34.46 0.24 -46.52
C LYS A 811 35.08 0.79 -45.24
N PRO A 812 34.56 1.88 -44.69
CA PRO A 812 35.13 2.40 -43.44
C PRO A 812 35.00 1.45 -42.27
N SER A 813 33.95 0.64 -42.22
CA SER A 813 33.70 -0.24 -41.09
C SER A 813 34.51 -1.53 -41.12
N LYS A 814 35.10 -1.87 -42.26
CA LYS A 814 35.88 -3.11 -42.42
C LYS A 814 35.03 -4.33 -42.09
N ARG A 815 33.96 -4.50 -42.86
CA ARG A 815 33.04 -5.61 -42.68
C ARG A 815 32.85 -6.35 -43.99
N SER A 816 32.50 -7.63 -43.88
CA SER A 816 32.14 -8.41 -45.04
C SER A 816 30.75 -8.01 -45.52
N PRO A 817 30.41 -8.33 -46.78
CA PRO A 817 29.04 -8.04 -47.25
C PRO A 817 27.96 -8.69 -46.41
N ILE A 818 28.17 -9.92 -45.95
CA ILE A 818 27.15 -10.58 -45.13
C ILE A 818 27.02 -9.90 -43.78
N GLU A 819 28.15 -9.50 -43.19
CA GLU A 819 28.10 -8.79 -41.91
C GLU A 819 27.38 -7.46 -42.07
N ASP A 820 27.64 -6.73 -43.16
CA ASP A 820 26.93 -5.48 -43.41
C ASP A 820 25.44 -5.71 -43.59
N LEU A 821 25.07 -6.77 -44.32
CA LEU A 821 23.66 -7.08 -44.50
C LEU A 821 22.98 -7.38 -43.17
N LEU A 822 23.64 -8.17 -42.32
CA LEU A 822 23.07 -8.46 -41.00
C LEU A 822 22.95 -7.20 -40.16
N PHE A 823 23.98 -6.34 -40.19
CA PHE A 823 23.95 -5.12 -39.39
C PHE A 823 22.82 -4.20 -39.83
N ASN A 824 22.62 -4.05 -41.14
CA ASN A 824 21.53 -3.22 -41.62
C ASN A 824 20.17 -3.87 -41.41
N LYS A 825 20.10 -5.20 -41.39
CA LYS A 825 18.83 -5.87 -41.16
C LYS A 825 18.38 -5.75 -39.71
N VAL A 826 19.31 -5.86 -38.77
CA VAL A 826 18.96 -5.74 -37.36
C VAL A 826 18.71 -4.27 -37.04
N THR A 827 17.50 -3.95 -36.62
CA THR A 827 17.13 -2.58 -36.30
C THR A 827 17.77 -2.13 -34.99
N ALA A 852 21.11 7.52 -24.07
CA ALA A 852 21.78 6.52 -23.26
C ALA A 852 21.32 6.61 -21.80
N GLN A 853 20.40 7.52 -21.53
CA GLN A 853 19.87 7.72 -20.19
C GLN A 853 18.52 8.40 -20.29
N LYS A 854 17.77 8.36 -19.19
CA LYS A 854 16.47 9.00 -19.11
C LYS A 854 16.37 9.72 -17.77
N PHE A 855 15.16 10.18 -17.45
CA PHE A 855 14.98 11.08 -16.32
C PHE A 855 15.32 10.41 -14.99
N ASN A 856 14.85 9.18 -14.79
CA ASN A 856 14.79 8.58 -13.45
C ASN A 856 15.76 7.43 -13.28
N GLY A 857 17.01 7.77 -12.98
CA GLY A 857 18.00 6.82 -12.49
C GLY A 857 18.21 5.56 -13.29
N LEU A 858 18.06 5.62 -14.61
CA LEU A 858 18.28 4.48 -15.49
C LEU A 858 19.49 4.76 -16.35
N THR A 859 20.56 4.01 -16.15
CA THR A 859 21.80 4.19 -16.90
C THR A 859 22.06 2.96 -17.76
N VAL A 860 22.50 3.20 -18.99
CA VAL A 860 22.87 2.13 -19.92
C VAL A 860 24.37 2.20 -20.11
N LEU A 861 25.06 1.14 -19.67
CA LEU A 861 26.51 1.09 -19.73
C LEU A 861 26.98 0.68 -21.13
N PRO A 862 28.16 1.12 -21.55
CA PRO A 862 28.66 0.74 -22.87
C PRO A 862 29.39 -0.59 -22.80
N PRO A 863 29.26 -1.43 -23.84
CA PRO A 863 29.98 -2.70 -23.85
C PRO A 863 31.48 -2.49 -23.90
N LEU A 864 32.21 -3.44 -23.31
CA LEU A 864 33.68 -3.33 -23.27
C LEU A 864 34.29 -3.55 -24.64
N LEU A 865 33.76 -4.49 -25.41
CA LEU A 865 34.30 -4.82 -26.72
C LEU A 865 33.48 -4.16 -27.81
N THR A 866 34.14 -3.41 -28.67
CA THR A 866 33.47 -2.68 -29.74
C THR A 866 33.29 -3.55 -30.98
N ASP A 867 32.40 -3.10 -31.87
CA ASP A 867 32.12 -3.86 -33.08
C ASP A 867 33.35 -3.99 -33.97
N GLU A 868 34.24 -3.00 -33.96
CA GLU A 868 35.48 -3.13 -34.69
C GLU A 868 36.31 -4.28 -34.14
N MET A 869 36.37 -4.42 -32.81
CA MET A 869 37.12 -5.51 -32.21
C MET A 869 36.49 -6.86 -32.51
N ILE A 870 35.16 -6.93 -32.48
CA ILE A 870 34.48 -8.18 -32.82
C ILE A 870 34.77 -8.55 -34.28
N ALA A 871 34.70 -7.57 -35.18
CA ALA A 871 34.99 -7.84 -36.58
C ALA A 871 36.43 -8.28 -36.78
N GLN A 872 37.36 -7.70 -36.01
CA GLN A 872 38.75 -8.09 -36.17
C GLN A 872 39.01 -9.50 -35.65
N TYR A 873 38.37 -9.90 -34.53
CA TYR A 873 38.42 -11.31 -34.13
C TYR A 873 37.87 -12.22 -35.23
N THR A 874 36.72 -11.89 -35.80
CA THR A 874 36.14 -12.76 -36.81
C THR A 874 37.05 -12.85 -38.04
N SER A 875 37.64 -11.73 -38.45
CA SER A 875 38.55 -11.75 -39.58
C SER A 875 39.80 -12.57 -39.28
N ALA A 876 40.32 -12.48 -38.06
CA ALA A 876 41.47 -13.28 -37.69
C ALA A 876 41.15 -14.77 -37.74
N LEU A 877 39.97 -15.15 -37.22
CA LEU A 877 39.57 -16.55 -37.28
C LEU A 877 39.41 -17.03 -38.71
N LEU A 878 38.80 -16.21 -39.56
CA LEU A 878 38.60 -16.59 -40.96
C LEU A 878 39.95 -16.76 -41.67
N ALA A 879 40.87 -15.82 -41.47
CA ALA A 879 42.18 -15.93 -42.11
C ALA A 879 42.93 -17.16 -41.63
N GLY A 880 42.87 -17.44 -40.31
CA GLY A 880 43.51 -18.63 -39.80
C GLY A 880 42.94 -19.90 -40.39
N THR A 881 41.61 -19.99 -40.48
CA THR A 881 40.98 -21.17 -41.05
C THR A 881 41.36 -21.34 -42.52
N ILE A 882 41.38 -20.24 -43.27
CA ILE A 882 41.67 -20.31 -44.69
C ILE A 882 43.11 -20.76 -44.93
N THR A 883 44.06 -20.19 -44.18
CA THR A 883 45.46 -20.40 -44.52
C THR A 883 46.09 -21.59 -43.80
N SER A 884 45.58 -22.01 -42.65
CA SER A 884 46.25 -23.04 -41.86
C SER A 884 45.37 -24.22 -41.49
N GLY A 885 44.12 -24.27 -41.93
CA GLY A 885 43.27 -25.40 -41.57
C GLY A 885 42.96 -25.42 -40.08
N TRP A 886 42.95 -26.62 -39.51
CA TRP A 886 42.73 -26.77 -38.08
C TRP A 886 44.02 -26.80 -37.28
N THR A 887 45.17 -26.66 -37.94
CA THR A 887 46.45 -26.74 -37.24
C THR A 887 46.69 -25.55 -36.32
N PHE A 888 46.04 -24.42 -36.57
CA PHE A 888 46.25 -23.24 -35.75
C PHE A 888 45.46 -23.28 -34.45
N GLY A 889 44.55 -24.23 -34.29
CA GLY A 889 43.79 -24.34 -33.06
C GLY A 889 44.51 -25.13 -32.00
N ALA A 890 45.35 -26.09 -32.42
CA ALA A 890 46.07 -26.91 -31.47
C ALA A 890 47.35 -26.22 -31.00
N GLY A 891 48.27 -25.95 -31.90
CA GLY A 891 49.51 -25.31 -31.57
C GLY A 891 49.79 -24.10 -32.43
N PRO A 892 50.93 -24.10 -33.11
CA PRO A 892 51.25 -23.01 -34.03
C PRO A 892 50.53 -23.19 -35.36
N ALA A 893 50.64 -22.17 -36.21
CA ALA A 893 49.96 -22.16 -37.50
C ALA A 893 50.84 -22.84 -38.55
N LEU A 894 50.25 -23.83 -39.24
CA LEU A 894 50.95 -24.60 -40.25
C LEU A 894 50.27 -24.33 -41.59
N GLN A 895 50.97 -23.69 -42.51
CA GLN A 895 50.38 -23.37 -43.81
C GLN A 895 50.15 -24.64 -44.62
N ILE A 896 49.10 -24.62 -45.43
CA ILE A 896 48.74 -25.76 -46.27
C ILE A 896 47.82 -25.28 -47.39
N PRO A 897 48.01 -25.74 -48.62
CA PRO A 897 47.12 -25.32 -49.72
C PRO A 897 45.68 -25.74 -49.47
N PHE A 898 44.75 -24.89 -49.89
CA PHE A 898 43.34 -25.17 -49.67
C PHE A 898 42.84 -26.44 -50.36
N PRO A 899 43.19 -26.73 -51.61
CA PRO A 899 42.78 -28.04 -52.17
C PRO A 899 43.28 -29.22 -51.35
N MET A 900 44.50 -29.15 -50.83
CA MET A 900 45.00 -30.26 -50.01
C MET A 900 44.23 -30.33 -48.69
N GLN A 901 43.88 -29.18 -48.12
CA GLN A 901 43.07 -29.19 -46.91
C GLN A 901 41.70 -29.82 -47.16
N MET A 902 41.08 -29.50 -48.29
CA MET A 902 39.79 -30.09 -48.62
C MET A 902 39.92 -31.59 -48.87
N ALA A 903 41.03 -32.03 -49.47
CA ALA A 903 41.26 -33.46 -49.62
C ALA A 903 41.37 -34.13 -48.26
N TYR A 904 42.07 -33.50 -47.32
CA TYR A 904 42.15 -34.03 -45.96
C TYR A 904 40.77 -34.14 -45.34
N ARG A 905 39.91 -33.15 -45.59
CA ARG A 905 38.59 -33.17 -44.96
C ARG A 905 37.68 -34.23 -45.59
N PHE A 906 37.76 -34.44 -46.90
CA PHE A 906 37.04 -35.57 -47.50
C PHE A 906 37.56 -36.89 -46.94
N ASN A 907 38.88 -37.02 -46.78
CA ASN A 907 39.43 -38.23 -46.18
C ASN A 907 38.91 -38.42 -44.76
N GLY A 908 38.74 -37.32 -44.02
CA GLY A 908 38.15 -37.43 -42.70
C GLY A 908 36.71 -37.90 -42.73
N ILE A 909 35.94 -37.42 -43.70
CA ILE A 909 34.57 -37.91 -43.85
C ILE A 909 34.56 -39.41 -44.14
N GLY A 910 35.41 -39.85 -45.05
CA GLY A 910 35.44 -41.25 -45.44
C GLY A 910 35.65 -41.42 -46.93
N VAL A 911 35.37 -40.36 -47.69
CA VAL A 911 35.61 -40.38 -49.12
C VAL A 911 37.10 -40.22 -49.39
N THR A 912 37.64 -41.06 -50.27
CA THR A 912 39.06 -41.06 -50.54
C THR A 912 39.47 -39.76 -51.23
N GLN A 913 40.78 -39.58 -51.40
CA GLN A 913 41.31 -38.32 -51.91
C GLN A 913 41.25 -38.20 -53.42
N ASN A 914 41.02 -39.30 -54.15
CA ASN A 914 40.99 -39.23 -55.60
C ASN A 914 39.65 -38.71 -56.12
N VAL A 915 38.75 -38.28 -55.24
CA VAL A 915 37.49 -37.69 -55.67
C VAL A 915 37.61 -36.18 -55.84
N LEU A 916 38.18 -35.51 -54.84
CA LEU A 916 38.31 -34.05 -54.92
C LEU A 916 39.24 -33.64 -56.05
N TYR A 917 40.37 -34.34 -56.21
CA TYR A 917 41.34 -33.94 -57.23
C TYR A 917 40.79 -34.13 -58.63
N GLU A 918 39.85 -35.05 -58.80
CA GLU A 918 39.23 -35.27 -60.10
C GLU A 918 37.93 -34.50 -60.29
N ASN A 919 37.39 -33.90 -59.23
CA ASN A 919 36.19 -33.07 -59.34
C ASN A 919 36.41 -31.72 -58.69
N GLN A 920 37.61 -31.15 -58.84
CA GLN A 920 37.92 -29.89 -58.16
C GLN A 920 37.07 -28.74 -58.68
N LYS A 921 36.92 -28.64 -60.00
CA LYS A 921 36.17 -27.51 -60.56
C LYS A 921 34.70 -27.54 -60.14
N LEU A 922 34.08 -28.71 -60.18
CA LEU A 922 32.67 -28.83 -59.84
C LEU A 922 32.43 -28.45 -58.38
N ILE A 923 33.32 -28.88 -57.49
CA ILE A 923 33.15 -28.58 -56.07
C ILE A 923 33.30 -27.08 -55.81
N ALA A 924 34.27 -26.44 -56.47
CA ALA A 924 34.42 -24.99 -56.31
C ALA A 924 33.19 -24.25 -56.82
N ASN A 925 32.67 -24.67 -57.97
CA ASN A 925 31.47 -24.03 -58.51
C ASN A 925 30.28 -24.18 -57.56
N GLN A 926 30.11 -25.39 -57.00
CA GLN A 926 29.01 -25.63 -56.07
C GLN A 926 29.17 -24.78 -54.81
N PHE A 927 30.40 -24.67 -54.30
CA PHE A 927 30.64 -23.87 -53.10
C PHE A 927 30.31 -22.40 -53.35
N ASN A 928 30.76 -21.86 -54.48
CA ASN A 928 30.45 -20.47 -54.80
C ASN A 928 28.96 -20.25 -54.96
N SER A 929 28.27 -21.19 -55.63
CA SER A 929 26.83 -21.07 -55.79
C SER A 929 26.12 -21.08 -54.46
N ALA A 930 26.54 -21.96 -53.54
CA ALA A 930 25.92 -22.03 -52.23
C ALA A 930 26.12 -20.74 -51.44
N ILE A 931 27.33 -20.17 -51.51
CA ILE A 931 27.58 -18.91 -50.82
C ILE A 931 26.68 -17.81 -51.37
N GLY A 932 26.60 -17.71 -52.69
CA GLY A 932 25.71 -16.70 -53.28
C GLY A 932 24.26 -16.92 -52.90
N LYS A 933 23.83 -18.18 -52.86
CA LYS A 933 22.45 -18.49 -52.52
C LYS A 933 22.13 -18.10 -51.08
N ILE A 934 23.05 -18.36 -50.15
CA ILE A 934 22.77 -17.98 -48.76
C ILE A 934 22.77 -16.47 -48.61
N GLN A 935 23.64 -15.78 -49.34
CA GLN A 935 23.61 -14.32 -49.35
C GLN A 935 22.25 -13.81 -49.82
N ASP A 936 21.76 -14.35 -50.93
CA ASP A 936 20.47 -13.91 -51.46
C ASP A 936 19.33 -14.25 -50.51
N SER A 937 19.39 -15.42 -49.87
CA SER A 937 18.34 -15.81 -48.93
C SER A 937 18.28 -14.86 -47.75
N LEU A 938 19.44 -14.53 -47.17
CA LEU A 938 19.44 -13.57 -46.06
C LEU A 938 18.97 -12.20 -46.51
N SER A 939 19.34 -11.78 -47.73
CA SER A 939 18.89 -10.49 -48.23
C SER A 939 17.38 -10.46 -48.41
N SER A 940 16.79 -11.55 -48.92
CA SER A 940 15.37 -11.54 -49.28
C SER A 940 14.50 -11.81 -48.07
N THR A 941 14.67 -12.96 -47.43
CA THR A 941 13.78 -13.34 -46.34
C THR A 941 13.98 -12.43 -45.14
N PRO A 942 12.93 -11.75 -44.67
CA PRO A 942 13.12 -10.77 -43.59
C PRO A 942 12.84 -11.33 -42.19
N SER A 943 12.29 -12.55 -42.12
CA SER A 943 11.95 -13.15 -40.85
C SER A 943 12.96 -14.18 -40.38
N ALA A 944 14.05 -14.39 -41.13
CA ALA A 944 15.02 -15.42 -40.77
C ALA A 944 15.71 -15.10 -39.44
N LEU A 945 16.08 -13.85 -39.24
CA LEU A 945 16.82 -13.43 -38.04
C LEU A 945 15.80 -12.89 -37.04
N GLY A 946 15.42 -13.72 -36.08
CA GLY A 946 14.44 -13.31 -35.10
C GLY A 946 14.90 -13.47 -33.68
N LYS A 947 15.86 -14.37 -33.45
CA LYS A 947 16.35 -14.61 -32.11
C LYS A 947 17.05 -13.39 -31.55
N LEU A 948 17.81 -12.67 -32.38
CA LEU A 948 18.49 -11.48 -31.92
C LEU A 948 17.53 -10.32 -31.70
N GLN A 949 16.44 -10.28 -32.45
CA GLN A 949 15.43 -9.24 -32.24
C GLN A 949 14.59 -9.50 -30.99
N ASP A 950 14.39 -10.77 -30.65
CA ASP A 950 13.53 -11.12 -29.52
C ASP A 950 14.07 -10.56 -28.22
N VAL A 951 15.38 -10.70 -27.98
CA VAL A 951 15.95 -10.24 -26.73
C VAL A 951 15.85 -8.71 -26.62
N VAL A 952 16.11 -8.00 -27.72
CA VAL A 952 16.02 -6.54 -27.70
C VAL A 952 14.59 -6.11 -27.40
N ASN A 953 13.62 -6.75 -28.05
CA ASN A 953 12.22 -6.38 -27.83
C ASN A 953 11.82 -6.66 -26.39
N GLN A 954 12.22 -7.82 -25.84
CA GLN A 954 11.86 -8.15 -24.47
C GLN A 954 12.47 -7.17 -23.48
N ASN A 955 13.74 -6.84 -23.65
CA ASN A 955 14.38 -5.89 -22.73
C ASN A 955 13.73 -4.52 -22.80
N ALA A 956 13.46 -4.04 -24.03
CA ALA A 956 12.83 -2.73 -24.17
C ALA A 956 11.44 -2.72 -23.53
N GLN A 957 10.67 -3.79 -23.74
CA GLN A 957 9.33 -3.86 -23.17
C GLN A 957 9.37 -3.88 -21.65
N ALA A 958 10.29 -4.66 -21.07
CA ALA A 958 10.40 -4.71 -19.62
C ALA A 958 10.81 -3.35 -19.05
N LEU A 959 11.76 -2.68 -19.69
CA LEU A 959 12.17 -1.36 -19.21
C LEU A 959 11.03 -0.36 -19.31
N ASN A 960 10.27 -0.40 -20.40
CA ASN A 960 9.15 0.51 -20.56
C ASN A 960 8.09 0.27 -19.50
N THR A 961 7.80 -1.00 -19.19
CA THR A 961 6.84 -1.29 -18.12
C THR A 961 7.34 -0.78 -16.78
N LEU A 962 8.64 -0.96 -16.50
CA LEU A 962 9.20 -0.46 -15.25
C LEU A 962 9.05 1.05 -15.14
N VAL A 963 9.33 1.76 -16.24
CA VAL A 963 9.18 3.22 -16.23
C VAL A 963 7.72 3.61 -16.04
N LYS A 964 6.81 2.94 -16.75
CA LYS A 964 5.40 3.30 -16.73
C LYS A 964 4.73 2.97 -15.40
N GLN A 965 5.32 2.08 -14.60
CA GLN A 965 4.72 1.75 -13.31
C GLN A 965 4.73 2.91 -12.32
N LEU A 966 5.47 3.98 -12.60
CA LEU A 966 5.52 5.10 -11.67
C LEU A 966 4.18 5.79 -11.52
N SER A 967 3.50 6.05 -12.63
CA SER A 967 2.23 6.79 -12.63
C SER A 967 1.11 5.86 -12.15
N SER A 968 1.19 5.48 -10.88
CA SER A 968 0.24 4.56 -10.28
C SER A 968 -0.02 5.01 -8.84
N ASN A 969 -1.30 5.08 -8.48
CA ASN A 969 -1.66 5.56 -7.14
C ASN A 969 -1.17 4.59 -6.07
N PHE A 970 -1.29 3.29 -6.31
CA PHE A 970 -0.93 2.25 -5.34
C PHE A 970 -1.68 2.42 -4.02
N GLY A 971 -2.92 2.89 -4.09
CA GLY A 971 -3.73 3.10 -2.91
C GLY A 971 -3.58 4.45 -2.25
N ALA A 972 -2.70 5.30 -2.75
CA ALA A 972 -2.52 6.62 -2.18
C ALA A 972 -3.47 7.63 -2.85
N ILE A 973 -3.52 8.83 -2.28
CA ILE A 973 -4.40 9.86 -2.81
C ILE A 973 -3.92 10.35 -4.17
N SER A 974 -2.60 10.46 -4.34
CA SER A 974 -2.04 10.98 -5.57
C SER A 974 -0.77 10.20 -5.93
N SER A 975 -0.43 10.24 -7.21
CA SER A 975 0.76 9.57 -7.71
C SER A 975 1.98 10.49 -7.80
N VAL A 976 1.85 11.73 -7.33
CA VAL A 976 2.93 12.71 -7.38
C VAL A 976 3.42 12.94 -5.96
N LEU A 977 4.71 12.70 -5.74
CA LEU A 977 5.29 12.88 -4.41
C LEU A 977 5.20 14.33 -3.97
N ASN A 978 5.53 15.26 -4.86
CA ASN A 978 5.47 16.68 -4.52
C ASN A 978 4.06 17.09 -4.14
N ASP A 979 3.07 16.67 -4.93
CA ASP A 979 1.69 17.03 -4.63
C ASP A 979 1.22 16.43 -3.31
N ILE A 980 1.54 15.16 -3.07
CA ILE A 980 1.07 14.52 -1.84
C ILE A 980 1.74 15.12 -0.62
N LEU A 981 3.00 15.56 -0.74
CA LEU A 981 3.64 16.20 0.41
C LEU A 981 3.16 17.64 0.61
N SER A 982 2.84 18.36 -0.47
CA SER A 982 2.48 19.76 -0.37
C SER A 982 1.00 19.99 -0.10
N ARG A 983 0.15 18.98 -0.30
CA ARG A 983 -1.28 19.17 -0.06
C ARG A 983 -1.71 18.78 1.34
N LEU A 984 -0.99 17.89 2.01
CA LEU A 984 -1.34 17.43 3.34
C LEU A 984 -0.25 17.80 4.35
N ASP A 985 -0.58 17.60 5.62
CA ASP A 985 0.34 17.88 6.72
C ASP A 985 1.31 16.71 6.92
N PRO A 986 2.46 16.97 7.54
CA PRO A 986 3.45 15.90 7.77
C PRO A 986 2.88 14.71 8.52
N PRO A 987 2.20 14.88 9.67
CA PRO A 987 1.84 13.69 10.46
C PRO A 987 0.91 12.73 9.75
N GLU A 988 0.18 13.17 8.72
CA GLU A 988 -0.69 12.28 7.97
C GLU A 988 -0.10 11.87 6.63
N ALA A 989 0.77 12.68 6.04
CA ALA A 989 1.34 12.35 4.73
C ALA A 989 2.25 11.13 4.82
N GLU A 990 2.94 10.94 5.96
CA GLU A 990 3.84 9.80 6.10
C GLU A 990 3.09 8.48 6.03
N VAL A 991 1.82 8.46 6.44
CA VAL A 991 1.02 7.25 6.32
C VAL A 991 0.79 6.90 4.86
N GLN A 992 0.51 7.92 4.03
CA GLN A 992 0.26 7.68 2.62
C GLN A 992 1.54 7.39 1.84
N ILE A 993 2.68 7.90 2.31
CA ILE A 993 3.94 7.68 1.60
C ILE A 993 4.28 6.20 1.56
N ASP A 994 4.09 5.51 2.69
CA ASP A 994 4.44 4.09 2.77
C ASP A 994 3.34 3.23 2.15
N ARG A 995 2.88 3.63 0.99
CA ARG A 995 2.18 2.81 0.00
C ARG A 995 2.81 2.97 -1.36
N LEU A 996 3.18 4.20 -1.73
CA LEU A 996 4.02 4.41 -2.89
C LEU A 996 5.37 3.73 -2.69
N ILE A 997 5.92 3.79 -1.47
CA ILE A 997 7.19 3.14 -1.21
C ILE A 997 7.09 1.64 -1.49
N THR A 998 6.04 1.01 -0.96
CA THR A 998 5.88 -0.42 -1.17
C THR A 998 5.67 -0.75 -2.63
N GLY A 999 4.88 0.06 -3.35
CA GLY A 999 4.68 -0.20 -4.77
C GLY A 999 5.98 -0.13 -5.55
N ARG A 1000 6.78 0.90 -5.31
CA ARG A 1000 8.05 1.03 -6.04
C ARG A 1000 9.00 -0.11 -5.70
N LEU A 1001 9.09 -0.49 -4.42
CA LEU A 1001 9.94 -1.62 -4.06
C LEU A 1001 9.49 -2.90 -4.75
N GLN A 1002 8.18 -3.16 -4.78
CA GLN A 1002 7.71 -4.38 -5.42
C GLN A 1002 8.02 -4.38 -6.92
N SER A 1003 7.82 -3.25 -7.58
CA SER A 1003 8.11 -3.18 -9.01
C SER A 1003 9.58 -3.40 -9.29
N LEU A 1004 10.46 -2.76 -8.50
CA LEU A 1004 11.89 -2.92 -8.70
C LEU A 1004 12.32 -4.36 -8.46
N GLN A 1005 11.78 -5.00 -7.41
CA GLN A 1005 12.15 -6.37 -7.12
C GLN A 1005 11.72 -7.30 -8.25
N THR A 1006 10.50 -7.12 -8.77
CA THR A 1006 10.05 -7.96 -9.88
C THR A 1006 10.92 -7.77 -11.11
N TYR A 1007 11.29 -6.52 -11.42
CA TYR A 1007 12.16 -6.28 -12.56
C TYR A 1007 13.51 -6.97 -12.40
N VAL A 1008 14.09 -6.89 -11.20
CA VAL A 1008 15.39 -7.51 -10.99
C VAL A 1008 15.29 -9.03 -11.11
N THR A 1009 14.23 -9.62 -10.58
CA THR A 1009 14.06 -11.07 -10.70
C THR A 1009 13.94 -11.50 -12.16
N GLN A 1010 13.15 -10.76 -12.95
CA GLN A 1010 13.02 -11.08 -14.37
C GLN A 1010 14.37 -10.96 -15.06
N GLN A 1011 15.15 -9.92 -14.74
CA GLN A 1011 16.45 -9.75 -15.36
C GLN A 1011 17.38 -10.91 -15.05
N LEU A 1012 17.39 -11.36 -13.80
CA LEU A 1012 18.26 -12.50 -13.45
C LEU A 1012 17.84 -13.75 -14.20
N ILE A 1013 16.54 -14.02 -14.27
CA ILE A 1013 16.07 -15.23 -14.94
C ILE A 1013 16.44 -15.19 -16.42
N ARG A 1014 16.28 -14.03 -17.08
CA ARG A 1014 16.63 -13.94 -18.49
C ARG A 1014 18.15 -14.05 -18.70
N ALA A 1015 18.93 -13.47 -17.79
CA ALA A 1015 20.38 -13.55 -17.91
C ALA A 1015 20.87 -14.99 -17.82
N ALA A 1016 20.20 -15.83 -17.03
CA ALA A 1016 20.57 -17.23 -16.99
C ALA A 1016 20.48 -17.89 -18.36
N GLU A 1017 19.35 -17.68 -19.05
CA GLU A 1017 19.17 -18.26 -20.38
C GLU A 1017 20.16 -17.69 -21.38
N ILE A 1018 20.44 -16.39 -21.28
CA ILE A 1018 21.43 -15.80 -22.18
C ILE A 1018 22.80 -16.43 -21.97
N ARG A 1019 23.17 -16.67 -20.71
CA ARG A 1019 24.45 -17.32 -20.43
C ARG A 1019 24.49 -18.73 -21.00
N ALA A 1020 23.37 -19.46 -20.89
CA ALA A 1020 23.34 -20.80 -21.48
C ALA A 1020 23.56 -20.75 -22.98
N SER A 1021 22.90 -19.81 -23.66
CA SER A 1021 23.10 -19.67 -25.10
C SER A 1021 24.53 -19.29 -25.44
N ALA A 1022 25.15 -18.42 -24.64
CA ALA A 1022 26.54 -18.04 -24.88
C ALA A 1022 27.48 -19.23 -24.72
N ASN A 1023 27.23 -20.06 -23.72
CA ASN A 1023 28.04 -21.27 -23.55
C ASN A 1023 27.90 -22.20 -24.76
N LEU A 1024 26.68 -22.37 -25.25
CA LEU A 1024 26.49 -23.19 -26.44
C LEU A 1024 27.23 -22.60 -27.65
N ALA A 1025 27.19 -21.26 -27.77
CA ALA A 1025 27.89 -20.61 -28.88
C ALA A 1025 29.39 -20.84 -28.80
N ALA A 1026 29.97 -20.72 -27.60
CA ALA A 1026 31.39 -20.95 -27.44
C ALA A 1026 31.75 -22.40 -27.77
N THR A 1027 30.92 -23.34 -27.35
CA THR A 1027 31.17 -24.75 -27.67
C THR A 1027 31.12 -24.99 -29.16
N LYS A 1028 30.12 -24.42 -29.85
CA LYS A 1028 30.02 -24.61 -31.30
C LYS A 1028 31.19 -23.98 -32.03
N MET A 1029 31.63 -22.79 -31.59
CA MET A 1029 32.76 -22.16 -32.25
C MET A 1029 34.04 -22.93 -32.04
N SER A 1030 34.23 -23.50 -30.85
CA SER A 1030 35.49 -24.18 -30.56
C SER A 1030 35.60 -25.49 -31.33
N GLU A 1031 34.50 -26.22 -31.48
CA GLU A 1031 34.55 -27.59 -32.01
C GLU A 1031 34.28 -27.68 -33.50
N CYS A 1032 33.63 -26.69 -34.10
CA CYS A 1032 33.26 -26.76 -35.50
C CYS A 1032 34.05 -25.82 -36.41
N VAL A 1033 34.54 -24.71 -35.88
CA VAL A 1033 35.37 -23.81 -36.67
C VAL A 1033 36.84 -24.21 -36.61
N LEU A 1034 37.34 -24.49 -35.41
CA LEU A 1034 38.74 -24.85 -35.21
C LEU A 1034 39.02 -26.32 -35.46
N GLY A 1035 38.08 -27.05 -36.05
CA GLY A 1035 38.29 -28.45 -36.34
C GLY A 1035 37.10 -29.02 -37.07
N GLN A 1036 37.19 -30.30 -37.39
CA GLN A 1036 36.12 -31.02 -38.08
C GLN A 1036 35.38 -31.88 -37.07
N SER A 1037 34.06 -31.71 -37.01
CA SER A 1037 33.25 -32.42 -36.04
C SER A 1037 32.77 -33.75 -36.58
N LYS A 1038 32.57 -34.70 -35.68
CA LYS A 1038 32.03 -36.01 -36.03
C LYS A 1038 30.66 -36.28 -35.43
N ARG A 1039 30.20 -35.44 -34.50
CA ARG A 1039 28.87 -35.60 -33.94
C ARG A 1039 27.81 -35.23 -34.98
N VAL A 1040 26.86 -36.13 -35.19
CA VAL A 1040 25.89 -35.93 -36.27
C VAL A 1040 24.92 -34.82 -35.90
N ASP A 1041 24.59 -33.98 -36.89
CA ASP A 1041 23.62 -32.91 -36.80
C ASP A 1041 24.00 -31.82 -35.81
N PHE A 1042 25.23 -31.86 -35.28
CA PHE A 1042 25.67 -30.78 -34.39
C PHE A 1042 25.89 -29.50 -35.17
N CYS A 1043 26.51 -29.59 -36.35
CA CYS A 1043 26.78 -28.43 -37.20
C CYS A 1043 26.26 -28.72 -38.60
N GLY A 1044 24.99 -28.40 -38.83
CA GLY A 1044 24.39 -28.57 -40.14
C GLY A 1044 24.00 -30.01 -40.42
N LYS A 1045 23.24 -30.18 -41.49
CA LYS A 1045 22.81 -31.49 -41.95
C LYS A 1045 23.80 -32.03 -42.97
N GLY A 1046 23.99 -33.34 -42.96
CA GLY A 1046 25.01 -33.96 -43.79
C GLY A 1046 26.28 -34.19 -43.00
N TYR A 1047 27.34 -34.49 -43.75
CA TYR A 1047 28.66 -34.72 -43.15
C TYR A 1047 29.42 -33.40 -43.11
N HIS A 1048 29.79 -32.95 -41.92
CA HIS A 1048 30.38 -31.63 -41.75
C HIS A 1048 31.75 -31.56 -42.42
N LEU A 1049 32.01 -30.44 -43.10
CA LEU A 1049 33.30 -30.15 -43.71
C LEU A 1049 33.95 -28.94 -43.08
N MET A 1050 33.28 -27.79 -43.06
CA MET A 1050 33.89 -26.55 -42.56
C MET A 1050 32.81 -25.71 -41.90
N SER A 1051 33.24 -24.62 -41.27
CA SER A 1051 32.31 -23.65 -40.71
C SER A 1051 32.96 -22.27 -40.73
N PHE A 1052 32.16 -21.26 -41.01
CA PHE A 1052 32.65 -19.88 -41.09
C PHE A 1052 31.83 -18.99 -40.17
N PRO A 1053 32.46 -18.23 -39.29
CA PRO A 1053 31.72 -17.35 -38.37
C PRO A 1053 31.58 -15.93 -38.91
N GLN A 1054 30.49 -15.29 -38.50
CA GLN A 1054 30.22 -13.90 -38.83
C GLN A 1054 29.59 -13.22 -37.62
N SER A 1055 29.79 -11.91 -37.52
CA SER A 1055 29.29 -11.15 -36.40
C SER A 1055 27.85 -10.71 -36.64
N ALA A 1056 27.18 -10.33 -35.56
CA ALA A 1056 25.83 -9.81 -35.61
C ALA A 1056 25.58 -9.05 -34.32
N PRO A 1057 24.62 -8.11 -34.32
CA PRO A 1057 24.32 -7.39 -33.08
C PRO A 1057 23.89 -8.31 -31.96
N HIS A 1058 24.70 -8.39 -30.91
CA HIS A 1058 24.44 -9.27 -29.75
C HIS A 1058 24.25 -10.72 -30.18
N GLY A 1059 25.14 -11.20 -31.04
CA GLY A 1059 25.05 -12.58 -31.48
C GLY A 1059 26.11 -12.91 -32.49
N VAL A 1060 26.10 -14.19 -32.89
CA VAL A 1060 27.03 -14.72 -33.88
C VAL A 1060 26.24 -15.55 -34.88
N VAL A 1061 26.80 -15.71 -36.08
CA VAL A 1061 26.16 -16.45 -37.16
C VAL A 1061 27.17 -17.43 -37.73
N PHE A 1062 26.74 -18.67 -37.93
CA PHE A 1062 27.62 -19.71 -38.47
C PHE A 1062 27.13 -20.13 -39.84
N LEU A 1063 28.08 -20.35 -40.75
CA LEU A 1063 27.80 -20.97 -42.04
C LEU A 1063 28.46 -22.34 -42.05
N HIS A 1064 27.66 -23.40 -42.04
CA HIS A 1064 28.16 -24.76 -41.94
C HIS A 1064 28.26 -25.38 -43.33
N VAL A 1065 29.49 -25.48 -43.84
CA VAL A 1065 29.73 -26.14 -45.11
C VAL A 1065 29.72 -27.65 -44.88
N THR A 1066 28.86 -28.36 -45.59
CA THR A 1066 28.69 -29.80 -45.39
C THR A 1066 28.77 -30.58 -46.69
N TYR A 1067 28.53 -31.88 -46.61
CA TYR A 1067 28.58 -32.79 -47.74
C TYR A 1067 27.31 -33.63 -47.71
N VAL A 1068 26.61 -33.69 -48.84
CA VAL A 1068 25.34 -34.39 -48.94
C VAL A 1068 25.36 -35.30 -50.16
N PRO A 1069 24.99 -36.57 -50.04
CA PRO A 1069 24.98 -37.47 -51.21
C PRO A 1069 23.94 -37.08 -52.25
N ALA A 1070 23.89 -37.81 -53.35
CA ALA A 1070 23.06 -37.46 -54.50
C ALA A 1070 22.46 -38.75 -55.05
N GLN A 1071 21.96 -38.69 -56.29
CA GLN A 1071 21.25 -39.80 -56.90
C GLN A 1071 21.97 -41.13 -56.71
N GLU A 1072 21.19 -42.18 -56.56
CA GLU A 1072 21.66 -43.46 -56.04
C GLU A 1072 21.30 -44.58 -56.99
N LYS A 1073 22.06 -45.67 -56.92
CA LYS A 1073 21.86 -46.82 -57.78
C LYS A 1073 21.69 -48.08 -56.94
N ASN A 1074 20.77 -48.94 -57.37
CA ASN A 1074 20.55 -50.23 -56.75
C ASN A 1074 21.66 -51.21 -57.13
N PHE A 1075 21.96 -52.13 -56.22
CA PHE A 1075 22.99 -53.14 -56.46
C PHE A 1075 22.67 -54.37 -55.62
N THR A 1076 23.23 -55.49 -56.04
CA THR A 1076 23.10 -56.75 -55.31
C THR A 1076 24.42 -57.04 -54.59
N THR A 1077 24.35 -57.20 -53.28
CA THR A 1077 25.53 -57.32 -52.44
C THR A 1077 25.64 -58.73 -51.86
N ALA A 1078 26.73 -58.96 -51.13
CA ALA A 1078 26.99 -60.24 -50.50
C ALA A 1078 27.93 -60.04 -49.33
N PRO A 1079 27.76 -60.76 -48.22
CA PRO A 1079 28.67 -60.57 -47.08
C PRO A 1079 30.13 -60.82 -47.42
N ALA A 1080 30.42 -61.83 -48.22
CA ALA A 1080 31.80 -62.18 -48.55
C ALA A 1080 31.76 -63.15 -49.73
N ILE A 1081 32.95 -63.45 -50.26
CA ILE A 1081 33.13 -64.45 -51.30
C ILE A 1081 34.26 -65.39 -50.88
N CYS A 1082 34.22 -66.61 -51.38
CA CYS A 1082 35.30 -67.56 -51.12
C CYS A 1082 35.78 -68.16 -52.44
N HIS A 1083 37.10 -68.28 -52.57
CA HIS A 1083 37.74 -68.64 -53.83
C HIS A 1083 38.23 -70.07 -53.85
N ASP A 1084 39.05 -70.47 -52.87
CA ASP A 1084 39.65 -71.79 -52.82
C ASP A 1084 39.35 -72.45 -51.48
N GLY A 1085 38.09 -72.40 -51.07
CA GLY A 1085 37.68 -72.95 -49.80
C GLY A 1085 37.95 -72.04 -48.61
N LYS A 1086 38.41 -70.82 -48.84
CA LYS A 1086 38.64 -69.86 -47.77
C LYS A 1086 37.92 -68.55 -48.12
N ALA A 1087 37.28 -67.96 -47.11
CA ALA A 1087 36.45 -66.78 -47.33
C ALA A 1087 37.29 -65.52 -47.36
N HIS A 1088 36.92 -64.59 -48.24
CA HIS A 1088 37.59 -63.30 -48.36
C HIS A 1088 36.62 -62.19 -47.98
N PHE A 1089 37.04 -61.33 -47.05
CA PHE A 1089 36.22 -60.21 -46.62
C PHE A 1089 36.82 -58.89 -47.08
N PRO A 1090 35.99 -57.91 -47.44
CA PRO A 1090 36.53 -56.64 -47.94
C PRO A 1090 37.26 -55.88 -46.85
N ARG A 1091 38.26 -55.10 -47.27
CA ARG A 1091 39.03 -54.32 -46.31
C ARG A 1091 38.30 -53.04 -45.95
N GLU A 1092 38.08 -52.16 -46.93
CA GLU A 1092 37.33 -50.91 -46.75
C GLU A 1092 36.41 -50.76 -47.95
N GLY A 1093 35.18 -51.23 -47.82
CA GLY A 1093 34.22 -51.13 -48.88
C GLY A 1093 33.24 -52.29 -48.83
N VAL A 1094 32.42 -52.39 -49.87
CA VAL A 1094 31.39 -53.40 -49.95
C VAL A 1094 31.48 -54.10 -51.30
N PHE A 1095 30.84 -55.27 -51.37
CA PHE A 1095 30.80 -56.06 -52.59
C PHE A 1095 29.52 -55.75 -53.36
N VAL A 1096 29.67 -55.44 -54.65
CA VAL A 1096 28.53 -55.12 -55.50
C VAL A 1096 28.64 -55.93 -56.78
N SER A 1097 27.51 -56.05 -57.47
CA SER A 1097 27.46 -56.81 -58.71
C SER A 1097 26.36 -56.24 -59.59
N ASN A 1098 26.67 -56.10 -60.89
CA ASN A 1098 25.71 -55.59 -61.86
C ASN A 1098 25.10 -56.70 -62.71
N GLY A 1099 24.99 -57.91 -62.16
CA GLY A 1099 24.37 -59.03 -62.82
C GLY A 1099 25.33 -59.96 -63.53
N THR A 1100 26.55 -59.51 -63.81
CA THR A 1100 27.52 -60.33 -64.52
C THR A 1100 28.78 -60.58 -63.70
N HIS A 1101 29.37 -59.53 -63.12
CA HIS A 1101 30.62 -59.66 -62.39
C HIS A 1101 30.47 -59.01 -61.02
N TRP A 1102 31.42 -59.32 -60.14
CA TRP A 1102 31.45 -58.78 -58.79
C TRP A 1102 32.66 -57.88 -58.62
N PHE A 1103 32.44 -56.70 -58.05
CA PHE A 1103 33.49 -55.74 -57.79
C PHE A 1103 33.42 -55.30 -56.33
N VAL A 1104 34.53 -54.73 -55.86
CA VAL A 1104 34.57 -54.10 -54.55
C VAL A 1104 34.52 -52.60 -54.76
N THR A 1105 33.67 -51.92 -53.99
CA THR A 1105 33.45 -50.51 -54.18
C THR A 1105 33.50 -49.77 -52.85
N GLN A 1106 33.84 -48.49 -52.95
CA GLN A 1106 33.88 -47.62 -51.79
C GLN A 1106 32.48 -47.46 -51.22
N ARG A 1107 32.41 -47.25 -49.90
CA ARG A 1107 31.12 -47.30 -49.22
C ARG A 1107 30.29 -46.05 -49.48
N ASN A 1108 30.90 -44.87 -49.51
CA ASN A 1108 30.17 -43.62 -49.66
C ASN A 1108 30.17 -43.08 -51.08
N PHE A 1109 30.83 -43.76 -52.02
CA PHE A 1109 30.90 -43.30 -53.40
C PHE A 1109 31.04 -44.52 -54.30
N TYR A 1110 30.68 -44.34 -55.57
CA TYR A 1110 30.71 -45.44 -56.52
C TYR A 1110 32.03 -45.45 -57.27
N GLU A 1111 32.84 -46.47 -57.02
CA GLU A 1111 34.11 -46.66 -57.71
C GLU A 1111 34.45 -48.14 -57.78
N PRO A 1112 33.81 -48.90 -58.67
CA PRO A 1112 34.04 -50.35 -58.69
C PRO A 1112 35.48 -50.67 -59.07
N GLN A 1113 36.03 -51.69 -58.40
CA GLN A 1113 37.38 -52.15 -58.67
C GLN A 1113 37.40 -53.67 -58.61
N ILE A 1114 38.34 -54.26 -59.35
CA ILE A 1114 38.45 -55.71 -59.41
C ILE A 1114 38.95 -56.25 -58.08
N ILE A 1115 38.39 -57.38 -57.66
CA ILE A 1115 38.77 -57.98 -56.38
C ILE A 1115 40.16 -58.59 -56.53
N THR A 1116 41.09 -58.13 -55.70
CA THR A 1116 42.46 -58.63 -55.68
C THR A 1116 42.85 -59.00 -54.26
N THR A 1117 44.04 -59.59 -54.12
CA THR A 1117 44.54 -59.95 -52.80
C THR A 1117 44.84 -58.72 -51.94
N ASP A 1118 45.10 -57.58 -52.56
CA ASP A 1118 45.32 -56.35 -51.82
C ASP A 1118 44.03 -55.64 -51.44
N ASN A 1119 42.88 -56.16 -51.86
CA ASN A 1119 41.60 -55.59 -51.51
C ASN A 1119 40.91 -56.31 -50.36
N THR A 1120 41.21 -57.59 -50.15
CA THR A 1120 40.51 -58.40 -49.17
C THR A 1120 41.50 -59.10 -48.25
N PHE A 1121 40.98 -59.58 -47.12
CA PHE A 1121 41.74 -60.40 -46.19
C PHE A 1121 40.95 -61.69 -45.93
N VAL A 1122 41.68 -62.76 -45.64
CA VAL A 1122 41.10 -64.09 -45.51
C VAL A 1122 40.97 -64.46 -44.04
N SER A 1123 39.88 -65.16 -43.71
CA SER A 1123 39.68 -65.64 -42.35
C SER A 1123 38.75 -66.85 -42.38
N GLY A 1124 39.32 -68.04 -42.29
CA GLY A 1124 38.54 -69.26 -42.20
C GLY A 1124 37.97 -69.70 -43.53
N ASN A 1125 37.27 -70.84 -43.48
CA ASN A 1125 36.62 -71.41 -44.65
C ASN A 1125 35.30 -70.71 -44.91
N CYS A 1126 34.55 -71.16 -45.92
CA CYS A 1126 33.33 -70.50 -46.34
C CYS A 1126 32.12 -71.42 -46.21
N ASP A 1127 32.01 -72.14 -45.09
CA ASP A 1127 30.84 -72.93 -44.80
C ASP A 1127 30.08 -72.47 -43.56
N VAL A 1128 30.55 -71.43 -42.89
CA VAL A 1128 29.88 -70.91 -41.70
C VAL A 1128 29.18 -69.58 -41.97
N VAL A 1129 29.74 -68.72 -42.84
CA VAL A 1129 29.11 -67.44 -43.15
C VAL A 1129 27.82 -67.69 -43.91
N ILE A 1130 26.76 -66.99 -43.51
CA ILE A 1130 25.46 -67.15 -44.14
C ILE A 1130 25.41 -66.34 -45.43
N GLY A 1131 25.08 -67.00 -46.53
CA GLY A 1131 24.92 -66.33 -47.79
C GLY A 1131 26.21 -65.83 -48.42
N ILE A 1132 27.16 -66.74 -48.63
CA ILE A 1132 28.43 -66.42 -49.28
C ILE A 1132 28.39 -66.95 -50.70
N VAL A 1133 28.82 -66.12 -51.65
CA VAL A 1133 28.70 -66.44 -53.06
C VAL A 1133 30.03 -66.97 -53.59
N ASN A 1134 30.00 -67.53 -54.79
CA ASN A 1134 31.16 -68.11 -55.44
C ASN A 1134 31.73 -67.12 -56.46
N ASN A 1135 33.01 -66.81 -56.35
CA ASN A 1135 33.68 -65.96 -57.33
C ASN A 1135 35.17 -66.21 -57.24
N THR A 1136 35.93 -65.56 -58.12
CA THR A 1136 37.36 -65.75 -58.23
C THR A 1136 38.08 -64.45 -57.88
N VAL A 1137 39.21 -64.58 -57.18
CA VAL A 1137 40.10 -63.47 -56.85
C VAL A 1137 41.52 -63.89 -57.21
N TYR A 1138 42.26 -62.99 -57.84
CA TYR A 1138 43.56 -63.32 -58.40
C TYR A 1138 44.65 -62.51 -57.71
N ASP A 1139 45.77 -63.16 -57.45
CA ASP A 1139 46.94 -62.46 -56.92
C ASP A 1139 47.57 -61.62 -58.02
N PRO A 1140 47.90 -60.36 -57.76
CA PRO A 1140 48.53 -59.53 -58.80
C PRO A 1140 49.90 -60.03 -59.24
N LEU A 1141 50.55 -60.87 -58.43
CA LEU A 1141 51.89 -61.33 -58.76
C LEU A 1141 51.91 -62.38 -59.86
N GLN A 1142 50.82 -63.13 -60.04
CA GLN A 1142 50.80 -64.22 -61.02
C GLN A 1142 51.07 -63.77 -62.44
N PRO A 1143 50.45 -62.70 -62.98
CA PRO A 1143 50.69 -62.38 -64.40
C PRO A 1143 52.14 -62.11 -64.75
N GLU A 1144 52.89 -61.46 -63.87
CA GLU A 1144 54.29 -61.15 -64.17
C GLU A 1144 55.26 -62.20 -63.65
N LEU A 1145 54.79 -63.14 -62.82
CA LEU A 1145 55.66 -64.23 -62.38
C LEU A 1145 56.05 -65.13 -63.54
N ASP A 1146 55.10 -65.43 -64.42
CA ASP A 1146 55.34 -66.32 -65.55
C ASP A 1146 55.76 -65.58 -66.82
N SER A 1147 55.92 -64.26 -66.75
CA SER A 1147 56.31 -63.47 -67.91
C SER A 1147 57.44 -62.51 -67.57
N ALA B 27 51.21 28.84 15.44
CA ALA B 27 51.45 28.31 14.09
C ALA B 27 50.23 27.53 13.60
N TYR B 28 50.37 26.91 12.42
CA TYR B 28 49.28 26.20 11.78
C TYR B 28 49.68 24.75 11.51
N THR B 29 50.15 24.06 12.54
CA THR B 29 50.79 22.76 12.34
C THR B 29 49.79 21.73 11.83
N ASN B 30 50.33 20.57 11.42
CA ASN B 30 49.54 19.52 10.79
C ASN B 30 49.25 18.41 11.78
N SER B 31 47.99 18.03 11.91
CA SER B 31 47.58 16.89 12.72
C SER B 31 47.67 15.64 11.85
N PHE B 32 48.78 14.92 11.98
CA PHE B 32 49.02 13.76 11.12
C PHE B 32 47.95 12.70 11.31
N THR B 33 47.86 12.14 12.53
CA THR B 33 46.82 11.16 12.84
C THR B 33 46.49 11.34 14.34
N ARG B 34 45.47 12.16 14.60
CA ARG B 34 45.10 12.50 15.97
C ARG B 34 43.58 12.59 16.06
N GLY B 35 43.07 12.41 17.27
CA GLY B 35 41.66 12.54 17.51
C GLY B 35 40.86 11.26 17.41
N VAL B 36 41.44 10.13 17.80
CA VAL B 36 40.76 8.83 17.79
C VAL B 36 40.49 8.42 19.23
N TYR B 37 39.25 8.03 19.50
CA TYR B 37 38.83 7.68 20.85
C TYR B 37 37.73 6.62 20.77
N TYR B 38 37.55 5.92 21.87
CA TYR B 38 36.53 4.86 21.92
C TYR B 38 35.16 5.49 21.97
N PRO B 39 34.28 5.23 20.99
CA PRO B 39 32.99 5.91 20.96
C PRO B 39 31.98 5.32 21.92
N ASP B 40 32.05 4.02 22.15
CA ASP B 40 31.08 3.31 22.97
C ASP B 40 31.81 2.45 24.00
N LYS B 41 31.03 1.84 24.89
CA LYS B 41 31.55 1.02 25.97
C LYS B 41 31.56 -0.47 25.63
N VAL B 42 31.25 -0.84 24.40
CA VAL B 42 31.24 -2.24 24.01
C VAL B 42 32.67 -2.73 23.80
N PHE B 43 32.84 -4.06 23.79
CA PHE B 43 34.13 -4.69 23.57
C PHE B 43 34.05 -5.53 22.30
N ARG B 44 34.76 -5.11 21.26
CA ARG B 44 34.71 -5.75 19.96
C ARG B 44 36.13 -6.13 19.54
N SER B 45 36.30 -7.37 19.09
CA SER B 45 37.62 -7.94 18.85
C SER B 45 37.77 -8.40 17.40
N SER B 46 38.86 -7.98 16.75
CA SER B 46 39.21 -8.41 15.40
C SER B 46 38.09 -8.11 14.40
N VAL B 47 37.53 -6.91 14.50
CA VAL B 47 36.41 -6.48 13.66
C VAL B 47 36.72 -5.10 13.09
N LEU B 48 36.26 -4.89 11.86
CA LEU B 48 36.25 -3.58 11.21
C LEU B 48 34.87 -2.99 11.39
N HIS B 49 34.79 -1.82 12.04
CA HIS B 49 33.51 -1.19 12.32
C HIS B 49 33.48 0.24 11.79
N SER B 50 32.35 0.63 11.22
CA SER B 50 32.16 1.99 10.71
C SER B 50 31.36 2.79 11.74
N THR B 51 31.92 3.92 12.17
CA THR B 51 31.29 4.77 13.18
C THR B 51 31.15 6.18 12.64
N GLN B 52 29.95 6.75 12.78
CA GLN B 52 29.66 8.13 12.41
C GLN B 52 29.51 8.95 13.68
N ASP B 53 30.43 9.88 13.90
CA ASP B 53 30.46 10.61 15.15
C ASP B 53 31.37 11.83 14.99
N LEU B 54 31.33 12.72 15.98
CA LEU B 54 32.25 13.84 16.01
C LEU B 54 33.68 13.34 16.14
N PHE B 55 34.57 13.83 15.30
CA PHE B 55 35.95 13.37 15.27
C PHE B 55 36.84 14.50 14.79
N LEU B 56 38.15 14.26 14.88
CA LEU B 56 39.13 15.18 14.33
C LEU B 56 39.49 14.74 12.92
N PRO B 57 39.20 15.53 11.90
CA PRO B 57 39.53 15.10 10.53
C PRO B 57 41.02 14.90 10.35
N PHE B 58 41.38 13.89 9.57
CA PHE B 58 42.78 13.58 9.33
C PHE B 58 43.45 14.69 8.53
N PHE B 59 44.70 14.99 8.88
CA PHE B 59 45.50 15.98 8.17
C PHE B 59 44.81 17.35 8.16
N SER B 60 44.63 17.88 9.36
CA SER B 60 44.00 19.18 9.57
C SER B 60 45.00 20.15 10.16
N ASN B 61 44.61 21.43 10.18
CA ASN B 61 45.46 22.50 10.68
C ASN B 61 45.12 22.76 12.14
N VAL B 62 46.01 22.35 13.03
CA VAL B 62 45.86 22.61 14.45
C VAL B 62 46.71 23.83 14.83
N THR B 63 46.13 24.72 15.62
CA THR B 63 46.74 26.00 15.93
C THR B 63 47.72 25.84 17.09
N TRP B 64 48.91 26.41 16.93
CA TRP B 64 49.98 26.31 17.90
C TRP B 64 50.02 27.60 18.72
N PHE B 65 49.85 27.47 20.03
CA PHE B 65 49.89 28.60 20.95
C PHE B 65 51.10 28.50 21.86
N HIS B 66 51.69 29.66 22.16
CA HIS B 66 52.85 29.72 23.05
C HIS B 66 52.46 30.24 24.42
N ASN B 81 45.53 34.95 27.93
CA ASN B 81 45.22 33.96 26.92
C ASN B 81 44.11 34.43 26.00
N PRO B 82 44.23 34.15 24.71
CA PRO B 82 43.21 34.56 23.75
C PRO B 82 41.91 33.81 23.95
N VAL B 83 40.85 34.35 23.37
CA VAL B 83 39.52 33.77 23.48
C VAL B 83 39.34 32.73 22.37
N LEU B 84 38.93 31.53 22.75
CA LEU B 84 38.76 30.42 21.81
C LEU B 84 37.32 29.90 21.90
N PRO B 85 36.58 29.86 20.79
CA PRO B 85 35.23 29.29 20.84
C PRO B 85 35.27 27.78 21.06
N PHE B 86 34.15 27.26 21.56
CA PHE B 86 34.01 25.83 21.79
C PHE B 86 33.53 25.12 20.53
N ASN B 87 32.39 25.56 20.00
CA ASN B 87 31.80 25.08 18.74
C ASN B 87 31.87 23.55 18.61
N ASP B 88 31.22 22.88 19.56
CA ASP B 88 30.95 21.45 19.48
C ASP B 88 32.25 20.63 19.37
N GLY B 89 33.06 20.69 20.43
CA GLY B 89 34.23 19.85 20.51
C GLY B 89 35.54 20.60 20.58
N VAL B 90 36.45 20.11 21.42
CA VAL B 90 37.76 20.73 21.59
C VAL B 90 38.80 19.62 21.70
N TYR B 91 39.95 19.82 21.06
CA TYR B 91 41.08 18.90 21.14
C TYR B 91 42.29 19.67 21.63
N PHE B 92 42.78 19.32 22.82
CA PHE B 92 43.92 19.99 23.44
C PHE B 92 45.11 19.04 23.47
N ALA B 93 46.24 19.49 22.94
CA ALA B 93 47.47 18.70 22.96
C ALA B 93 48.58 19.50 23.61
N SER B 94 49.38 18.83 24.44
CA SER B 94 50.48 19.50 25.12
C SER B 94 51.64 18.53 25.28
N THR B 95 52.84 19.09 25.36
CA THR B 95 54.04 18.28 25.59
C THR B 95 55.13 19.18 26.19
N GLU B 96 55.56 18.84 27.40
CA GLU B 96 56.62 19.56 28.10
C GLU B 96 56.95 18.78 29.37
N LYS B 97 58.20 18.91 29.82
CA LYS B 97 58.64 18.18 31.01
C LYS B 97 58.00 18.75 32.27
N SER B 98 57.92 20.07 32.37
CA SER B 98 57.39 20.70 33.58
C SER B 98 55.88 20.52 33.68
N ASN B 99 55.37 20.70 34.90
CA ASN B 99 53.93 20.64 35.17
C ASN B 99 53.40 22.07 35.24
N ILE B 100 53.23 22.69 34.07
CA ILE B 100 52.85 24.10 33.99
C ILE B 100 51.34 24.23 33.88
N ILE B 101 50.74 23.65 32.84
CA ILE B 101 49.32 23.79 32.61
C ILE B 101 48.56 22.95 33.64
N ARG B 102 47.58 23.57 34.30
CA ARG B 102 46.94 22.89 35.41
C ARG B 102 45.41 22.87 35.33
N GLY B 103 44.79 23.97 34.90
CA GLY B 103 43.37 24.14 35.04
C GLY B 103 42.70 24.58 33.76
N TRP B 104 41.38 24.40 33.73
CA TRP B 104 40.54 24.77 32.60
C TRP B 104 39.25 25.39 33.10
N ILE B 105 38.69 26.30 32.30
CA ILE B 105 37.46 26.99 32.67
C ILE B 105 36.58 27.10 31.44
N PHE B 106 35.29 26.85 31.62
CA PHE B 106 34.32 26.81 30.52
C PHE B 106 33.10 27.63 30.87
N GLY B 107 32.46 28.19 29.84
CA GLY B 107 31.25 28.94 30.04
C GLY B 107 30.87 29.69 28.78
N THR B 108 29.65 30.25 28.81
CA THR B 108 29.15 31.05 27.70
C THR B 108 29.17 32.55 27.97
N THR B 109 29.16 32.96 29.23
CA THR B 109 29.27 34.36 29.60
C THR B 109 30.47 34.66 30.49
N LEU B 110 30.97 33.65 31.21
CA LEU B 110 32.15 33.79 32.07
C LEU B 110 31.94 34.88 33.12
N ASP B 111 30.71 34.96 33.63
CA ASP B 111 30.34 35.95 34.63
C ASP B 111 29.44 35.28 35.66
N SER B 112 29.26 35.96 36.80
CA SER B 112 28.44 35.40 37.87
C SER B 112 26.97 35.28 37.47
N LYS B 113 26.52 36.03 36.47
CA LYS B 113 25.12 35.97 36.07
C LYS B 113 24.76 34.66 35.38
N THR B 114 25.74 33.96 34.83
CA THR B 114 25.50 32.71 34.12
C THR B 114 26.40 31.62 34.67
N GLN B 115 25.87 30.40 34.74
CA GLN B 115 26.62 29.28 35.29
C GLN B 115 27.87 29.02 34.46
N SER B 116 28.96 28.66 35.14
CA SER B 116 30.22 28.35 34.50
C SER B 116 30.84 27.15 35.20
N LEU B 117 31.86 26.58 34.57
CA LEU B 117 32.51 25.37 35.07
C LEU B 117 34.01 25.60 35.18
N LEU B 118 34.60 25.02 36.22
CA LEU B 118 36.05 25.01 36.40
C LEU B 118 36.51 23.60 36.71
N ILE B 119 37.67 23.23 36.17
CA ILE B 119 38.36 21.99 36.49
C ILE B 119 39.78 22.35 36.90
N VAL B 120 40.15 22.04 38.14
CA VAL B 120 41.43 22.44 38.69
C VAL B 120 42.12 21.23 39.30
N ASN B 121 43.39 21.02 38.93
CA ASN B 121 44.23 20.00 39.54
C ASN B 121 45.12 20.64 40.59
N ASN B 122 45.34 19.90 41.68
CA ASN B 122 46.04 20.40 42.86
C ASN B 122 47.04 19.37 43.37
N ALA B 123 47.67 18.65 42.44
CA ALA B 123 48.55 17.52 42.72
C ALA B 123 47.83 16.42 43.52
N THR B 124 46.52 16.54 43.66
CA THR B 124 45.70 15.63 44.44
C THR B 124 44.40 15.45 43.66
N ASN B 125 43.36 14.97 44.34
CA ASN B 125 42.05 14.82 43.71
C ASN B 125 41.63 16.11 43.01
N VAL B 126 41.23 15.98 41.75
CA VAL B 126 40.87 17.12 40.93
C VAL B 126 39.50 17.65 41.35
N VAL B 127 39.37 18.98 41.39
CA VAL B 127 38.15 19.64 41.84
C VAL B 127 37.44 20.23 40.63
N ILE B 128 36.16 19.89 40.49
CA ILE B 128 35.32 20.39 39.40
C ILE B 128 34.14 21.11 40.02
N LYS B 129 33.90 22.34 39.54
CA LYS B 129 32.77 23.14 40.01
C LYS B 129 31.92 23.52 38.82
N VAL B 130 30.60 23.42 38.98
CA VAL B 130 29.67 23.73 37.91
C VAL B 130 28.82 24.92 38.34
N CYS B 131 29.42 25.79 39.16
CA CYS B 131 28.72 26.97 39.66
C CYS B 131 29.54 28.21 39.38
N GLU B 132 28.82 29.34 39.22
CA GLU B 132 29.42 30.59 38.80
C GLU B 132 30.28 31.18 39.92
N PHE B 133 31.17 32.09 39.53
CA PHE B 133 32.09 32.75 40.45
C PHE B 133 32.58 34.02 39.78
N GLN B 134 33.54 34.69 40.42
CA GLN B 134 34.12 35.94 39.91
C GLN B 134 35.65 35.77 39.84
N PHE B 135 36.13 35.25 38.72
CA PHE B 135 37.55 35.15 38.46
C PHE B 135 38.07 36.47 37.89
N CYS B 136 39.37 36.69 38.04
CA CYS B 136 39.99 37.93 37.58
C CYS B 136 40.94 37.72 36.42
N ASN B 137 41.95 36.87 36.58
CA ASN B 137 42.93 36.64 35.52
C ASN B 137 43.65 35.32 35.79
N ASP B 138 44.71 35.07 35.05
CA ASP B 138 45.41 33.80 35.13
C ASP B 138 46.27 33.75 36.39
N PRO B 139 46.36 32.59 37.04
CA PRO B 139 47.33 32.42 38.13
C PRO B 139 48.74 32.23 37.59
N PHE B 140 49.43 33.35 37.34
CA PHE B 140 50.68 33.37 36.60
C PHE B 140 51.69 32.31 37.07
N LEU B 141 52.17 32.42 38.30
CA LEU B 141 53.15 31.43 38.76
C LEU B 141 52.79 30.81 40.10
N GLY B 142 52.22 31.57 41.03
CA GLY B 142 51.96 31.03 42.34
C GLY B 142 53.26 30.68 43.04
N VAL B 143 53.33 29.48 43.59
CA VAL B 143 54.53 29.01 44.27
C VAL B 143 55.22 27.93 43.43
N SER B 155 49.28 31.36 47.52
CA SER B 155 50.19 31.00 46.43
C SER B 155 49.57 31.30 45.07
N GLU B 156 48.82 30.33 44.55
CA GLU B 156 48.17 30.46 43.25
C GLU B 156 46.65 30.33 43.37
N PHE B 157 46.11 30.42 44.57
CA PHE B 157 44.68 30.26 44.79
C PHE B 157 43.89 31.52 44.47
N ARG B 158 44.55 32.63 44.16
CA ARG B 158 43.88 33.89 43.84
C ARG B 158 43.34 33.82 42.41
N VAL B 159 42.32 32.97 42.24
CA VAL B 159 41.66 32.82 40.95
C VAL B 159 40.34 33.57 40.98
N TYR B 160 39.46 33.18 41.91
CA TYR B 160 38.15 33.81 42.07
C TYR B 160 38.07 34.48 43.43
N SER B 161 37.17 35.46 43.53
CA SER B 161 36.99 36.21 44.76
C SER B 161 35.55 36.31 45.23
N SER B 162 34.56 36.20 44.35
CA SER B 162 33.16 36.30 44.70
C SER B 162 32.43 35.09 44.12
N ALA B 163 32.11 34.12 44.98
CA ALA B 163 31.44 32.90 44.56
C ALA B 163 30.32 32.56 45.54
N ASN B 164 29.50 33.55 45.88
CA ASN B 164 28.42 33.33 46.84
C ASN B 164 27.19 32.75 46.16
N ASN B 165 27.40 31.71 45.34
CA ASN B 165 26.34 30.96 44.69
C ASN B 165 26.91 29.64 44.17
N CYS B 166 26.36 28.52 44.63
CA CYS B 166 26.82 27.23 44.13
C CYS B 166 25.78 26.17 44.44
N THR B 167 25.58 25.26 43.49
CA THR B 167 24.63 24.15 43.64
C THR B 167 25.26 22.78 43.45
N PHE B 168 26.32 22.67 42.65
CA PHE B 168 26.92 21.37 42.33
C PHE B 168 28.42 21.46 42.45
N GLU B 169 29.03 20.36 42.88
CA GLU B 169 30.47 20.25 43.00
C GLU B 169 30.85 18.78 42.81
N TYR B 170 32.12 18.55 42.46
CA TYR B 170 32.58 17.19 42.23
C TYR B 170 34.07 17.11 42.55
N VAL B 171 34.49 15.98 43.12
CA VAL B 171 35.88 15.69 43.40
C VAL B 171 36.20 14.35 42.77
N SER B 172 37.18 14.32 41.87
CA SER B 172 37.47 13.13 41.09
C SER B 172 38.94 12.75 41.26
N GLN B 173 39.28 11.55 40.79
CA GLN B 173 40.66 11.09 40.85
C GLN B 173 41.54 11.91 39.91
N PRO B 174 42.80 12.12 40.29
CA PRO B 174 43.72 12.86 39.40
C PRO B 174 43.93 12.11 38.08
N PHE B 175 44.05 12.88 37.00
CA PHE B 175 44.27 12.30 35.68
C PHE B 175 45.32 13.11 34.92
N LEU B 176 46.33 13.61 35.65
CA LEU B 176 47.44 14.32 35.02
C LEU B 176 48.76 13.64 35.35
N LYS B 187 60.26 12.47 27.24
CA LYS B 187 59.17 13.43 27.23
C LYS B 187 57.82 12.72 27.25
N ASN B 188 56.73 13.49 27.18
CA ASN B 188 55.38 12.97 27.28
C ASN B 188 54.49 13.69 26.27
N LEU B 189 53.24 13.24 26.19
CA LEU B 189 52.22 13.86 25.37
C LEU B 189 50.90 13.75 26.09
N ARG B 190 50.27 14.90 26.37
CA ARG B 190 48.96 14.94 27.01
C ARG B 190 47.93 15.36 25.98
N GLU B 191 46.97 14.48 25.71
CA GLU B 191 45.92 14.72 24.75
C GLU B 191 44.57 14.66 25.46
N PHE B 192 43.72 15.64 25.20
CA PHE B 192 42.41 15.71 25.84
C PHE B 192 41.36 16.07 24.81
N VAL B 193 40.19 15.42 24.90
CA VAL B 193 39.07 15.69 24.02
C VAL B 193 37.89 16.12 24.88
N PHE B 194 37.37 17.30 24.61
CA PHE B 194 36.24 17.87 25.34
C PHE B 194 35.02 17.81 24.42
N LYS B 195 33.97 17.15 24.89
CA LYS B 195 32.76 16.92 24.12
C LYS B 195 31.55 17.32 24.95
N ASN B 196 30.65 18.10 24.36
CA ASN B 196 29.45 18.57 25.04
C ASN B 196 28.25 18.38 24.13
N ILE B 197 27.49 17.31 24.35
CA ILE B 197 26.29 17.01 23.58
C ILE B 197 25.16 16.70 24.54
N ASP B 198 24.02 17.37 24.32
CA ASP B 198 22.79 17.22 25.11
C ASP B 198 23.07 17.04 26.61
N GLY B 199 23.74 18.04 27.18
CA GLY B 199 23.95 18.10 28.61
C GLY B 199 24.86 17.05 29.19
N TYR B 200 25.95 16.72 28.51
CA TYR B 200 26.94 15.78 29.02
C TYR B 200 28.33 16.27 28.68
N PHE B 201 29.27 16.04 29.60
CA PHE B 201 30.66 16.45 29.44
C PHE B 201 31.53 15.21 29.46
N LYS B 202 32.07 14.84 28.31
CA LYS B 202 32.92 13.67 28.17
C LYS B 202 34.38 14.08 28.14
N ILE B 203 35.24 13.31 28.81
CA ILE B 203 36.66 13.59 28.90
C ILE B 203 37.42 12.34 28.47
N TYR B 204 38.39 12.51 27.57
CA TYR B 204 39.24 11.43 27.10
C TYR B 204 40.70 11.85 27.23
N SER B 205 41.56 10.86 27.45
CA SER B 205 42.99 11.14 27.61
C SER B 205 43.77 9.86 27.38
N LYS B 206 45.01 10.02 26.89
CA LYS B 206 45.87 8.89 26.61
C LYS B 206 47.16 8.92 27.42
N HIS B 207 47.91 10.03 27.37
CA HIS B 207 49.17 10.19 28.12
C HIS B 207 50.18 9.11 27.75
N THR B 208 50.62 9.16 26.49
CA THR B 208 51.67 8.28 26.03
C THR B 208 52.95 9.07 25.72
N PRO B 209 54.12 8.49 25.94
CA PRO B 209 55.37 9.18 25.64
C PRO B 209 55.58 9.34 24.14
N ILE B 210 56.35 10.37 23.79
CA ILE B 210 56.63 10.69 22.39
C ILE B 210 58.11 11.00 22.22
N ASN B 211 58.50 11.41 21.01
CA ASN B 211 59.88 11.81 20.73
C ASN B 211 59.96 13.08 19.92
N LEU B 212 58.85 13.79 19.71
CA LEU B 212 58.82 14.99 18.89
C LEU B 212 58.49 16.20 19.77
N VAL B 213 59.27 17.26 19.62
CA VAL B 213 59.03 18.51 20.36
C VAL B 213 58.80 19.63 19.36
N ARG B 214 59.37 19.49 18.16
CA ARG B 214 59.28 20.54 17.15
C ARG B 214 57.86 20.80 16.69
N ASP B 215 56.98 19.81 16.77
CA ASP B 215 55.61 19.94 16.30
C ASP B 215 54.82 18.77 16.87
N LEU B 216 53.60 18.59 16.39
CA LEU B 216 52.76 17.49 16.84
C LEU B 216 53.29 16.18 16.29
N PRO B 217 53.59 15.19 17.12
CA PRO B 217 54.23 13.97 16.62
C PRO B 217 53.31 13.16 15.72
N GLN B 218 53.92 12.38 14.84
CA GLN B 218 53.19 11.49 13.93
C GLN B 218 53.13 10.10 14.54
N GLY B 219 51.91 9.64 14.82
CA GLY B 219 51.73 8.33 15.41
C GLY B 219 50.26 8.07 15.63
N PHE B 220 49.97 6.90 16.19
CA PHE B 220 48.60 6.46 16.44
C PHE B 220 48.46 5.98 17.88
N SER B 221 47.41 6.44 18.54
CA SER B 221 47.10 5.98 19.89
C SER B 221 45.65 6.35 20.20
N ALA B 222 44.84 5.35 20.53
CA ALA B 222 43.44 5.60 20.86
C ALA B 222 43.32 6.30 22.20
N LEU B 223 42.17 6.93 22.42
CA LEU B 223 41.90 7.67 23.65
C LEU B 223 40.72 7.04 24.38
N GLU B 224 40.93 6.69 25.66
CA GLU B 224 39.88 6.09 26.45
C GLU B 224 39.18 7.13 27.31
N PRO B 225 37.88 6.97 27.55
CA PRO B 225 37.15 7.95 28.36
C PRO B 225 37.56 7.89 29.83
N LEU B 226 37.36 9.00 30.52
CA LEU B 226 37.73 9.13 31.93
C LEU B 226 36.51 9.32 32.83
N VAL B 227 35.67 10.32 32.55
CA VAL B 227 34.51 10.61 33.39
C VAL B 227 33.51 11.37 32.55
N ASP B 228 32.22 11.14 32.82
CA ASP B 228 31.13 11.82 32.14
C ASP B 228 30.30 12.56 33.17
N LEU B 229 30.06 13.84 32.92
CA LEU B 229 29.36 14.70 33.88
C LEU B 229 28.00 15.09 33.35
N PRO B 230 26.91 14.60 33.93
CA PRO B 230 25.55 15.00 33.51
C PRO B 230 25.07 16.30 34.17
N ILE B 231 25.51 17.43 33.63
CA ILE B 231 25.22 18.74 34.20
C ILE B 231 24.16 19.49 33.39
N GLY B 232 24.42 19.76 32.12
CA GLY B 232 23.47 20.49 31.28
C GLY B 232 23.73 21.98 31.32
N ILE B 233 24.32 22.53 30.26
CA ILE B 233 24.64 23.95 30.22
C ILE B 233 24.96 24.37 28.79
N ASN B 234 24.54 25.58 28.42
CA ASN B 234 24.90 26.14 27.13
C ASN B 234 26.30 26.74 27.21
N ILE B 235 27.15 26.38 26.24
CA ILE B 235 28.54 26.82 26.22
C ILE B 235 28.85 27.42 24.87
N THR B 236 29.67 28.47 24.86
CA THR B 236 30.05 29.13 23.61
C THR B 236 31.57 29.28 23.52
N ARG B 237 32.23 29.44 24.67
CA ARG B 237 33.66 29.70 24.69
C ARG B 237 34.30 28.93 25.83
N PHE B 238 35.62 29.02 25.93
CA PHE B 238 36.36 28.37 26.99
C PHE B 238 37.74 29.03 27.10
N GLN B 239 38.42 28.75 28.20
CA GLN B 239 39.75 29.28 28.47
C GLN B 239 40.58 28.23 29.17
N THR B 240 41.90 28.42 29.13
CA THR B 240 42.84 27.52 29.78
C THR B 240 43.60 28.26 30.87
N LEU B 241 44.00 27.53 31.90
CA LEU B 241 44.72 28.08 33.04
C LEU B 241 46.02 27.33 33.25
N LEU B 242 47.13 28.08 33.29
CA LEU B 242 48.44 27.48 33.49
C LEU B 242 48.71 27.22 34.97
N ALA B 263 56.25 27.24 27.70
CA ALA B 263 54.84 26.87 27.73
C ALA B 263 54.21 26.99 26.33
N ALA B 264 53.85 25.86 25.75
CA ALA B 264 53.24 25.84 24.43
C ALA B 264 52.30 24.64 24.33
N TYR B 265 51.33 24.74 23.42
CA TYR B 265 50.34 23.69 23.24
C TYR B 265 49.71 23.85 21.86
N TYR B 266 48.80 22.94 21.54
CA TYR B 266 48.09 22.92 20.27
C TYR B 266 46.60 22.73 20.52
N VAL B 267 45.78 23.42 19.71
CA VAL B 267 44.34 23.39 19.81
C VAL B 267 43.74 23.00 18.47
N GLY B 268 42.72 22.12 18.51
CA GLY B 268 41.99 21.74 17.32
C GLY B 268 40.52 21.61 17.62
N TYR B 269 39.74 21.47 16.56
CA TYR B 269 38.28 21.46 16.68
C TYR B 269 37.71 20.22 16.00
N LEU B 270 36.53 19.82 16.47
CA LEU B 270 35.87 18.60 16.03
C LEU B 270 34.62 18.92 15.22
N GLN B 271 34.29 18.02 14.30
CA GLN B 271 33.11 18.16 13.47
C GLN B 271 32.73 16.78 12.97
N PRO B 272 31.46 16.57 12.58
CA PRO B 272 30.98 15.21 12.30
C PRO B 272 31.78 14.54 11.18
N ARG B 273 32.05 13.25 11.37
CA ARG B 273 32.85 12.51 10.40
C ARG B 273 32.58 11.03 10.56
N THR B 274 32.89 10.29 9.50
CA THR B 274 32.73 8.84 9.47
C THR B 274 34.11 8.17 9.41
N PHE B 275 34.36 7.28 10.36
CA PHE B 275 35.62 6.58 10.45
C PHE B 275 35.39 5.07 10.35
N LEU B 276 36.42 4.36 9.90
CA LEU B 276 36.47 2.91 9.94
C LEU B 276 37.57 2.51 10.90
N LEU B 277 37.22 1.71 11.90
CA LEU B 277 38.10 1.34 12.99
C LEU B 277 38.42 -0.16 12.90
N LYS B 278 39.69 -0.50 13.09
CA LYS B 278 40.15 -1.89 13.07
C LYS B 278 40.51 -2.28 14.49
N TYR B 279 39.66 -3.09 15.12
CA TYR B 279 39.94 -3.54 16.47
C TYR B 279 40.91 -4.71 16.45
N ASN B 280 41.87 -4.70 17.38
CA ASN B 280 42.79 -5.80 17.52
C ASN B 280 42.10 -6.99 18.17
N GLU B 281 42.83 -8.11 18.25
CA GLU B 281 42.30 -9.29 18.92
C GLU B 281 42.18 -9.08 20.43
N ASN B 282 42.86 -8.08 20.97
CA ASN B 282 42.78 -7.76 22.39
C ASN B 282 41.81 -6.64 22.70
N GLY B 283 41.08 -6.14 21.69
CA GLY B 283 40.11 -5.09 21.90
C GLY B 283 40.64 -3.68 21.79
N THR B 284 41.93 -3.50 21.52
CA THR B 284 42.52 -2.17 21.40
C THR B 284 42.47 -1.70 19.96
N ILE B 285 42.15 -0.41 19.78
CA ILE B 285 42.09 0.17 18.45
C ILE B 285 43.50 0.24 17.88
N THR B 286 43.71 -0.36 16.71
CA THR B 286 45.02 -0.41 16.08
C THR B 286 45.15 0.50 14.87
N ASP B 287 44.06 0.72 14.13
CA ASP B 287 44.13 1.61 12.98
C ASP B 287 42.75 2.16 12.68
N ALA B 288 42.72 3.27 11.96
CA ALA B 288 41.49 3.94 11.60
C ALA B 288 41.70 4.70 10.30
N VAL B 289 40.65 4.75 9.49
CA VAL B 289 40.69 5.44 8.20
C VAL B 289 39.44 6.28 8.03
N ASP B 290 39.63 7.51 7.57
CA ASP B 290 38.53 8.41 7.29
C ASP B 290 37.74 7.91 6.09
N CYS B 291 36.47 8.31 6.01
CA CYS B 291 35.64 7.99 4.86
C CYS B 291 35.39 9.19 3.95
N ALA B 292 36.12 10.30 4.17
CA ALA B 292 35.96 11.47 3.30
C ALA B 292 37.27 12.13 2.92
N LEU B 293 38.41 11.75 3.49
CA LEU B 293 39.67 12.44 3.22
C LEU B 293 40.08 12.32 1.76
N ASP B 294 40.12 11.10 1.25
CA ASP B 294 40.68 10.78 -0.06
C ASP B 294 39.74 9.84 -0.79
N PRO B 295 39.71 9.90 -2.12
CA PRO B 295 38.89 8.93 -2.88
C PRO B 295 39.24 7.48 -2.57
N LEU B 296 40.52 7.16 -2.38
CA LEU B 296 40.89 5.80 -2.02
C LEU B 296 40.35 5.42 -0.65
N SER B 297 40.39 6.38 0.28
CA SER B 297 39.85 6.17 1.61
C SER B 297 38.35 5.89 1.53
N GLU B 298 37.65 6.65 0.69
CA GLU B 298 36.22 6.42 0.52
C GLU B 298 35.94 5.07 -0.13
N THR B 299 36.79 4.66 -1.07
CA THR B 299 36.65 3.35 -1.70
C THR B 299 36.79 2.23 -0.67
N LYS B 300 37.83 2.31 0.18
CA LYS B 300 38.02 1.26 1.16
C LYS B 300 36.97 1.31 2.25
N CYS B 301 36.43 2.50 2.55
CA CYS B 301 35.28 2.58 3.44
C CYS B 301 34.07 1.87 2.84
N THR B 302 33.82 2.08 1.56
CA THR B 302 32.66 1.45 0.92
C THR B 302 32.80 -0.07 0.87
N LEU B 303 33.99 -0.57 0.53
CA LEU B 303 34.18 -2.00 0.42
C LEU B 303 34.56 -2.65 1.75
N LYS B 304 34.69 -1.85 2.82
CA LYS B 304 34.85 -2.35 4.20
C LYS B 304 36.09 -3.24 4.34
N SER B 305 37.24 -2.65 4.07
CA SER B 305 38.52 -3.32 4.26
C SER B 305 39.62 -2.27 4.25
N PHE B 306 40.85 -2.72 4.49
CA PHE B 306 42.00 -1.83 4.50
C PHE B 306 42.93 -2.05 3.31
N THR B 307 42.73 -3.11 2.54
CA THR B 307 43.53 -3.39 1.37
C THR B 307 42.62 -3.56 0.16
N VAL B 308 43.05 -3.04 -0.98
CA VAL B 308 42.28 -3.14 -2.22
C VAL B 308 43.15 -3.78 -3.30
N GLU B 309 42.49 -4.43 -4.25
CA GLU B 309 43.16 -5.14 -5.32
C GLU B 309 43.09 -4.34 -6.62
N LYS B 310 43.89 -4.77 -7.60
CA LYS B 310 43.91 -4.12 -8.90
C LYS B 310 42.55 -4.22 -9.58
N GLY B 311 41.84 -3.11 -9.69
CA GLY B 311 40.53 -3.13 -10.29
C GLY B 311 39.85 -1.78 -10.16
N ILE B 312 38.61 -1.72 -10.63
CA ILE B 312 37.81 -0.51 -10.63
C ILE B 312 36.55 -0.76 -9.82
N TYR B 313 36.28 0.13 -8.87
CA TYR B 313 35.17 -0.01 -7.93
C TYR B 313 34.26 1.20 -8.02
N GLN B 314 32.95 0.97 -8.00
CA GLN B 314 31.97 2.06 -8.00
C GLN B 314 31.75 2.52 -6.57
N THR B 315 31.92 3.83 -6.33
CA THR B 315 31.90 4.37 -4.98
C THR B 315 30.54 5.00 -4.63
N SER B 316 30.12 6.01 -5.38
CA SER B 316 28.90 6.74 -5.05
C SER B 316 28.42 7.47 -6.29
N ASN B 317 27.15 7.87 -6.26
CA ASN B 317 26.53 8.57 -7.37
C ASN B 317 26.38 10.04 -7.06
N PHE B 318 26.15 10.83 -8.11
CA PHE B 318 25.98 12.26 -7.96
C PHE B 318 25.00 12.75 -9.02
N ARG B 319 24.48 13.96 -8.81
CA ARG B 319 23.57 14.60 -9.74
C ARG B 319 23.76 16.12 -9.64
N VAL B 320 23.43 16.80 -10.73
CA VAL B 320 23.53 18.25 -10.78
C VAL B 320 22.25 18.85 -10.23
N GLN B 321 22.38 19.72 -9.22
CA GLN B 321 21.23 20.30 -8.54
C GLN B 321 20.71 21.53 -9.28
N PRO B 322 19.42 21.81 -9.18
CA PRO B 322 18.86 23.00 -9.80
C PRO B 322 19.38 24.28 -9.15
N THR B 323 19.36 25.36 -9.93
CA THR B 323 19.97 26.62 -9.52
C THR B 323 18.94 27.68 -9.19
N GLU B 324 18.03 27.99 -10.11
CA GLU B 324 16.99 28.98 -9.87
C GLU B 324 15.73 28.59 -10.64
N SER B 325 14.67 29.38 -10.45
CA SER B 325 13.36 29.09 -11.01
C SER B 325 13.01 30.10 -12.11
N ILE B 326 12.30 29.60 -13.12
CA ILE B 326 11.86 30.39 -14.26
C ILE B 326 10.37 30.18 -14.44
N VAL B 327 9.59 31.26 -14.37
CA VAL B 327 8.15 31.23 -14.54
C VAL B 327 7.78 32.19 -15.66
N ARG B 328 7.08 31.69 -16.68
CA ARG B 328 6.68 32.51 -17.80
C ARG B 328 5.31 32.08 -18.31
N PHE B 329 4.46 33.07 -18.57
CA PHE B 329 3.15 32.86 -19.16
C PHE B 329 2.70 34.19 -19.78
N PRO B 330 1.77 34.15 -20.74
CA PRO B 330 1.68 35.26 -21.70
C PRO B 330 1.19 36.56 -21.08
N ASN B 331 1.49 37.64 -21.78
CA ASN B 331 1.32 39.00 -21.27
C ASN B 331 -0.15 39.40 -21.29
N ILE B 332 -0.41 40.67 -20.99
CA ILE B 332 -1.77 41.19 -20.94
C ILE B 332 -2.39 41.17 -22.34
N THR B 333 -3.64 40.73 -22.41
CA THR B 333 -4.35 40.72 -23.68
C THR B 333 -5.00 42.07 -23.98
N ASN B 334 -5.67 42.65 -22.98
CA ASN B 334 -6.34 43.93 -23.18
C ASN B 334 -6.49 44.61 -21.81
N LEU B 335 -6.64 45.94 -21.86
CA LEU B 335 -6.84 46.73 -20.66
C LEU B 335 -8.33 46.80 -20.31
N CYS B 336 -8.63 47.42 -19.17
CA CYS B 336 -10.01 47.48 -18.71
C CYS B 336 -10.59 48.89 -18.86
N PRO B 337 -11.91 48.99 -19.07
CA PRO B 337 -12.54 50.32 -19.13
C PRO B 337 -12.76 50.94 -17.76
N PHE B 338 -12.06 50.40 -16.76
CA PHE B 338 -12.25 50.82 -15.37
C PHE B 338 -12.05 52.32 -15.19
N GLY B 339 -11.08 52.91 -15.90
CA GLY B 339 -10.79 54.33 -15.72
C GLY B 339 -11.91 55.25 -16.19
N GLU B 340 -12.61 54.86 -17.26
CA GLU B 340 -13.69 55.70 -17.78
C GLU B 340 -14.81 55.86 -16.76
N VAL B 341 -15.15 54.78 -16.06
CA VAL B 341 -16.21 54.85 -15.05
C VAL B 341 -15.84 55.86 -13.97
N PHE B 342 -14.58 55.85 -13.53
CA PHE B 342 -14.17 56.72 -12.43
C PHE B 342 -14.01 58.17 -12.88
N ASN B 343 -13.52 58.40 -14.10
CA ASN B 343 -13.19 59.76 -14.54
C ASN B 343 -13.89 60.07 -15.87
N ALA B 344 -15.19 59.76 -15.94
CA ALA B 344 -16.01 60.17 -17.07
C ALA B 344 -16.58 61.56 -16.78
N THR B 345 -17.53 62.00 -17.61
CA THR B 345 -18.11 63.34 -17.51
C THR B 345 -19.56 63.34 -17.05
N ARG B 346 -20.42 62.58 -17.71
CA ARG B 346 -21.85 62.59 -17.45
C ARG B 346 -22.23 61.34 -16.66
N PHE B 347 -22.88 61.52 -15.52
CA PHE B 347 -23.25 60.44 -14.63
C PHE B 347 -24.74 60.53 -14.30
N ALA B 348 -25.38 59.37 -14.22
CA ALA B 348 -26.82 59.29 -13.97
C ALA B 348 -27.12 59.52 -12.49
N SER B 349 -28.38 59.85 -12.21
CA SER B 349 -28.82 60.13 -10.85
C SER B 349 -29.14 58.84 -10.11
N VAL B 350 -29.50 58.99 -8.83
CA VAL B 350 -29.78 57.82 -7.99
C VAL B 350 -31.07 57.12 -8.42
N TYR B 351 -32.10 57.88 -8.80
CA TYR B 351 -33.38 57.27 -9.14
C TYR B 351 -33.25 56.34 -10.33
N ALA B 352 -32.46 56.73 -11.32
CA ALA B 352 -32.11 55.87 -12.45
C ALA B 352 -30.60 55.62 -12.36
N TRP B 353 -30.23 54.61 -11.58
CA TRP B 353 -28.83 54.26 -11.39
C TRP B 353 -28.35 53.41 -12.56
N ASN B 354 -27.19 53.77 -13.10
CA ASN B 354 -26.64 53.06 -14.26
C ASN B 354 -25.57 52.07 -13.81
N ARG B 355 -25.44 50.99 -14.59
CA ARG B 355 -24.48 49.93 -14.34
C ARG B 355 -23.67 49.68 -15.59
N LYS B 356 -22.45 49.18 -15.39
CA LYS B 356 -21.59 48.78 -16.50
C LYS B 356 -20.84 47.51 -16.10
N ARG B 357 -20.93 46.49 -16.94
CA ARG B 357 -20.23 45.24 -16.69
C ARG B 357 -18.85 45.28 -17.33
N ILE B 358 -17.83 44.87 -16.58
CA ILE B 358 -16.47 44.83 -17.08
C ILE B 358 -16.24 43.48 -17.74
N SER B 359 -15.83 43.50 -19.01
CA SER B 359 -15.62 42.28 -19.78
C SER B 359 -14.26 41.68 -19.44
N ASN B 360 -13.82 40.71 -20.25
CA ASN B 360 -12.58 40.00 -19.99
C ASN B 360 -11.39 40.92 -20.21
N CYS B 361 -10.71 41.29 -19.14
CA CYS B 361 -9.49 42.08 -19.22
C CYS B 361 -8.72 41.88 -17.92
N VAL B 362 -7.44 42.24 -17.96
CA VAL B 362 -6.58 42.12 -16.79
C VAL B 362 -6.91 43.27 -15.83
N ALA B 363 -7.33 42.93 -14.62
CA ALA B 363 -7.73 43.94 -13.65
C ALA B 363 -6.54 44.80 -13.24
N ASP B 364 -6.76 46.11 -13.19
CA ASP B 364 -5.74 47.08 -12.80
C ASP B 364 -6.20 47.72 -11.50
N TYR B 365 -5.84 47.11 -10.36
CA TYR B 365 -6.20 47.61 -9.06
C TYR B 365 -5.03 48.25 -8.32
N SER B 366 -3.85 48.30 -8.93
CA SER B 366 -2.70 48.88 -8.27
C SER B 366 -2.85 50.38 -8.06
N VAL B 367 -3.40 51.10 -9.05
CA VAL B 367 -3.60 52.54 -8.93
C VAL B 367 -4.79 52.90 -8.06
N LEU B 368 -5.54 51.91 -7.57
CA LEU B 368 -6.69 52.16 -6.72
C LEU B 368 -6.27 52.59 -5.33
N TYR B 369 -5.27 51.91 -4.75
CA TYR B 369 -4.83 52.22 -3.39
C TYR B 369 -3.74 53.28 -3.36
N ASN B 370 -2.96 53.43 -4.43
CA ASN B 370 -1.92 54.44 -4.48
C ASN B 370 -2.44 55.81 -4.86
N SER B 371 -3.73 55.94 -5.17
CA SER B 371 -4.32 57.23 -5.45
C SER B 371 -4.79 57.88 -4.16
N ALA B 372 -4.31 59.10 -3.91
CA ALA B 372 -4.69 59.84 -2.71
C ALA B 372 -6.03 60.52 -2.84
N SER B 373 -6.66 60.48 -4.02
CA SER B 373 -7.95 61.12 -4.20
C SER B 373 -9.07 60.38 -3.49
N PHE B 374 -8.83 59.16 -3.02
CA PHE B 374 -9.85 58.38 -2.33
C PHE B 374 -9.72 58.60 -0.82
N SER B 375 -10.75 59.16 -0.20
CA SER B 375 -10.77 59.40 1.23
C SER B 375 -11.92 58.70 1.93
N THR B 376 -12.83 58.07 1.20
CA THR B 376 -13.97 57.36 1.77
C THR B 376 -13.97 55.92 1.28
N PHE B 377 -12.82 55.27 1.33
CA PHE B 377 -12.74 53.85 1.00
C PHE B 377 -13.04 53.02 2.24
N LYS B 378 -14.16 53.31 2.89
CA LYS B 378 -14.64 52.48 4.00
C LYS B 378 -15.55 51.43 3.37
N CYS B 379 -14.97 50.27 3.07
CA CYS B 379 -15.70 49.24 2.35
C CYS B 379 -15.14 47.89 2.76
N TYR B 380 -15.91 46.84 2.48
CA TYR B 380 -15.65 45.52 3.02
C TYR B 380 -15.59 44.49 1.90
N GLY B 381 -15.54 43.23 2.30
CA GLY B 381 -15.51 42.13 1.35
C GLY B 381 -14.23 41.31 1.43
N VAL B 382 -13.50 41.27 0.32
CA VAL B 382 -12.24 40.55 0.25
C VAL B 382 -11.16 41.35 0.96
N SER B 383 -10.00 40.74 1.17
CA SER B 383 -8.91 41.42 1.85
C SER B 383 -8.48 42.63 1.04
N PRO B 384 -8.13 43.74 1.70
CA PRO B 384 -7.76 44.96 0.96
C PRO B 384 -6.36 44.92 0.38
N THR B 385 -5.74 43.73 0.31
CA THR B 385 -4.40 43.61 -0.24
C THR B 385 -4.29 42.62 -1.39
N LYS B 386 -5.08 41.55 -1.40
CA LYS B 386 -4.95 40.50 -2.42
C LYS B 386 -5.93 40.72 -3.58
N LEU B 387 -5.94 41.94 -4.13
CA LEU B 387 -6.86 42.22 -5.23
C LEU B 387 -6.36 41.66 -6.56
N ASN B 388 -5.05 41.51 -6.72
CA ASN B 388 -4.52 40.89 -7.92
C ASN B 388 -4.57 39.36 -7.88
N ASP B 389 -4.92 38.78 -6.73
CA ASP B 389 -5.01 37.34 -6.58
C ASP B 389 -6.44 36.84 -6.68
N LEU B 390 -7.40 37.70 -7.00
CA LEU B 390 -8.80 37.32 -7.14
C LEU B 390 -9.30 37.77 -8.52
N CYS B 391 -9.92 36.85 -9.24
CA CYS B 391 -10.41 37.12 -10.59
C CYS B 391 -11.82 36.54 -10.77
N PHE B 392 -12.72 36.91 -9.87
CA PHE B 392 -14.11 36.47 -9.95
C PHE B 392 -14.67 36.64 -11.35
N THR B 393 -15.64 35.79 -11.69
CA THR B 393 -16.05 35.62 -13.09
C THR B 393 -16.55 36.93 -13.69
N ASN B 394 -17.45 37.62 -13.00
CA ASN B 394 -18.05 38.84 -13.54
C ASN B 394 -18.02 39.94 -12.49
N VAL B 395 -17.85 41.17 -12.96
CA VAL B 395 -17.80 42.35 -12.12
C VAL B 395 -18.62 43.47 -12.74
N TYR B 396 -19.42 44.12 -11.90
CA TYR B 396 -20.27 45.24 -12.29
C TYR B 396 -19.89 46.48 -11.51
N ALA B 397 -19.98 47.63 -12.17
CA ALA B 397 -19.77 48.93 -11.53
C ALA B 397 -21.04 49.74 -11.68
N ASP B 398 -21.65 50.12 -10.57
CA ASP B 398 -22.89 50.89 -10.56
C ASP B 398 -22.60 52.28 -9.99
N SER B 399 -23.13 53.30 -10.66
CA SER B 399 -22.76 54.68 -10.33
C SER B 399 -24.00 55.52 -10.02
N PHE B 400 -23.86 56.41 -9.04
CA PHE B 400 -24.90 57.41 -8.78
C PHE B 400 -24.27 58.59 -8.05
N VAL B 401 -25.07 59.64 -7.86
CA VAL B 401 -24.55 60.94 -7.44
C VAL B 401 -25.24 61.38 -6.14
N ILE B 402 -25.53 60.43 -5.25
CA ILE B 402 -26.12 60.79 -3.97
C ILE B 402 -25.23 61.79 -3.24
N ARG B 403 -25.85 62.63 -2.42
CA ARG B 403 -25.22 63.83 -1.87
C ARG B 403 -24.95 63.66 -0.39
N GLY B 404 -23.85 64.27 0.08
CA GLY B 404 -23.53 64.50 1.47
C GLY B 404 -23.41 63.23 2.30
N ASP B 405 -23.94 63.31 3.52
CA ASP B 405 -23.79 62.25 4.52
C ASP B 405 -24.65 61.03 4.23
N GLU B 406 -25.49 61.07 3.19
CA GLU B 406 -26.33 59.94 2.85
C GLU B 406 -25.53 58.73 2.40
N VAL B 407 -24.24 58.91 2.10
CA VAL B 407 -23.42 57.79 1.62
C VAL B 407 -23.25 56.73 2.70
N ARG B 408 -23.16 57.15 3.97
CA ARG B 408 -22.88 56.21 5.05
C ARG B 408 -23.98 55.17 5.24
N GLN B 409 -25.20 55.46 4.77
CA GLN B 409 -26.29 54.49 4.89
C GLN B 409 -26.12 53.30 3.95
N ILE B 410 -25.16 53.36 3.03
CA ILE B 410 -24.85 52.23 2.16
C ILE B 410 -24.05 51.22 2.98
N ALA B 411 -24.69 50.10 3.33
CA ALA B 411 -24.08 49.10 4.18
C ALA B 411 -24.80 47.78 3.96
N PRO B 412 -24.17 46.64 4.29
CA PRO B 412 -24.84 45.35 4.11
C PRO B 412 -26.00 45.18 5.08
N GLY B 413 -27.12 45.84 4.78
CA GLY B 413 -28.27 45.84 5.64
C GLY B 413 -28.46 47.17 6.34
N GLN B 414 -29.35 48.00 5.81
CA GLN B 414 -29.58 49.33 6.34
C GLN B 414 -30.87 49.86 5.74
N THR B 415 -31.51 50.76 6.47
CA THR B 415 -32.75 51.39 6.04
C THR B 415 -32.63 52.90 6.15
N GLY B 416 -33.43 53.60 5.37
CA GLY B 416 -33.43 55.05 5.41
C GLY B 416 -34.03 55.63 4.15
N LYS B 417 -34.08 56.98 4.13
CA LYS B 417 -34.67 57.68 3.01
C LYS B 417 -33.96 57.35 1.70
N ILE B 418 -32.70 56.95 1.77
CA ILE B 418 -31.99 56.48 0.59
C ILE B 418 -32.12 54.95 0.43
N ALA B 419 -31.83 54.19 1.48
CA ALA B 419 -31.86 52.73 1.38
C ALA B 419 -33.20 52.14 1.81
N ASP B 420 -34.30 52.70 1.31
CA ASP B 420 -35.59 52.03 1.33
C ASP B 420 -36.20 51.90 -0.06
N TYR B 421 -36.21 52.98 -0.85
CA TYR B 421 -36.86 52.99 -2.16
C TYR B 421 -35.86 53.31 -3.26
N ASN B 422 -34.64 52.82 -3.11
CA ASN B 422 -33.55 53.08 -4.04
C ASN B 422 -32.55 51.94 -3.89
N TYR B 423 -31.33 52.14 -4.38
CA TYR B 423 -30.26 51.14 -4.31
C TYR B 423 -30.19 50.47 -2.94
N LYS B 424 -30.21 49.15 -2.95
CA LYS B 424 -30.23 48.33 -1.74
C LYS B 424 -29.05 47.37 -1.75
N LEU B 425 -28.51 47.08 -0.57
CA LEU B 425 -27.34 46.23 -0.42
C LEU B 425 -27.74 44.89 0.16
N PRO B 426 -27.52 43.78 -0.56
CA PRO B 426 -27.82 42.46 0.02
C PRO B 426 -26.72 41.99 0.95
N ASP B 427 -26.85 40.77 1.46
CA ASP B 427 -25.86 40.19 2.36
C ASP B 427 -24.76 39.44 1.61
N ASP B 428 -24.79 39.44 0.29
CA ASP B 428 -23.78 38.81 -0.55
C ASP B 428 -23.20 39.84 -1.52
N PHE B 429 -22.81 40.99 -0.98
CA PHE B 429 -22.41 42.15 -1.75
C PHE B 429 -20.92 42.18 -2.05
N THR B 430 -20.29 41.01 -2.19
CA THR B 430 -18.85 40.89 -2.46
C THR B 430 -18.38 41.97 -3.42
N GLY B 431 -17.33 42.67 -3.02
CA GLY B 431 -17.03 43.98 -3.56
C GLY B 431 -17.46 45.06 -2.57
N CYS B 432 -17.30 46.30 -2.98
CA CYS B 432 -17.58 47.39 -2.04
C CYS B 432 -17.64 48.71 -2.80
N VAL B 433 -17.66 49.81 -2.05
CA VAL B 433 -18.05 51.13 -2.54
C VAL B 433 -16.86 52.09 -2.44
N ILE B 434 -16.71 52.92 -3.48
CA ILE B 434 -15.75 54.01 -3.51
C ILE B 434 -16.52 55.32 -3.66
N ALA B 435 -16.22 56.29 -2.81
CA ALA B 435 -16.87 57.59 -2.85
C ALA B 435 -15.88 58.66 -3.31
N TRP B 436 -16.43 59.74 -3.83
CA TRP B 436 -15.67 60.86 -4.38
C TRP B 436 -15.97 62.12 -3.56
N ASN B 437 -15.43 63.24 -4.03
CA ASN B 437 -15.66 64.55 -3.43
C ASN B 437 -16.20 65.50 -4.48
N SER B 438 -17.19 66.30 -4.10
CA SER B 438 -17.80 67.24 -5.02
C SER B 438 -17.00 68.53 -5.10
N ASN B 439 -17.15 69.23 -6.22
CA ASN B 439 -16.46 70.49 -6.46
C ASN B 439 -17.25 71.25 -7.51
N ASN B 440 -16.63 72.30 -8.07
CA ASN B 440 -17.28 73.09 -9.11
C ASN B 440 -17.46 72.31 -10.41
N LEU B 441 -16.82 71.15 -10.55
CA LEU B 441 -17.04 70.32 -11.73
C LEU B 441 -18.49 69.88 -11.83
N ASP B 442 -19.09 69.48 -10.70
CA ASP B 442 -20.52 69.17 -10.62
C ASP B 442 -21.13 70.18 -9.65
N SER B 443 -21.50 71.34 -10.19
CA SER B 443 -22.08 72.42 -9.39
C SER B 443 -22.65 73.46 -10.33
N LYS B 444 -23.49 74.33 -9.78
CA LYS B 444 -24.06 75.44 -10.53
C LYS B 444 -24.39 76.57 -9.56
N VAL B 445 -23.98 77.79 -9.92
CA VAL B 445 -24.29 78.95 -9.10
C VAL B 445 -25.79 79.19 -9.06
N GLY B 446 -26.46 79.08 -10.22
CA GLY B 446 -27.90 79.22 -10.25
C GLY B 446 -28.61 78.08 -9.53
N GLY B 447 -28.08 76.87 -9.66
CA GLY B 447 -28.64 75.70 -9.01
C GLY B 447 -28.76 74.53 -9.96
N ASN B 448 -28.90 73.35 -9.37
CA ASN B 448 -29.04 72.11 -10.09
C ASN B 448 -30.46 71.58 -9.92
N TYR B 449 -31.14 71.31 -11.04
CA TYR B 449 -32.51 70.85 -11.01
C TYR B 449 -32.75 69.65 -11.91
N ASN B 450 -31.74 69.15 -12.62
CA ASN B 450 -31.89 68.00 -13.49
C ASN B 450 -31.66 66.67 -12.76
N TYR B 451 -31.37 66.71 -11.46
CA TYR B 451 -31.14 65.51 -10.68
C TYR B 451 -32.36 65.23 -9.81
N LEU B 452 -32.86 64.01 -9.87
CA LEU B 452 -34.07 63.60 -9.16
C LEU B 452 -33.72 62.48 -8.19
N TYR B 453 -34.56 62.31 -7.16
CA TYR B 453 -34.42 61.20 -6.24
C TYR B 453 -35.80 60.71 -5.81
N ARG B 454 -35.94 59.40 -5.70
CA ARG B 454 -37.21 58.82 -5.27
C ARG B 454 -37.45 59.10 -3.79
N LEU B 455 -38.66 59.56 -3.48
CA LEU B 455 -39.05 59.85 -2.11
C LEU B 455 -40.25 59.05 -1.64
N PHE B 456 -41.29 58.92 -2.47
CA PHE B 456 -42.55 58.31 -2.08
C PHE B 456 -42.65 56.93 -2.72
N ARG B 457 -42.97 55.93 -1.91
CA ARG B 457 -43.20 54.58 -2.39
C ARG B 457 -44.11 53.85 -1.40
N LYS B 458 -44.27 52.55 -1.60
CA LYS B 458 -45.16 51.75 -0.77
C LYS B 458 -44.48 50.55 -0.11
N SER B 459 -43.32 50.12 -0.59
CA SER B 459 -42.66 48.95 -0.02
C SER B 459 -41.16 49.05 -0.22
N ASN B 460 -40.43 48.29 0.58
CA ASN B 460 -38.98 48.25 0.48
C ASN B 460 -38.56 47.57 -0.82
N LEU B 461 -37.57 48.15 -1.49
CA LEU B 461 -37.08 47.61 -2.75
C LEU B 461 -36.15 46.44 -2.51
N LYS B 462 -36.22 45.45 -3.41
CA LYS B 462 -35.31 44.32 -3.34
C LYS B 462 -33.88 44.78 -3.66
N PRO B 463 -32.87 44.08 -3.13
CA PRO B 463 -31.48 44.44 -3.44
C PRO B 463 -31.19 44.34 -4.93
N PHE B 464 -30.39 45.28 -5.42
CA PHE B 464 -30.02 45.34 -6.84
C PHE B 464 -31.24 45.36 -7.75
N GLU B 465 -32.24 46.16 -7.36
CA GLU B 465 -33.47 46.29 -8.13
C GLU B 465 -33.75 47.75 -8.40
N ARG B 466 -34.45 48.01 -9.50
CA ARG B 466 -34.83 49.36 -9.91
C ARG B 466 -36.32 49.38 -10.23
N ASP B 467 -36.94 50.53 -9.99
CA ASP B 467 -38.38 50.71 -10.22
C ASP B 467 -38.57 52.09 -10.84
N ILE B 468 -38.83 52.13 -12.15
CA ILE B 468 -39.04 53.38 -12.85
C ILE B 468 -40.48 53.47 -13.37
N SER B 469 -41.35 54.08 -12.57
CA SER B 469 -42.73 54.35 -12.98
C SER B 469 -43.23 55.51 -12.14
N THR B 470 -43.36 56.68 -12.74
CA THR B 470 -43.57 57.93 -12.00
C THR B 470 -44.80 58.64 -12.53
N GLU B 471 -45.98 58.26 -12.04
CA GLU B 471 -47.19 59.06 -12.24
C GLU B 471 -47.77 59.56 -10.93
N ILE B 472 -48.14 58.67 -10.02
CA ILE B 472 -48.72 59.00 -8.72
C ILE B 472 -48.47 57.83 -7.78
N TYR B 473 -48.09 58.13 -6.54
CA TYR B 473 -47.86 57.08 -5.55
C TYR B 473 -49.07 56.80 -4.67
N GLN B 474 -50.18 57.50 -4.89
CA GLN B 474 -51.47 57.22 -4.23
C GLN B 474 -51.34 57.33 -2.71
N ALA B 475 -51.08 58.55 -2.26
CA ALA B 475 -51.01 58.82 -0.82
C ALA B 475 -52.34 58.54 -0.15
N GLY B 476 -53.44 59.00 -0.74
CA GLY B 476 -54.76 58.82 -0.18
C GLY B 476 -55.60 57.83 -0.96
N SER B 477 -56.85 57.69 -0.51
CA SER B 477 -57.79 56.78 -1.14
C SER B 477 -58.58 57.42 -2.28
N THR B 478 -58.44 58.73 -2.48
CA THR B 478 -59.14 59.40 -3.56
C THR B 478 -58.56 58.99 -4.92
N PRO B 479 -59.37 59.04 -5.98
CA PRO B 479 -58.84 58.74 -7.31
C PRO B 479 -57.71 59.70 -7.70
N CYS B 480 -56.71 59.16 -8.38
CA CYS B 480 -55.50 59.89 -8.75
C CYS B 480 -55.18 59.68 -10.21
N ASN B 481 -56.17 59.88 -11.08
CA ASN B 481 -56.04 59.62 -12.50
C ASN B 481 -55.00 60.51 -13.19
N GLY B 482 -54.37 61.40 -12.42
CA GLY B 482 -53.37 62.28 -12.99
C GLY B 482 -53.66 63.75 -12.74
N VAL B 483 -54.42 64.04 -11.69
CA VAL B 483 -54.75 65.41 -11.31
C VAL B 483 -53.96 65.77 -10.06
N GLU B 484 -53.18 66.84 -10.14
CA GLU B 484 -52.38 67.28 -9.02
C GLU B 484 -53.29 67.90 -7.95
N GLY B 485 -53.09 67.49 -6.70
CA GLY B 485 -53.91 68.01 -5.64
C GLY B 485 -53.73 67.20 -4.37
N PHE B 486 -54.73 67.28 -3.49
CA PHE B 486 -54.69 66.53 -2.24
C PHE B 486 -54.79 65.04 -2.50
N ASN B 487 -54.04 64.26 -1.72
CA ASN B 487 -54.00 62.80 -1.79
C ASN B 487 -53.44 62.27 -3.11
N CYS B 488 -53.01 63.15 -4.01
CA CYS B 488 -52.41 62.76 -5.28
C CYS B 488 -51.18 63.65 -5.48
N TYR B 489 -50.03 63.18 -5.01
CA TYR B 489 -48.80 63.95 -5.03
C TYR B 489 -47.76 63.25 -5.90
N PHE B 490 -46.87 64.06 -6.47
CA PHE B 490 -45.82 63.53 -7.34
C PHE B 490 -44.73 62.88 -6.49
N PRO B 491 -44.34 61.64 -6.80
CA PRO B 491 -43.43 60.89 -5.91
C PRO B 491 -41.95 61.12 -6.14
N LEU B 492 -41.55 61.99 -7.05
CA LEU B 492 -40.15 62.29 -7.34
C LEU B 492 -39.86 63.74 -7.02
N GLN B 493 -38.72 63.99 -6.37
CA GLN B 493 -38.32 65.33 -5.97
C GLN B 493 -36.92 65.61 -6.48
N SER B 494 -36.70 66.85 -6.92
CA SER B 494 -35.41 67.25 -7.45
C SER B 494 -34.47 67.71 -6.36
N TYR B 495 -33.17 67.53 -6.58
CA TYR B 495 -32.16 67.95 -5.63
C TYR B 495 -31.98 69.47 -5.70
N GLY B 496 -31.48 70.02 -4.59
CA GLY B 496 -31.10 71.41 -4.53
C GLY B 496 -29.64 71.56 -4.16
N PHE B 497 -28.83 72.06 -5.09
CA PHE B 497 -27.39 72.15 -4.91
C PHE B 497 -26.95 73.60 -5.06
N GLN B 498 -26.28 74.12 -4.04
CA GLN B 498 -25.75 75.48 -4.03
C GLN B 498 -24.35 75.45 -3.44
N PRO B 499 -23.49 76.40 -3.80
CA PRO B 499 -22.18 76.49 -3.13
C PRO B 499 -22.33 76.80 -1.66
N THR B 500 -21.96 75.85 -0.80
CA THR B 500 -22.20 75.94 0.63
C THR B 500 -20.95 75.44 1.36
N ASN B 501 -21.11 75.17 2.65
CA ASN B 501 -20.00 74.64 3.45
C ASN B 501 -19.51 73.31 2.91
N GLY B 502 -20.43 72.43 2.53
CA GLY B 502 -20.09 71.17 1.92
C GLY B 502 -19.98 69.99 2.86
N VAL B 503 -20.37 70.13 4.12
CA VAL B 503 -20.29 69.01 5.05
C VAL B 503 -21.25 67.89 4.64
N GLY B 504 -22.47 68.25 4.24
CA GLY B 504 -23.44 67.25 3.84
C GLY B 504 -24.36 67.69 2.72
N TYR B 505 -24.00 68.77 2.02
CA TYR B 505 -24.87 69.38 1.01
C TYR B 505 -24.09 69.64 -0.27
N GLN B 506 -23.36 68.63 -0.73
CA GLN B 506 -22.63 68.73 -1.99
C GLN B 506 -22.92 67.50 -2.85
N PRO B 507 -22.90 67.67 -4.18
CA PRO B 507 -23.16 66.52 -5.07
C PRO B 507 -22.03 65.50 -5.06
N TYR B 508 -21.95 64.68 -4.02
CA TYR B 508 -20.94 63.64 -3.97
C TYR B 508 -21.23 62.55 -5.01
N ARG B 509 -20.22 61.74 -5.29
CA ARG B 509 -20.28 60.69 -6.29
C ARG B 509 -20.01 59.35 -5.62
N VAL B 510 -20.77 58.33 -5.98
CA VAL B 510 -20.62 57.00 -5.41
C VAL B 510 -20.58 55.99 -6.53
N VAL B 511 -19.57 55.11 -6.50
CA VAL B 511 -19.48 53.97 -7.40
C VAL B 511 -19.36 52.72 -6.55
N VAL B 512 -20.02 51.64 -6.96
CA VAL B 512 -19.99 50.38 -6.22
C VAL B 512 -19.58 49.26 -7.16
N LEU B 513 -18.58 48.49 -6.75
CA LEU B 513 -18.09 47.35 -7.51
C LEU B 513 -18.64 46.09 -6.86
N SER B 514 -19.28 45.24 -7.68
CA SER B 514 -19.88 43.99 -7.23
C SER B 514 -19.32 42.84 -8.03
N PHE B 515 -18.92 41.78 -7.34
CA PHE B 515 -18.32 40.60 -7.94
C PHE B 515 -19.28 39.42 -7.84
N GLU B 516 -19.26 38.56 -8.85
CA GLU B 516 -19.95 37.28 -8.77
C GLU B 516 -19.05 36.26 -8.07
N LEU B 517 -19.63 35.13 -7.70
CA LEU B 517 -18.93 34.17 -6.84
C LEU B 517 -18.51 32.91 -7.57
N LEU B 518 -19.46 32.15 -8.12
CA LEU B 518 -19.10 30.93 -8.84
C LEU B 518 -20.25 30.57 -9.79
N HIS B 519 -20.10 30.92 -11.06
CA HIS B 519 -20.99 30.40 -12.09
C HIS B 519 -20.28 29.99 -13.37
N ALA B 520 -19.03 30.39 -13.57
CA ALA B 520 -18.28 30.11 -14.78
C ALA B 520 -16.80 30.26 -14.49
N PRO B 521 -15.94 29.68 -15.31
CA PRO B 521 -14.49 29.82 -15.08
C PRO B 521 -14.04 31.28 -15.13
N ALA B 522 -13.01 31.58 -14.35
CA ALA B 522 -12.49 32.94 -14.24
C ALA B 522 -11.87 33.41 -15.54
N THR B 523 -12.00 34.72 -15.81
CA THR B 523 -11.51 35.31 -17.05
C THR B 523 -10.72 36.59 -16.88
N VAL B 524 -10.54 37.09 -15.65
CA VAL B 524 -9.90 38.38 -15.45
C VAL B 524 -8.68 38.26 -14.55
N CYS B 525 -8.00 37.13 -14.61
CA CYS B 525 -6.87 36.88 -13.71
C CYS B 525 -5.60 37.55 -14.25
N GLY B 526 -4.98 38.36 -13.39
CA GLY B 526 -3.78 39.08 -13.75
C GLY B 526 -2.58 38.86 -12.83
N PRO B 527 -2.30 37.60 -12.41
CA PRO B 527 -1.17 37.39 -11.51
C PRO B 527 0.15 37.32 -12.26
N LYS B 528 0.48 38.43 -12.93
CA LYS B 528 1.58 38.44 -13.91
C LYS B 528 2.90 38.10 -13.26
N LYS B 529 3.64 37.19 -13.89
CA LYS B 529 5.01 36.85 -13.50
C LYS B 529 5.87 36.91 -14.76
N SER B 530 6.90 37.75 -14.73
CA SER B 530 7.78 37.97 -15.89
C SER B 530 9.21 37.68 -15.46
N THR B 531 9.62 36.43 -15.61
CA THR B 531 10.98 36.01 -15.29
C THR B 531 11.76 35.83 -16.59
N ASN B 532 12.95 36.41 -16.64
CA ASN B 532 13.79 36.30 -17.84
C ASN B 532 14.14 34.84 -18.09
N LEU B 533 14.12 34.46 -19.37
CA LEU B 533 14.33 33.07 -19.75
C LEU B 533 15.81 32.80 -19.94
N VAL B 534 16.35 31.89 -19.14
CA VAL B 534 17.77 31.50 -19.21
C VAL B 534 17.84 30.11 -19.82
N LYS B 535 18.92 29.87 -20.57
CA LYS B 535 19.10 28.63 -21.32
C LYS B 535 20.40 27.96 -20.92
N ASN B 536 20.48 26.66 -21.22
CA ASN B 536 21.67 25.85 -21.00
C ASN B 536 22.06 25.77 -19.53
N LYS B 537 21.07 25.85 -18.63
CA LYS B 537 21.31 25.76 -17.20
C LYS B 537 20.29 24.82 -16.58
N CYS B 538 20.70 24.15 -15.51
CA CYS B 538 19.82 23.21 -14.80
C CYS B 538 18.81 24.00 -13.96
N VAL B 539 17.85 24.60 -14.66
CA VAL B 539 16.85 25.46 -14.02
C VAL B 539 15.63 24.65 -13.64
N ASN B 540 14.77 25.23 -12.80
CA ASN B 540 13.47 24.68 -12.46
C ASN B 540 12.40 25.61 -13.04
N PHE B 541 11.59 25.09 -13.96
CA PHE B 541 10.65 25.90 -14.72
C PHE B 541 9.22 25.56 -14.35
N ASN B 542 8.36 26.59 -14.49
CA ASN B 542 6.92 26.48 -14.29
C ASN B 542 6.24 27.22 -15.45
N PHE B 543 5.91 26.47 -16.50
CA PHE B 543 5.32 27.02 -17.72
C PHE B 543 3.82 26.74 -17.71
N ASN B 544 3.05 27.68 -17.16
CA ASN B 544 1.59 27.58 -17.11
C ASN B 544 1.14 26.30 -16.42
N GLY B 545 1.47 26.21 -15.14
CA GLY B 545 1.05 25.07 -14.34
C GLY B 545 2.05 23.94 -14.29
N LEU B 546 2.40 23.39 -15.45
CA LEU B 546 3.33 22.28 -15.48
C LEU B 546 4.71 22.74 -15.00
N THR B 547 5.33 21.91 -14.15
CA THR B 547 6.60 22.24 -13.53
C THR B 547 7.60 21.12 -13.76
N GLY B 548 8.87 21.48 -13.79
CA GLY B 548 9.90 20.47 -13.94
C GLY B 548 11.28 21.08 -13.96
N THR B 549 12.26 20.24 -13.69
CA THR B 549 13.67 20.64 -13.65
C THR B 549 14.39 20.11 -14.87
N GLY B 550 15.22 20.95 -15.48
CA GLY B 550 15.97 20.52 -16.64
C GLY B 550 16.77 21.65 -17.23
N VAL B 551 17.39 21.35 -18.36
CA VAL B 551 18.18 22.31 -19.12
C VAL B 551 17.43 22.63 -20.40
N LEU B 552 17.26 23.92 -20.68
CA LEU B 552 16.47 24.37 -21.82
C LEU B 552 17.39 24.84 -22.94
N THR B 553 17.18 24.29 -24.13
CA THR B 553 17.97 24.65 -25.30
C THR B 553 17.02 24.97 -26.46
N GLU B 554 17.52 25.79 -27.39
CA GLU B 554 16.74 26.11 -28.58
C GLU B 554 16.45 24.84 -29.38
N SER B 555 15.19 24.69 -29.80
CA SER B 555 14.73 23.50 -30.49
C SER B 555 14.50 23.82 -31.97
N ASN B 556 14.08 22.79 -32.71
CA ASN B 556 13.80 22.94 -34.14
C ASN B 556 12.54 22.17 -34.53
N LYS B 557 11.62 21.97 -33.60
CA LYS B 557 10.41 21.21 -33.88
C LYS B 557 9.40 22.08 -34.61
N LYS B 558 8.29 21.44 -35.02
CA LYS B 558 7.29 22.04 -35.89
C LYS B 558 5.91 22.04 -35.25
N PHE B 559 5.83 22.52 -34.01
CA PHE B 559 4.56 22.52 -33.27
C PHE B 559 3.46 23.21 -34.07
N LEU B 560 2.29 22.58 -34.09
CA LEU B 560 1.12 23.19 -34.71
C LEU B 560 0.66 24.37 -33.88
N PRO B 561 -0.04 25.33 -34.51
CA PRO B 561 -0.37 26.58 -33.80
C PRO B 561 -1.23 26.39 -32.57
N PHE B 562 -1.96 25.29 -32.45
CA PHE B 562 -2.80 25.04 -31.29
C PHE B 562 -2.18 24.08 -30.29
N GLN B 563 -0.90 23.73 -30.46
CA GLN B 563 -0.22 22.79 -29.60
C GLN B 563 0.79 23.53 -28.72
N GLN B 564 0.77 23.23 -27.42
CA GLN B 564 1.61 23.94 -26.45
C GLN B 564 2.84 23.13 -26.05
N PHE B 565 2.66 21.93 -25.53
CA PHE B 565 3.77 21.12 -25.06
C PHE B 565 3.67 19.71 -25.62
N GLY B 566 4.83 19.13 -25.92
CA GLY B 566 4.91 17.82 -26.52
C GLY B 566 5.14 16.72 -25.49
N ARG B 567 5.39 15.53 -26.00
CA ARG B 567 5.62 14.36 -25.17
C ARG B 567 6.37 13.32 -26.02
N ASP B 568 6.60 12.15 -25.42
CA ASP B 568 7.31 11.09 -26.11
C ASP B 568 6.59 9.75 -25.94
N ILE B 569 7.25 8.67 -26.37
CA ILE B 569 6.65 7.34 -26.24
C ILE B 569 6.51 6.97 -24.77
N ALA B 570 7.46 7.38 -23.93
CA ALA B 570 7.42 7.08 -22.51
C ALA B 570 6.51 8.02 -21.72
N ASP B 571 5.81 8.92 -22.40
CA ASP B 571 4.86 9.85 -21.78
C ASP B 571 5.55 10.76 -20.77
N THR B 572 6.56 11.48 -21.26
CA THR B 572 7.28 12.47 -20.48
C THR B 572 7.46 13.73 -21.33
N THR B 573 7.29 14.89 -20.69
CA THR B 573 7.37 16.15 -21.41
C THR B 573 8.75 16.34 -22.02
N ASP B 574 8.79 16.79 -23.27
CA ASP B 574 10.04 16.98 -24.00
C ASP B 574 10.22 18.37 -24.58
N ALA B 575 9.16 19.02 -25.03
CA ALA B 575 9.26 20.34 -25.61
C ALA B 575 8.11 21.20 -25.10
N VAL B 576 8.38 22.50 -24.94
CA VAL B 576 7.39 23.45 -24.44
C VAL B 576 7.45 24.70 -25.31
N ARG B 577 6.29 25.28 -25.62
CA ARG B 577 6.21 26.53 -26.36
C ARG B 577 6.13 27.67 -25.35
N ASP B 578 7.06 28.60 -25.43
CA ASP B 578 7.08 29.70 -24.47
C ASP B 578 5.89 30.62 -24.69
N PRO B 579 5.11 30.94 -23.66
CA PRO B 579 3.84 31.65 -23.88
C PRO B 579 3.99 33.11 -24.26
N GLN B 580 5.12 33.75 -23.98
CA GLN B 580 5.25 35.18 -24.23
C GLN B 580 5.91 35.52 -25.56
N THR B 581 6.55 34.56 -26.23
CA THR B 581 7.16 34.83 -27.52
C THR B 581 6.87 33.75 -28.56
N LEU B 582 6.32 32.61 -28.16
CA LEU B 582 5.87 31.56 -29.09
C LEU B 582 7.04 30.97 -29.88
N GLU B 583 7.97 30.37 -29.15
CA GLU B 583 9.02 29.54 -29.74
C GLU B 583 9.12 28.23 -28.96
N ILE B 584 9.63 27.22 -29.65
CA ILE B 584 9.75 25.89 -29.07
C ILE B 584 11.07 25.76 -28.33
N LEU B 585 11.03 25.09 -27.18
CA LEU B 585 12.18 24.96 -26.31
C LEU B 585 12.23 23.54 -25.77
N ASP B 586 13.40 22.92 -25.83
CA ASP B 586 13.57 21.52 -25.46
C ASP B 586 13.84 21.39 -23.97
N ILE B 587 13.63 20.18 -23.47
CA ILE B 587 13.87 19.85 -22.07
C ILE B 587 14.70 18.58 -22.00
N THR B 588 15.81 18.64 -21.27
CA THR B 588 16.70 17.50 -21.10
C THR B 588 16.99 17.33 -19.62
N PRO B 589 16.96 16.10 -19.10
CA PRO B 589 17.23 15.90 -17.67
C PRO B 589 18.65 16.35 -17.32
N CYS B 590 18.79 16.90 -16.11
CA CYS B 590 20.09 17.36 -15.66
C CYS B 590 21.03 16.17 -15.44
N SER B 591 22.32 16.43 -15.58
CA SER B 591 23.32 15.37 -15.57
C SER B 591 23.35 14.64 -14.23
N PHE B 592 23.59 13.33 -14.29
CA PHE B 592 23.75 12.51 -13.10
C PHE B 592 24.44 11.23 -13.50
N GLY B 593 25.07 10.58 -12.53
CA GLY B 593 25.73 9.32 -12.80
C GLY B 593 26.64 8.92 -11.65
N GLY B 594 27.28 7.76 -11.86
CA GLY B 594 28.12 7.19 -10.82
C GLY B 594 29.57 7.65 -10.90
N VAL B 595 30.32 7.31 -9.84
CA VAL B 595 31.73 7.63 -9.72
C VAL B 595 32.47 6.33 -9.45
N SER B 596 33.48 6.04 -10.26
CA SER B 596 34.28 4.84 -10.11
C SER B 596 35.72 5.22 -9.80
N VAL B 597 36.39 4.38 -9.03
CA VAL B 597 37.77 4.61 -8.63
C VAL B 597 38.63 3.52 -9.24
N ILE B 598 39.60 3.92 -10.04
CA ILE B 598 40.58 3.01 -10.65
C ILE B 598 41.84 3.05 -9.82
N THR B 599 42.26 1.89 -9.32
CA THR B 599 43.47 1.77 -8.51
C THR B 599 44.28 0.59 -8.98
N PRO B 600 45.60 0.66 -8.89
CA PRO B 600 46.45 -0.51 -9.18
C PRO B 600 46.73 -1.41 -7.98
N GLY B 601 46.02 -1.21 -6.87
CA GLY B 601 46.24 -2.02 -5.69
C GLY B 601 47.08 -1.30 -4.66
N THR B 602 46.71 -1.43 -3.38
CA THR B 602 47.47 -0.79 -2.31
C THR B 602 48.88 -1.37 -2.20
N ASN B 603 49.03 -2.66 -2.51
CA ASN B 603 50.34 -3.30 -2.43
C ASN B 603 51.34 -2.66 -3.38
N THR B 604 50.90 -2.34 -4.61
CA THR B 604 51.83 -1.84 -5.62
C THR B 604 52.04 -0.34 -5.50
N SER B 605 50.96 0.44 -5.41
CA SER B 605 51.06 1.88 -5.35
C SER B 605 49.96 2.41 -4.43
N ASN B 606 49.85 3.74 -4.36
CA ASN B 606 48.89 4.37 -3.45
C ASN B 606 48.20 5.56 -4.11
N GLN B 607 48.08 5.56 -5.42
CA GLN B 607 47.43 6.63 -6.15
C GLN B 607 46.31 6.06 -7.01
N VAL B 608 45.25 6.85 -7.19
CA VAL B 608 44.03 6.40 -7.85
C VAL B 608 43.65 7.40 -8.92
N ALA B 609 42.66 7.02 -9.73
CA ALA B 609 42.05 7.88 -10.73
C ALA B 609 40.53 7.78 -10.59
N VAL B 610 39.83 8.82 -11.02
CA VAL B 610 38.40 8.93 -10.81
C VAL B 610 37.71 9.00 -12.17
N LEU B 611 36.58 8.28 -12.30
CA LEU B 611 35.80 8.25 -13.52
C LEU B 611 34.37 8.63 -13.19
N TYR B 612 33.91 9.75 -13.73
CA TYR B 612 32.52 10.19 -13.60
C TYR B 612 31.76 9.70 -14.82
N GLN B 613 30.80 8.80 -14.63
CA GLN B 613 30.18 8.12 -15.75
C GLN B 613 29.17 9.01 -16.47
N ASP B 614 29.21 8.97 -17.79
CA ASP B 614 28.18 9.55 -18.66
C ASP B 614 27.94 11.03 -18.34
N VAL B 615 29.04 11.78 -18.22
CA VAL B 615 28.98 13.21 -17.93
C VAL B 615 29.95 13.92 -18.85
N ASN B 616 29.45 14.93 -19.57
CA ASN B 616 30.34 15.81 -20.31
C ASN B 616 31.26 16.51 -19.33
N CYS B 617 32.56 16.38 -19.53
CA CYS B 617 33.51 16.68 -18.46
C CYS B 617 33.78 18.18 -18.36
N THR B 618 32.69 18.93 -18.25
CA THR B 618 32.73 20.37 -18.01
C THR B 618 31.99 20.76 -16.73
N GLU B 619 30.89 20.10 -16.42
CA GLU B 619 30.13 20.36 -15.20
C GLU B 619 30.61 19.49 -14.04
N VAL B 620 31.92 19.50 -13.80
CA VAL B 620 32.52 18.76 -12.70
C VAL B 620 33.40 19.72 -11.90
N PRO B 621 32.83 20.50 -10.99
CA PRO B 621 33.60 21.46 -10.19
C PRO B 621 34.21 20.82 -8.95
N SER B 640 45.92 17.08 -12.98
CA SER B 640 45.68 18.19 -13.90
C SER B 640 45.37 17.67 -15.30
N ASN B 641 45.14 16.37 -15.42
CA ASN B 641 44.85 15.74 -16.70
C ASN B 641 43.38 15.40 -16.79
N VAL B 642 42.74 15.84 -17.86
CA VAL B 642 41.33 15.57 -18.12
C VAL B 642 41.22 14.91 -19.48
N PHE B 643 40.62 13.71 -19.50
CA PHE B 643 40.47 12.95 -20.73
C PHE B 643 39.00 12.56 -20.86
N GLN B 644 38.39 12.87 -22.00
CA GLN B 644 36.98 12.59 -22.24
C GLN B 644 36.88 11.35 -23.13
N THR B 645 36.51 10.23 -22.52
CA THR B 645 36.34 8.97 -23.23
C THR B 645 34.86 8.78 -23.60
N ARG B 646 34.52 7.60 -24.10
CA ARG B 646 33.14 7.30 -24.44
C ARG B 646 32.31 6.89 -23.23
N ALA B 647 32.92 6.72 -22.05
CA ALA B 647 32.22 6.44 -20.80
C ALA B 647 32.64 7.51 -19.79
N GLY B 648 31.96 8.66 -19.83
CA GLY B 648 32.30 9.75 -18.93
C GLY B 648 33.67 10.32 -19.23
N CYS B 649 34.26 10.97 -18.21
CA CYS B 649 35.60 11.51 -18.34
C CYS B 649 36.48 10.99 -17.22
N LEU B 650 37.75 10.80 -17.53
CA LEU B 650 38.72 10.21 -16.62
C LEU B 650 39.74 11.28 -16.23
N ILE B 651 39.89 11.52 -14.94
CA ILE B 651 40.84 12.50 -14.41
C ILE B 651 41.81 11.78 -13.48
N GLY B 652 43.07 12.18 -13.56
CA GLY B 652 44.13 11.56 -12.78
C GLY B 652 45.01 10.61 -13.56
N ALA B 653 44.65 10.29 -14.80
CA ALA B 653 45.42 9.42 -15.66
C ALA B 653 45.79 10.15 -16.95
N GLU B 654 46.78 9.63 -17.64
CA GLU B 654 47.27 10.23 -18.88
C GLU B 654 47.01 9.31 -20.06
N HIS B 655 46.80 9.91 -21.23
CA HIS B 655 46.41 9.19 -22.43
C HIS B 655 47.63 9.01 -23.33
N VAL B 656 48.10 7.77 -23.42
CA VAL B 656 49.20 7.43 -24.31
C VAL B 656 48.63 7.00 -25.65
N ASN B 657 49.49 6.99 -26.68
CA ASN B 657 49.11 6.61 -28.02
C ASN B 657 49.55 5.20 -28.38
N ASN B 658 49.96 4.41 -27.40
CA ASN B 658 50.36 3.02 -27.62
C ASN B 658 49.13 2.13 -27.58
N SER B 659 49.37 0.81 -27.53
CA SER B 659 48.27 -0.16 -27.48
C SER B 659 48.81 -1.42 -26.82
N TYR B 660 48.46 -1.62 -25.56
CA TYR B 660 48.93 -2.75 -24.77
C TYR B 660 47.75 -3.69 -24.49
N GLU B 661 48.04 -4.73 -23.71
CA GLU B 661 47.01 -5.65 -23.27
C GLU B 661 46.19 -5.02 -22.14
N CYS B 662 44.89 -5.30 -22.15
CA CYS B 662 44.01 -4.70 -21.17
C CYS B 662 44.28 -5.24 -19.77
N ASP B 663 44.31 -4.34 -18.79
CA ASP B 663 44.48 -4.71 -17.38
C ASP B 663 43.26 -4.38 -16.56
N ILE B 664 42.81 -3.12 -16.57
CA ILE B 664 41.62 -2.70 -15.85
C ILE B 664 40.61 -2.18 -16.87
N PRO B 665 39.59 -2.96 -17.19
CA PRO B 665 38.61 -2.51 -18.19
C PRO B 665 37.86 -1.27 -17.73
N ILE B 666 37.55 -0.39 -18.67
CA ILE B 666 36.80 0.82 -18.38
C ILE B 666 35.56 0.88 -19.25
N GLY B 667 35.74 0.77 -20.56
CA GLY B 667 34.61 0.77 -21.48
C GLY B 667 34.95 1.25 -22.87
N ALA B 668 34.26 0.69 -23.87
CA ALA B 668 34.42 1.08 -25.27
C ALA B 668 35.87 0.95 -25.73
N GLY B 669 36.53 -0.12 -25.31
CA GLY B 669 37.88 -0.38 -25.76
C GLY B 669 38.96 0.46 -25.12
N ILE B 670 38.70 1.03 -23.94
CA ILE B 670 39.68 1.82 -23.20
C ILE B 670 40.03 1.08 -21.93
N CYS B 671 41.32 0.91 -21.68
CA CYS B 671 41.80 0.20 -20.50
C CYS B 671 42.89 1.01 -19.82
N ALA B 672 42.95 0.90 -18.50
CA ALA B 672 43.89 1.65 -17.69
C ALA B 672 44.87 0.70 -17.02
N SER B 673 46.09 1.19 -16.81
CA SER B 673 47.17 0.38 -16.27
C SER B 673 48.15 1.27 -15.52
N TYR B 674 49.02 0.62 -14.76
CA TYR B 674 50.03 1.28 -13.93
C TYR B 674 51.41 0.96 -14.49
N GLN B 675 51.86 1.78 -15.41
CA GLN B 675 53.16 1.59 -16.03
C GLN B 675 54.27 2.16 -15.14
N THR B 676 55.51 1.90 -15.54
CA THR B 676 56.68 2.40 -14.82
C THR B 676 57.88 2.52 -15.74
N GLN B 690 55.15 5.13 -12.50
CA GLN B 690 53.91 5.74 -12.05
C GLN B 690 53.08 6.18 -13.24
N SER B 691 52.32 7.28 -13.08
CA SER B 691 51.59 7.92 -14.17
C SER B 691 50.61 6.93 -14.82
N ILE B 692 49.57 6.61 -14.05
CA ILE B 692 48.48 5.75 -14.50
C ILE B 692 48.07 6.14 -15.93
N ILE B 693 47.99 5.16 -16.82
CA ILE B 693 47.78 5.40 -18.24
C ILE B 693 46.46 4.80 -18.67
N ALA B 694 45.82 5.44 -19.64
CA ALA B 694 44.60 4.95 -20.27
C ALA B 694 44.84 4.88 -21.77
N TYR B 695 44.56 3.72 -22.37
CA TYR B 695 44.90 3.50 -23.77
C TYR B 695 43.88 2.58 -24.40
N THR B 696 43.86 2.58 -25.73
CA THR B 696 43.05 1.62 -26.48
C THR B 696 43.71 0.26 -26.44
N MET B 697 42.94 -0.76 -26.07
CA MET B 697 43.49 -2.09 -25.90
C MET B 697 43.88 -2.70 -27.24
N SER B 698 44.95 -3.48 -27.25
CA SER B 698 45.43 -4.17 -28.43
C SER B 698 45.05 -5.64 -28.35
N LEU B 699 44.40 -6.14 -29.39
CA LEU B 699 43.86 -7.50 -29.33
C LEU B 699 44.97 -8.54 -29.22
N GLY B 700 46.04 -8.40 -29.99
CA GLY B 700 47.12 -9.36 -29.89
C GLY B 700 48.19 -9.08 -30.93
N ALA B 701 49.22 -9.91 -30.89
CA ALA B 701 50.32 -9.80 -31.84
C ALA B 701 49.84 -10.17 -33.25
N GLU B 702 50.50 -9.58 -34.24
CA GLU B 702 50.12 -9.74 -35.63
C GLU B 702 51.18 -10.55 -36.36
N ASN B 703 50.74 -11.59 -37.07
CA ASN B 703 51.63 -12.38 -37.91
C ASN B 703 50.79 -13.07 -38.98
N SER B 704 51.29 -13.10 -40.20
CA SER B 704 50.61 -13.73 -41.33
C SER B 704 51.48 -14.86 -41.87
N VAL B 705 50.89 -16.04 -41.98
CA VAL B 705 51.63 -17.20 -42.49
C VAL B 705 51.84 -17.04 -43.99
N ALA B 706 53.01 -17.43 -44.46
CA ALA B 706 53.34 -17.31 -45.87
C ALA B 706 52.61 -18.35 -46.69
N TYR B 707 51.33 -18.13 -46.95
CA TYR B 707 50.52 -19.11 -47.67
C TYR B 707 50.89 -19.10 -49.15
N SER B 708 51.10 -20.29 -49.70
CA SER B 708 51.36 -20.44 -51.12
C SER B 708 50.79 -21.77 -51.57
N ASN B 709 50.46 -21.85 -52.86
CA ASN B 709 49.85 -23.05 -53.43
C ASN B 709 50.86 -24.17 -53.64
N ASN B 710 52.08 -24.04 -53.13
CA ASN B 710 53.13 -24.99 -53.40
C ASN B 710 53.95 -25.39 -52.16
N SER B 711 53.70 -24.79 -51.01
CA SER B 711 54.54 -25.01 -49.84
C SER B 711 53.69 -25.46 -48.65
N ILE B 712 54.30 -26.28 -47.80
CA ILE B 712 53.70 -26.77 -46.57
C ILE B 712 54.74 -26.62 -45.47
N ALA B 713 54.26 -26.72 -44.22
CA ALA B 713 55.13 -26.69 -43.05
C ALA B 713 54.84 -27.92 -42.21
N ILE B 714 55.89 -28.61 -41.78
CA ILE B 714 55.72 -29.85 -41.02
C ILE B 714 56.57 -29.80 -39.74
N PRO B 715 56.02 -30.20 -38.60
CA PRO B 715 56.80 -30.19 -37.36
C PRO B 715 57.83 -31.31 -37.35
N THR B 716 58.91 -31.09 -36.59
CA THR B 716 59.94 -32.10 -36.38
C THR B 716 60.17 -32.42 -34.91
N ASN B 717 59.40 -31.82 -33.99
CA ASN B 717 59.57 -32.04 -32.58
C ASN B 717 58.25 -31.74 -31.88
N PHE B 718 58.14 -32.20 -30.63
CA PHE B 718 56.90 -32.07 -29.89
C PHE B 718 57.20 -31.73 -28.43
N THR B 719 56.17 -31.22 -27.74
CA THR B 719 56.25 -30.95 -26.32
C THR B 719 54.98 -31.48 -25.65
N ILE B 720 55.14 -31.93 -24.40
CA ILE B 720 54.04 -32.43 -23.58
C ILE B 720 53.72 -31.35 -22.55
N SER B 721 52.47 -30.90 -22.54
CA SER B 721 52.05 -29.81 -21.68
C SER B 721 50.88 -30.25 -20.81
N VAL B 722 50.80 -29.68 -19.62
CA VAL B 722 49.76 -29.99 -18.65
C VAL B 722 49.07 -28.70 -18.22
N THR B 723 47.74 -28.71 -18.21
CA THR B 723 46.94 -27.56 -17.83
C THR B 723 45.88 -27.98 -16.84
N THR B 724 45.36 -27.01 -16.09
CA THR B 724 44.38 -27.26 -15.04
C THR B 724 43.14 -26.43 -15.26
N GLU B 725 42.00 -26.98 -14.84
CA GLU B 725 40.75 -26.23 -14.80
C GLU B 725 39.96 -26.64 -13.57
N ILE B 726 39.23 -25.69 -13.00
CA ILE B 726 38.53 -25.87 -11.73
C ILE B 726 37.04 -25.72 -11.98
N LEU B 727 36.26 -26.68 -11.48
CA LEU B 727 34.81 -26.68 -11.62
C LEU B 727 34.18 -26.81 -10.24
N PRO B 728 33.32 -25.88 -9.83
CA PRO B 728 32.55 -26.08 -8.59
C PRO B 728 31.42 -27.06 -8.82
N VAL B 729 31.18 -27.92 -7.83
CA VAL B 729 30.18 -28.97 -7.96
C VAL B 729 29.07 -28.90 -6.91
N SER B 730 29.29 -28.24 -5.77
CA SER B 730 28.25 -28.17 -4.75
C SER B 730 28.54 -26.99 -3.84
N MET B 731 27.51 -26.60 -3.07
CA MET B 731 27.66 -25.53 -2.09
C MET B 731 27.15 -25.98 -0.73
N THR B 732 27.10 -25.06 0.22
CA THR B 732 26.71 -25.41 1.58
C THR B 732 25.23 -25.73 1.66
N LYS B 733 24.89 -26.76 2.42
CA LYS B 733 23.50 -27.14 2.66
C LYS B 733 23.01 -26.42 3.90
N THR B 734 22.06 -25.50 3.72
CA THR B 734 21.55 -24.71 4.82
C THR B 734 20.03 -24.83 4.89
N SER B 735 19.51 -24.73 6.11
CA SER B 735 18.07 -24.78 6.34
C SER B 735 17.70 -23.74 7.39
N VAL B 736 16.79 -22.84 7.02
CA VAL B 736 16.37 -21.74 7.89
C VAL B 736 14.91 -21.95 8.25
N ASP B 737 14.57 -21.66 9.50
CA ASP B 737 13.21 -21.84 10.00
C ASP B 737 12.45 -20.52 9.89
N CYS B 738 11.17 -20.57 10.27
CA CYS B 738 10.29 -19.41 10.19
C CYS B 738 9.90 -18.89 11.57
N THR B 739 9.27 -19.73 12.39
CA THR B 739 8.77 -19.26 13.69
C THR B 739 9.89 -18.79 14.60
N MET B 740 11.07 -19.40 14.50
CA MET B 740 12.23 -18.94 15.25
C MET B 740 12.93 -17.77 14.60
N TYR B 741 12.57 -17.42 13.37
CA TYR B 741 13.14 -16.27 12.68
C TYR B 741 12.17 -15.10 12.60
N ILE B 742 10.98 -15.31 12.04
CA ILE B 742 10.02 -14.22 11.91
C ILE B 742 9.50 -13.80 13.27
N CYS B 743 9.11 -14.77 14.09
CA CYS B 743 8.41 -14.47 15.34
C CYS B 743 9.35 -14.34 16.52
N GLY B 744 10.17 -15.35 16.79
CA GLY B 744 11.01 -15.30 17.96
C GLY B 744 10.24 -15.52 19.23
N ASP B 745 9.77 -16.76 19.42
CA ASP B 745 9.04 -17.24 20.61
C ASP B 745 8.07 -16.20 21.18
N SER B 746 7.15 -15.77 20.33
CA SER B 746 6.04 -14.92 20.75
C SER B 746 4.74 -15.61 20.38
N THR B 747 3.91 -15.90 21.38
CA THR B 747 2.62 -16.54 21.12
C THR B 747 1.72 -15.65 20.28
N GLU B 748 1.70 -14.35 20.56
CA GLU B 748 0.91 -13.43 19.77
C GLU B 748 1.39 -13.39 18.32
N CYS B 749 2.71 -13.35 18.12
CA CYS B 749 3.23 -13.36 16.76
C CYS B 749 2.87 -14.65 16.04
N SER B 750 2.96 -15.78 16.73
CA SER B 750 2.60 -17.05 16.12
C SER B 750 1.13 -17.07 15.70
N ASN B 751 0.26 -16.57 16.59
CA ASN B 751 -1.16 -16.51 16.26
C ASN B 751 -1.42 -15.60 15.07
N LEU B 752 -0.73 -14.47 15.00
CA LEU B 752 -0.91 -13.56 13.88
C LEU B 752 -0.38 -14.16 12.57
N LEU B 753 0.75 -14.88 12.63
CA LEU B 753 1.33 -15.47 11.44
C LEU B 753 0.53 -16.68 10.96
N LEU B 754 -0.21 -17.34 11.86
CA LEU B 754 -0.97 -18.52 11.47
C LEU B 754 -1.99 -18.21 10.38
N GLN B 755 -2.42 -16.95 10.26
CA GLN B 755 -3.48 -16.57 9.35
C GLN B 755 -2.98 -16.07 8.01
N TYR B 756 -1.67 -16.12 7.75
CA TYR B 756 -1.14 -15.71 6.46
C TYR B 756 -0.99 -16.85 5.48
N GLY B 757 -1.45 -18.05 5.83
CA GLY B 757 -1.43 -19.15 4.89
C GLY B 757 -0.40 -20.21 5.22
N SER B 758 0.31 -20.69 4.19
CA SER B 758 1.29 -21.75 4.35
C SER B 758 2.53 -21.45 3.54
N PHE B 759 3.01 -20.20 3.59
CA PHE B 759 4.22 -19.85 2.84
C PHE B 759 5.42 -20.66 3.32
N CYS B 760 5.58 -20.79 4.63
CA CYS B 760 6.76 -21.43 5.18
C CYS B 760 6.83 -22.92 4.83
N THR B 761 5.69 -23.55 4.57
CA THR B 761 5.73 -24.95 4.13
C THR B 761 6.50 -25.09 2.83
N GLN B 762 6.15 -24.30 1.81
CA GLN B 762 6.90 -24.40 0.56
C GLN B 762 8.29 -23.80 0.69
N LEU B 763 8.50 -22.86 1.61
CA LEU B 763 9.87 -22.39 1.85
C LEU B 763 10.77 -23.53 2.31
N ASN B 764 10.31 -24.27 3.34
CA ASN B 764 11.08 -25.41 3.82
C ASN B 764 11.21 -26.49 2.75
N ARG B 765 10.16 -26.71 1.97
CA ARG B 765 10.25 -27.69 0.89
C ARG B 765 11.33 -27.31 -0.12
N ALA B 766 11.40 -26.03 -0.49
CA ALA B 766 12.42 -25.58 -1.43
C ALA B 766 13.81 -25.76 -0.85
N LEU B 767 14.00 -25.42 0.43
CA LEU B 767 15.33 -25.58 1.02
C LEU B 767 15.75 -27.05 1.07
N THR B 768 14.82 -27.94 1.42
CA THR B 768 15.14 -29.36 1.44
C THR B 768 15.47 -29.88 0.04
N GLY B 769 14.73 -29.41 -0.97
CA GLY B 769 15.05 -29.78 -2.34
C GLY B 769 16.44 -29.34 -2.74
N ILE B 770 16.85 -28.14 -2.31
CA ILE B 770 18.20 -27.66 -2.61
C ILE B 770 19.24 -28.56 -1.97
N ALA B 771 19.02 -28.95 -0.70
CA ALA B 771 19.99 -29.82 -0.03
C ALA B 771 20.11 -31.16 -0.72
N VAL B 772 18.97 -31.76 -1.08
CA VAL B 772 19.00 -33.04 -1.79
C VAL B 772 19.72 -32.91 -3.11
N GLU B 773 19.49 -31.81 -3.82
CA GLU B 773 20.17 -31.59 -5.10
C GLU B 773 21.67 -31.48 -4.92
N GLN B 774 22.13 -30.83 -3.84
CA GLN B 774 23.57 -30.74 -3.60
C GLN B 774 24.16 -32.13 -3.36
N ASP B 775 23.49 -32.96 -2.57
CA ASP B 775 23.98 -34.32 -2.36
C ASP B 775 24.03 -35.08 -3.68
N LYS B 776 23.00 -34.92 -4.52
CA LYS B 776 22.97 -35.64 -5.80
C LYS B 776 24.10 -35.19 -6.71
N ASN B 777 24.39 -33.89 -6.74
CA ASN B 777 25.50 -33.39 -7.56
C ASN B 777 26.82 -34.01 -7.12
N THR B 778 27.10 -33.97 -5.82
CA THR B 778 28.36 -34.52 -5.34
C THR B 778 28.46 -36.01 -5.61
N GLN B 779 27.34 -36.73 -5.48
CA GLN B 779 27.34 -38.16 -5.78
C GLN B 779 27.61 -38.42 -7.25
N GLU B 780 26.92 -37.70 -8.13
CA GLU B 780 27.00 -37.99 -9.56
C GLU B 780 28.35 -37.63 -10.15
N VAL B 781 29.01 -36.58 -9.64
CA VAL B 781 30.29 -36.19 -10.21
C VAL B 781 31.35 -37.27 -9.98
N PHE B 782 31.40 -37.81 -8.76
CA PHE B 782 32.51 -38.68 -8.36
C PHE B 782 32.19 -40.17 -8.45
N ALA B 783 30.98 -40.60 -8.10
CA ALA B 783 30.66 -42.03 -8.06
C ALA B 783 30.46 -42.54 -9.47
N GLN B 784 31.57 -42.85 -10.13
CA GLN B 784 31.55 -43.39 -11.49
C GLN B 784 32.03 -44.82 -11.59
N VAL B 785 32.90 -45.27 -10.70
CA VAL B 785 33.45 -46.62 -10.73
C VAL B 785 32.66 -47.50 -9.78
N LYS B 786 32.44 -48.76 -10.20
CA LYS B 786 31.71 -49.71 -9.39
C LYS B 786 32.56 -50.26 -8.24
N GLN B 787 33.85 -50.44 -8.47
CA GLN B 787 34.76 -51.05 -7.49
C GLN B 787 35.85 -50.06 -7.12
N ILE B 788 36.70 -50.47 -6.18
CA ILE B 788 37.82 -49.65 -5.71
C ILE B 788 39.10 -50.32 -6.14
N TYR B 789 39.93 -49.61 -6.89
CA TYR B 789 41.19 -50.13 -7.41
C TYR B 789 42.35 -49.60 -6.59
N LYS B 790 43.36 -50.45 -6.40
CA LYS B 790 44.56 -50.11 -5.65
C LYS B 790 45.77 -50.13 -6.57
N THR B 791 46.64 -49.14 -6.40
CA THR B 791 47.87 -49.11 -7.19
C THR B 791 48.80 -50.23 -6.75
N PRO B 792 49.59 -50.78 -7.68
CA PRO B 792 50.55 -51.81 -7.30
C PRO B 792 51.58 -51.26 -6.35
N PRO B 793 52.07 -52.08 -5.41
CA PRO B 793 53.05 -51.57 -4.43
C PRO B 793 54.35 -51.10 -5.06
N ILE B 794 54.78 -51.73 -6.17
CA ILE B 794 56.03 -51.37 -6.83
C ILE B 794 55.70 -50.46 -8.02
N LYS B 795 56.39 -49.32 -8.09
CA LYS B 795 56.12 -48.31 -9.11
C LYS B 795 57.24 -48.35 -10.15
N ASP B 796 56.97 -48.99 -11.28
CA ASP B 796 57.94 -49.16 -12.37
C ASP B 796 57.31 -48.77 -13.70
N PHE B 797 56.69 -47.59 -13.74
CA PHE B 797 55.93 -47.18 -14.92
C PHE B 797 56.82 -46.59 -16.00
N GLY B 798 57.87 -47.32 -16.38
CA GLY B 798 58.68 -46.93 -17.53
C GLY B 798 59.33 -45.58 -17.44
N GLY B 799 59.53 -45.04 -16.24
CA GLY B 799 60.14 -43.74 -16.06
C GLY B 799 59.18 -42.63 -15.71
N PHE B 800 57.87 -42.83 -15.86
CA PHE B 800 56.89 -41.83 -15.45
C PHE B 800 56.76 -41.86 -13.93
N ASN B 801 56.74 -40.68 -13.32
CA ASN B 801 56.85 -40.61 -11.86
C ASN B 801 55.51 -40.85 -11.16
N PHE B 802 54.54 -39.97 -11.40
CA PHE B 802 53.21 -40.01 -10.78
C PHE B 802 53.25 -39.83 -9.26
N SER B 803 54.39 -39.42 -8.71
CA SER B 803 54.47 -39.29 -7.25
C SER B 803 53.66 -38.11 -6.75
N GLN B 804 53.60 -37.02 -7.54
CA GLN B 804 52.93 -35.81 -7.10
C GLN B 804 51.41 -35.94 -7.06
N ILE B 805 50.84 -37.02 -7.62
CA ILE B 805 49.40 -37.15 -7.72
C ILE B 805 48.88 -38.32 -6.87
N LEU B 806 49.63 -39.40 -6.78
CA LEU B 806 49.18 -40.55 -6.01
C LEU B 806 49.17 -40.22 -4.52
N PRO B 807 48.24 -40.79 -3.75
CA PRO B 807 48.22 -40.53 -2.31
C PRO B 807 49.36 -41.25 -1.61
N ASP B 808 49.80 -40.68 -0.50
CA ASP B 808 50.87 -41.24 0.29
C ASP B 808 50.36 -41.61 1.68
N PRO B 809 50.61 -42.83 2.16
CA PRO B 809 50.14 -43.20 3.50
C PRO B 809 50.82 -42.44 4.63
N SER B 810 51.94 -41.78 4.38
CA SER B 810 52.64 -41.07 5.44
C SER B 810 51.80 -39.96 6.03
N LYS B 811 51.12 -39.19 5.18
CA LYS B 811 50.25 -38.14 5.67
C LYS B 811 49.03 -38.74 6.36
N PRO B 812 48.57 -38.14 7.47
CA PRO B 812 47.42 -38.72 8.18
C PRO B 812 46.14 -38.76 7.37
N SER B 813 45.93 -37.78 6.49
CA SER B 813 44.69 -37.67 5.73
C SER B 813 44.68 -38.51 4.46
N LYS B 814 45.78 -39.19 4.14
CA LYS B 814 45.88 -40.02 2.94
C LYS B 814 45.58 -39.23 1.67
N ARG B 815 46.08 -38.00 1.61
CA ARG B 815 45.88 -37.13 0.47
C ARG B 815 47.21 -36.78 -0.18
N SER B 816 47.20 -36.69 -1.51
CA SER B 816 48.40 -36.38 -2.25
C SER B 816 48.79 -34.92 -2.05
N PRO B 817 50.05 -34.56 -2.33
CA PRO B 817 50.48 -33.17 -2.11
C PRO B 817 49.64 -32.13 -2.84
N ILE B 818 49.18 -32.45 -4.04
CA ILE B 818 48.35 -31.49 -4.78
C ILE B 818 47.04 -31.24 -4.03
N GLU B 819 46.40 -32.31 -3.55
CA GLU B 819 45.15 -32.15 -2.80
C GLU B 819 45.40 -31.43 -1.49
N ASP B 820 46.53 -31.70 -0.83
CA ASP B 820 46.86 -30.99 0.40
C ASP B 820 47.03 -29.50 0.16
N LEU B 821 47.72 -29.15 -0.92
CA LEU B 821 47.88 -27.74 -1.26
C LEU B 821 46.54 -27.10 -1.58
N LEU B 822 45.67 -27.82 -2.30
CA LEU B 822 44.35 -27.29 -2.63
C LEU B 822 43.54 -27.04 -1.37
N PHE B 823 43.55 -27.98 -0.42
CA PHE B 823 42.81 -27.80 0.81
C PHE B 823 43.39 -26.64 1.62
N ASN B 824 44.71 -26.52 1.66
CA ASN B 824 45.34 -25.48 2.47
C ASN B 824 45.14 -24.09 1.87
N LYS B 825 45.01 -23.99 0.55
CA LYS B 825 44.90 -22.69 -0.07
C LYS B 825 43.54 -22.03 0.22
N VAL B 826 42.47 -22.81 0.25
CA VAL B 826 41.13 -22.26 0.52
C VAL B 826 40.98 -22.22 2.04
N THR B 827 41.42 -21.10 2.62
CA THR B 827 41.37 -20.93 4.07
C THR B 827 40.05 -20.31 4.50
N ALA B 852 27.81 -23.79 15.08
CA ALA B 852 27.74 -23.20 13.75
C ALA B 852 26.43 -22.43 13.57
N GLN B 853 25.39 -22.86 14.29
CA GLN B 853 24.09 -22.21 14.20
C GLN B 853 24.12 -20.85 14.88
N LYS B 854 23.21 -19.98 14.44
CA LYS B 854 23.08 -18.64 14.98
C LYS B 854 21.94 -18.59 15.99
N PHE B 855 21.73 -17.42 16.58
CA PHE B 855 20.63 -17.25 17.52
C PHE B 855 19.29 -17.46 16.85
N ASN B 856 19.13 -16.94 15.63
CA ASN B 856 17.92 -17.18 14.87
C ASN B 856 17.93 -18.59 14.31
N GLY B 857 16.75 -19.10 14.00
CA GLY B 857 16.67 -20.47 13.54
C GLY B 857 17.26 -20.67 12.16
N LEU B 858 18.47 -21.22 12.14
CA LEU B 858 19.17 -21.51 10.88
C LEU B 858 20.32 -22.47 11.17
N THR B 859 20.43 -23.53 10.37
CA THR B 859 21.41 -24.56 10.61
C THR B 859 22.07 -24.96 9.30
N VAL B 860 23.26 -25.52 9.41
CA VAL B 860 23.99 -26.07 8.27
C VAL B 860 24.07 -27.57 8.45
N LEU B 861 23.72 -28.31 7.40
CA LEU B 861 23.75 -29.76 7.48
C LEU B 861 25.03 -30.31 6.88
N PRO B 862 25.66 -31.30 7.53
CA PRO B 862 26.90 -31.84 7.00
C PRO B 862 26.66 -32.56 5.69
N PRO B 863 27.61 -32.52 4.76
CA PRO B 863 27.45 -33.26 3.51
C PRO B 863 27.47 -34.77 3.75
N LEU B 864 26.73 -35.48 2.91
CA LEU B 864 26.63 -36.93 3.07
C LEU B 864 27.97 -37.62 2.86
N LEU B 865 28.72 -37.21 1.85
CA LEU B 865 30.01 -37.80 1.53
C LEU B 865 31.11 -36.97 2.16
N THR B 866 31.89 -37.58 3.05
CA THR B 866 33.00 -36.86 3.66
C THR B 866 34.16 -36.73 2.68
N ASP B 867 35.01 -35.74 2.95
CA ASP B 867 36.15 -35.47 2.07
C ASP B 867 37.07 -36.68 1.98
N GLU B 868 37.16 -37.48 3.03
CA GLU B 868 37.97 -38.70 2.96
C GLU B 868 37.41 -39.68 1.94
N MET B 869 36.09 -39.85 1.92
CA MET B 869 35.49 -40.77 0.95
C MET B 869 35.58 -40.21 -0.46
N ILE B 870 35.50 -38.89 -0.62
CA ILE B 870 35.71 -38.28 -1.93
C ILE B 870 37.14 -38.54 -2.41
N ALA B 871 38.12 -38.40 -1.51
CA ALA B 871 39.50 -38.71 -1.86
C ALA B 871 39.66 -40.18 -2.22
N GLN B 872 38.94 -41.08 -1.53
CA GLN B 872 39.00 -42.48 -1.89
C GLN B 872 38.47 -42.72 -3.30
N TYR B 873 37.37 -42.07 -3.65
CA TYR B 873 36.86 -42.15 -5.02
C TYR B 873 37.89 -41.67 -6.03
N THR B 874 38.50 -40.52 -5.78
CA THR B 874 39.47 -40.00 -6.74
C THR B 874 40.67 -40.92 -6.87
N SER B 875 41.15 -41.46 -5.75
CA SER B 875 42.27 -42.40 -5.82
C SER B 875 41.91 -43.65 -6.59
N ALA B 876 40.69 -44.16 -6.42
CA ALA B 876 40.27 -45.34 -7.18
C ALA B 876 40.24 -45.04 -8.66
N LEU B 877 39.65 -43.90 -9.05
CA LEU B 877 39.61 -43.53 -10.46
C LEU B 877 41.01 -43.42 -11.04
N LEU B 878 41.92 -42.79 -10.29
CA LEU B 878 43.26 -42.53 -10.82
C LEU B 878 44.07 -43.80 -10.92
N ALA B 879 43.98 -44.68 -9.92
CA ALA B 879 44.67 -45.97 -10.02
C ALA B 879 44.12 -46.79 -11.18
N GLY B 880 42.80 -46.77 -11.39
CA GLY B 880 42.24 -47.49 -12.52
C GLY B 880 42.75 -46.97 -13.84
N THR B 881 42.79 -45.64 -14.01
CA THR B 881 43.23 -45.09 -15.29
C THR B 881 44.73 -45.27 -15.51
N ILE B 882 45.52 -45.32 -14.44
CA ILE B 882 46.94 -45.59 -14.60
C ILE B 882 47.17 -47.04 -15.00
N THR B 883 46.46 -47.97 -14.35
CA THR B 883 46.78 -49.38 -14.54
C THR B 883 46.13 -49.97 -15.79
N SER B 884 44.82 -49.78 -15.96
CA SER B 884 44.05 -50.54 -16.93
C SER B 884 43.65 -49.71 -18.16
N GLY B 885 44.32 -48.60 -18.41
CA GLY B 885 43.96 -47.80 -19.56
C GLY B 885 42.56 -47.24 -19.42
N TRP B 886 41.72 -47.49 -20.43
CA TRP B 886 40.32 -47.07 -20.38
C TRP B 886 39.36 -48.25 -20.41
N THR B 887 39.86 -49.48 -20.26
CA THR B 887 38.97 -50.64 -20.33
C THR B 887 38.06 -50.72 -19.12
N PHE B 888 38.46 -50.13 -17.99
CA PHE B 888 37.61 -50.18 -16.80
C PHE B 888 36.42 -49.24 -16.89
N GLY B 889 36.44 -48.29 -17.83
CA GLY B 889 35.29 -47.46 -18.09
C GLY B 889 34.27 -48.09 -19.02
N ALA B 890 34.58 -49.25 -19.58
CA ALA B 890 33.69 -49.98 -20.47
C ALA B 890 33.25 -51.30 -19.88
N GLY B 891 34.18 -52.15 -19.47
CA GLY B 891 33.85 -53.43 -18.89
C GLY B 891 34.71 -53.75 -17.69
N PRO B 892 35.29 -54.95 -17.68
CA PRO B 892 36.21 -55.30 -16.61
C PRO B 892 37.61 -54.76 -16.86
N ALA B 893 38.28 -54.40 -15.78
CA ALA B 893 39.61 -53.82 -15.89
C ALA B 893 40.60 -54.83 -16.44
N LEU B 894 41.37 -54.44 -17.45
CA LEU B 894 42.39 -55.27 -18.06
C LEU B 894 43.73 -54.54 -17.97
N GLN B 895 44.73 -55.21 -17.41
CA GLN B 895 46.02 -54.57 -17.22
C GLN B 895 46.73 -54.38 -18.56
N ILE B 896 47.61 -53.38 -18.59
CA ILE B 896 48.37 -53.03 -19.78
C ILE B 896 49.56 -52.16 -19.36
N PRO B 897 50.77 -52.46 -19.80
CA PRO B 897 51.92 -51.63 -19.43
C PRO B 897 51.74 -50.19 -19.90
N PHE B 898 52.20 -49.26 -19.07
CA PHE B 898 52.01 -47.84 -19.37
C PHE B 898 52.67 -47.39 -20.66
N PRO B 899 53.89 -47.79 -21.00
CA PRO B 899 54.41 -47.42 -22.34
C PRO B 899 53.53 -47.92 -23.47
N MET B 900 52.94 -49.11 -23.34
CA MET B 900 52.05 -49.60 -24.39
C MET B 900 50.77 -48.78 -24.45
N GLN B 901 50.25 -48.39 -23.28
CA GLN B 901 49.07 -47.53 -23.28
C GLN B 901 49.37 -46.18 -23.93
N MET B 902 50.54 -45.61 -23.65
CA MET B 902 50.90 -44.34 -24.27
C MET B 902 51.11 -44.50 -25.78
N ALA B 903 51.63 -45.64 -26.22
CA ALA B 903 51.73 -45.91 -27.65
C ALA B 903 50.34 -45.95 -28.28
N TYR B 904 49.39 -46.59 -27.60
CA TYR B 904 48.01 -46.59 -28.09
C TYR B 904 47.48 -45.16 -28.19
N ARG B 905 47.76 -44.34 -27.19
CA ARG B 905 47.21 -42.99 -27.19
C ARG B 905 47.83 -42.12 -28.28
N PHE B 906 49.14 -42.27 -28.54
CA PHE B 906 49.72 -41.59 -29.70
C PHE B 906 49.12 -42.08 -31.01
N ASN B 907 48.94 -43.41 -31.14
CA ASN B 907 48.33 -43.94 -32.35
C ASN B 907 46.93 -43.40 -32.54
N GLY B 908 46.24 -43.05 -31.45
CA GLY B 908 44.90 -42.52 -31.55
C GLY B 908 44.80 -41.09 -32.03
N ILE B 909 45.92 -40.37 -32.15
CA ILE B 909 45.89 -38.99 -32.61
C ILE B 909 46.64 -38.82 -33.93
N GLY B 910 46.89 -39.91 -34.65
CA GLY B 910 47.51 -39.82 -35.95
C GLY B 910 49.02 -39.80 -35.96
N VAL B 911 49.66 -40.27 -34.88
CA VAL B 911 51.12 -40.35 -34.81
C VAL B 911 51.48 -41.80 -34.51
N THR B 912 52.42 -42.34 -35.28
CA THR B 912 52.77 -43.75 -35.17
C THR B 912 53.49 -44.04 -33.86
N GLN B 913 53.61 -45.33 -33.55
CA GLN B 913 54.20 -45.76 -32.27
C GLN B 913 55.70 -45.55 -32.25
N ASN B 914 56.34 -45.41 -33.41
CA ASN B 914 57.78 -45.17 -33.46
C ASN B 914 58.17 -43.93 -32.69
N VAL B 915 57.34 -42.89 -32.74
CA VAL B 915 57.68 -41.66 -32.04
C VAL B 915 57.90 -41.92 -30.57
N LEU B 916 56.95 -42.61 -29.93
CA LEU B 916 57.10 -42.93 -28.51
C LEU B 916 58.26 -43.89 -28.28
N TYR B 917 58.38 -44.93 -29.11
CA TYR B 917 59.34 -45.98 -28.78
C TYR B 917 60.78 -45.55 -29.03
N GLU B 918 61.00 -44.49 -29.81
CA GLU B 918 62.32 -43.90 -29.96
C GLU B 918 62.48 -42.57 -29.22
N ASN B 919 61.44 -42.05 -28.56
CA ASN B 919 61.60 -40.88 -27.72
C ASN B 919 60.96 -41.10 -26.35
N GLN B 920 61.08 -42.33 -25.83
CA GLN B 920 60.47 -42.64 -24.54
C GLN B 920 61.08 -41.81 -23.42
N LYS B 921 62.40 -41.66 -23.40
CA LYS B 921 63.06 -40.93 -22.32
C LYS B 921 62.66 -39.46 -22.33
N LEU B 922 62.64 -38.83 -23.51
CA LEU B 922 62.29 -37.42 -23.59
C LEU B 922 60.88 -37.17 -23.11
N ILE B 923 59.95 -38.06 -23.47
CA ILE B 923 58.56 -37.88 -23.08
C ILE B 923 58.41 -37.98 -21.56
N ALA B 924 59.10 -38.94 -20.94
CA ALA B 924 59.06 -39.06 -19.49
C ALA B 924 59.66 -37.82 -18.82
N ASN B 925 60.78 -37.33 -19.34
CA ASN B 925 61.39 -36.13 -18.78
C ASN B 925 60.46 -34.94 -18.87
N GLN B 926 59.82 -34.75 -20.03
CA GLN B 926 58.89 -33.64 -20.19
C GLN B 926 57.68 -33.79 -19.28
N PHE B 927 57.17 -35.01 -19.14
CA PHE B 927 56.06 -35.27 -18.23
C PHE B 927 56.39 -34.84 -16.81
N ASN B 928 57.53 -35.30 -16.30
CA ASN B 928 57.92 -34.96 -14.92
C ASN B 928 58.16 -33.46 -14.78
N SER B 929 58.84 -32.85 -15.74
CA SER B 929 59.11 -31.42 -15.65
C SER B 929 57.82 -30.62 -15.65
N ALA B 930 56.87 -30.98 -16.53
CA ALA B 930 55.61 -30.25 -16.59
C ALA B 930 54.80 -30.40 -15.31
N ILE B 931 54.77 -31.60 -14.75
CA ILE B 931 53.97 -31.79 -13.54
C ILE B 931 54.61 -31.06 -12.36
N GLY B 932 55.94 -31.07 -12.27
CA GLY B 932 56.59 -30.26 -11.24
C GLY B 932 56.33 -28.78 -11.42
N LYS B 933 56.33 -28.31 -12.67
CA LYS B 933 56.06 -26.92 -12.96
C LYS B 933 54.65 -26.52 -12.55
N ILE B 934 53.66 -27.38 -12.83
CA ILE B 934 52.29 -27.03 -12.46
C ILE B 934 52.13 -27.04 -10.95
N GLN B 935 52.81 -27.98 -10.26
CA GLN B 935 52.78 -27.97 -8.80
C GLN B 935 53.34 -26.66 -8.25
N ASP B 936 54.51 -26.25 -8.76
CA ASP B 936 55.14 -25.04 -8.26
C ASP B 936 54.30 -23.80 -8.56
N SER B 937 53.71 -23.74 -9.76
CA SER B 937 52.89 -22.58 -10.11
C SER B 937 51.65 -22.51 -9.23
N LEU B 938 50.96 -23.64 -9.04
CA LEU B 938 49.77 -23.66 -8.21
C LEU B 938 50.09 -23.40 -6.75
N SER B 939 51.32 -23.67 -6.32
CA SER B 939 51.71 -23.32 -4.95
C SER B 939 52.02 -21.84 -4.81
N SER B 940 52.87 -21.31 -5.69
CA SER B 940 53.35 -19.93 -5.53
C SER B 940 52.26 -18.92 -5.87
N THR B 941 51.58 -19.11 -6.99
CA THR B 941 50.67 -18.07 -7.48
C THR B 941 49.34 -18.13 -6.75
N PRO B 942 48.90 -17.05 -6.12
CA PRO B 942 47.56 -17.02 -5.51
C PRO B 942 46.53 -16.66 -6.57
N SER B 943 45.27 -16.60 -6.12
CA SER B 943 44.14 -16.18 -6.97
C SER B 943 43.98 -17.06 -8.20
N ALA B 944 44.40 -18.32 -8.10
CA ALA B 944 44.25 -19.27 -9.20
C ALA B 944 42.91 -19.98 -9.14
N LEU B 945 42.56 -20.54 -7.99
CA LEU B 945 41.29 -21.20 -7.78
C LEU B 945 40.30 -20.23 -7.14
N GLY B 946 39.85 -19.28 -7.96
CA GLY B 946 39.00 -18.20 -7.49
C GLY B 946 37.51 -18.48 -7.52
N LYS B 947 37.09 -19.45 -8.35
CA LYS B 947 35.66 -19.72 -8.47
C LYS B 947 35.08 -20.28 -7.17
N LEU B 948 35.81 -21.18 -6.52
CA LEU B 948 35.35 -21.76 -5.27
C LEU B 948 35.23 -20.68 -4.19
N GLN B 949 36.25 -19.83 -4.09
CA GLN B 949 36.19 -18.73 -3.13
C GLN B 949 35.03 -17.78 -3.45
N ASP B 950 34.78 -17.55 -4.74
CA ASP B 950 33.68 -16.67 -5.12
C ASP B 950 32.34 -17.23 -4.67
N VAL B 951 32.10 -18.53 -4.90
CA VAL B 951 30.82 -19.09 -4.52
C VAL B 951 30.66 -19.12 -3.00
N VAL B 952 31.75 -19.41 -2.28
CA VAL B 952 31.68 -19.40 -0.83
C VAL B 952 31.35 -18.00 -0.32
N ASN B 953 31.99 -16.98 -0.89
CA ASN B 953 31.73 -15.60 -0.49
C ASN B 953 30.29 -15.21 -0.80
N GLN B 954 29.77 -15.61 -1.95
CA GLN B 954 28.39 -15.29 -2.29
C GLN B 954 27.43 -15.86 -1.26
N ASN B 955 27.59 -17.14 -0.93
CA ASN B 955 26.67 -17.76 0.04
C ASN B 955 26.80 -17.09 1.41
N ALA B 956 28.03 -16.85 1.87
CA ALA B 956 28.23 -16.25 3.18
C ALA B 956 27.64 -14.85 3.25
N GLN B 957 27.83 -14.05 2.19
CA GLN B 957 27.30 -12.70 2.19
C GLN B 957 25.78 -12.69 2.15
N ALA B 958 25.18 -13.61 1.39
CA ALA B 958 23.72 -13.70 1.37
C ALA B 958 23.18 -14.02 2.77
N LEU B 959 23.80 -14.99 3.44
CA LEU B 959 23.36 -15.33 4.79
C LEU B 959 23.55 -14.17 5.76
N ASN B 960 24.69 -13.47 5.65
CA ASN B 960 24.94 -12.33 6.53
C ASN B 960 23.91 -11.23 6.33
N THR B 961 23.57 -10.93 5.08
CA THR B 961 22.56 -9.91 4.82
C THR B 961 21.20 -10.34 5.35
N LEU B 962 20.86 -11.62 5.20
CA LEU B 962 19.58 -12.10 5.74
C LEU B 962 19.54 -11.93 7.25
N VAL B 963 20.63 -12.27 7.94
CA VAL B 963 20.65 -12.12 9.40
C VAL B 963 20.56 -10.66 9.80
N LYS B 964 21.33 -9.80 9.13
CA LYS B 964 21.34 -8.38 9.48
C LYS B 964 20.04 -7.68 9.15
N GLN B 965 19.24 -8.24 8.24
CA GLN B 965 17.94 -7.63 7.92
C GLN B 965 16.96 -7.66 9.09
N LEU B 966 17.25 -8.44 10.13
CA LEU B 966 16.34 -8.56 11.26
C LEU B 966 16.44 -7.42 12.25
N SER B 967 17.39 -6.50 12.07
CA SER B 967 17.58 -5.38 12.98
C SER B 967 16.92 -4.10 12.46
N SER B 968 15.81 -4.23 11.73
CA SER B 968 15.10 -3.09 11.19
C SER B 968 13.63 -3.17 11.60
N ASN B 969 13.06 -2.03 11.98
CA ASN B 969 11.70 -1.99 12.49
C ASN B 969 10.65 -1.93 11.39
N PHE B 970 11.04 -1.64 10.16
CA PHE B 970 10.12 -1.58 9.02
C PHE B 970 8.97 -0.61 9.28
N GLY B 971 9.28 0.54 9.88
CA GLY B 971 8.29 1.56 10.10
C GLY B 971 7.40 1.35 11.30
N ALA B 972 7.69 0.36 12.13
CA ALA B 972 6.90 0.11 13.33
C ALA B 972 7.41 0.99 14.48
N ILE B 973 6.86 0.78 15.67
CA ILE B 973 7.28 1.57 16.83
C ILE B 973 8.74 1.29 17.18
N SER B 974 9.11 0.01 17.23
CA SER B 974 10.46 -0.38 17.56
C SER B 974 10.78 -1.70 16.88
N SER B 975 12.07 -2.00 16.78
CA SER B 975 12.52 -3.23 16.14
C SER B 975 12.50 -4.43 17.08
N VAL B 976 12.18 -4.24 18.35
CA VAL B 976 12.18 -5.32 19.34
C VAL B 976 10.74 -5.72 19.60
N LEU B 977 10.38 -6.93 19.16
CA LEU B 977 9.02 -7.42 19.32
C LEU B 977 8.67 -7.57 20.80
N ASN B 978 9.64 -8.04 21.61
CA ASN B 978 9.41 -8.14 23.05
C ASN B 978 9.13 -6.77 23.66
N ASP B 979 9.90 -5.75 23.26
CA ASP B 979 9.64 -4.41 23.76
C ASP B 979 8.26 -3.91 23.36
N ILE B 980 7.86 -4.16 22.11
CA ILE B 980 6.54 -3.71 21.66
C ILE B 980 5.45 -4.38 22.48
N LEU B 981 5.55 -5.70 22.68
CA LEU B 981 4.50 -6.40 23.39
C LEU B 981 4.47 -6.02 24.86
N SER B 982 5.63 -5.79 25.46
CA SER B 982 5.69 -5.47 26.88
C SER B 982 5.36 -4.01 27.18
N ARG B 983 5.43 -3.13 26.19
CA ARG B 983 5.09 -1.73 26.42
C ARG B 983 3.69 -1.36 25.94
N LEU B 984 3.16 -2.05 24.94
CA LEU B 984 1.84 -1.75 24.40
C LEU B 984 0.94 -2.96 24.55
N ASP B 985 -0.35 -2.70 24.76
CA ASP B 985 -1.32 -3.78 24.82
C ASP B 985 -1.50 -4.41 23.43
N PRO B 986 -1.90 -5.68 23.38
CA PRO B 986 -2.01 -6.39 22.09
C PRO B 986 -2.93 -5.68 21.10
N PRO B 987 -4.09 -5.13 21.54
CA PRO B 987 -4.97 -4.47 20.55
C PRO B 987 -4.28 -3.33 19.80
N GLU B 988 -3.36 -2.62 20.44
CA GLU B 988 -2.67 -1.52 19.78
C GLU B 988 -1.28 -1.90 19.27
N ALA B 989 -0.78 -3.09 19.62
CA ALA B 989 0.51 -3.56 19.13
C ALA B 989 0.40 -4.55 17.98
N GLU B 990 -0.81 -5.06 17.70
CA GLU B 990 -0.96 -6.02 16.62
C GLU B 990 -0.59 -5.43 15.27
N VAL B 991 -0.84 -4.13 15.06
CA VAL B 991 -0.46 -3.51 13.80
C VAL B 991 1.04 -3.51 13.62
N GLN B 992 1.78 -3.16 14.67
CA GLN B 992 3.23 -3.16 14.59
C GLN B 992 3.77 -4.56 14.37
N ILE B 993 3.19 -5.55 15.05
CA ILE B 993 3.64 -6.93 14.85
C ILE B 993 3.35 -7.37 13.42
N ASP B 994 2.20 -6.95 12.87
CA ASP B 994 1.88 -7.24 11.48
C ASP B 994 2.91 -6.65 10.53
N ARG B 995 3.30 -5.40 10.77
CA ARG B 995 4.28 -4.76 9.89
C ARG B 995 5.62 -5.49 9.95
N LEU B 996 6.07 -5.84 11.16
CA LEU B 996 7.32 -6.57 11.30
C LEU B 996 7.26 -7.91 10.58
N ILE B 997 6.14 -8.62 10.74
CA ILE B 997 5.98 -9.92 10.10
C ILE B 997 6.04 -9.80 8.59
N THR B 998 5.37 -8.78 8.04
CA THR B 998 5.38 -8.59 6.59
C THR B 998 6.80 -8.32 6.09
N GLY B 999 7.52 -7.44 6.78
CA GLY B 999 8.90 -7.15 6.36
C GLY B 999 9.78 -8.38 6.38
N ARG B 1000 9.72 -9.15 7.46
CA ARG B 1000 10.57 -10.33 7.57
C ARG B 1000 10.18 -11.39 6.54
N LEU B 1001 8.87 -11.53 6.27
CA LEU B 1001 8.43 -12.47 5.24
C LEU B 1001 8.97 -12.08 3.87
N GLN B 1002 8.94 -10.78 3.56
CA GLN B 1002 9.49 -10.33 2.27
C GLN B 1002 10.99 -10.65 2.18
N SER B 1003 11.73 -10.39 3.25
CA SER B 1003 13.16 -10.69 3.25
C SER B 1003 13.42 -12.18 3.03
N LEU B 1004 12.64 -13.03 3.71
CA LEU B 1004 12.82 -14.47 3.55
C LEU B 1004 12.53 -14.91 2.12
N GLN B 1005 11.47 -14.38 1.52
CA GLN B 1005 11.15 -14.74 0.14
C GLN B 1005 12.27 -14.35 -0.81
N THR B 1006 12.81 -13.14 -0.63
CA THR B 1006 13.92 -12.70 -1.49
C THR B 1006 15.12 -13.63 -1.36
N TYR B 1007 15.48 -13.97 -0.12
CA TYR B 1007 16.62 -14.86 0.09
C TYR B 1007 16.40 -16.21 -0.57
N VAL B 1008 15.18 -16.77 -0.43
CA VAL B 1008 14.91 -18.08 -1.02
C VAL B 1008 15.04 -18.03 -2.54
N THR B 1009 14.50 -16.98 -3.17
CA THR B 1009 14.58 -16.89 -4.62
C THR B 1009 16.03 -16.79 -5.10
N GLN B 1010 16.84 -15.96 -4.44
CA GLN B 1010 18.24 -15.85 -4.84
C GLN B 1010 18.96 -17.18 -4.68
N GLN B 1011 18.67 -17.90 -3.59
CA GLN B 1011 19.30 -19.20 -3.39
C GLN B 1011 18.87 -20.19 -4.48
N LEU B 1012 17.62 -20.12 -4.92
CA LEU B 1012 17.17 -20.99 -6.00
C LEU B 1012 17.97 -20.75 -7.27
N ILE B 1013 18.18 -19.47 -7.63
CA ILE B 1013 18.93 -19.17 -8.85
C ILE B 1013 20.37 -19.69 -8.73
N ARG B 1014 21.01 -19.45 -7.57
CA ARG B 1014 22.37 -19.91 -7.39
C ARG B 1014 22.47 -21.43 -7.46
N ALA B 1015 21.50 -22.13 -6.88
CA ALA B 1015 21.49 -23.58 -6.95
C ALA B 1015 21.35 -24.07 -8.38
N ALA B 1016 20.53 -23.38 -9.19
CA ALA B 1016 20.39 -23.76 -10.59
C ALA B 1016 21.72 -23.65 -11.33
N GLU B 1017 22.44 -22.54 -11.15
CA GLU B 1017 23.69 -22.40 -11.88
C GLU B 1017 24.75 -23.40 -11.37
N ILE B 1018 24.74 -23.69 -10.07
CA ILE B 1018 25.67 -24.69 -9.54
C ILE B 1018 25.34 -26.07 -10.12
N ARG B 1019 24.05 -26.37 -10.29
CA ARG B 1019 23.67 -27.64 -10.90
C ARG B 1019 24.17 -27.75 -12.33
N ALA B 1020 24.07 -26.66 -13.09
CA ALA B 1020 24.61 -26.68 -14.45
C ALA B 1020 26.12 -26.95 -14.45
N SER B 1021 26.85 -26.28 -13.55
CA SER B 1021 28.29 -26.50 -13.47
C SER B 1021 28.61 -27.95 -13.09
N ALA B 1022 27.86 -28.52 -12.15
CA ALA B 1022 28.10 -29.90 -11.74
C ALA B 1022 27.83 -30.87 -12.88
N ASN B 1023 26.79 -30.63 -13.67
CA ASN B 1023 26.54 -31.47 -14.83
C ASN B 1023 27.70 -31.40 -15.82
N LEU B 1024 28.22 -30.19 -16.06
CA LEU B 1024 29.36 -30.07 -16.96
C LEU B 1024 30.58 -30.83 -16.42
N ALA B 1025 30.82 -30.72 -15.11
CA ALA B 1025 31.96 -31.43 -14.52
C ALA B 1025 31.80 -32.95 -14.65
N ALA B 1026 30.58 -33.45 -14.44
CA ALA B 1026 30.34 -34.89 -14.58
C ALA B 1026 30.59 -35.34 -16.01
N THR B 1027 30.13 -34.56 -16.99
CA THR B 1027 30.38 -34.91 -18.39
C THR B 1027 31.88 -34.92 -18.70
N LYS B 1028 32.61 -33.92 -18.20
CA LYS B 1028 34.05 -33.88 -18.45
C LYS B 1028 34.74 -35.08 -17.83
N MET B 1029 34.36 -35.47 -16.61
CA MET B 1029 34.96 -36.64 -15.99
C MET B 1029 34.65 -37.90 -16.79
N SER B 1030 33.41 -38.05 -17.26
CA SER B 1030 33.06 -39.25 -18.00
C SER B 1030 33.81 -39.34 -19.32
N GLU B 1031 33.99 -38.22 -20.01
CA GLU B 1031 34.52 -38.30 -21.36
C GLU B 1031 36.03 -38.14 -21.45
N CYS B 1032 36.65 -37.36 -20.55
CA CYS B 1032 38.07 -37.07 -20.68
C CYS B 1032 38.96 -37.90 -19.74
N VAL B 1033 38.43 -38.41 -18.65
CA VAL B 1033 39.22 -39.24 -17.74
C VAL B 1033 39.10 -40.72 -18.10
N LEU B 1034 37.88 -41.20 -18.28
CA LEU B 1034 37.63 -42.60 -18.61
C LEU B 1034 37.82 -42.91 -20.09
N GLY B 1035 38.50 -42.05 -20.83
CA GLY B 1035 38.71 -42.28 -22.24
C GLY B 1035 39.52 -41.16 -22.85
N GLN B 1036 39.62 -41.20 -24.18
CA GLN B 1036 40.32 -40.17 -24.94
C GLN B 1036 39.31 -39.39 -25.77
N SER B 1037 39.43 -38.07 -25.73
CA SER B 1037 38.45 -37.18 -26.34
C SER B 1037 38.97 -36.66 -27.67
N LYS B 1038 38.12 -36.70 -28.70
CA LYS B 1038 38.47 -36.20 -30.01
C LYS B 1038 37.97 -34.78 -30.26
N ARG B 1039 36.94 -34.35 -29.54
CA ARG B 1039 36.39 -33.02 -29.77
C ARG B 1039 37.40 -31.94 -29.37
N VAL B 1040 37.52 -30.93 -30.22
CA VAL B 1040 38.62 -29.98 -30.12
C VAL B 1040 38.42 -29.05 -28.95
N ASP B 1041 39.48 -28.86 -28.15
CA ASP B 1041 39.55 -27.85 -27.11
C ASP B 1041 38.48 -28.08 -26.04
N PHE B 1042 37.98 -29.30 -25.92
CA PHE B 1042 37.13 -29.64 -24.79
C PHE B 1042 37.94 -29.81 -23.52
N CYS B 1043 39.10 -30.44 -23.64
CA CYS B 1043 39.98 -30.72 -22.50
C CYS B 1043 41.40 -30.26 -22.85
N GLY B 1044 41.69 -29.00 -22.58
CA GLY B 1044 43.01 -28.45 -22.79
C GLY B 1044 43.24 -27.97 -24.22
N LYS B 1045 44.39 -27.34 -24.42
CA LYS B 1045 44.80 -26.84 -25.72
C LYS B 1045 45.86 -27.78 -26.29
N GLY B 1046 45.58 -28.35 -27.46
CA GLY B 1046 46.43 -29.33 -28.10
C GLY B 1046 45.65 -30.57 -28.40
N TYR B 1047 46.35 -31.66 -28.65
CA TYR B 1047 45.73 -32.96 -28.88
C TYR B 1047 45.71 -33.73 -27.56
N HIS B 1048 44.51 -34.01 -27.07
CA HIS B 1048 44.37 -34.58 -25.72
C HIS B 1048 44.98 -35.96 -25.65
N LEU B 1049 45.66 -36.25 -24.54
CA LEU B 1049 46.23 -37.56 -24.27
C LEU B 1049 45.63 -38.22 -23.04
N MET B 1050 45.59 -37.53 -21.89
CA MET B 1050 44.99 -38.16 -20.72
C MET B 1050 44.71 -37.12 -19.64
N SER B 1051 43.74 -37.41 -18.80
CA SER B 1051 43.35 -36.48 -17.73
C SER B 1051 43.40 -37.18 -16.38
N PHE B 1052 43.66 -36.39 -15.34
CA PHE B 1052 43.71 -36.87 -13.96
C PHE B 1052 42.82 -36.00 -13.08
N PRO B 1053 42.05 -36.60 -12.18
CA PRO B 1053 41.22 -35.81 -11.27
C PRO B 1053 41.90 -35.54 -9.94
N GLN B 1054 41.47 -34.45 -9.30
CA GLN B 1054 41.92 -34.09 -7.96
C GLN B 1054 40.75 -33.47 -7.21
N SER B 1055 40.65 -33.77 -5.92
CA SER B 1055 39.56 -33.23 -5.13
C SER B 1055 39.86 -31.79 -4.71
N ALA B 1056 38.84 -31.12 -4.21
CA ALA B 1056 38.93 -29.73 -3.80
C ALA B 1056 37.95 -29.52 -2.66
N PRO B 1057 38.01 -28.35 -1.98
CA PRO B 1057 37.02 -28.08 -0.92
C PRO B 1057 35.58 -28.27 -1.36
N HIS B 1058 35.14 -27.56 -2.39
CA HIS B 1058 33.79 -27.69 -2.93
C HIS B 1058 33.81 -27.82 -4.44
N GLY B 1059 34.75 -28.60 -4.96
CA GLY B 1059 34.84 -28.75 -6.39
C GLY B 1059 35.82 -29.83 -6.80
N VAL B 1060 36.19 -29.81 -8.08
CA VAL B 1060 37.12 -30.77 -8.65
C VAL B 1060 38.12 -30.02 -9.50
N VAL B 1061 39.31 -30.59 -9.65
CA VAL B 1061 40.38 -30.00 -10.44
C VAL B 1061 40.89 -31.04 -11.42
N PHE B 1062 40.94 -30.69 -12.70
CA PHE B 1062 41.38 -31.61 -13.74
C PHE B 1062 42.78 -31.24 -14.19
N LEU B 1063 43.60 -32.25 -14.40
CA LEU B 1063 44.94 -32.08 -14.96
C LEU B 1063 44.95 -32.75 -16.33
N HIS B 1064 45.04 -31.94 -17.38
CA HIS B 1064 44.98 -32.42 -18.75
C HIS B 1064 46.39 -32.49 -19.34
N VAL B 1065 46.79 -33.68 -19.78
CA VAL B 1065 48.06 -33.89 -20.47
C VAL B 1065 47.73 -33.99 -21.95
N THR B 1066 48.37 -33.13 -22.74
CA THR B 1066 48.09 -32.96 -24.16
C THR B 1066 49.40 -33.01 -24.94
N TYR B 1067 49.27 -32.90 -26.26
CA TYR B 1067 50.37 -32.97 -27.21
C TYR B 1067 50.34 -31.72 -28.07
N VAL B 1068 51.49 -31.08 -28.22
CA VAL B 1068 51.60 -29.82 -28.95
C VAL B 1068 52.84 -29.87 -29.84
N PRO B 1069 52.69 -29.74 -31.16
CA PRO B 1069 53.86 -29.79 -32.04
C PRO B 1069 54.68 -28.51 -31.99
N ALA B 1070 55.89 -28.59 -32.53
CA ALA B 1070 56.80 -27.45 -32.58
C ALA B 1070 57.87 -27.74 -33.63
N GLN B 1071 58.75 -26.77 -33.83
CA GLN B 1071 59.90 -26.89 -34.75
C GLN B 1071 59.45 -27.21 -36.17
N GLU B 1072 58.78 -26.23 -36.77
CA GLU B 1072 58.28 -26.36 -38.13
C GLU B 1072 59.41 -26.27 -39.14
N LYS B 1073 59.21 -26.92 -40.29
CA LYS B 1073 60.13 -26.84 -41.42
C LYS B 1073 59.34 -26.68 -42.71
N ASN B 1074 59.89 -25.87 -43.62
CA ASN B 1074 59.28 -25.64 -44.92
C ASN B 1074 59.52 -26.84 -45.84
N PHE B 1075 58.55 -27.10 -46.71
CA PHE B 1075 58.68 -28.17 -47.69
C PHE B 1075 57.83 -27.82 -48.90
N THR B 1076 58.13 -28.47 -50.02
CA THR B 1076 57.38 -28.30 -51.26
C THR B 1076 56.53 -29.55 -51.51
N THR B 1077 55.25 -29.34 -51.78
CA THR B 1077 54.29 -30.43 -51.88
C THR B 1077 53.83 -30.62 -53.32
N ALA B 1078 52.95 -31.60 -53.50
CA ALA B 1078 52.34 -31.92 -54.78
C ALA B 1078 51.13 -32.79 -54.52
N PRO B 1079 49.97 -32.49 -55.12
CA PRO B 1079 48.79 -33.32 -54.85
C PRO B 1079 48.97 -34.78 -55.23
N ALA B 1080 49.67 -35.07 -56.32
CA ALA B 1080 49.82 -36.45 -56.77
C ALA B 1080 51.07 -36.56 -57.63
N ILE B 1081 51.52 -37.80 -57.81
CA ILE B 1081 52.68 -38.12 -58.62
C ILE B 1081 52.26 -39.21 -59.60
N CYS B 1082 52.61 -39.04 -60.88
CA CYS B 1082 52.26 -40.03 -61.88
C CYS B 1082 53.52 -40.65 -62.46
N HIS B 1083 53.52 -41.98 -62.55
CA HIS B 1083 54.64 -42.76 -63.04
C HIS B 1083 54.14 -43.66 -64.15
N ASP B 1084 54.85 -43.67 -65.28
CA ASP B 1084 54.50 -44.49 -66.44
C ASP B 1084 53.09 -44.18 -66.95
N GLY B 1085 52.65 -42.93 -66.79
CA GLY B 1085 51.37 -42.52 -67.30
C GLY B 1085 50.17 -42.80 -66.42
N LYS B 1086 50.37 -43.17 -65.17
CA LYS B 1086 49.28 -43.39 -64.23
C LYS B 1086 49.56 -42.67 -62.93
N ALA B 1087 48.53 -42.04 -62.37
CA ALA B 1087 48.70 -41.20 -61.19
C ALA B 1087 48.74 -42.05 -59.92
N HIS B 1088 49.52 -41.57 -58.95
CA HIS B 1088 49.69 -42.25 -57.67
C HIS B 1088 49.30 -41.30 -56.54
N PHE B 1089 48.61 -41.84 -55.53
CA PHE B 1089 48.19 -41.07 -54.38
C PHE B 1089 48.65 -41.76 -53.11
N PRO B 1090 48.98 -41.00 -52.07
CA PRO B 1090 49.51 -41.62 -50.84
C PRO B 1090 48.40 -42.26 -50.02
N ARG B 1091 48.67 -43.47 -49.55
CA ARG B 1091 47.69 -44.18 -48.71
C ARG B 1091 47.42 -43.42 -47.43
N GLU B 1092 48.48 -42.94 -46.78
CA GLU B 1092 48.34 -42.14 -45.56
C GLU B 1092 49.61 -41.31 -45.45
N GLY B 1093 49.46 -39.99 -45.50
CA GLY B 1093 50.59 -39.10 -45.43
C GLY B 1093 50.51 -38.05 -46.51
N VAL B 1094 51.65 -37.43 -46.78
CA VAL B 1094 51.72 -36.31 -47.72
C VAL B 1094 53.09 -36.31 -48.38
N PHE B 1095 53.12 -35.95 -49.66
CA PHE B 1095 54.37 -35.83 -50.39
C PHE B 1095 55.07 -34.53 -50.00
N VAL B 1096 56.38 -34.62 -49.73
CA VAL B 1096 57.21 -33.46 -49.44
C VAL B 1096 58.50 -33.59 -50.25
N SER B 1097 59.20 -32.46 -50.38
CA SER B 1097 60.42 -32.43 -51.18
C SER B 1097 61.48 -31.60 -50.48
N ASN B 1098 62.67 -32.19 -50.33
CA ASN B 1098 63.83 -31.42 -49.89
C ASN B 1098 64.14 -30.29 -50.86
N GLY B 1099 63.92 -30.53 -52.15
CA GLY B 1099 64.27 -29.61 -53.20
C GLY B 1099 64.78 -30.35 -54.42
N THR B 1100 65.22 -31.60 -54.20
CA THR B 1100 65.70 -32.47 -55.27
C THR B 1100 64.89 -33.74 -55.39
N HIS B 1101 64.62 -34.43 -54.28
CA HIS B 1101 63.86 -35.67 -54.27
C HIS B 1101 62.57 -35.47 -53.51
N TRP B 1102 61.71 -36.48 -53.56
CA TRP B 1102 60.41 -36.44 -52.89
C TRP B 1102 60.24 -37.66 -52.00
N PHE B 1103 59.61 -37.44 -50.85
CA PHE B 1103 59.33 -38.49 -49.88
C PHE B 1103 57.88 -38.36 -49.43
N VAL B 1104 57.44 -39.36 -48.66
CA VAL B 1104 56.12 -39.34 -48.03
C VAL B 1104 56.31 -39.28 -46.52
N THR B 1105 55.62 -38.36 -45.87
CA THR B 1105 55.70 -38.22 -44.43
C THR B 1105 54.31 -38.11 -43.84
N GLN B 1106 54.18 -38.54 -42.58
CA GLN B 1106 52.93 -38.36 -41.87
C GLN B 1106 52.68 -36.88 -41.61
N ARG B 1107 51.41 -36.54 -41.38
CA ARG B 1107 51.03 -35.14 -41.25
C ARG B 1107 51.68 -34.49 -40.04
N ASN B 1108 51.69 -35.18 -38.90
CA ASN B 1108 52.04 -34.57 -37.62
C ASN B 1108 53.50 -34.75 -37.24
N PHE B 1109 54.31 -35.40 -38.07
CA PHE B 1109 55.71 -35.61 -37.74
C PHE B 1109 56.49 -35.80 -39.04
N TYR B 1110 57.75 -35.42 -39.01
CA TYR B 1110 58.61 -35.51 -40.20
C TYR B 1110 59.40 -36.81 -40.11
N GLU B 1111 58.89 -37.86 -40.74
CA GLU B 1111 59.55 -39.17 -40.81
C GLU B 1111 59.51 -39.64 -42.25
N PRO B 1112 60.43 -39.19 -43.09
CA PRO B 1112 60.36 -39.53 -44.51
C PRO B 1112 60.69 -40.99 -44.79
N GLN B 1113 60.14 -41.49 -45.89
CA GLN B 1113 60.51 -42.80 -46.43
C GLN B 1113 60.74 -42.65 -47.92
N ILE B 1114 60.77 -43.77 -48.63
CA ILE B 1114 60.90 -43.79 -50.08
C ILE B 1114 59.53 -44.09 -50.68
N ILE B 1115 59.18 -43.34 -51.72
CA ILE B 1115 57.88 -43.53 -52.37
C ILE B 1115 57.91 -44.87 -53.10
N THR B 1116 57.18 -45.85 -52.57
CA THR B 1116 57.08 -47.16 -53.18
C THR B 1116 55.64 -47.40 -53.65
N THR B 1117 55.37 -48.61 -54.11
CA THR B 1117 54.03 -49.00 -54.54
C THR B 1117 53.23 -49.65 -53.42
N ASP B 1118 53.79 -49.75 -52.22
CA ASP B 1118 53.08 -50.35 -51.09
C ASP B 1118 52.48 -49.34 -50.15
N ASN B 1119 52.97 -48.11 -50.14
CA ASN B 1119 52.39 -47.01 -49.37
C ASN B 1119 51.74 -45.99 -50.30
N THR B 1120 51.12 -46.47 -51.38
CA THR B 1120 50.61 -45.61 -52.44
C THR B 1120 49.69 -46.43 -53.32
N PHE B 1121 48.55 -45.85 -53.70
CA PHE B 1121 47.59 -46.51 -54.56
C PHE B 1121 47.41 -45.73 -55.85
N VAL B 1122 47.12 -46.47 -56.93
CA VAL B 1122 47.01 -45.92 -58.27
C VAL B 1122 45.54 -45.62 -58.57
N SER B 1123 45.29 -44.51 -59.26
CA SER B 1123 43.92 -44.14 -59.63
C SER B 1123 44.00 -43.25 -60.87
N GLY B 1124 43.69 -43.82 -62.04
CA GLY B 1124 43.61 -43.05 -63.26
C GLY B 1124 44.97 -42.68 -63.83
N ASN B 1125 44.95 -41.67 -64.68
CA ASN B 1125 46.14 -41.18 -65.37
C ASN B 1125 46.29 -39.69 -65.12
N CYS B 1126 47.53 -39.20 -65.23
CA CYS B 1126 47.83 -37.82 -64.87
C CYS B 1126 47.52 -36.90 -66.06
N ASP B 1127 46.23 -36.62 -66.22
CA ASP B 1127 45.78 -35.65 -67.21
C ASP B 1127 44.66 -34.76 -66.71
N VAL B 1128 44.17 -34.95 -65.48
CA VAL B 1128 43.04 -34.19 -64.97
C VAL B 1128 43.41 -33.51 -63.65
N VAL B 1129 44.41 -34.06 -62.96
CA VAL B 1129 44.84 -33.50 -61.68
C VAL B 1129 45.84 -32.39 -61.92
N ILE B 1130 45.76 -31.34 -61.12
CA ILE B 1130 46.59 -30.15 -61.30
C ILE B 1130 47.75 -30.18 -60.32
N GLY B 1131 48.96 -30.00 -60.83
CA GLY B 1131 50.14 -29.89 -59.99
C GLY B 1131 50.87 -31.20 -59.76
N ILE B 1132 51.06 -31.96 -60.82
CA ILE B 1132 51.71 -33.26 -60.73
C ILE B 1132 53.16 -33.13 -61.14
N VAL B 1133 54.01 -33.98 -60.58
CA VAL B 1133 55.42 -34.03 -60.93
C VAL B 1133 55.75 -35.45 -61.40
N ASN B 1134 56.95 -35.61 -61.97
CA ASN B 1134 57.25 -36.88 -62.62
C ASN B 1134 57.66 -37.95 -61.62
N ASN B 1135 58.85 -37.80 -61.01
CA ASN B 1135 59.31 -38.60 -59.87
C ASN B 1135 59.00 -40.08 -59.99
N THR B 1136 59.68 -40.79 -60.90
CA THR B 1136 59.52 -42.24 -61.01
C THR B 1136 59.48 -42.91 -59.64
N VAL B 1137 58.62 -43.91 -59.52
CA VAL B 1137 58.30 -44.53 -58.23
C VAL B 1137 59.09 -45.83 -58.09
N TYR B 1138 59.72 -46.01 -56.94
CA TYR B 1138 60.50 -47.22 -56.68
C TYR B 1138 59.59 -48.43 -56.51
N ASP B 1139 60.09 -49.60 -56.92
CA ASP B 1139 59.38 -50.86 -56.82
C ASP B 1139 60.19 -51.82 -55.95
N PRO B 1140 59.64 -52.32 -54.84
CA PRO B 1140 60.42 -53.21 -53.97
C PRO B 1140 60.44 -54.66 -54.43
N LEU B 1141 60.06 -54.91 -55.68
CA LEU B 1141 60.06 -56.25 -56.23
C LEU B 1141 61.08 -56.47 -57.35
N GLN B 1142 61.47 -55.40 -58.05
CA GLN B 1142 62.42 -55.55 -59.15
C GLN B 1142 63.76 -56.13 -58.73
N PRO B 1143 64.41 -55.68 -57.65
CA PRO B 1143 65.70 -56.29 -57.28
C PRO B 1143 65.57 -57.70 -56.70
N GLU B 1144 64.37 -58.13 -56.30
CA GLU B 1144 64.19 -59.44 -55.69
C GLU B 1144 63.74 -60.52 -56.66
N LEU B 1145 63.64 -60.22 -57.96
CA LEU B 1145 63.28 -61.25 -58.93
C LEU B 1145 64.49 -62.05 -59.42
N ASP B 1146 65.69 -61.72 -58.95
CA ASP B 1146 66.89 -62.43 -59.38
C ASP B 1146 67.10 -63.68 -58.53
N ALA C 27 -10.55 -48.53 38.81
CA ALA C 27 -10.02 -49.41 37.77
C ALA C 27 -9.99 -48.68 36.42
N TYR C 28 -8.80 -48.60 35.84
CA TYR C 28 -8.65 -47.90 34.57
C TYR C 28 -8.65 -48.87 33.40
N THR C 29 -9.32 -48.48 32.32
CA THR C 29 -9.37 -49.27 31.10
C THR C 29 -9.02 -48.39 29.91
N ASN C 30 -8.20 -48.90 29.01
CA ASN C 30 -7.71 -48.13 27.88
C ASN C 30 -8.73 -48.12 26.76
N SER C 31 -8.97 -46.94 26.19
CA SER C 31 -9.85 -46.76 25.04
C SER C 31 -8.96 -46.73 23.79
N PHE C 32 -8.97 -47.82 23.04
CA PHE C 32 -8.07 -47.95 21.89
C PHE C 32 -8.36 -46.91 20.82
N THR C 33 -9.52 -47.01 20.18
CA THR C 33 -9.87 -46.15 19.05
C THR C 33 -11.32 -45.69 19.15
N ARG C 34 -11.73 -45.27 20.35
CA ARG C 34 -13.08 -44.82 20.60
C ARG C 34 -13.10 -43.31 20.85
N GLY C 35 -14.16 -42.67 20.39
CA GLY C 35 -14.37 -41.26 20.67
C GLY C 35 -14.02 -40.35 19.51
N VAL C 36 -14.43 -40.72 18.31
CA VAL C 36 -14.22 -39.89 17.12
C VAL C 36 -15.59 -39.53 16.57
N TYR C 37 -15.87 -38.24 16.47
CA TYR C 37 -17.16 -37.73 16.03
C TYR C 37 -16.92 -36.80 14.84
N TYR C 38 -17.99 -36.51 14.12
CA TYR C 38 -17.89 -35.61 12.97
C TYR C 38 -17.77 -34.18 13.48
N PRO C 39 -16.68 -33.48 13.19
CA PRO C 39 -16.50 -32.13 13.73
C PRO C 39 -17.40 -31.11 13.06
N ASP C 40 -17.67 -31.29 11.77
CA ASP C 40 -18.37 -30.30 10.97
C ASP C 40 -19.45 -30.98 10.14
N LYS C 41 -20.44 -30.18 9.74
CA LYS C 41 -21.58 -30.66 8.96
C LYS C 41 -21.32 -30.49 7.46
N VAL C 42 -20.28 -31.17 6.99
CA VAL C 42 -19.92 -31.17 5.57
C VAL C 42 -19.76 -32.60 5.11
N PHE C 43 -19.80 -32.79 3.79
CA PHE C 43 -19.68 -34.10 3.17
C PHE C 43 -18.40 -34.15 2.35
N ARG C 44 -17.60 -35.18 2.57
CA ARG C 44 -16.36 -35.38 1.82
C ARG C 44 -16.29 -36.83 1.36
N SER C 45 -15.68 -37.04 0.20
CA SER C 45 -15.62 -38.36 -0.41
C SER C 45 -14.17 -38.72 -0.69
N SER C 46 -13.71 -39.84 -0.13
CA SER C 46 -12.41 -40.43 -0.44
C SER C 46 -11.28 -39.41 -0.29
N VAL C 47 -11.29 -38.69 0.84
CA VAL C 47 -10.28 -37.69 1.11
C VAL C 47 -9.82 -37.83 2.56
N LEU C 48 -8.61 -37.34 2.83
CA LEU C 48 -8.04 -37.29 4.16
C LEU C 48 -8.04 -35.84 4.63
N HIS C 49 -8.58 -35.60 5.81
CA HIS C 49 -8.73 -34.26 6.36
C HIS C 49 -8.07 -34.17 7.73
N SER C 50 -7.28 -33.13 7.94
CA SER C 50 -6.60 -32.88 9.21
C SER C 50 -7.28 -31.72 9.91
N THR C 51 -7.81 -31.98 11.11
CA THR C 51 -8.53 -30.95 11.86
C THR C 51 -8.04 -30.92 13.29
N GLN C 52 -7.99 -29.73 13.87
CA GLN C 52 -7.58 -29.51 15.25
C GLN C 52 -8.81 -29.18 16.07
N ASP C 53 -9.19 -30.08 16.98
CA ASP C 53 -10.38 -29.89 17.79
C ASP C 53 -10.28 -30.77 19.03
N LEU C 54 -11.32 -30.72 19.85
CA LEU C 54 -11.36 -31.44 21.11
C LEU C 54 -11.76 -32.88 20.84
N PHE C 55 -10.83 -33.82 21.06
CA PHE C 55 -11.06 -35.23 20.86
C PHE C 55 -10.54 -36.00 22.06
N LEU C 56 -10.96 -37.26 22.17
CA LEU C 56 -10.44 -38.15 23.20
C LEU C 56 -9.17 -38.82 22.69
N PRO C 57 -8.01 -38.61 23.32
CA PRO C 57 -6.76 -39.14 22.77
C PRO C 57 -6.76 -40.66 22.73
N PHE C 58 -6.11 -41.20 21.71
CA PHE C 58 -5.99 -42.64 21.58
C PHE C 58 -5.15 -43.22 22.71
N PHE C 59 -5.46 -44.47 23.06
CA PHE C 59 -4.70 -45.24 24.04
C PHE C 59 -4.55 -44.49 25.37
N SER C 60 -5.68 -43.97 25.86
CA SER C 60 -5.75 -43.36 27.18
C SER C 60 -6.69 -44.18 28.05
N ASN C 61 -6.37 -44.23 29.34
CA ASN C 61 -7.15 -45.01 30.30
C ASN C 61 -8.19 -44.14 30.99
N VAL C 62 -9.41 -44.64 31.07
CA VAL C 62 -10.53 -43.97 31.71
C VAL C 62 -11.03 -44.83 32.85
N THR C 63 -11.68 -44.19 33.82
CA THR C 63 -12.14 -44.89 35.02
C THR C 63 -13.35 -45.76 34.70
N TRP C 64 -13.50 -46.83 35.48
CA TRP C 64 -14.64 -47.74 35.38
C TRP C 64 -15.42 -47.66 36.68
N PHE C 65 -16.63 -47.11 36.62
CA PHE C 65 -17.44 -46.86 37.80
C PHE C 65 -18.53 -47.91 37.96
N HIS C 66 -18.92 -48.13 39.20
CA HIS C 66 -20.01 -49.04 39.52
C HIS C 66 -21.17 -48.31 40.16
N ASN C 81 -23.74 -43.15 42.99
CA ASN C 81 -23.27 -42.46 41.78
C ASN C 81 -22.34 -41.31 42.15
N PRO C 82 -21.04 -41.59 42.18
CA PRO C 82 -20.05 -40.55 42.45
C PRO C 82 -20.25 -39.32 41.58
N VAL C 83 -20.05 -38.15 42.18
CA VAL C 83 -20.13 -36.90 41.45
C VAL C 83 -18.94 -36.80 40.50
N LEU C 84 -19.13 -36.12 39.36
CA LEU C 84 -18.00 -36.06 38.44
C LEU C 84 -17.80 -34.67 37.88
N PRO C 85 -16.56 -34.19 37.85
CA PRO C 85 -16.28 -32.86 37.32
C PRO C 85 -16.42 -32.82 35.80
N PHE C 86 -16.24 -31.62 35.23
CA PHE C 86 -16.41 -31.41 33.80
C PHE C 86 -15.42 -30.33 33.37
N ASN C 87 -14.30 -30.76 32.79
CA ASN C 87 -13.26 -29.81 32.39
C ASN C 87 -13.58 -29.16 31.05
N ASP C 88 -13.64 -29.95 29.99
CA ASP C 88 -13.96 -29.44 28.67
C ASP C 88 -15.06 -30.23 27.97
N GLY C 89 -15.09 -31.54 28.16
CA GLY C 89 -16.10 -32.38 27.54
C GLY C 89 -16.11 -33.73 28.22
N VAL C 90 -17.09 -34.54 27.85
CA VAL C 90 -17.28 -35.85 28.47
C VAL C 90 -17.51 -36.90 27.40
N TYR C 91 -16.82 -38.03 27.51
CA TYR C 91 -17.10 -39.22 26.73
C TYR C 91 -17.67 -40.27 27.66
N PHE C 92 -18.87 -40.75 27.36
CA PHE C 92 -19.60 -41.67 28.22
C PHE C 92 -19.88 -42.96 27.46
N ALA C 93 -19.62 -44.09 28.12
CA ALA C 93 -19.85 -45.39 27.51
C ALA C 93 -20.66 -46.26 28.45
N SER C 94 -21.67 -46.93 27.91
CA SER C 94 -22.56 -47.73 28.74
C SER C 94 -22.99 -48.99 27.99
N THR C 95 -23.47 -49.96 28.74
CA THR C 95 -23.95 -51.23 28.20
C THR C 95 -25.46 -51.30 28.39
N GLU C 96 -26.20 -51.59 27.32
CA GLU C 96 -27.64 -51.43 27.36
C GLU C 96 -28.37 -52.61 28.00
N LYS C 97 -27.71 -53.74 28.23
CA LYS C 97 -28.40 -54.89 28.80
C LYS C 97 -28.83 -54.63 30.24
N SER C 98 -28.06 -53.81 30.98
CA SER C 98 -28.39 -53.57 32.38
C SER C 98 -29.67 -52.75 32.52
N ASN C 99 -29.99 -51.93 31.53
CA ASN C 99 -31.23 -51.15 31.47
C ASN C 99 -31.35 -50.12 32.59
N ILE C 100 -30.33 -49.99 33.43
CA ILE C 100 -30.30 -48.94 34.45
C ILE C 100 -29.63 -47.74 33.78
N ILE C 101 -30.45 -46.98 33.07
CA ILE C 101 -29.94 -45.96 32.16
C ILE C 101 -30.94 -44.81 32.11
N ARG C 102 -30.68 -43.82 31.25
CA ARG C 102 -31.55 -42.69 30.95
C ARG C 102 -31.64 -41.70 32.10
N GLY C 103 -30.50 -41.22 32.59
CA GLY C 103 -30.51 -40.11 33.52
C GLY C 103 -29.24 -39.30 33.58
N TRP C 104 -29.34 -37.99 33.33
CA TRP C 104 -28.19 -37.11 33.34
C TRP C 104 -28.56 -35.78 33.98
N ILE C 105 -27.66 -35.26 34.82
CA ILE C 105 -27.84 -33.94 35.42
C ILE C 105 -26.53 -33.18 35.30
N PHE C 106 -26.59 -31.96 34.79
CA PHE C 106 -25.42 -31.10 34.63
C PHE C 106 -25.66 -29.76 35.28
N GLY C 107 -24.60 -29.16 35.80
CA GLY C 107 -24.69 -27.81 36.33
C GLY C 107 -23.44 -27.42 37.07
N THR C 108 -23.49 -26.21 37.63
CA THR C 108 -22.40 -25.71 38.45
C THR C 108 -22.67 -25.88 39.94
N THR C 109 -23.90 -25.66 40.37
CA THR C 109 -24.31 -25.77 41.77
C THR C 109 -25.43 -26.80 41.89
N LEU C 110 -26.03 -26.87 43.08
CA LEU C 110 -27.07 -27.85 43.35
C LEU C 110 -28.31 -27.31 44.02
N ASP C 111 -28.27 -26.15 44.68
CA ASP C 111 -29.34 -25.69 45.56
C ASP C 111 -29.88 -24.34 45.11
N SER C 112 -30.86 -24.36 44.21
CA SER C 112 -31.65 -23.18 43.83
C SER C 112 -30.75 -22.02 43.41
N LYS C 113 -30.05 -22.24 42.31
CA LYS C 113 -29.05 -21.30 41.81
C LYS C 113 -29.09 -21.33 40.29
N THR C 114 -28.00 -20.88 39.66
CA THR C 114 -27.88 -20.80 38.21
C THR C 114 -28.41 -22.06 37.54
N GLN C 115 -29.00 -21.89 36.37
CA GLN C 115 -29.75 -22.94 35.70
C GLN C 115 -28.94 -24.22 35.57
N SER C 116 -29.66 -25.35 35.60
CA SER C 116 -29.04 -26.67 35.48
C SER C 116 -29.88 -27.53 34.55
N LEU C 117 -29.25 -28.51 33.94
CA LEU C 117 -29.93 -29.36 32.97
C LEU C 117 -30.51 -30.61 33.64
N LEU C 118 -31.31 -31.34 32.88
CA LEU C 118 -31.89 -32.61 33.33
C LEU C 118 -32.35 -33.37 32.10
N ILE C 119 -31.72 -34.51 31.84
CA ILE C 119 -32.05 -35.34 30.69
C ILE C 119 -32.51 -36.70 31.21
N VAL C 120 -33.80 -36.97 31.08
CA VAL C 120 -34.39 -38.26 31.43
C VAL C 120 -35.50 -38.56 30.43
N ASN C 121 -36.09 -39.74 30.57
CA ASN C 121 -37.28 -40.10 29.81
C ASN C 121 -37.97 -41.30 30.43
N ASN C 122 -39.29 -41.25 30.46
CA ASN C 122 -40.14 -42.29 31.03
C ASN C 122 -40.70 -43.22 29.95
N ALA C 123 -39.80 -43.97 29.33
CA ALA C 123 -40.11 -45.01 28.35
C ALA C 123 -40.82 -44.49 27.11
N THR C 124 -40.68 -43.21 26.80
CA THR C 124 -41.25 -42.62 25.59
C THR C 124 -40.34 -41.48 25.17
N ASN C 125 -40.87 -40.57 24.35
CA ASN C 125 -40.12 -39.45 23.81
C ASN C 125 -39.22 -38.82 24.86
N VAL C 126 -37.95 -38.63 24.49
CA VAL C 126 -36.96 -38.08 25.42
C VAL C 126 -37.35 -36.64 25.75
N VAL C 127 -37.37 -36.33 27.04
CA VAL C 127 -37.70 -34.99 27.52
C VAL C 127 -36.48 -34.39 28.20
N ILE C 128 -36.13 -33.18 27.80
CA ILE C 128 -35.00 -32.45 28.34
C ILE C 128 -35.58 -31.19 28.99
N LYS C 129 -35.52 -31.14 30.32
CA LYS C 129 -35.96 -29.97 31.08
C LYS C 129 -34.73 -29.30 31.65
N VAL C 130 -34.49 -28.04 31.25
CA VAL C 130 -33.42 -27.26 31.83
C VAL C 130 -34.03 -26.46 32.98
N CYS C 131 -35.29 -26.79 33.31
CA CYS C 131 -35.99 -26.11 34.38
C CYS C 131 -35.24 -26.28 35.69
N GLU C 132 -35.15 -25.19 36.46
CA GLU C 132 -34.42 -25.22 37.73
C GLU C 132 -35.13 -26.15 38.71
N PHE C 133 -34.38 -27.09 39.27
CA PHE C 133 -34.96 -28.08 40.17
C PHE C 133 -33.99 -28.38 41.31
N GLN C 134 -34.55 -28.94 42.39
CA GLN C 134 -33.76 -29.39 43.53
C GLN C 134 -33.65 -30.91 43.50
N PHE C 135 -32.44 -31.40 43.30
CA PHE C 135 -32.22 -32.82 43.07
C PHE C 135 -32.03 -33.56 44.38
N CYS C 136 -32.09 -34.89 44.29
CA CYS C 136 -31.90 -35.79 45.42
C CYS C 136 -30.68 -36.68 45.15
N ASN C 137 -30.47 -37.66 46.03
CA ASN C 137 -29.31 -38.53 45.91
C ASN C 137 -29.55 -39.64 44.89
N ASP C 138 -30.53 -40.51 45.14
CA ASP C 138 -30.85 -41.63 44.27
C ASP C 138 -32.35 -41.64 44.00
N PRO C 139 -32.82 -40.80 43.09
CA PRO C 139 -34.27 -40.74 42.76
C PRO C 139 -34.76 -41.90 41.90
N PHE C 140 -35.14 -42.99 42.57
CA PHE C 140 -35.74 -44.12 41.87
C PHE C 140 -37.15 -43.78 41.41
N LEU C 141 -37.47 -44.16 40.18
CA LEU C 141 -38.77 -43.91 39.58
C LEU C 141 -39.29 -45.17 38.91
N GLY C 142 -40.60 -45.20 38.70
CA GLY C 142 -41.24 -46.30 38.01
C GLY C 142 -41.39 -47.53 38.88
N VAL C 143 -41.68 -48.65 38.22
CA VAL C 143 -41.88 -49.91 38.90
C VAL C 143 -40.72 -50.86 38.61
N SER C 155 -46.75 -45.31 38.64
CA SER C 155 -45.37 -44.89 38.84
C SER C 155 -45.28 -43.62 39.66
N GLU C 156 -44.06 -43.16 39.92
CA GLU C 156 -43.82 -41.95 40.70
C GLU C 156 -42.76 -41.11 40.01
N PHE C 157 -42.76 -39.81 40.34
CA PHE C 157 -41.80 -38.86 39.79
C PHE C 157 -41.43 -37.90 40.92
N ARG C 158 -40.32 -38.20 41.61
CA ARG C 158 -39.91 -37.41 42.77
C ARG C 158 -38.45 -37.00 42.67
N VAL C 159 -37.97 -36.69 41.46
CA VAL C 159 -36.58 -36.24 41.30
C VAL C 159 -36.39 -34.87 41.92
N TYR C 160 -37.33 -33.96 41.68
CA TYR C 160 -37.20 -32.56 42.07
C TYR C 160 -38.05 -32.26 43.29
N SER C 161 -37.72 -31.13 43.95
CA SER C 161 -38.44 -30.66 45.11
C SER C 161 -39.06 -29.28 44.88
N SER C 162 -38.30 -28.33 44.35
CA SER C 162 -38.79 -26.99 44.11
C SER C 162 -38.29 -26.49 42.75
N ALA C 163 -39.06 -25.57 42.16
CA ALA C 163 -38.72 -24.98 40.87
C ALA C 163 -38.88 -23.47 40.96
N ASN C 164 -37.88 -22.74 40.45
CA ASN C 164 -37.92 -21.29 40.41
C ASN C 164 -38.46 -20.77 39.07
N ASN C 165 -37.78 -21.10 37.98
CA ASN C 165 -38.18 -20.68 36.66
C ASN C 165 -37.53 -21.61 35.64
N CYS C 166 -38.04 -21.58 34.42
CA CYS C 166 -37.57 -22.47 33.37
C CYS C 166 -37.47 -21.69 32.07
N THR C 167 -36.49 -22.07 31.23
CA THR C 167 -36.20 -21.33 30.02
C THR C 167 -36.19 -22.16 28.74
N PHE C 168 -36.20 -23.49 28.82
CA PHE C 168 -36.17 -24.32 27.63
C PHE C 168 -36.77 -25.67 27.95
N GLU C 169 -37.36 -26.30 26.93
CA GLU C 169 -37.98 -27.61 27.08
C GLU C 169 -37.89 -28.33 25.75
N TYR C 170 -37.24 -29.49 25.73
CA TYR C 170 -36.99 -30.23 24.50
C TYR C 170 -37.72 -31.56 24.54
N VAL C 171 -38.41 -31.90 23.46
CA VAL C 171 -39.03 -33.21 23.29
C VAL C 171 -38.54 -33.79 21.98
N SER C 172 -38.01 -35.01 22.03
CA SER C 172 -37.47 -35.62 20.83
C SER C 172 -37.74 -37.11 20.82
N GLN C 173 -37.38 -37.76 19.73
CA GLN C 173 -37.55 -39.21 19.64
C GLN C 173 -36.62 -39.92 20.62
N PRO C 174 -37.07 -41.02 21.23
CA PRO C 174 -36.20 -41.76 22.16
C PRO C 174 -34.94 -42.24 21.45
N PHE C 175 -33.84 -42.31 22.22
CA PHE C 175 -32.53 -42.66 21.67
C PHE C 175 -32.40 -44.18 21.59
N LEU C 176 -33.26 -44.77 20.76
CA LEU C 176 -33.31 -46.22 20.55
C LEU C 176 -33.49 -46.97 21.86
N LYS C 187 -27.14 -57.32 23.21
CA LYS C 187 -25.69 -57.15 23.10
C LYS C 187 -25.36 -55.81 22.42
N ASN C 188 -25.60 -54.71 23.13
CA ASN C 188 -25.50 -53.39 22.54
C ASN C 188 -24.85 -52.39 23.49
N LEU C 189 -24.08 -51.48 22.89
CA LEU C 189 -23.26 -50.51 23.60
C LEU C 189 -23.67 -49.10 23.18
N ARG C 190 -23.77 -48.20 24.16
CA ARG C 190 -24.06 -46.79 23.92
C ARG C 190 -22.78 -45.99 24.09
N GLU C 191 -22.51 -45.10 23.13
CA GLU C 191 -21.41 -44.14 23.23
C GLU C 191 -21.95 -42.74 23.06
N PHE C 192 -21.72 -41.89 24.04
CA PHE C 192 -22.16 -40.50 24.05
C PHE C 192 -20.96 -39.57 24.18
N VAL C 193 -21.06 -38.40 23.58
CA VAL C 193 -20.10 -37.32 23.76
C VAL C 193 -20.86 -36.04 24.03
N PHE C 194 -20.54 -35.39 25.15
CA PHE C 194 -21.15 -34.13 25.54
C PHE C 194 -20.11 -33.03 25.47
N LYS C 195 -20.42 -31.97 24.72
CA LYS C 195 -19.52 -30.84 24.55
C LYS C 195 -20.30 -29.54 24.71
N ASN C 196 -19.61 -28.52 25.23
CA ASN C 196 -20.23 -27.22 25.49
C ASN C 196 -19.27 -26.12 25.10
N ILE C 197 -19.71 -25.22 24.24
CA ILE C 197 -18.91 -24.07 23.84
C ILE C 197 -19.83 -23.03 23.21
N ASP C 198 -19.58 -21.76 23.54
CA ASP C 198 -20.25 -20.61 22.92
C ASP C 198 -21.77 -20.74 23.01
N GLY C 199 -22.26 -21.17 24.18
CA GLY C 199 -23.69 -21.24 24.41
C GLY C 199 -24.39 -22.40 23.76
N TYR C 200 -23.66 -23.33 23.15
CA TYR C 200 -24.23 -24.50 22.51
C TYR C 200 -23.92 -25.73 23.34
N PHE C 201 -24.89 -26.63 23.44
CA PHE C 201 -24.69 -27.94 24.05
C PHE C 201 -24.86 -28.99 22.96
N LYS C 202 -23.79 -29.70 22.64
CA LYS C 202 -23.80 -30.69 21.57
C LYS C 202 -23.68 -32.07 22.17
N ILE C 203 -24.62 -32.95 21.79
CA ILE C 203 -24.68 -34.32 22.27
C ILE C 203 -24.63 -35.24 21.07
N TYR C 204 -23.52 -35.97 20.94
CA TYR C 204 -23.32 -36.95 19.88
C TYR C 204 -23.57 -38.33 20.46
N SER C 205 -24.34 -39.15 19.74
CA SER C 205 -24.76 -40.44 20.26
C SER C 205 -24.53 -41.52 19.22
N LYS C 206 -24.30 -42.74 19.69
CA LYS C 206 -24.25 -43.90 18.81
C LYS C 206 -24.62 -45.15 19.58
N HIS C 207 -25.44 -46.00 18.95
CA HIS C 207 -25.85 -47.28 19.49
C HIS C 207 -25.28 -48.36 18.59
N THR C 208 -24.46 -49.26 19.15
CA THR C 208 -23.80 -50.24 18.31
C THR C 208 -24.03 -51.66 18.83
N PRO C 209 -24.32 -52.61 17.96
CA PRO C 209 -24.39 -54.02 18.39
C PRO C 209 -23.02 -54.66 18.37
N ILE C 210 -22.72 -55.44 19.41
CA ILE C 210 -21.43 -56.08 19.57
C ILE C 210 -21.64 -57.57 19.81
N ASN C 211 -20.64 -58.36 19.46
CA ASN C 211 -20.66 -59.78 19.75
C ASN C 211 -19.93 -60.11 21.05
N LEU C 212 -18.82 -59.44 21.30
CA LEU C 212 -18.11 -59.60 22.56
C LEU C 212 -18.86 -58.90 23.69
N VAL C 213 -18.68 -59.41 24.90
CA VAL C 213 -19.39 -58.89 26.07
C VAL C 213 -18.46 -58.42 27.16
N ARG C 214 -17.20 -58.84 27.19
CA ARG C 214 -16.31 -58.54 28.31
C ARG C 214 -16.01 -57.05 28.40
N ASP C 215 -15.42 -56.49 27.35
CA ASP C 215 -14.96 -55.11 27.41
C ASP C 215 -15.10 -54.48 26.02
N LEU C 216 -14.44 -53.35 25.82
CA LEU C 216 -14.55 -52.61 24.57
C LEU C 216 -13.91 -53.40 23.43
N PRO C 217 -14.63 -53.68 22.35
CA PRO C 217 -14.02 -54.42 21.24
C PRO C 217 -13.01 -53.58 20.48
N GLN C 218 -12.10 -54.27 19.80
CA GLN C 218 -11.10 -53.62 18.96
C GLN C 218 -11.76 -53.23 17.65
N GLY C 219 -12.12 -51.96 17.52
CA GLY C 219 -12.77 -51.48 16.32
C GLY C 219 -12.91 -49.97 16.37
N PHE C 220 -13.39 -49.42 15.27
CA PHE C 220 -13.53 -47.97 15.13
C PHE C 220 -14.94 -47.66 14.66
N SER C 221 -15.60 -46.71 15.33
CA SER C 221 -16.94 -46.30 14.97
C SER C 221 -17.06 -44.79 15.14
N ALA C 222 -17.67 -44.13 14.17
CA ALA C 222 -17.87 -42.69 14.22
C ALA C 222 -19.07 -42.35 15.10
N LEU C 223 -19.22 -41.06 15.38
CA LEU C 223 -20.29 -40.57 16.26
C LEU C 223 -21.10 -39.51 15.51
N GLU C 224 -22.27 -39.89 15.02
CA GLU C 224 -23.14 -38.95 14.34
C GLU C 224 -23.78 -38.01 15.35
N PRO C 225 -23.80 -36.70 15.12
CA PRO C 225 -24.46 -35.80 16.06
C PRO C 225 -25.95 -36.08 16.13
N LEU C 226 -26.52 -35.93 17.31
CA LEU C 226 -27.91 -36.29 17.48
C LEU C 226 -28.72 -35.17 18.15
N VAL C 227 -28.10 -34.39 19.03
CA VAL C 227 -28.81 -33.35 19.75
C VAL C 227 -27.97 -32.07 19.78
N ASP C 228 -28.61 -30.94 19.50
CA ASP C 228 -27.99 -29.63 19.66
C ASP C 228 -28.97 -28.73 20.38
N LEU C 229 -28.53 -28.13 21.48
CA LEU C 229 -29.41 -27.30 22.30
C LEU C 229 -28.80 -25.93 22.53
N PRO C 230 -29.54 -24.85 22.25
CA PRO C 230 -29.08 -23.52 22.66
C PRO C 230 -29.50 -23.20 24.10
N ILE C 231 -28.53 -23.10 25.01
CA ILE C 231 -28.81 -22.83 26.41
C ILE C 231 -28.06 -21.60 26.92
N GLY C 232 -26.78 -21.48 26.61
CA GLY C 232 -26.01 -20.32 27.02
C GLY C 232 -25.68 -20.26 28.50
N ILE C 233 -25.49 -21.40 29.15
CA ILE C 233 -25.08 -21.43 30.55
C ILE C 233 -23.74 -22.16 30.65
N ASN C 234 -23.20 -22.26 31.87
CA ASN C 234 -21.94 -22.92 32.12
C ASN C 234 -22.15 -24.19 32.93
N ILE C 235 -21.39 -25.23 32.60
CA ILE C 235 -21.47 -26.52 33.26
C ILE C 235 -20.12 -26.85 33.88
N THR C 236 -20.14 -27.27 35.14
CA THR C 236 -18.90 -27.53 35.86
C THR C 236 -18.86 -28.96 36.39
N ARG C 237 -20.02 -29.56 36.65
CA ARG C 237 -20.05 -30.84 37.34
C ARG C 237 -21.35 -31.54 36.98
N PHE C 238 -21.38 -32.85 37.19
CA PHE C 238 -22.54 -33.60 36.72
C PHE C 238 -22.71 -34.93 37.47
N GLN C 239 -23.90 -35.48 37.29
CA GLN C 239 -24.40 -36.71 37.89
C GLN C 239 -24.97 -37.61 36.81
N THR C 240 -24.68 -38.91 36.92
CA THR C 240 -25.42 -39.93 36.19
C THR C 240 -26.45 -40.55 37.11
N LEU C 241 -27.57 -40.98 36.53
CA LEU C 241 -28.69 -41.47 37.32
C LEU C 241 -29.02 -42.91 36.94
N LEU C 242 -29.94 -43.49 37.71
CA LEU C 242 -30.36 -44.86 37.49
C LEU C 242 -31.31 -44.95 36.30
N ALA C 263 -24.01 -49.31 37.29
CA ALA C 263 -23.24 -50.46 37.74
C ALA C 263 -22.05 -50.70 36.84
N ALA C 264 -22.15 -50.25 35.58
CA ALA C 264 -21.07 -50.43 34.61
C ALA C 264 -21.17 -49.31 33.58
N TYR C 265 -20.34 -48.29 33.74
CA TYR C 265 -20.23 -47.23 32.76
C TYR C 265 -18.85 -46.59 32.86
N TYR C 266 -18.34 -46.12 31.72
CA TYR C 266 -17.02 -45.53 31.64
C TYR C 266 -17.13 -44.04 31.30
N VAL C 267 -16.29 -43.23 31.92
CA VAL C 267 -16.26 -41.79 31.69
C VAL C 267 -14.83 -41.36 31.37
N GLY C 268 -14.68 -40.53 30.34
CA GLY C 268 -13.39 -40.02 29.95
C GLY C 268 -13.45 -38.55 29.60
N TYR C 269 -12.30 -37.90 29.67
CA TYR C 269 -12.19 -36.46 29.51
C TYR C 269 -11.52 -36.09 28.20
N LEU C 270 -11.71 -34.83 27.80
CA LEU C 270 -11.24 -34.32 26.52
C LEU C 270 -10.29 -33.16 26.72
N GLN C 271 -9.28 -33.08 25.86
CA GLN C 271 -8.42 -31.92 25.71
C GLN C 271 -8.07 -31.78 24.24
N PRO C 272 -7.78 -30.56 23.77
CA PRO C 272 -7.64 -30.34 22.33
C PRO C 272 -6.49 -31.15 21.73
N ARG C 273 -6.71 -31.62 20.51
CA ARG C 273 -5.74 -32.45 19.79
C ARG C 273 -5.86 -32.15 18.30
N THR C 274 -5.05 -32.84 17.50
CA THR C 274 -5.11 -32.78 16.05
C THR C 274 -5.30 -34.19 15.52
N PHE C 275 -6.26 -34.36 14.62
CA PHE C 275 -6.61 -35.66 14.09
C PHE C 275 -6.59 -35.63 12.57
N LEU C 276 -6.29 -36.78 11.98
CA LEU C 276 -6.34 -36.99 10.53
C LEU C 276 -7.36 -38.08 10.27
N LEU C 277 -8.45 -37.72 9.60
CA LEU C 277 -9.57 -38.64 9.35
C LEU C 277 -9.65 -38.98 7.88
N LYS C 278 -9.97 -40.23 7.58
CA LYS C 278 -10.16 -40.68 6.20
C LYS C 278 -11.64 -40.93 5.94
N TYR C 279 -12.15 -40.36 4.85
CA TYR C 279 -13.53 -40.56 4.47
C TYR C 279 -13.63 -41.60 3.34
N ASN C 280 -14.73 -42.34 3.33
CA ASN C 280 -14.97 -43.33 2.29
C ASN C 280 -15.43 -42.64 1.01
N GLU C 281 -15.85 -43.43 0.03
CA GLU C 281 -16.54 -42.87 -1.13
C GLU C 281 -17.87 -42.24 -0.73
N ASN C 282 -18.46 -42.73 0.36
CA ASN C 282 -19.62 -42.10 0.97
C ASN C 282 -19.13 -41.08 2.00
N GLY C 283 -20.05 -40.56 2.81
CA GLY C 283 -19.69 -39.56 3.79
C GLY C 283 -19.23 -40.10 5.13
N THR C 284 -19.07 -41.40 5.28
CA THR C 284 -18.72 -42.01 6.56
C THR C 284 -17.22 -41.90 6.81
N ILE C 285 -16.84 -42.14 8.06
CA ILE C 285 -15.45 -42.11 8.51
C ILE C 285 -15.00 -43.54 8.76
N THR C 286 -13.83 -43.90 8.22
CA THR C 286 -13.29 -45.24 8.35
C THR C 286 -12.14 -45.34 9.34
N ASP C 287 -11.20 -44.39 9.30
CA ASP C 287 -10.04 -44.47 10.17
C ASP C 287 -9.58 -43.07 10.54
N ALA C 288 -8.83 -42.99 11.64
CA ALA C 288 -8.31 -41.73 12.14
C ALA C 288 -6.94 -41.96 12.75
N VAL C 289 -6.14 -40.89 12.79
CA VAL C 289 -4.78 -40.93 13.32
C VAL C 289 -4.57 -39.70 14.18
N ASP C 290 -4.04 -39.91 15.39
CA ASP C 290 -3.78 -38.82 16.32
C ASP C 290 -2.39 -38.26 16.08
N CYS C 291 -2.30 -36.94 15.87
CA CYS C 291 -1.01 -36.34 15.49
C CYS C 291 -0.04 -36.31 16.65
N ALA C 292 -0.49 -35.94 17.84
CA ALA C 292 0.36 -35.84 19.02
C ALA C 292 0.55 -37.23 19.61
N LEU C 293 1.39 -38.03 18.97
CA LEU C 293 1.56 -39.43 19.34
C LEU C 293 2.92 -39.92 18.84
N ASP C 294 3.07 -41.23 18.72
CA ASP C 294 4.28 -41.84 18.19
C ASP C 294 4.81 -41.05 16.99
N PRO C 295 6.14 -40.88 16.87
CA PRO C 295 6.71 -40.19 15.71
C PRO C 295 6.22 -40.73 14.38
N LEU C 296 5.85 -42.01 14.33
CA LEU C 296 5.25 -42.56 13.11
C LEU C 296 3.95 -41.82 12.80
N SER C 297 3.10 -41.61 13.80
CA SER C 297 1.86 -40.87 13.63
C SER C 297 2.16 -39.42 13.27
N GLU C 298 3.20 -38.85 13.85
CA GLU C 298 3.58 -37.48 13.51
C GLU C 298 3.95 -37.38 12.03
N THR C 299 4.75 -38.33 11.53
CA THR C 299 5.13 -38.31 10.12
C THR C 299 3.93 -38.54 9.22
N LYS C 300 3.01 -39.42 9.64
CA LYS C 300 1.79 -39.61 8.87
C LYS C 300 1.00 -38.31 8.76
N CYS C 301 0.90 -37.57 9.87
CA CYS C 301 0.22 -36.28 9.84
C CYS C 301 0.92 -35.31 8.91
N THR C 302 2.25 -35.25 8.98
CA THR C 302 2.98 -34.29 8.14
C THR C 302 2.86 -34.63 6.67
N LEU C 303 2.87 -35.92 6.32
CA LEU C 303 2.80 -36.34 4.93
C LEU C 303 1.38 -36.46 4.40
N LYS C 304 0.37 -36.33 5.26
CA LYS C 304 -1.03 -36.38 4.83
C LYS C 304 -1.37 -37.69 4.12
N SER C 305 -0.90 -38.79 4.69
CA SER C 305 -1.19 -40.11 4.15
C SER C 305 -1.09 -41.13 5.27
N PHE C 306 -1.69 -42.30 5.03
CA PHE C 306 -1.70 -43.36 6.01
C PHE C 306 -0.58 -44.37 5.80
N THR C 307 -0.01 -44.44 4.61
CA THR C 307 1.08 -45.34 4.30
C THR C 307 2.34 -44.53 4.06
N VAL C 308 3.42 -44.88 4.75
CA VAL C 308 4.70 -44.19 4.67
C VAL C 308 5.75 -45.16 4.15
N GLU C 309 6.45 -44.75 3.10
CA GLU C 309 7.48 -45.57 2.49
C GLU C 309 8.84 -45.29 3.13
N LYS C 310 9.81 -46.16 2.82
CA LYS C 310 11.13 -46.06 3.42
C LYS C 310 11.79 -44.73 3.08
N GLY C 311 12.38 -44.09 4.08
CA GLY C 311 13.06 -42.84 3.88
C GLY C 311 13.28 -42.13 5.20
N ILE C 312 13.76 -40.89 5.08
CA ILE C 312 13.95 -40.00 6.22
C ILE C 312 13.12 -38.75 6.00
N TYR C 313 12.33 -38.37 7.01
CA TYR C 313 11.45 -37.22 6.91
C TYR C 313 11.66 -36.32 8.12
N GLN C 314 11.44 -35.02 7.92
CA GLN C 314 11.56 -34.04 8.98
C GLN C 314 10.17 -33.71 9.52
N THR C 315 10.00 -33.85 10.83
CA THR C 315 8.71 -33.64 11.47
C THR C 315 8.59 -32.25 12.08
N SER C 316 9.51 -31.87 12.95
CA SER C 316 9.44 -30.59 13.63
C SER C 316 10.83 -30.23 14.14
N ASN C 317 10.89 -29.23 15.01
CA ASN C 317 12.12 -28.83 15.68
C ASN C 317 11.88 -28.73 17.17
N PHE C 318 12.98 -28.71 17.93
CA PHE C 318 12.93 -28.64 19.38
C PHE C 318 13.91 -27.57 19.85
N ARG C 319 13.68 -27.11 21.07
CA ARG C 319 14.58 -26.22 21.78
C ARG C 319 14.46 -26.52 23.26
N VAL C 320 15.58 -26.42 23.97
CA VAL C 320 15.54 -26.62 25.42
C VAL C 320 15.04 -25.34 26.08
N GLN C 321 13.96 -25.45 26.85
CA GLN C 321 13.31 -24.29 27.41
C GLN C 321 14.09 -23.74 28.60
N PRO C 322 14.00 -22.44 28.86
CA PRO C 322 14.66 -21.87 30.04
C PRO C 322 14.06 -22.43 31.32
N THR C 323 14.91 -22.54 32.34
CA THR C 323 14.48 -23.08 33.63
C THR C 323 14.03 -21.98 34.58
N GLU C 324 14.91 -21.02 34.84
CA GLU C 324 14.62 -19.97 35.81
C GLU C 324 15.23 -18.65 35.32
N SER C 325 14.95 -17.60 36.08
CA SER C 325 15.38 -16.24 35.75
C SER C 325 16.29 -15.70 36.83
N ILE C 326 17.36 -15.02 36.41
CA ILE C 326 18.33 -14.42 37.32
C ILE C 326 18.45 -12.94 37.00
N VAL C 327 18.54 -12.13 38.06
CA VAL C 327 18.74 -10.69 37.96
C VAL C 327 19.96 -10.35 38.80
N ARG C 328 20.79 -9.42 38.30
CA ARG C 328 22.00 -9.03 39.00
C ARG C 328 22.24 -7.55 38.74
N PHE C 329 22.11 -6.74 39.79
CA PHE C 329 22.33 -5.31 39.74
C PHE C 329 23.29 -4.93 40.85
N PRO C 330 24.02 -3.82 40.70
CA PRO C 330 24.94 -3.40 41.76
C PRO C 330 24.20 -3.13 43.06
N ASN C 331 24.86 -3.44 44.18
CA ASN C 331 24.23 -3.30 45.48
C ASN C 331 23.76 -1.87 45.72
N ILE C 332 24.65 -0.91 45.54
CA ILE C 332 24.27 0.50 45.62
C ILE C 332 25.28 1.33 44.83
N THR C 333 24.79 2.23 43.98
CA THR C 333 25.65 3.14 43.25
C THR C 333 25.85 4.44 44.01
N ASN C 334 24.76 5.16 44.26
CA ASN C 334 24.78 6.42 45.01
C ASN C 334 23.34 6.85 45.23
N LEU C 335 23.16 7.78 46.17
CA LEU C 335 21.85 8.38 46.38
C LEU C 335 21.53 9.34 45.22
N CYS C 336 20.26 9.38 44.85
CA CYS C 336 19.87 10.24 43.74
C CYS C 336 19.71 11.68 44.22
N PRO C 337 19.93 12.65 43.32
CA PRO C 337 19.66 14.05 43.67
C PRO C 337 18.19 14.39 43.61
N PHE C 338 17.35 13.35 43.59
CA PHE C 338 15.90 13.53 43.44
C PHE C 338 15.32 14.42 44.53
N GLY C 339 15.88 14.36 45.75
CA GLY C 339 15.41 15.24 46.80
C GLY C 339 15.66 16.71 46.50
N GLU C 340 16.78 17.01 45.82
CA GLU C 340 17.07 18.40 45.46
C GLU C 340 16.05 18.95 44.48
N VAL C 341 15.58 18.11 43.56
CA VAL C 341 14.59 18.57 42.59
C VAL C 341 13.30 18.97 43.29
N PHE C 342 12.86 18.17 44.27
CA PHE C 342 11.63 18.50 44.98
C PHE C 342 11.81 19.66 45.95
N ASN C 343 12.97 19.76 46.61
CA ASN C 343 13.13 20.78 47.65
C ASN C 343 14.34 21.66 47.40
N ALA C 344 14.48 22.18 46.17
CA ALA C 344 15.51 23.15 45.86
C ALA C 344 15.06 24.53 46.33
N THR C 345 15.82 25.57 45.97
CA THR C 345 15.55 26.92 46.40
C THR C 345 15.08 27.83 45.28
N ARG C 346 15.84 27.93 44.19
CA ARG C 346 15.50 28.81 43.07
C ARG C 346 15.04 27.96 41.89
N PHE C 347 13.89 28.34 41.33
CA PHE C 347 13.32 27.66 40.18
C PHE C 347 13.15 28.62 39.01
N ALA C 348 12.97 28.07 37.83
CA ALA C 348 12.75 28.85 36.62
C ALA C 348 11.27 28.92 36.30
N SER C 349 10.85 30.03 35.70
CA SER C 349 9.46 30.22 35.33
C SER C 349 9.11 29.32 34.14
N VAL C 350 7.82 29.26 33.83
CA VAL C 350 7.35 28.30 32.83
C VAL C 350 7.74 28.74 31.42
N TYR C 351 7.98 30.03 31.21
CA TYR C 351 8.36 30.50 29.88
C TYR C 351 9.68 29.87 29.45
N ALA C 352 10.64 29.75 30.36
CA ALA C 352 11.89 29.04 30.14
C ALA C 352 11.92 27.90 31.15
N TRP C 353 11.30 26.78 30.79
CA TRP C 353 11.22 25.63 31.68
C TRP C 353 12.57 24.94 31.79
N ASN C 354 12.98 24.65 33.02
CA ASN C 354 14.25 24.01 33.29
C ASN C 354 14.06 22.50 33.49
N ARG C 355 15.09 21.74 33.15
CA ARG C 355 15.06 20.29 33.18
C ARG C 355 16.29 19.74 33.87
N LYS C 356 16.18 18.51 34.34
CA LYS C 356 17.30 17.79 34.95
C LYS C 356 17.09 16.31 34.72
N ARG C 357 18.04 15.67 34.05
CA ARG C 357 17.97 14.23 33.86
C ARG C 357 18.70 13.53 34.99
N ILE C 358 18.07 12.48 35.53
CA ILE C 358 18.63 11.75 36.65
C ILE C 358 19.66 10.76 36.13
N SER C 359 20.87 10.82 36.67
CA SER C 359 21.96 9.96 36.23
C SER C 359 21.81 8.57 36.84
N ASN C 360 22.85 7.75 36.72
CA ASN C 360 22.80 6.39 37.22
C ASN C 360 22.82 6.40 38.75
N CYS C 361 21.67 6.12 39.35
CA CYS C 361 21.57 6.00 40.80
C CYS C 361 20.40 5.09 41.14
N VAL C 362 20.45 4.53 42.35
CA VAL C 362 19.37 3.64 42.79
C VAL C 362 18.13 4.47 43.06
N ALA C 363 17.02 4.10 42.43
CA ALA C 363 15.78 4.86 42.55
C ALA C 363 15.28 4.84 43.99
N ASP C 364 14.92 6.02 44.50
CA ASP C 364 14.38 6.18 45.84
C ASP C 364 13.00 6.81 45.69
N TYR C 365 12.00 5.94 45.51
CA TYR C 365 10.64 6.38 45.22
C TYR C 365 9.64 6.05 46.31
N SER C 366 10.04 5.34 47.36
CA SER C 366 9.12 4.99 48.43
C SER C 366 8.63 6.23 49.18
N VAL C 367 9.45 7.29 49.23
CA VAL C 367 9.07 8.51 49.92
C VAL C 367 8.17 9.42 49.11
N LEU C 368 7.81 9.01 47.89
CA LEU C 368 6.98 9.84 47.01
C LEU C 368 5.50 9.68 47.32
N TYR C 369 4.98 8.45 47.21
CA TYR C 369 3.58 8.21 47.49
C TYR C 369 3.26 8.29 48.97
N ASN C 370 4.27 8.22 49.84
CA ASN C 370 4.08 8.30 51.27
C ASN C 370 4.06 9.72 51.80
N SER C 371 4.39 10.71 50.98
CA SER C 371 4.43 12.10 51.42
C SER C 371 3.02 12.65 51.52
N ALA C 372 2.71 13.26 52.68
CA ALA C 372 1.40 13.85 52.90
C ALA C 372 1.28 15.25 52.31
N SER C 373 2.38 15.86 51.88
CA SER C 373 2.32 17.18 51.27
C SER C 373 1.72 17.13 49.87
N PHE C 374 1.83 15.98 49.20
CA PHE C 374 1.29 15.83 47.86
C PHE C 374 -0.22 15.64 47.92
N SER C 375 -0.92 16.31 46.99
CA SER C 375 -2.37 16.15 46.88
C SER C 375 -2.84 16.02 45.44
N THR C 376 -1.93 16.01 44.46
CA THR C 376 -2.26 15.90 43.04
C THR C 376 -1.39 14.84 42.38
N PHE C 377 -1.30 13.68 43.02
CA PHE C 377 -0.48 12.58 42.52
C PHE C 377 -1.23 11.69 41.54
N LYS C 378 -1.81 12.31 40.51
CA LYS C 378 -2.54 11.62 39.47
C LYS C 378 -1.74 11.65 38.18
N CYS C 379 -1.59 10.49 37.55
CA CYS C 379 -0.84 10.41 36.30
C CYS C 379 -1.29 9.18 35.52
N TYR C 380 -1.00 9.19 34.23
CA TYR C 380 -1.38 8.12 33.31
C TYR C 380 -0.13 7.43 32.76
N GLY C 381 -0.10 6.11 32.86
CA GLY C 381 1.06 5.35 32.42
C GLY C 381 1.25 4.08 33.21
N VAL C 382 2.44 3.88 33.76
CA VAL C 382 2.69 2.71 34.60
C VAL C 382 1.90 2.83 35.90
N SER C 383 1.77 1.71 36.59
CA SER C 383 1.04 1.69 37.86
C SER C 383 1.77 2.52 38.89
N PRO C 384 1.05 3.30 39.71
CA PRO C 384 1.69 4.15 40.71
C PRO C 384 2.22 3.40 41.93
N THR C 385 2.18 2.06 41.93
CA THR C 385 2.63 1.27 43.06
C THR C 385 3.87 0.42 42.76
N LYS C 386 4.07 0.02 41.51
CA LYS C 386 5.24 -0.77 41.14
C LYS C 386 6.39 0.13 40.68
N LEU C 387 6.73 1.12 41.51
CA LEU C 387 7.76 2.08 41.14
C LEU C 387 9.16 1.50 41.28
N ASN C 388 9.39 0.62 42.25
CA ASN C 388 10.69 0.00 42.43
C ASN C 388 10.95 -1.13 41.45
N ASP C 389 9.95 -1.53 40.66
CA ASP C 389 10.10 -2.60 39.68
C ASP C 389 10.18 -2.08 38.25
N LEU C 390 10.55 -0.81 38.08
CA LEU C 390 10.65 -0.19 36.77
C LEU C 390 12.12 0.02 36.41
N CYS C 391 12.43 -0.17 35.12
CA CYS C 391 13.79 -0.14 34.62
C CYS C 391 13.89 0.74 33.37
N PHE C 392 13.33 1.93 33.44
CA PHE C 392 13.41 2.86 32.33
C PHE C 392 14.85 3.30 32.09
N THR C 393 15.18 3.53 30.81
CA THR C 393 16.55 3.86 30.44
C THR C 393 16.98 5.20 31.03
N ASN C 394 16.16 6.23 30.84
CA ASN C 394 16.49 7.56 31.32
C ASN C 394 15.22 8.27 31.79
N VAL C 395 15.37 9.04 32.85
CA VAL C 395 14.27 9.77 33.47
C VAL C 395 14.64 11.24 33.57
N TYR C 396 13.70 12.11 33.19
CA TYR C 396 13.87 13.55 33.20
C TYR C 396 12.86 14.17 34.15
N ALA C 397 13.26 15.25 34.81
CA ALA C 397 12.38 16.04 35.66
C ALA C 397 12.33 17.46 35.11
N ASP C 398 11.14 17.93 34.79
CA ASP C 398 10.92 19.24 34.19
C ASP C 398 10.12 20.08 35.17
N SER C 399 10.60 21.29 35.48
CA SER C 399 9.99 22.10 36.52
C SER C 399 9.50 23.42 35.97
N PHE C 400 8.36 23.88 36.51
CA PHE C 400 7.84 25.19 36.15
C PHE C 400 6.92 25.67 37.27
N VAL C 401 6.50 26.94 37.16
CA VAL C 401 5.86 27.63 38.27
C VAL C 401 4.47 28.10 37.85
N ILE C 402 3.77 27.30 37.02
CA ILE C 402 2.41 27.66 36.64
C ILE C 402 1.54 27.73 37.90
N ARG C 403 0.57 28.65 37.87
CA ARG C 403 -0.13 29.10 39.07
C ARG C 403 -1.58 28.62 39.05
N GLY C 404 -2.10 28.28 40.23
CA GLY C 404 -3.49 28.04 40.53
C GLY C 404 -4.12 26.94 39.69
N ASP C 405 -5.33 27.24 39.20
CA ASP C 405 -6.15 26.28 38.47
C ASP C 405 -5.60 25.94 37.09
N GLU C 406 -4.58 26.66 36.63
CA GLU C 406 -3.98 26.39 35.32
C GLU C 406 -3.27 25.04 35.26
N VAL C 407 -3.06 24.39 36.41
CA VAL C 407 -2.35 23.11 36.43
C VAL C 407 -3.18 22.02 35.76
N ARG C 408 -4.50 22.10 35.87
CA ARG C 408 -5.37 21.04 35.36
C ARG C 408 -5.28 20.90 33.84
N GLN C 409 -4.73 21.90 33.14
CA GLN C 409 -4.55 21.79 31.71
C GLN C 409 -3.50 20.76 31.32
N ILE C 410 -2.70 20.29 32.27
CA ILE C 410 -1.70 19.26 32.01
C ILE C 410 -2.42 17.92 31.96
N ALA C 411 -2.51 17.35 30.76
CA ALA C 411 -3.26 16.10 30.55
C ALA C 411 -2.73 15.44 29.30
N PRO C 412 -2.94 14.13 29.15
CA PRO C 412 -2.50 13.45 27.91
C PRO C 412 -3.31 13.89 26.70
N GLY C 413 -3.02 15.09 26.20
CA GLY C 413 -3.78 15.66 25.11
C GLY C 413 -4.74 16.72 25.58
N GLN C 414 -4.35 17.98 25.45
CA GLN C 414 -5.17 19.10 25.93
C GLN C 414 -4.71 20.36 25.21
N THR C 415 -5.62 21.34 25.16
CA THR C 415 -5.34 22.61 24.52
C THR C 415 -5.76 23.75 25.43
N GLY C 416 -5.07 24.87 25.31
CA GLY C 416 -5.36 26.02 26.15
C GLY C 416 -4.34 27.10 25.95
N LYS C 417 -4.40 28.11 26.83
CA LYS C 417 -3.47 29.23 26.76
C LYS C 417 -2.03 28.79 27.04
N ILE C 418 -1.86 27.78 27.88
CA ILE C 418 -0.51 27.36 28.29
C ILE C 418 0.00 26.20 27.42
N ALA C 419 -0.81 25.16 27.25
CA ALA C 419 -0.37 23.98 26.49
C ALA C 419 -0.75 24.11 25.01
N ASP C 420 -0.45 25.27 24.45
CA ASP C 420 -0.44 25.49 23.01
C ASP C 420 0.83 26.21 22.56
N TYR C 421 1.35 27.10 23.41
CA TYR C 421 2.58 27.82 23.15
C TYR C 421 3.58 27.66 24.29
N ASN C 422 3.42 26.59 25.08
CA ASN C 422 4.36 26.30 26.13
C ASN C 422 4.43 24.78 26.27
N TYR C 423 4.94 24.30 27.41
CA TYR C 423 5.12 22.86 27.63
C TYR C 423 3.88 22.07 27.23
N LYS C 424 4.08 21.11 26.33
CA LYS C 424 2.99 20.34 25.75
C LYS C 424 3.12 18.89 26.17
N LEU C 425 1.97 18.25 26.44
CA LEU C 425 1.93 16.87 26.89
C LEU C 425 1.47 15.98 25.75
N PRO C 426 2.33 15.15 25.18
CA PRO C 426 1.93 14.28 24.07
C PRO C 426 1.23 13.03 24.58
N ASP C 427 0.90 12.14 23.64
CA ASP C 427 0.30 10.87 23.97
C ASP C 427 1.34 9.83 24.42
N ASP C 428 2.62 10.16 24.35
CA ASP C 428 3.71 9.29 24.77
C ASP C 428 4.55 9.99 25.82
N PHE C 429 3.87 10.62 26.78
CA PHE C 429 4.50 11.37 27.86
C PHE C 429 4.79 10.50 29.08
N THR C 430 4.98 9.19 28.87
CA THR C 430 5.04 8.21 29.94
C THR C 430 5.80 8.73 31.15
N GLY C 431 5.15 8.65 32.31
CA GLY C 431 5.67 9.24 33.53
C GLY C 431 4.56 9.77 34.41
N CYS C 432 4.87 10.80 35.19
CA CYS C 432 3.88 11.36 36.10
C CYS C 432 4.10 12.85 36.27
N VAL C 433 3.19 13.49 37.01
CA VAL C 433 3.23 14.92 37.28
C VAL C 433 2.89 15.15 38.75
N ILE C 434 3.60 16.08 39.37
CA ILE C 434 3.44 16.38 40.79
C ILE C 434 3.24 17.89 40.93
N ALA C 435 2.25 18.28 41.72
CA ALA C 435 1.96 19.68 42.02
C ALA C 435 2.20 19.95 43.50
N TRP C 436 2.60 21.19 43.79
CA TRP C 436 2.92 21.63 45.14
C TRP C 436 1.85 22.60 45.61
N ASN C 437 2.07 23.17 46.80
CA ASN C 437 1.22 24.21 47.35
C ASN C 437 2.06 25.44 47.64
N SER C 438 1.62 26.58 47.12
CA SER C 438 2.35 27.82 47.30
C SER C 438 2.11 28.40 48.69
N ASN C 439 3.03 29.26 49.11
CA ASN C 439 2.97 29.89 50.42
C ASN C 439 3.78 31.19 50.36
N ASN C 440 4.08 31.75 51.53
CA ASN C 440 4.90 32.95 51.60
C ASN C 440 6.34 32.71 51.12
N LEU C 441 6.75 31.46 50.98
CA LEU C 441 8.08 31.17 50.44
C LEU C 441 8.21 31.69 49.01
N ASP C 442 7.17 31.49 48.19
CA ASP C 442 7.14 31.98 46.82
C ASP C 442 6.06 33.04 46.73
N SER C 443 6.43 34.28 47.08
CA SER C 443 5.53 35.42 47.07
C SER C 443 6.36 36.65 47.44
N LYS C 444 5.74 37.82 47.32
CA LYS C 444 6.37 39.08 47.73
C LYS C 444 5.29 40.06 48.12
N VAL C 445 5.55 40.82 49.19
CA VAL C 445 4.61 41.85 49.61
C VAL C 445 4.53 42.96 48.56
N GLY C 446 5.66 43.38 48.01
CA GLY C 446 5.64 44.33 46.92
C GLY C 446 5.09 43.72 45.64
N GLY C 447 5.41 42.45 45.38
CA GLY C 447 4.94 41.76 44.21
C GLY C 447 6.04 41.07 43.44
N ASN C 448 5.69 40.01 42.71
CA ASN C 448 6.64 39.27 41.89
C ASN C 448 6.53 39.76 40.46
N TYR C 449 7.60 40.36 39.94
CA TYR C 449 7.61 40.91 38.59
C TYR C 449 8.74 40.34 37.75
N ASN C 450 9.46 39.33 38.23
CA ASN C 450 10.51 38.67 37.48
C ASN C 450 10.04 37.36 36.84
N TYR C 451 8.73 37.09 36.89
CA TYR C 451 8.16 35.87 36.33
C TYR C 451 7.45 36.23 35.02
N LEU C 452 7.71 35.45 33.99
CA LEU C 452 7.18 35.73 32.65
C LEU C 452 6.51 34.49 32.08
N TYR C 453 5.57 34.72 31.18
CA TYR C 453 4.88 33.64 30.49
C TYR C 453 4.57 34.08 29.06
N ARG C 454 4.69 33.14 28.12
CA ARG C 454 4.37 33.44 26.73
C ARG C 454 2.87 33.60 26.56
N LEU C 455 2.48 34.57 25.74
CA LEU C 455 1.06 34.84 25.51
C LEU C 455 0.72 34.86 24.04
N PHE C 456 1.68 35.24 23.20
CA PHE C 456 1.45 35.41 21.76
C PHE C 456 2.50 34.62 20.99
N ARG C 457 2.04 33.82 20.02
CA ARG C 457 2.91 33.10 19.11
C ARG C 457 2.11 32.76 17.85
N LYS C 458 2.80 32.29 16.82
CA LYS C 458 2.20 32.11 15.51
C LYS C 458 1.78 30.68 15.21
N SER C 459 2.27 29.69 15.96
CA SER C 459 1.93 28.30 15.68
C SER C 459 2.04 27.49 16.97
N ASN C 460 1.35 26.37 16.99
CA ASN C 460 1.36 25.49 18.16
C ASN C 460 2.73 24.87 18.35
N LEU C 461 3.15 24.76 19.61
CA LEU C 461 4.45 24.20 19.94
C LEU C 461 4.38 22.69 20.04
N LYS C 462 5.39 22.03 19.48
CA LYS C 462 5.48 20.58 19.58
C LYS C 462 5.79 20.16 21.02
N PRO C 463 5.42 18.95 21.42
CA PRO C 463 5.74 18.49 22.77
C PRO C 463 7.24 18.44 23.00
N PHE C 464 7.64 18.78 24.23
CA PHE C 464 9.04 18.79 24.64
C PHE C 464 9.87 19.73 23.76
N GLU C 465 9.33 20.92 23.53
CA GLU C 465 10.00 21.94 22.73
C GLU C 465 9.92 23.28 23.44
N ARG C 466 10.91 24.13 23.17
CA ARG C 466 10.93 25.49 23.70
C ARG C 466 11.37 26.46 22.62
N ASP C 467 10.95 27.71 22.76
CA ASP C 467 11.27 28.77 21.79
C ASP C 467 11.55 30.04 22.58
N ILE C 468 12.82 30.38 22.73
CA ILE C 468 13.21 31.59 23.45
C ILE C 468 13.71 32.64 22.47
N SER C 469 12.80 33.48 21.99
CA SER C 469 13.15 34.63 21.16
C SER C 469 12.01 35.64 21.30
N THR C 470 12.22 36.64 22.15
CA THR C 470 11.16 37.54 22.58
C THR C 470 11.49 38.97 22.19
N GLU C 471 11.17 39.34 20.95
CA GLU C 471 11.21 40.74 20.55
C GLU C 471 9.84 41.26 20.15
N ILE C 472 9.19 40.66 19.14
CA ILE C 472 7.90 41.11 18.63
C ILE C 472 7.22 39.90 17.98
N TYR C 473 5.93 39.74 18.24
CA TYR C 473 5.16 38.66 17.62
C TYR C 473 4.39 39.11 16.38
N GLN C 474 4.44 40.41 16.05
CA GLN C 474 3.93 40.95 14.78
C GLN C 474 2.45 40.63 14.60
N ALA C 475 1.65 41.21 15.48
CA ALA C 475 0.20 41.05 15.39
C ALA C 475 -0.35 41.62 14.08
N GLY C 476 0.10 42.81 13.70
CA GLY C 476 -0.36 43.46 12.49
C GLY C 476 0.59 43.30 11.33
N SER C 477 0.22 43.91 10.20
CA SER C 477 1.02 43.86 8.98
C SER C 477 2.03 44.99 8.90
N THR C 478 1.98 45.96 9.81
CA THR C 478 2.93 47.06 9.78
C THR C 478 4.32 46.58 10.20
N PRO C 479 5.37 47.25 9.73
CA PRO C 479 6.73 46.90 10.18
C PRO C 479 6.87 47.07 11.69
N CYS C 480 7.63 46.17 12.29
CA CYS C 480 7.85 46.12 13.74
C CYS C 480 9.33 46.10 14.04
N ASN C 481 10.07 47.04 13.46
CA ASN C 481 11.53 47.10 13.54
C ASN C 481 12.04 47.25 14.98
N GLY C 482 11.15 47.40 15.94
CA GLY C 482 11.56 47.50 17.33
C GLY C 482 11.02 48.74 18.03
N VAL C 483 9.91 49.28 17.53
CA VAL C 483 9.26 50.44 18.13
C VAL C 483 7.92 49.98 18.68
N GLU C 484 7.72 50.19 19.98
CA GLU C 484 6.46 49.82 20.61
C GLU C 484 5.35 50.73 20.11
N GLY C 485 4.21 50.14 19.76
CA GLY C 485 3.10 50.92 19.26
C GLY C 485 2.01 50.01 18.71
N PHE C 486 1.14 50.61 17.89
CA PHE C 486 0.02 49.88 17.32
C PHE C 486 0.54 48.83 16.33
N ASN C 487 -0.05 47.63 16.40
CA ASN C 487 0.30 46.46 15.60
C ASN C 487 1.71 45.94 15.89
N CYS C 488 2.38 46.45 16.94
CA CYS C 488 3.70 45.98 17.33
C CYS C 488 3.72 45.91 18.86
N TYR C 489 3.48 44.72 19.41
CA TYR C 489 3.37 44.52 20.84
C TYR C 489 4.34 43.46 21.31
N PHE C 490 4.69 43.53 22.58
CA PHE C 490 5.58 42.53 23.18
C PHE C 490 4.83 41.21 23.37
N PRO C 491 5.49 40.07 23.20
CA PRO C 491 4.84 38.78 23.38
C PRO C 491 4.99 38.17 24.78
N LEU C 492 5.68 38.84 25.69
CA LEU C 492 5.90 38.34 27.04
C LEU C 492 5.30 39.29 28.06
N GLN C 493 4.65 38.72 29.07
CA GLN C 493 3.97 39.50 30.10
C GLN C 493 4.37 38.98 31.48
N SER C 494 4.41 39.88 32.46
CA SER C 494 4.85 39.52 33.80
C SER C 494 3.68 39.04 34.65
N TYR C 495 3.96 38.06 35.52
CA TYR C 495 2.96 37.57 36.44
C TYR C 495 2.64 38.60 37.52
N GLY C 496 1.44 38.49 38.08
CA GLY C 496 1.06 39.30 39.21
C GLY C 496 0.64 38.44 40.38
N PHE C 497 1.41 38.44 41.46
CA PHE C 497 1.16 37.59 42.62
C PHE C 497 1.06 38.46 43.87
N GLN C 498 -0.03 38.32 44.59
CA GLN C 498 -0.30 39.05 45.81
C GLN C 498 -0.93 38.10 46.82
N PRO C 499 -0.80 38.38 48.12
CA PRO C 499 -1.48 37.54 49.12
C PRO C 499 -2.99 37.60 48.96
N THR C 500 -3.60 36.49 48.56
CA THR C 500 -5.02 36.43 48.23
C THR C 500 -5.59 35.14 48.80
N ASN C 501 -6.79 34.78 48.33
CA ASN C 501 -7.46 33.58 48.82
C ASN C 501 -6.64 32.33 48.50
N GLY C 502 -6.09 32.25 47.29
CA GLY C 502 -5.21 31.16 46.93
C GLY C 502 -5.88 29.98 46.26
N VAL C 503 -7.18 30.08 45.94
CA VAL C 503 -7.86 28.97 45.29
C VAL C 503 -7.28 28.73 43.90
N GLY C 504 -6.99 29.80 43.16
CA GLY C 504 -6.41 29.68 41.84
C GLY C 504 -5.43 30.78 41.49
N TYR C 505 -4.95 31.51 42.50
CA TYR C 505 -4.13 32.69 42.28
C TYR C 505 -2.91 32.68 43.20
N GLN C 506 -2.23 31.55 43.26
CA GLN C 506 -0.99 31.43 44.02
C GLN C 506 0.10 30.84 43.15
N PRO C 507 1.36 31.23 43.37
CA PRO C 507 2.46 30.71 42.55
C PRO C 507 2.75 29.23 42.80
N TYR C 508 1.91 28.36 42.26
CA TYR C 508 2.10 26.92 42.44
C TYR C 508 3.34 26.44 41.68
N ARG C 509 3.84 25.28 42.09
CA ARG C 509 5.01 24.66 41.49
C ARG C 509 4.61 23.30 40.93
N VAL C 510 5.02 23.01 39.70
CA VAL C 510 4.67 21.76 39.04
C VAL C 510 5.92 21.13 38.45
N VAL C 511 6.11 19.84 38.72
CA VAL C 511 7.22 19.07 38.15
C VAL C 511 6.63 17.89 37.40
N VAL C 512 7.36 17.46 36.36
CA VAL C 512 6.93 16.37 35.48
C VAL C 512 8.09 15.39 35.35
N LEU C 513 7.84 14.12 35.65
CA LEU C 513 8.81 13.06 35.45
C LEU C 513 8.46 12.31 34.17
N SER C 514 9.42 12.23 33.26
CA SER C 514 9.24 11.57 31.97
C SER C 514 10.26 10.44 31.84
N PHE C 515 9.80 9.31 31.32
CA PHE C 515 10.61 8.10 31.21
C PHE C 515 10.84 7.74 29.75
N GLU C 516 12.00 7.14 29.48
CA GLU C 516 12.29 6.58 28.17
C GLU C 516 12.09 5.07 28.21
N LEU C 517 12.22 4.42 27.04
CA LEU C 517 11.93 3.00 26.93
C LEU C 517 13.19 2.15 26.73
N LEU C 518 13.94 2.39 25.65
CA LEU C 518 15.15 1.61 25.40
C LEU C 518 16.05 2.34 24.42
N HIS C 519 17.17 2.85 24.93
CA HIS C 519 18.31 3.22 24.10
C HIS C 519 19.63 2.77 24.69
N ALA C 520 19.69 2.46 25.97
CA ALA C 520 20.87 1.95 26.66
C ALA C 520 20.41 0.95 27.69
N PRO C 521 21.31 0.10 28.18
CA PRO C 521 20.94 -0.80 29.30
C PRO C 521 20.49 0.00 30.51
N ALA C 522 19.48 -0.51 31.20
CA ALA C 522 18.90 0.19 32.34
C ALA C 522 19.87 0.23 33.51
N THR C 523 19.89 1.36 34.22
CA THR C 523 20.80 1.56 35.34
C THR C 523 20.14 2.16 36.58
N VAL C 524 18.83 2.40 36.58
CA VAL C 524 18.17 3.09 37.68
C VAL C 524 17.07 2.23 38.28
N CYS C 525 17.25 0.91 38.26
CA CYS C 525 16.24 0.00 38.79
C CYS C 525 16.33 -0.06 40.32
N GLY C 526 15.33 -0.72 40.90
CA GLY C 526 15.24 -0.84 42.35
C GLY C 526 15.16 -2.27 42.86
N PRO C 527 15.97 -3.18 42.32
CA PRO C 527 15.80 -4.60 42.60
C PRO C 527 16.24 -4.93 44.03
N LYS C 528 16.07 -6.20 44.39
CA LYS C 528 16.35 -6.66 45.75
C LYS C 528 17.01 -8.04 45.72
N LYS C 529 17.95 -8.23 46.64
CA LYS C 529 18.58 -9.48 47.04
C LYS C 529 19.62 -9.97 46.02
N SER C 530 19.68 -9.40 44.82
CA SER C 530 20.66 -9.78 43.80
C SER C 530 20.82 -11.29 43.73
N THR C 531 19.74 -11.95 43.32
CA THR C 531 19.42 -13.32 43.71
C THR C 531 20.62 -14.28 43.76
N ASN C 532 21.24 -14.56 42.61
CA ASN C 532 22.33 -15.54 42.55
C ASN C 532 23.00 -15.46 41.19
N LEU C 533 24.00 -16.32 41.02
CA LEU C 533 24.63 -16.57 39.73
C LEU C 533 24.55 -18.06 39.45
N VAL C 534 24.06 -18.42 38.27
CA VAL C 534 23.86 -19.82 37.89
C VAL C 534 24.82 -20.17 36.77
N LYS C 535 24.84 -21.45 36.41
CA LYS C 535 25.83 -21.95 35.47
C LYS C 535 25.21 -23.03 34.59
N ASN C 536 25.21 -22.79 33.27
CA ASN C 536 24.92 -23.81 32.26
C ASN C 536 23.51 -24.39 32.42
N LYS C 537 22.51 -23.52 32.29
CA LYS C 537 21.13 -23.98 32.35
C LYS C 537 20.19 -23.28 31.36
N CYS C 538 20.72 -22.47 30.44
CA CYS C 538 19.90 -21.65 29.54
C CYS C 538 18.88 -20.85 30.33
N VAL C 539 19.40 -20.00 31.20
CA VAL C 539 18.57 -19.22 32.11
C VAL C 539 18.21 -17.89 31.46
N ASN C 540 17.18 -17.24 32.03
CA ASN C 540 16.75 -15.92 31.59
C ASN C 540 17.47 -14.89 32.44
N PHE C 541 18.54 -14.29 31.90
CA PHE C 541 19.37 -13.35 32.65
C PHE C 541 18.93 -11.92 32.37
N ASN C 542 19.09 -11.07 33.38
CA ASN C 542 18.72 -9.66 33.32
C ASN C 542 19.87 -8.79 33.79
N PHE C 543 21.04 -8.99 33.19
CA PHE C 543 22.26 -8.37 33.70
C PHE C 543 22.29 -6.88 33.40
N ASN C 544 22.36 -6.06 34.45
CA ASN C 544 22.61 -4.63 34.33
C ASN C 544 21.69 -3.96 33.33
N GLY C 545 20.44 -4.35 33.34
CA GLY C 545 19.48 -3.81 32.39
C GLY C 545 19.30 -4.59 31.11
N LEU C 546 20.38 -5.08 30.52
CA LEU C 546 20.28 -5.89 29.32
C LEU C 546 19.79 -7.29 29.68
N THR C 547 18.72 -7.72 29.00
CA THR C 547 18.02 -8.94 29.33
C THR C 547 18.06 -9.89 28.14
N GLY C 548 18.34 -11.16 28.39
CA GLY C 548 18.37 -12.16 27.35
C GLY C 548 18.19 -13.53 27.96
N THR C 549 18.28 -14.55 27.11
CA THR C 549 18.16 -15.94 27.54
C THR C 549 19.32 -16.74 26.95
N GLY C 550 19.99 -17.52 27.79
CA GLY C 550 21.07 -18.34 27.30
C GLY C 550 21.89 -18.94 28.42
N VAL C 551 22.98 -19.57 28.03
CA VAL C 551 23.90 -20.23 28.95
C VAL C 551 25.05 -19.28 29.24
N LEU C 552 25.36 -19.11 30.52
CA LEU C 552 26.42 -18.20 30.97
C LEU C 552 27.58 -19.06 31.49
N THR C 553 28.48 -19.43 30.58
CA THR C 553 29.68 -20.17 30.95
C THR C 553 30.79 -19.18 31.32
N GLU C 554 32.00 -19.68 31.49
CA GLU C 554 33.14 -18.85 31.89
C GLU C 554 33.86 -18.33 30.65
N SER C 555 34.18 -17.04 30.66
CA SER C 555 34.85 -16.38 29.55
C SER C 555 36.30 -16.09 29.90
N ASN C 556 37.20 -16.37 28.97
CA ASN C 556 38.64 -16.17 29.17
C ASN C 556 39.17 -15.12 28.20
N LYS C 557 38.41 -14.06 27.98
CA LYS C 557 38.82 -12.96 27.11
C LYS C 557 38.90 -11.68 27.93
N LYS C 558 40.00 -10.94 27.76
CA LYS C 558 40.22 -9.74 28.56
C LYS C 558 39.29 -8.62 28.11
N PHE C 559 38.75 -7.88 29.07
CA PHE C 559 37.90 -6.73 28.82
C PHE C 559 38.59 -5.47 29.32
N LEU C 560 38.40 -4.37 28.59
CA LEU C 560 38.93 -3.09 29.02
C LEU C 560 38.21 -2.64 30.29
N PRO C 561 38.91 -1.90 31.16
CA PRO C 561 38.28 -1.47 32.42
C PRO C 561 37.03 -0.64 32.22
N PHE C 562 36.97 0.17 31.18
CA PHE C 562 35.80 0.99 30.91
C PHE C 562 34.73 0.26 30.12
N GLN C 563 34.96 -1.00 29.76
CA GLN C 563 34.03 -1.77 28.95
C GLN C 563 33.28 -2.77 29.83
N GLN C 564 31.96 -2.80 29.71
CA GLN C 564 31.11 -3.69 30.50
C GLN C 564 30.72 -4.95 29.73
N PHE C 565 30.25 -4.80 28.51
CA PHE C 565 29.79 -5.94 27.71
C PHE C 565 30.39 -5.87 26.32
N GLY C 566 30.61 -7.05 25.74
CA GLY C 566 31.17 -7.17 24.42
C GLY C 566 30.11 -7.21 23.33
N ARG C 567 30.54 -7.54 22.12
CA ARG C 567 29.66 -7.58 20.97
C ARG C 567 30.22 -8.58 19.97
N ASP C 568 29.32 -9.25 19.26
CA ASP C 568 29.71 -10.25 18.27
C ASP C 568 30.11 -9.54 16.98
N ILE C 569 30.23 -10.30 15.89
CA ILE C 569 30.75 -9.73 14.65
C ILE C 569 29.81 -8.67 14.10
N ALA C 570 28.58 -9.05 13.73
CA ALA C 570 27.68 -8.06 13.16
C ALA C 570 26.96 -7.28 14.25
N ASP C 571 26.02 -7.93 14.96
CA ASP C 571 25.24 -7.31 16.04
C ASP C 571 24.72 -8.44 16.92
N THR C 572 25.41 -8.71 18.03
CA THR C 572 24.95 -9.69 19.00
C THR C 572 25.74 -9.59 20.29
N THR C 573 25.04 -9.52 21.42
CA THR C 573 25.72 -9.54 22.71
C THR C 573 26.43 -10.88 22.90
N ASP C 574 27.70 -10.82 23.31
CA ASP C 574 28.52 -12.02 23.45
C ASP C 574 29.05 -12.24 24.86
N ALA C 575 29.33 -11.17 25.60
CA ALA C 575 29.87 -11.30 26.94
C ALA C 575 29.45 -10.12 27.79
N VAL C 576 29.34 -10.35 29.09
CA VAL C 576 28.90 -9.34 30.05
C VAL C 576 29.76 -9.45 31.31
N ARG C 577 30.03 -8.30 31.93
CA ARG C 577 30.68 -8.26 33.23
C ARG C 577 29.64 -8.16 34.34
N ASP C 578 29.91 -8.83 35.44
CA ASP C 578 28.98 -8.86 36.57
C ASP C 578 28.86 -7.46 37.17
N PRO C 579 27.65 -6.98 37.43
CA PRO C 579 27.51 -5.61 37.94
C PRO C 579 28.04 -5.43 39.35
N GLN C 580 27.71 -6.34 40.27
CA GLN C 580 28.14 -6.25 41.65
C GLN C 580 29.18 -7.30 42.03
N THR C 581 29.74 -7.99 41.04
CA THR C 581 30.76 -9.01 41.32
C THR C 581 31.98 -8.75 40.43
N LEU C 582 31.75 -8.14 39.27
CA LEU C 582 32.82 -7.70 38.37
C LEU C 582 33.68 -8.87 37.90
N GLU C 583 33.01 -9.87 37.32
CA GLU C 583 33.66 -10.98 36.67
C GLU C 583 33.12 -11.10 35.25
N ILE C 584 33.98 -11.52 34.34
CA ILE C 584 33.63 -11.63 32.93
C ILE C 584 32.95 -12.97 32.67
N LEU C 585 31.84 -12.93 31.93
CA LEU C 585 31.14 -14.15 31.54
C LEU C 585 30.75 -14.01 30.09
N ASP C 586 30.61 -15.15 29.41
CA ASP C 586 30.20 -15.18 28.01
C ASP C 586 28.86 -15.89 27.89
N ILE C 587 28.08 -15.49 26.88
CA ILE C 587 26.71 -15.95 26.70
C ILE C 587 26.63 -16.68 25.38
N THR C 588 26.05 -17.88 25.40
CA THR C 588 25.79 -18.66 24.20
C THR C 588 24.35 -19.11 24.22
N PRO C 589 23.70 -19.19 23.05
CA PRO C 589 22.30 -19.64 23.02
C PRO C 589 22.20 -21.14 23.20
N CYS C 590 21.31 -21.56 24.10
CA CYS C 590 21.13 -22.97 24.36
C CYS C 590 20.56 -23.67 23.14
N SER C 591 20.93 -24.95 22.99
CA SER C 591 20.83 -25.63 21.70
C SER C 591 19.39 -25.79 21.25
N PHE C 592 19.20 -25.70 19.94
CA PHE C 592 17.93 -25.99 19.29
C PHE C 592 18.23 -26.62 17.94
N GLY C 593 17.29 -27.41 17.44
CA GLY C 593 17.52 -28.06 16.16
C GLY C 593 16.36 -28.94 15.77
N GLY C 594 16.46 -29.51 14.58
CA GLY C 594 15.40 -30.31 14.01
C GLY C 594 15.39 -31.74 14.50
N VAL C 595 14.25 -32.40 14.29
CA VAL C 595 14.09 -33.82 14.53
C VAL C 595 13.73 -34.48 13.21
N SER C 596 14.19 -35.72 13.04
CA SER C 596 13.87 -36.51 11.86
C SER C 596 13.47 -37.91 12.30
N VAL C 597 12.63 -38.55 11.51
CA VAL C 597 12.17 -39.90 11.79
C VAL C 597 12.59 -40.79 10.64
N ILE C 598 13.35 -41.84 10.94
CA ILE C 598 13.81 -42.79 9.95
C ILE C 598 13.03 -44.09 10.15
N THR C 599 12.39 -44.55 9.08
CA THR C 599 11.56 -45.74 9.11
C THR C 599 11.91 -46.64 7.94
N PRO C 600 11.82 -47.96 8.10
CA PRO C 600 12.06 -48.88 6.99
C PRO C 600 10.87 -49.05 6.06
N GLY C 601 9.79 -48.31 6.26
CA GLY C 601 8.62 -48.44 5.42
C GLY C 601 7.46 -49.10 6.14
N THR C 602 6.29 -48.44 6.12
CA THR C 602 5.13 -48.98 6.81
C THR C 602 4.66 -50.30 6.21
N ASN C 603 5.01 -50.57 4.95
CA ASN C 603 4.58 -51.82 4.32
C ASN C 603 5.30 -53.03 4.90
N THR C 604 6.51 -52.84 5.42
CA THR C 604 7.31 -53.95 5.93
C THR C 604 7.43 -53.98 7.45
N SER C 605 7.24 -52.86 8.13
CA SER C 605 7.34 -52.80 9.58
C SER C 605 6.73 -51.47 10.04
N ASN C 606 6.74 -51.24 11.35
CA ASN C 606 6.27 -49.98 11.91
C ASN C 606 7.17 -49.48 13.03
N GLN C 607 8.41 -49.95 13.09
CA GLN C 607 9.37 -49.53 14.10
C GLN C 607 10.28 -48.45 13.52
N VAL C 608 10.37 -47.32 14.20
CA VAL C 608 11.09 -46.17 13.68
C VAL C 608 12.24 -45.82 14.64
N ALA C 609 13.12 -44.94 14.16
CA ALA C 609 14.17 -44.37 14.99
C ALA C 609 14.14 -42.86 14.80
N VAL C 610 14.64 -42.13 15.81
CA VAL C 610 14.55 -40.68 15.83
C VAL C 610 15.95 -40.09 15.84
N LEU C 611 16.15 -39.04 15.06
CA LEU C 611 17.43 -38.36 14.96
C LEU C 611 17.25 -36.90 15.37
N TYR C 612 17.97 -36.48 16.40
CA TYR C 612 17.95 -35.10 16.85
C TYR C 612 19.22 -34.42 16.36
N GLN C 613 19.09 -33.30 15.66
CA GLN C 613 20.25 -32.63 15.06
C GLN C 613 20.69 -31.47 15.95
N ASP C 614 21.45 -31.81 17.00
CA ASP C 614 21.86 -30.80 17.96
C ASP C 614 23.18 -31.22 18.60
N VAL C 615 23.51 -30.55 19.71
CA VAL C 615 24.69 -30.80 20.54
C VAL C 615 24.55 -32.12 21.28
N ASN C 616 25.61 -32.52 21.99
CA ASN C 616 25.71 -33.78 22.74
C ASN C 616 24.37 -34.22 23.30
N CYS C 617 24.01 -35.48 23.06
CA CYS C 617 22.64 -35.94 23.21
C CYS C 617 22.35 -36.32 24.67
N THR C 618 22.45 -35.31 25.54
CA THR C 618 22.07 -35.44 26.93
C THR C 618 20.91 -34.54 27.33
N GLU C 619 20.57 -33.54 26.52
CA GLU C 619 19.47 -32.64 26.81
C GLU C 619 18.15 -33.06 26.16
N VAL C 620 18.13 -34.19 25.46
CA VAL C 620 16.91 -34.62 24.77
C VAL C 620 15.74 -34.87 25.73
N PRO C 621 15.91 -35.51 26.89
CA PRO C 621 14.67 -35.74 27.63
C PRO C 621 14.24 -34.51 28.43
N SER C 640 17.85 -48.81 25.29
CA SER C 640 18.58 -47.59 25.65
C SER C 640 19.76 -47.36 24.71
N ASN C 641 19.50 -46.74 23.57
CA ASN C 641 20.52 -46.42 22.57
C ASN C 641 20.64 -44.91 22.47
N VAL C 642 21.80 -44.37 22.81
CA VAL C 642 22.04 -42.94 22.79
C VAL C 642 23.22 -42.68 21.85
N PHE C 643 23.32 -43.50 20.81
CA PHE C 643 24.41 -43.40 19.84
C PHE C 643 24.49 -41.99 19.26
N GLN C 644 25.59 -41.30 19.56
CA GLN C 644 25.81 -39.93 19.14
C GLN C 644 26.70 -39.91 17.89
N THR C 645 26.18 -39.39 16.79
CA THR C 645 26.90 -39.32 15.54
C THR C 645 27.43 -37.90 15.34
N ARG C 646 27.97 -37.65 14.15
CA ARG C 646 28.45 -36.30 13.82
C ARG C 646 27.32 -35.37 13.41
N ALA C 647 26.13 -35.90 13.12
CA ALA C 647 24.99 -35.09 12.71
C ALA C 647 23.97 -34.91 13.82
N GLY C 648 24.26 -35.39 15.03
CA GLY C 648 23.32 -35.32 16.13
C GLY C 648 23.32 -36.59 16.95
N CYS C 649 22.14 -37.06 17.36
CA CYS C 649 22.08 -38.34 18.06
C CYS C 649 20.91 -39.15 17.54
N LEU C 650 21.06 -40.47 17.61
CA LEU C 650 20.06 -41.42 17.17
C LEU C 650 19.47 -42.15 18.36
N ILE C 651 18.17 -42.43 18.29
CA ILE C 651 17.45 -43.16 19.32
C ILE C 651 16.67 -44.27 18.64
N GLY C 652 16.85 -45.50 19.12
CA GLY C 652 16.19 -46.66 18.55
C GLY C 652 16.98 -47.40 17.50
N ALA C 653 18.18 -46.93 17.15
CA ALA C 653 19.00 -47.56 16.12
C ALA C 653 20.28 -48.08 16.74
N GLU C 654 20.61 -49.32 16.44
CA GLU C 654 21.81 -49.95 16.99
C GLU C 654 23.05 -49.55 16.21
N HIS C 655 24.21 -49.81 16.81
CA HIS C 655 25.50 -49.50 16.20
C HIS C 655 26.24 -50.79 15.93
N VAL C 656 26.73 -50.94 14.69
CA VAL C 656 27.44 -52.14 14.27
C VAL C 656 28.77 -51.73 13.64
N ASN C 657 29.68 -52.69 13.53
CA ASN C 657 30.98 -52.48 12.92
C ASN C 657 31.03 -52.94 11.47
N ASN C 658 29.91 -53.40 10.91
CA ASN C 658 29.90 -53.85 9.53
C ASN C 658 30.00 -52.66 8.58
N SER C 659 29.93 -52.96 7.28
CA SER C 659 30.00 -51.92 6.25
C SER C 659 29.20 -52.41 5.05
N TYR C 660 28.05 -51.80 4.81
CA TYR C 660 27.16 -52.16 3.72
C TYR C 660 26.80 -50.92 2.93
N GLU C 661 26.50 -51.11 1.64
CA GLU C 661 25.83 -50.05 0.90
C GLU C 661 24.41 -49.90 1.46
N CYS C 662 24.03 -48.64 1.71
CA CYS C 662 22.87 -48.38 2.55
C CYS C 662 21.77 -47.66 1.78
N ASP C 663 20.56 -47.72 2.36
CA ASP C 663 19.36 -47.20 1.72
C ASP C 663 19.06 -45.77 2.14
N ILE C 664 18.83 -45.55 3.43
CA ILE C 664 18.47 -44.24 3.95
C ILE C 664 19.72 -43.57 4.51
N PRO C 665 20.14 -42.43 3.98
CA PRO C 665 21.33 -41.77 4.53
C PRO C 665 20.97 -40.75 5.60
N ILE C 666 21.85 -40.56 6.59
CA ILE C 666 21.62 -39.59 7.64
C ILE C 666 22.70 -38.52 7.69
N GLY C 667 23.75 -38.63 6.89
CA GLY C 667 24.73 -37.58 6.77
C GLY C 667 26.03 -37.92 7.48
N ALA C 668 27.07 -37.17 7.13
CA ALA C 668 28.40 -37.27 7.75
C ALA C 668 28.98 -38.67 7.62
N GLY C 669 28.68 -39.37 6.52
CA GLY C 669 29.24 -40.68 6.30
C GLY C 669 28.57 -41.80 7.07
N ILE C 670 27.50 -41.50 7.81
CA ILE C 670 26.75 -42.50 8.57
C ILE C 670 25.42 -42.71 7.88
N CYS C 671 24.90 -43.93 7.93
CA CYS C 671 23.57 -44.20 7.39
C CYS C 671 23.03 -45.49 7.98
N ALA C 672 21.70 -45.61 7.96
CA ALA C 672 20.98 -46.68 8.64
C ALA C 672 20.28 -47.59 7.64
N SER C 673 19.81 -48.72 8.16
CA SER C 673 19.10 -49.71 7.36
C SER C 673 18.35 -50.66 8.28
N TYR C 674 17.52 -51.50 7.67
CA TYR C 674 16.74 -52.52 8.37
C TYR C 674 17.43 -53.86 8.19
N GLN C 675 17.92 -54.43 9.28
CA GLN C 675 18.73 -55.64 9.23
C GLN C 675 17.97 -56.90 9.65
N THR C 676 16.77 -56.76 10.20
CA THR C 676 15.97 -57.89 10.68
C THR C 676 16.77 -58.75 11.67
N GLN C 690 14.08 -58.47 15.04
CA GLN C 690 14.42 -57.50 14.01
C GLN C 690 14.75 -56.15 14.61
N SER C 691 15.66 -55.42 13.97
CA SER C 691 16.12 -54.14 14.51
C SER C 691 16.64 -53.27 13.37
N ILE C 692 16.75 -51.98 13.66
CA ILE C 692 17.31 -51.00 12.75
C ILE C 692 18.76 -50.74 13.16
N ILE C 693 19.67 -50.81 12.18
CA ILE C 693 21.08 -50.63 12.46
C ILE C 693 21.57 -49.36 11.77
N ALA C 694 22.65 -48.79 12.31
CA ALA C 694 23.28 -47.61 11.75
C ALA C 694 24.78 -47.85 11.70
N TYR C 695 25.39 -47.54 10.56
CA TYR C 695 26.80 -47.87 10.34
C TYR C 695 27.43 -46.81 9.45
N THR C 696 28.66 -47.07 9.02
CA THR C 696 29.37 -46.23 8.06
C THR C 696 29.38 -46.93 6.71
N MET C 697 28.97 -46.22 5.67
CA MET C 697 28.79 -46.84 4.37
C MET C 697 30.12 -47.29 3.78
N SER C 698 30.06 -48.31 2.94
CA SER C 698 31.22 -48.84 2.23
C SER C 698 31.12 -48.45 0.77
N LEU C 699 32.22 -47.97 0.21
CA LEU C 699 32.20 -47.44 -1.16
C LEU C 699 32.05 -48.53 -2.21
N GLY C 700 32.43 -49.76 -1.91
CA GLY C 700 32.25 -50.84 -2.85
C GLY C 700 33.31 -51.92 -2.66
N ALA C 701 33.21 -52.94 -3.49
CA ALA C 701 34.16 -54.04 -3.44
C ALA C 701 35.56 -53.56 -3.81
N GLU C 702 36.55 -54.21 -3.22
CA GLU C 702 37.95 -53.85 -3.43
C GLU C 702 38.65 -54.94 -4.21
N ASN C 703 39.28 -54.56 -5.32
CA ASN C 703 40.07 -55.49 -6.12
C ASN C 703 41.31 -54.77 -6.61
N SER C 704 42.38 -55.55 -6.82
CA SER C 704 43.67 -55.02 -7.28
C SER C 704 44.10 -55.83 -8.49
N VAL C 705 43.98 -55.24 -9.68
CA VAL C 705 44.43 -55.90 -10.89
C VAL C 705 45.95 -56.04 -10.87
N ALA C 706 46.44 -57.23 -11.19
CA ALA C 706 47.86 -57.51 -11.15
C ALA C 706 48.56 -56.76 -12.27
N TYR C 707 49.23 -55.67 -11.94
CA TYR C 707 49.94 -54.87 -12.92
C TYR C 707 51.39 -55.29 -12.97
N SER C 708 51.88 -55.55 -14.18
CA SER C 708 53.28 -55.88 -14.40
C SER C 708 53.61 -55.61 -15.85
N ASN C 709 54.84 -55.16 -16.10
CA ASN C 709 55.27 -54.97 -17.47
C ASN C 709 55.29 -56.31 -18.19
N ASN C 710 55.28 -56.26 -19.51
CA ASN C 710 55.13 -57.42 -20.39
C ASN C 710 54.06 -58.38 -19.88
N SER C 711 52.87 -57.83 -19.62
CA SER C 711 51.71 -58.61 -19.26
C SER C 711 50.46 -57.87 -19.70
N ILE C 712 49.51 -58.61 -20.29
CA ILE C 712 48.32 -58.01 -20.86
C ILE C 712 47.14 -58.95 -20.60
N ALA C 713 45.94 -58.39 -20.64
CA ALA C 713 44.71 -59.16 -20.56
C ALA C 713 43.89 -58.91 -21.81
N ILE C 714 43.45 -59.99 -22.46
CA ILE C 714 42.72 -59.88 -23.71
C ILE C 714 41.43 -60.68 -23.62
N PRO C 715 40.28 -60.10 -23.98
CA PRO C 715 39.02 -60.85 -23.91
C PRO C 715 38.94 -61.93 -24.98
N THR C 716 38.11 -62.94 -24.73
CA THR C 716 37.84 -63.99 -25.70
C THR C 716 36.35 -64.16 -25.98
N ASN C 717 35.50 -63.30 -25.43
CA ASN C 717 34.06 -63.40 -25.61
C ASN C 717 33.44 -62.03 -25.36
N PHE C 718 32.14 -61.93 -25.57
CA PHE C 718 31.43 -60.67 -25.39
C PHE C 718 29.98 -60.95 -25.05
N THR C 719 29.32 -59.94 -24.48
CA THR C 719 27.89 -59.99 -24.20
C THR C 719 27.25 -58.69 -24.65
N ILE C 720 26.06 -58.80 -25.23
CA ILE C 720 25.28 -57.66 -25.69
C ILE C 720 24.33 -57.26 -24.58
N SER C 721 24.36 -55.98 -24.19
CA SER C 721 23.54 -55.48 -23.10
C SER C 721 22.65 -54.35 -23.60
N VAL C 722 21.43 -54.30 -23.09
CA VAL C 722 20.46 -53.26 -23.43
C VAL C 722 20.00 -52.61 -22.14
N THR C 723 20.13 -51.29 -22.06
CA THR C 723 19.75 -50.53 -20.88
C THR C 723 18.63 -49.56 -21.23
N THR C 724 18.26 -48.72 -20.27
CA THR C 724 17.22 -47.73 -20.45
C THR C 724 17.68 -46.36 -19.98
N GLU C 725 16.96 -45.34 -20.42
CA GLU C 725 17.23 -43.96 -19.99
C GLU C 725 15.96 -43.16 -20.18
N ILE C 726 15.52 -42.50 -19.10
CA ILE C 726 14.24 -41.79 -19.08
C ILE C 726 14.51 -40.32 -18.85
N LEU C 727 13.96 -39.48 -19.73
CA LEU C 727 14.13 -38.04 -19.66
C LEU C 727 12.79 -37.35 -19.82
N PRO C 728 12.54 -36.27 -19.07
CA PRO C 728 11.33 -35.47 -19.31
C PRO C 728 11.59 -34.33 -20.29
N VAL C 729 10.60 -34.07 -21.13
CA VAL C 729 10.74 -33.05 -22.17
C VAL C 729 9.70 -31.95 -22.09
N SER C 730 8.58 -32.15 -21.41
CA SER C 730 7.56 -31.13 -21.35
C SER C 730 6.70 -31.32 -20.12
N MET C 731 5.97 -30.26 -19.75
CA MET C 731 5.04 -30.30 -18.64
C MET C 731 3.73 -29.65 -19.06
N THR C 732 2.73 -29.74 -18.20
CA THR C 732 1.39 -29.30 -18.55
C THR C 732 1.33 -27.80 -18.72
N LYS C 733 0.64 -27.34 -19.76
CA LYS C 733 0.49 -25.93 -20.05
C LYS C 733 -0.73 -25.40 -19.30
N THR C 734 -0.48 -24.49 -18.35
CA THR C 734 -1.54 -23.91 -17.53
C THR C 734 -1.67 -22.42 -17.81
N SER C 735 -2.83 -21.88 -17.44
CA SER C 735 -3.10 -20.46 -17.58
C SER C 735 -3.99 -20.00 -16.45
N VAL C 736 -3.68 -18.84 -15.89
CA VAL C 736 -4.41 -18.28 -14.75
C VAL C 736 -4.88 -16.89 -15.11
N ASP C 737 -6.15 -16.60 -14.83
CA ASP C 737 -6.72 -15.28 -15.04
C ASP C 737 -6.51 -14.46 -13.76
N CYS C 738 -5.67 -13.42 -13.86
CA CYS C 738 -5.25 -12.69 -12.66
C CYS C 738 -6.43 -11.97 -12.01
N THR C 739 -7.19 -11.22 -12.80
CA THR C 739 -8.29 -10.44 -12.23
C THR C 739 -9.36 -11.35 -11.65
N MET C 740 -9.76 -12.38 -12.39
CA MET C 740 -10.80 -13.28 -11.91
C MET C 740 -10.35 -14.07 -10.70
N TYR C 741 -9.04 -14.36 -10.61
CA TYR C 741 -8.54 -15.06 -9.43
C TYR C 741 -8.55 -14.16 -8.21
N ILE C 742 -8.04 -12.93 -8.35
CA ILE C 742 -7.92 -12.05 -7.20
C ILE C 742 -9.28 -11.58 -6.71
N CYS C 743 -10.15 -11.15 -7.62
CA CYS C 743 -11.38 -10.48 -7.25
C CYS C 743 -12.62 -11.35 -7.36
N GLY C 744 -12.63 -12.33 -8.25
CA GLY C 744 -13.78 -13.22 -8.36
C GLY C 744 -15.06 -12.54 -8.82
N ASP C 745 -14.98 -11.72 -9.87
CA ASP C 745 -16.14 -11.06 -10.46
C ASP C 745 -16.85 -10.16 -9.43
N SER C 746 -16.10 -9.18 -8.94
CA SER C 746 -16.63 -8.15 -8.05
C SER C 746 -16.26 -6.79 -8.64
N THR C 747 -17.26 -5.96 -8.90
CA THR C 747 -17.02 -4.68 -9.58
C THR C 747 -16.19 -3.75 -8.72
N GLU C 748 -16.50 -3.64 -7.42
CA GLU C 748 -15.71 -2.77 -6.56
C GLU C 748 -14.30 -3.31 -6.38
N CYS C 749 -14.13 -4.62 -6.29
CA CYS C 749 -12.79 -5.18 -6.18
C CYS C 749 -11.98 -4.88 -7.43
N SER C 750 -12.60 -5.00 -8.61
CA SER C 750 -11.89 -4.66 -9.85
C SER C 750 -11.54 -3.17 -9.88
N ASN C 751 -12.44 -2.33 -9.40
CA ASN C 751 -12.17 -0.89 -9.38
C ASN C 751 -10.99 -0.56 -8.48
N LEU C 752 -10.91 -1.19 -7.31
CA LEU C 752 -9.75 -0.98 -6.45
C LEU C 752 -8.48 -1.62 -7.01
N LEU C 753 -8.61 -2.72 -7.74
CA LEU C 753 -7.43 -3.40 -8.26
C LEU C 753 -6.82 -2.68 -9.44
N LEU C 754 -7.62 -1.99 -10.26
CA LEU C 754 -7.08 -1.40 -11.48
C LEU C 754 -6.10 -0.27 -11.22
N GLN C 755 -5.99 0.21 -9.98
CA GLN C 755 -5.05 1.27 -9.64
C GLN C 755 -3.70 0.75 -9.19
N TYR C 756 -3.48 -0.57 -9.22
CA TYR C 756 -2.20 -1.15 -8.86
C TYR C 756 -1.23 -1.21 -10.03
N GLY C 757 -1.65 -0.82 -11.22
CA GLY C 757 -0.76 -0.80 -12.38
C GLY C 757 -1.03 -1.97 -13.31
N SER C 758 0.03 -2.68 -13.69
CA SER C 758 -0.03 -3.77 -14.65
C SER C 758 0.56 -5.04 -14.06
N PHE C 759 0.14 -5.38 -12.85
CA PHE C 759 0.64 -6.56 -12.16
C PHE C 759 -0.09 -7.83 -12.56
N CYS C 760 -0.79 -7.85 -13.69
CA CYS C 760 -1.46 -9.06 -14.16
C CYS C 760 -1.07 -9.35 -15.60
N THR C 761 -0.79 -8.30 -16.37
CA THR C 761 -0.31 -8.49 -17.73
C THR C 761 1.02 -9.23 -17.74
N GLN C 762 1.91 -8.90 -16.80
CA GLN C 762 3.18 -9.60 -16.71
C GLN C 762 2.97 -11.08 -16.45
N LEU C 763 2.07 -11.42 -15.54
CA LEU C 763 1.82 -12.82 -15.22
C LEU C 763 1.24 -13.56 -16.43
N ASN C 764 0.30 -12.94 -17.13
CA ASN C 764 -0.27 -13.57 -18.32
C ASN C 764 0.80 -13.79 -19.38
N ARG C 765 1.65 -12.79 -19.61
CA ARG C 765 2.71 -12.95 -20.61
C ARG C 765 3.68 -14.06 -20.21
N ALA C 766 4.03 -14.14 -18.93
CA ALA C 766 4.93 -15.20 -18.48
C ALA C 766 4.34 -16.58 -18.70
N LEU C 767 3.06 -16.75 -18.34
CA LEU C 767 2.43 -18.06 -18.51
C LEU C 767 2.33 -18.44 -19.98
N THR C 768 1.97 -17.49 -20.83
CA THR C 768 1.92 -17.78 -22.27
C THR C 768 3.29 -18.15 -22.80
N GLY C 769 4.33 -17.47 -22.33
CA GLY C 769 5.68 -17.79 -22.76
C GLY C 769 6.08 -19.21 -22.39
N ILE C 770 5.79 -19.62 -21.16
CA ILE C 770 6.18 -20.97 -20.77
C ILE C 770 5.37 -22.00 -21.55
N ALA C 771 4.10 -21.73 -21.83
CA ALA C 771 3.32 -22.68 -22.63
C ALA C 771 3.89 -22.82 -24.04
N VAL C 772 4.26 -21.69 -24.65
CA VAL C 772 4.82 -21.73 -25.99
C VAL C 772 6.13 -22.50 -26.00
N GLU C 773 6.97 -22.30 -24.98
CA GLU C 773 8.24 -23.02 -24.98
C GLU C 773 8.03 -24.51 -24.71
N GLN C 774 6.97 -24.88 -23.97
CA GLN C 774 6.67 -26.31 -23.83
C GLN C 774 6.33 -26.91 -25.18
N ASP C 775 5.51 -26.23 -25.97
CA ASP C 775 5.21 -26.73 -27.32
C ASP C 775 6.48 -26.82 -28.16
N LYS C 776 7.36 -25.82 -28.05
CA LYS C 776 8.60 -25.85 -28.82
C LYS C 776 9.49 -27.02 -28.42
N ASN C 777 9.58 -27.30 -27.12
CA ASN C 777 10.38 -28.43 -26.66
C ASN C 777 9.84 -29.74 -27.21
N THR C 778 8.53 -29.94 -27.09
CA THR C 778 7.94 -31.18 -27.59
C THR C 778 8.15 -31.32 -29.09
N GLN C 779 8.08 -30.22 -29.83
CA GLN C 779 8.28 -30.28 -31.27
C GLN C 779 9.73 -30.62 -31.62
N GLU C 780 10.68 -29.95 -30.99
CA GLU C 780 12.08 -30.09 -31.37
C GLU C 780 12.71 -31.39 -30.88
N VAL C 781 12.15 -32.03 -29.85
CA VAL C 781 12.72 -33.30 -29.43
C VAL C 781 12.42 -34.40 -30.45
N PHE C 782 11.20 -34.45 -30.96
CA PHE C 782 10.73 -35.56 -31.79
C PHE C 782 10.80 -35.28 -33.28
N ALA C 783 10.39 -34.08 -33.73
CA ALA C 783 10.31 -33.81 -35.15
C ALA C 783 11.69 -33.62 -35.76
N GLN C 784 12.26 -34.69 -36.30
CA GLN C 784 13.58 -34.62 -36.93
C GLN C 784 13.66 -35.42 -38.22
N VAL C 785 12.52 -35.86 -38.76
CA VAL C 785 12.48 -36.64 -39.99
C VAL C 785 11.60 -35.92 -40.99
N LYS C 786 12.11 -35.77 -42.22
CA LYS C 786 11.31 -35.13 -43.26
C LYS C 786 10.09 -35.96 -43.62
N GLN C 787 10.26 -37.28 -43.72
CA GLN C 787 9.23 -38.19 -44.19
C GLN C 787 8.90 -39.21 -43.10
N ILE C 788 7.94 -40.08 -43.40
CA ILE C 788 7.47 -41.09 -42.46
C ILE C 788 7.78 -42.45 -43.09
N TYR C 789 8.89 -43.05 -42.68
CA TYR C 789 9.29 -44.33 -43.23
C TYR C 789 8.42 -45.46 -42.67
N LYS C 790 8.35 -46.55 -43.43
CA LYS C 790 7.54 -47.70 -43.06
C LYS C 790 8.33 -48.98 -43.24
N THR C 791 8.26 -49.86 -42.26
CA THR C 791 8.98 -51.13 -42.34
C THR C 791 8.37 -52.03 -43.41
N PRO C 792 9.18 -52.88 -44.04
CA PRO C 792 8.64 -53.79 -45.03
C PRO C 792 7.67 -54.77 -44.40
N PRO C 793 6.67 -55.23 -45.15
CA PRO C 793 5.71 -56.19 -44.58
C PRO C 793 6.35 -57.50 -44.17
N ILE C 794 7.37 -57.96 -44.89
CA ILE C 794 8.06 -59.20 -44.56
C ILE C 794 9.22 -58.89 -43.63
N LYS C 795 9.23 -59.50 -42.46
CA LYS C 795 10.22 -59.23 -41.42
C LYS C 795 11.22 -60.38 -41.40
N ASP C 796 12.26 -60.27 -42.22
CA ASP C 796 13.37 -61.21 -42.26
C ASP C 796 14.64 -60.39 -42.09
N PHE C 797 15.02 -60.15 -40.84
CA PHE C 797 16.16 -59.32 -40.51
C PHE C 797 17.41 -60.12 -40.16
N GLY C 798 17.41 -61.42 -40.43
CA GLY C 798 18.57 -62.24 -40.14
C GLY C 798 18.59 -62.87 -38.77
N GLY C 799 17.46 -62.87 -38.05
CA GLY C 799 17.36 -63.46 -36.73
C GLY C 799 16.92 -62.48 -35.66
N PHE C 800 17.21 -61.19 -35.86
CA PHE C 800 16.76 -60.17 -34.92
C PHE C 800 15.25 -60.03 -35.00
N ASN C 801 14.61 -59.88 -33.84
CA ASN C 801 13.16 -59.97 -33.75
C ASN C 801 12.48 -58.62 -33.94
N PHE C 802 12.78 -57.65 -33.08
CA PHE C 802 12.23 -56.30 -33.11
C PHE C 802 10.71 -56.27 -32.90
N SER C 803 10.10 -57.37 -32.47
CA SER C 803 8.65 -57.38 -32.28
C SER C 803 8.23 -56.50 -31.12
N GLN C 804 9.03 -56.51 -30.04
CA GLN C 804 8.71 -55.70 -28.88
C GLN C 804 8.85 -54.21 -29.16
N ILE C 805 9.55 -53.82 -30.22
CA ILE C 805 9.82 -52.44 -30.54
C ILE C 805 8.85 -51.90 -31.57
N LEU C 806 8.61 -52.66 -32.64
CA LEU C 806 7.71 -52.21 -33.68
C LEU C 806 6.26 -52.23 -33.20
N PRO C 807 5.43 -51.31 -33.67
CA PRO C 807 4.02 -51.34 -33.28
C PRO C 807 3.31 -52.56 -33.82
N ASP C 808 2.32 -53.02 -33.07
CA ASP C 808 1.49 -54.14 -33.50
C ASP C 808 0.10 -53.65 -33.86
N PRO C 809 -0.43 -54.01 -35.03
CA PRO C 809 -1.74 -53.50 -35.45
C PRO C 809 -2.91 -54.09 -34.69
N SER C 810 -2.69 -55.04 -33.79
CA SER C 810 -3.79 -55.63 -33.03
C SER C 810 -4.51 -54.57 -32.19
N LYS C 811 -3.75 -53.73 -31.51
CA LYS C 811 -4.35 -52.66 -30.72
C LYS C 811 -4.81 -51.52 -31.64
N PRO C 812 -5.85 -50.79 -31.24
CA PRO C 812 -6.32 -49.67 -32.07
C PRO C 812 -5.44 -48.45 -32.02
N SER C 813 -4.61 -48.31 -30.98
CA SER C 813 -3.79 -47.11 -30.83
C SER C 813 -2.49 -47.16 -31.62
N LYS C 814 -2.15 -48.33 -32.18
CA LYS C 814 -0.90 -48.51 -32.93
C LYS C 814 0.32 -48.14 -32.08
N ARG C 815 0.43 -48.77 -30.92
CA ARG C 815 1.52 -48.53 -30.00
C ARG C 815 2.24 -49.84 -29.70
N SER C 816 3.55 -49.75 -29.52
CA SER C 816 4.34 -50.91 -29.18
C SER C 816 4.04 -51.37 -27.76
N PRO C 817 4.28 -52.66 -27.46
CA PRO C 817 4.06 -53.13 -26.08
C PRO C 817 4.86 -52.37 -25.04
N ILE C 818 6.10 -51.99 -25.36
CA ILE C 818 6.89 -51.20 -24.41
C ILE C 818 6.22 -49.86 -24.14
N GLU C 819 5.72 -49.21 -25.20
CA GLU C 819 5.02 -47.95 -25.02
C GLU C 819 3.74 -48.15 -24.21
N ASP C 820 3.05 -49.26 -24.41
CA ASP C 820 1.83 -49.53 -23.64
C ASP C 820 2.14 -49.69 -22.16
N LEU C 821 3.19 -50.44 -21.83
CA LEU C 821 3.58 -50.56 -20.43
C LEU C 821 4.03 -49.23 -19.86
N LEU C 822 4.74 -48.42 -20.65
CA LEU C 822 5.15 -47.10 -20.16
C LEU C 822 3.96 -46.21 -19.87
N PHE C 823 2.94 -46.24 -20.75
CA PHE C 823 1.74 -45.45 -20.51
C PHE C 823 0.97 -45.94 -19.30
N ASN C 824 0.85 -47.26 -19.14
CA ASN C 824 0.06 -47.80 -18.04
C ASN C 824 0.77 -47.76 -16.70
N LYS C 825 2.10 -47.64 -16.68
CA LYS C 825 2.82 -47.65 -15.41
C LYS C 825 2.63 -46.35 -14.66
N VAL C 826 2.61 -45.22 -15.35
CA VAL C 826 2.44 -43.91 -14.73
C VAL C 826 1.02 -43.42 -14.99
N THR C 827 0.38 -42.88 -13.95
CA THR C 827 -1.00 -42.43 -14.06
C THR C 827 -1.08 -40.91 -13.98
N ALA C 852 -12.50 -29.29 -17.33
CA ALA C 852 -11.13 -29.09 -16.88
C ALA C 852 -10.97 -27.75 -16.18
N GLN C 853 -11.90 -26.83 -16.45
CA GLN C 853 -11.83 -25.50 -15.87
C GLN C 853 -12.18 -25.53 -14.39
N LYS C 854 -11.50 -24.68 -13.63
CA LYS C 854 -11.68 -24.59 -12.18
C LYS C 854 -12.60 -23.41 -11.86
N PHE C 855 -13.03 -23.35 -10.60
CA PHE C 855 -13.99 -22.32 -10.19
C PHE C 855 -13.47 -20.91 -10.42
N ASN C 856 -12.16 -20.70 -10.28
CA ASN C 856 -11.58 -19.36 -10.24
C ASN C 856 -10.37 -19.25 -11.17
N GLY C 857 -10.64 -18.94 -12.44
CA GLY C 857 -9.61 -18.52 -13.37
C GLY C 857 -8.45 -19.45 -13.58
N LEU C 858 -8.71 -20.75 -13.75
CA LEU C 858 -7.66 -21.71 -14.02
C LEU C 858 -8.05 -22.53 -15.23
N THR C 859 -7.17 -22.60 -16.22
CA THR C 859 -7.40 -23.40 -17.42
C THR C 859 -6.14 -24.17 -17.76
N VAL C 860 -6.31 -25.30 -18.45
CA VAL C 860 -5.22 -26.10 -18.95
C VAL C 860 -5.36 -26.21 -20.46
N LEU C 861 -4.28 -25.92 -21.18
CA LEU C 861 -4.42 -25.96 -22.62
C LEU C 861 -3.94 -27.29 -23.18
N PRO C 862 -4.60 -27.82 -24.20
CA PRO C 862 -4.18 -29.10 -24.76
C PRO C 862 -2.87 -28.94 -25.53
N PRO C 863 -2.08 -30.01 -25.63
CA PRO C 863 -0.84 -29.93 -26.40
C PRO C 863 -1.12 -29.77 -27.89
N LEU C 864 -0.16 -29.18 -28.60
CA LEU C 864 -0.38 -28.88 -30.01
C LEU C 864 -0.47 -30.15 -30.85
N LEU C 865 0.41 -31.12 -30.60
CA LEU C 865 0.42 -32.38 -31.32
C LEU C 865 0.16 -33.52 -30.35
N THR C 866 -0.64 -34.50 -30.78
CA THR C 866 -1.19 -35.47 -29.86
C THR C 866 -0.33 -36.73 -29.80
N ASP C 867 -0.72 -37.63 -28.90
CA ASP C 867 0.05 -38.84 -28.65
C ASP C 867 0.11 -39.74 -29.87
N GLU C 868 -0.95 -39.77 -30.68
CA GLU C 868 -0.91 -40.54 -31.91
C GLU C 868 0.16 -40.01 -32.86
N MET C 869 0.27 -38.69 -32.98
CA MET C 869 1.31 -38.11 -33.82
C MET C 869 2.70 -38.40 -33.27
N ILE C 870 2.85 -38.34 -31.94
CA ILE C 870 4.14 -38.65 -31.35
C ILE C 870 4.51 -40.12 -31.63
N ALA C 871 3.55 -41.02 -31.51
CA ALA C 871 3.81 -42.43 -31.81
C ALA C 871 4.15 -42.62 -33.28
N GLN C 872 3.51 -41.87 -34.17
CA GLN C 872 3.86 -41.93 -35.59
C GLN C 872 5.30 -41.49 -35.82
N TYR C 873 5.71 -40.40 -35.16
CA TYR C 873 7.10 -39.96 -35.27
C TYR C 873 8.07 -41.02 -34.78
N THR C 874 7.76 -41.63 -33.64
CA THR C 874 8.65 -42.66 -33.10
C THR C 874 8.74 -43.87 -34.02
N SER C 875 7.60 -44.29 -34.58
CA SER C 875 7.61 -45.41 -35.51
C SER C 875 8.41 -45.09 -36.76
N ALA C 876 8.29 -43.86 -37.26
CA ALA C 876 9.07 -43.45 -38.43
C ALA C 876 10.55 -43.50 -38.13
N LEU C 877 10.96 -43.00 -36.96
CA LEU C 877 12.37 -43.04 -36.58
C LEU C 877 12.87 -44.48 -36.49
N LEU C 878 12.07 -45.37 -35.88
CA LEU C 878 12.49 -46.75 -35.75
C LEU C 878 12.63 -47.43 -37.11
N ALA C 879 11.65 -47.22 -37.99
CA ALA C 879 11.72 -47.83 -39.32
C ALA C 879 12.94 -47.31 -40.08
N GLY C 880 13.21 -46.01 -39.99
CA GLY C 880 14.38 -45.47 -40.66
C GLY C 880 15.67 -46.05 -40.15
N THR C 881 15.83 -46.13 -38.82
CA THR C 881 17.08 -46.63 -38.26
C THR C 881 17.21 -48.14 -38.39
N ILE C 882 16.13 -48.85 -38.67
CA ILE C 882 16.21 -50.29 -38.88
C ILE C 882 16.52 -50.62 -40.33
N THR C 883 15.86 -49.98 -41.28
CA THR C 883 16.09 -50.29 -42.68
C THR C 883 17.28 -49.51 -43.26
N SER C 884 17.28 -48.19 -43.14
CA SER C 884 18.30 -47.39 -43.80
C SER C 884 19.64 -47.49 -43.09
N GLY C 885 19.64 -47.45 -41.76
CA GLY C 885 20.88 -47.38 -41.00
C GLY C 885 21.07 -46.01 -40.40
N TRP C 886 22.24 -45.40 -40.63
CA TRP C 886 22.45 -44.01 -40.24
C TRP C 886 22.51 -43.08 -41.45
N THR C 887 22.17 -43.58 -42.64
CA THR C 887 22.25 -42.78 -43.85
C THR C 887 21.04 -41.89 -44.05
N PHE C 888 19.94 -42.11 -43.33
CA PHE C 888 18.76 -41.30 -43.49
C PHE C 888 18.78 -40.04 -42.63
N GLY C 889 19.75 -39.90 -41.74
CA GLY C 889 19.92 -38.68 -40.98
C GLY C 889 20.84 -37.67 -41.60
N ALA C 890 21.34 -37.93 -42.81
CA ALA C 890 22.26 -37.03 -43.48
C ALA C 890 21.95 -36.88 -44.97
N GLY C 891 20.73 -37.18 -45.39
CA GLY C 891 20.36 -37.10 -46.79
C GLY C 891 19.23 -38.03 -47.13
N PRO C 892 19.35 -38.74 -48.25
CA PRO C 892 18.31 -39.70 -48.65
C PRO C 892 18.46 -41.01 -47.91
N ALA C 893 17.41 -41.83 -48.00
CA ALA C 893 17.41 -43.13 -47.34
C ALA C 893 18.11 -44.15 -48.22
N LEU C 894 19.04 -44.91 -47.61
CA LEU C 894 19.83 -45.89 -48.33
C LEU C 894 19.59 -47.26 -47.70
N GLN C 895 18.95 -48.16 -48.44
CA GLN C 895 18.68 -49.49 -47.94
C GLN C 895 19.96 -50.29 -47.77
N ILE C 896 19.95 -51.20 -46.79
CA ILE C 896 21.10 -52.06 -46.52
C ILE C 896 20.64 -53.19 -45.60
N PRO C 897 21.09 -54.43 -45.84
CA PRO C 897 20.70 -55.53 -44.95
C PRO C 897 21.18 -55.31 -43.51
N PHE C 898 20.34 -55.72 -42.57
CA PHE C 898 20.67 -55.50 -41.16
C PHE C 898 21.93 -56.22 -40.69
N PRO C 899 22.20 -57.48 -41.06
CA PRO C 899 23.50 -58.06 -40.67
C PRO C 899 24.68 -57.26 -41.18
N MET C 900 24.60 -56.73 -42.40
CA MET C 900 25.69 -55.90 -42.92
C MET C 900 25.81 -54.60 -42.13
N GLN C 901 24.66 -54.01 -41.76
CA GLN C 901 24.71 -52.80 -40.95
C GLN C 901 25.36 -53.05 -39.61
N MET C 902 25.02 -54.18 -38.97
CA MET C 902 25.64 -54.51 -37.69
C MET C 902 27.12 -54.82 -37.85
N ALA C 903 27.52 -55.43 -38.96
CA ALA C 903 28.94 -55.68 -39.20
C ALA C 903 29.70 -54.37 -39.31
N TYR C 904 29.16 -53.42 -40.07
CA TYR C 904 29.81 -52.13 -40.20
C TYR C 904 29.65 -51.27 -38.97
N ARG C 905 28.82 -51.68 -38.01
CA ARG C 905 28.79 -51.02 -36.71
C ARG C 905 29.83 -51.59 -35.75
N PHE C 906 30.08 -52.92 -35.79
CA PHE C 906 31.25 -53.46 -35.10
C PHE C 906 32.53 -52.88 -35.67
N ASN C 907 32.59 -52.66 -36.98
CA ASN C 907 33.81 -52.16 -37.58
C ASN C 907 34.21 -50.79 -37.03
N GLY C 908 33.28 -50.07 -36.40
CA GLY C 908 33.57 -48.78 -35.81
C GLY C 908 34.13 -48.80 -34.41
N ILE C 909 34.18 -49.95 -33.76
CA ILE C 909 34.70 -50.03 -32.40
C ILE C 909 35.92 -50.93 -32.35
N GLY C 910 36.61 -51.07 -33.48
CA GLY C 910 37.88 -51.77 -33.51
C GLY C 910 37.79 -53.27 -33.62
N VAL C 911 36.63 -53.84 -33.95
CA VAL C 911 36.47 -55.28 -34.14
C VAL C 911 36.05 -55.52 -35.58
N THR C 912 36.76 -56.42 -36.26
CA THR C 912 36.46 -56.73 -37.65
C THR C 912 35.13 -57.49 -37.75
N GLN C 913 34.55 -57.45 -38.94
CA GLN C 913 33.21 -57.99 -39.14
C GLN C 913 33.18 -59.51 -39.28
N ASN C 914 34.34 -60.17 -39.37
CA ASN C 914 34.34 -61.62 -39.42
C ASN C 914 33.77 -62.23 -38.15
N VAL C 915 33.97 -61.56 -37.00
CA VAL C 915 33.43 -62.09 -35.75
C VAL C 915 31.90 -62.10 -35.80
N LEU C 916 31.29 -61.05 -36.36
CA LEU C 916 29.84 -61.05 -36.49
C LEU C 916 29.38 -62.08 -37.50
N TYR C 917 30.05 -62.15 -38.65
CA TYR C 917 29.63 -63.09 -39.67
C TYR C 917 29.84 -64.54 -39.25
N GLU C 918 30.64 -64.78 -38.21
CA GLU C 918 30.81 -66.12 -37.68
C GLU C 918 29.97 -66.39 -36.44
N ASN C 919 29.52 -65.35 -35.72
CA ASN C 919 28.68 -65.52 -34.55
C ASN C 919 27.37 -64.76 -34.71
N GLN C 920 26.79 -64.80 -35.91
CA GLN C 920 25.54 -64.10 -36.16
C GLN C 920 24.40 -64.63 -35.30
N LYS C 921 24.28 -65.96 -35.20
CA LYS C 921 23.16 -66.54 -34.46
C LYS C 921 23.25 -66.23 -32.98
N LEU C 922 24.46 -66.36 -32.40
CA LEU C 922 24.62 -66.12 -30.97
C LEU C 922 24.29 -64.69 -30.60
N ILE C 923 24.76 -63.73 -31.41
CA ILE C 923 24.49 -62.32 -31.13
C ILE C 923 23.01 -62.02 -31.27
N ALA C 924 22.36 -62.61 -32.27
CA ALA C 924 20.92 -62.43 -32.43
C ALA C 924 20.16 -62.97 -31.23
N ASN C 925 20.55 -64.14 -30.73
CA ASN C 925 19.89 -64.72 -29.57
C ASN C 925 20.08 -63.84 -28.34
N GLN C 926 21.30 -63.32 -28.14
CA GLN C 926 21.56 -62.44 -27.01
C GLN C 926 20.74 -61.16 -27.10
N PHE C 927 20.67 -60.58 -28.29
CA PHE C 927 19.89 -59.35 -28.47
C PHE C 927 18.41 -59.59 -28.20
N ASN C 928 17.87 -60.70 -28.71
CA ASN C 928 16.47 -61.01 -28.46
C ASN C 928 16.20 -61.22 -26.98
N SER C 929 17.11 -61.92 -26.29
CA SER C 929 16.94 -62.15 -24.86
C SER C 929 16.96 -60.83 -24.10
N ALA C 930 17.88 -59.93 -24.44
CA ALA C 930 17.94 -58.65 -23.74
C ALA C 930 16.68 -57.82 -23.98
N ILE C 931 16.21 -57.79 -25.23
CA ILE C 931 15.00 -57.03 -25.54
C ILE C 931 13.80 -57.60 -24.79
N GLY C 932 13.70 -58.93 -24.72
CA GLY C 932 12.63 -59.53 -23.94
C GLY C 932 12.75 -59.25 -22.46
N LYS C 933 13.98 -59.17 -21.95
CA LYS C 933 14.19 -58.98 -20.52
C LYS C 933 13.91 -57.55 -20.09
N ILE C 934 14.10 -56.58 -20.97
CA ILE C 934 13.95 -55.19 -20.56
C ILE C 934 12.50 -54.88 -20.21
N GLN C 935 11.54 -55.50 -20.91
CA GLN C 935 10.14 -55.27 -20.61
C GLN C 935 9.79 -55.77 -19.22
N ASP C 936 10.26 -56.99 -18.87
CA ASP C 936 10.01 -57.51 -17.53
C ASP C 936 10.72 -56.68 -16.48
N SER C 937 11.92 -56.16 -16.80
CA SER C 937 12.63 -55.31 -15.86
C SER C 937 11.84 -54.04 -15.57
N LEU C 938 11.25 -53.44 -16.61
CA LEU C 938 10.39 -52.28 -16.38
C LEU C 938 9.15 -52.65 -15.59
N SER C 939 8.52 -53.78 -15.92
CA SER C 939 7.22 -54.11 -15.34
C SER C 939 7.33 -54.50 -13.87
N SER C 940 8.28 -55.39 -13.55
CA SER C 940 8.32 -55.96 -12.20
C SER C 940 8.73 -54.93 -11.16
N THR C 941 9.80 -54.18 -11.43
CA THR C 941 10.07 -53.28 -10.31
C THR C 941 9.36 -51.94 -10.51
N PRO C 942 8.81 -51.36 -9.45
CA PRO C 942 8.18 -50.05 -9.57
C PRO C 942 9.19 -48.93 -9.40
N SER C 943 8.72 -47.68 -9.44
CA SER C 943 9.54 -46.49 -9.29
C SER C 943 10.62 -46.38 -10.38
N ALA C 944 10.46 -47.13 -11.48
CA ALA C 944 11.38 -47.00 -12.59
C ALA C 944 11.22 -45.65 -13.28
N LEU C 945 9.99 -45.17 -13.40
CA LEU C 945 9.70 -43.87 -14.01
C LEU C 945 9.61 -42.81 -12.92
N GLY C 946 10.76 -42.46 -12.38
CA GLY C 946 10.86 -41.54 -11.27
C GLY C 946 10.89 -40.07 -11.61
N LYS C 947 10.92 -39.71 -12.89
CA LYS C 947 11.00 -38.31 -13.30
C LYS C 947 9.65 -37.75 -13.74
N LEU C 948 8.91 -38.51 -14.56
CA LEU C 948 7.62 -38.05 -15.03
C LEU C 948 6.63 -37.93 -13.87
N GLN C 949 6.61 -38.93 -13.00
CA GLN C 949 5.77 -38.86 -11.81
C GLN C 949 6.16 -37.68 -10.93
N ASP C 950 7.47 -37.45 -10.81
CA ASP C 950 7.95 -36.33 -10.00
C ASP C 950 7.43 -35.00 -10.54
N VAL C 951 7.53 -34.79 -11.85
CA VAL C 951 7.14 -33.49 -12.40
C VAL C 951 5.62 -33.32 -12.32
N VAL C 952 4.85 -34.37 -12.58
CA VAL C 952 3.40 -34.22 -12.49
C VAL C 952 2.97 -33.97 -11.05
N ASN C 953 3.63 -34.64 -10.09
CA ASN C 953 3.31 -34.40 -8.69
C ASN C 953 3.64 -32.98 -8.27
N GLN C 954 4.79 -32.47 -8.72
CA GLN C 954 5.18 -31.11 -8.37
C GLN C 954 4.17 -30.11 -8.92
N ASN C 955 3.77 -30.27 -10.18
CA ASN C 955 2.80 -29.34 -10.75
C ASN C 955 1.47 -29.39 -10.02
N ALA C 956 0.99 -30.61 -9.72
CA ALA C 956 -0.29 -30.74 -9.02
C ALA C 956 -0.22 -30.12 -7.64
N GLN C 957 0.87 -30.34 -6.91
CA GLN C 957 0.99 -29.78 -5.57
C GLN C 957 1.03 -28.26 -5.61
N ALA C 958 1.78 -27.68 -6.56
CA ALA C 958 1.84 -26.23 -6.65
C ALA C 958 0.47 -25.64 -6.96
N LEU C 959 -0.26 -26.24 -7.90
CA LEU C 959 -1.58 -25.72 -8.23
C LEU C 959 -2.54 -25.84 -7.06
N ASN C 960 -2.48 -26.97 -6.35
CA ASN C 960 -3.37 -27.16 -5.20
C ASN C 960 -3.08 -26.15 -4.10
N THR C 961 -1.80 -25.88 -3.84
CA THR C 961 -1.44 -24.87 -2.86
C THR C 961 -1.93 -23.48 -3.29
N LEU C 962 -1.80 -23.16 -4.58
CA LEU C 962 -2.27 -21.87 -5.06
C LEU C 962 -3.76 -21.72 -4.85
N VAL C 963 -4.54 -22.77 -5.16
CA VAL C 963 -5.99 -22.70 -4.96
C VAL C 963 -6.31 -22.57 -3.48
N LYS C 964 -5.66 -23.37 -2.65
CA LYS C 964 -5.94 -23.36 -1.21
C LYS C 964 -5.56 -22.05 -0.55
N GLN C 965 -4.67 -21.28 -1.17
CA GLN C 965 -4.21 -20.03 -0.56
C GLN C 965 -5.29 -18.94 -0.51
N LEU C 966 -6.52 -19.20 -0.96
CA LEU C 966 -7.56 -18.17 -0.94
C LEU C 966 -8.40 -18.18 0.33
N SER C 967 -8.19 -19.14 1.23
CA SER C 967 -8.98 -19.22 2.45
C SER C 967 -8.31 -18.50 3.63
N SER C 968 -7.22 -17.80 3.39
CA SER C 968 -6.50 -17.11 4.46
C SER C 968 -7.04 -15.70 4.64
N ASN C 969 -7.06 -15.25 5.89
CA ASN C 969 -7.56 -13.92 6.20
C ASN C 969 -6.59 -12.83 5.75
N PHE C 970 -5.29 -13.10 5.81
CA PHE C 970 -4.26 -12.12 5.46
C PHE C 970 -4.35 -10.86 6.31
N GLY C 971 -4.88 -11.00 7.54
CA GLY C 971 -5.05 -9.88 8.43
C GLY C 971 -6.38 -9.17 8.32
N ALA C 972 -7.21 -9.54 7.34
CA ALA C 972 -8.53 -8.93 7.20
C ALA C 972 -9.49 -9.57 8.18
N ILE C 973 -10.78 -9.28 8.04
CA ILE C 973 -11.77 -9.83 8.97
C ILE C 973 -12.23 -11.20 8.52
N SER C 974 -12.69 -11.32 7.28
CA SER C 974 -13.18 -12.58 6.72
C SER C 974 -12.52 -12.83 5.38
N SER C 975 -12.17 -14.09 5.13
CA SER C 975 -11.54 -14.45 3.86
C SER C 975 -12.50 -14.25 2.69
N VAL C 976 -13.77 -14.62 2.87
CA VAL C 976 -14.75 -14.45 1.81
C VAL C 976 -15.07 -12.97 1.63
N LEU C 977 -15.23 -12.55 0.39
CA LEU C 977 -15.41 -11.14 0.06
C LEU C 977 -16.87 -10.71 0.03
N ASN C 978 -17.77 -11.60 -0.40
CA ASN C 978 -19.18 -11.24 -0.47
C ASN C 978 -19.73 -10.93 0.92
N ASP C 979 -19.36 -11.74 1.92
CA ASP C 979 -19.81 -11.48 3.28
C ASP C 979 -19.24 -10.18 3.83
N ILE C 980 -17.96 -9.91 3.58
CA ILE C 980 -17.33 -8.72 4.12
C ILE C 980 -17.79 -7.46 3.42
N LEU C 981 -18.35 -7.56 2.21
CA LEU C 981 -19.02 -6.42 1.61
C LEU C 981 -20.49 -6.32 1.99
N SER C 982 -21.16 -7.42 2.30
CA SER C 982 -22.57 -7.37 2.67
C SER C 982 -22.78 -6.98 4.13
N ARG C 983 -21.81 -7.23 5.00
CA ARG C 983 -21.95 -6.93 6.41
C ARG C 983 -21.32 -5.59 6.81
N LEU C 984 -20.27 -5.17 6.13
CA LEU C 984 -19.70 -3.84 6.32
C LEU C 984 -20.29 -2.89 5.28
N ASP C 985 -19.70 -1.71 5.16
CA ASP C 985 -20.16 -0.64 4.29
C ASP C 985 -19.00 -0.15 3.42
N PRO C 986 -19.30 0.49 2.30
CA PRO C 986 -18.24 0.96 1.39
C PRO C 986 -17.21 1.87 2.05
N PRO C 987 -17.60 2.75 3.00
CA PRO C 987 -16.57 3.63 3.59
C PRO C 987 -15.39 2.91 4.21
N GLU C 988 -15.61 1.78 4.90
CA GLU C 988 -14.51 1.12 5.59
C GLU C 988 -14.35 -0.35 5.18
N ALA C 989 -14.76 -0.71 3.97
CA ALA C 989 -14.38 -2.00 3.41
C ALA C 989 -13.08 -1.90 2.60
N GLU C 990 -12.59 -0.68 2.38
CA GLU C 990 -11.41 -0.47 1.54
C GLU C 990 -10.18 -1.13 2.14
N VAL C 991 -9.98 -1.01 3.45
CA VAL C 991 -8.79 -1.56 4.08
C VAL C 991 -8.77 -3.09 3.95
N GLN C 992 -9.91 -3.72 4.23
CA GLN C 992 -9.98 -5.18 4.14
C GLN C 992 -9.79 -5.65 2.69
N ILE C 993 -10.40 -4.94 1.74
CA ILE C 993 -10.23 -5.32 0.34
C ILE C 993 -8.78 -5.19 -0.08
N ASP C 994 -8.11 -4.13 0.38
CA ASP C 994 -6.69 -3.95 0.06
C ASP C 994 -5.84 -5.06 0.66
N ARG C 995 -6.14 -5.46 1.90
CA ARG C 995 -5.40 -6.55 2.52
C ARG C 995 -5.54 -7.84 1.70
N LEU C 996 -6.78 -8.18 1.33
CA LEU C 996 -6.99 -9.39 0.55
C LEU C 996 -6.29 -9.30 -0.81
N ILE C 997 -6.37 -8.14 -1.45
CA ILE C 997 -5.78 -7.97 -2.78
C ILE C 997 -4.27 -8.13 -2.71
N THR C 998 -3.62 -7.50 -1.73
CA THR C 998 -2.17 -7.60 -1.66
C THR C 998 -1.73 -9.02 -1.31
N GLY C 999 -2.47 -9.71 -0.43
CA GLY C 999 -2.12 -11.09 -0.14
C GLY C 999 -2.22 -11.99 -1.37
N ARG C 1000 -3.32 -11.85 -2.12
CA ARG C 1000 -3.50 -12.70 -3.29
C ARG C 1000 -2.50 -12.36 -4.38
N LEU C 1001 -2.15 -11.09 -4.53
CA LEU C 1001 -1.09 -10.72 -5.47
C LEU C 1001 0.24 -11.37 -5.10
N GLN C 1002 0.57 -11.37 -3.80
CA GLN C 1002 1.82 -12.01 -3.37
C GLN C 1002 1.80 -13.50 -3.70
N SER C 1003 0.68 -14.17 -3.43
CA SER C 1003 0.58 -15.59 -3.72
C SER C 1003 0.77 -15.87 -5.21
N LEU C 1004 0.09 -15.09 -6.06
CA LEU C 1004 0.19 -15.31 -7.50
C LEU C 1004 1.61 -15.05 -7.99
N GLN C 1005 2.26 -14.01 -7.48
CA GLN C 1005 3.63 -13.71 -7.88
C GLN C 1005 4.58 -14.85 -7.52
N THR C 1006 4.45 -15.38 -6.30
CA THR C 1006 5.30 -16.49 -5.90
C THR C 1006 5.08 -17.70 -6.80
N TYR C 1007 3.82 -18.02 -7.09
CA TYR C 1007 3.53 -19.17 -7.95
C TYR C 1007 4.15 -18.98 -9.33
N VAL C 1008 4.02 -17.78 -9.90
CA VAL C 1008 4.56 -17.54 -11.23
C VAL C 1008 6.07 -17.69 -11.26
N THR C 1009 6.76 -17.14 -10.24
CA THR C 1009 8.21 -17.26 -10.22
C THR C 1009 8.66 -18.72 -10.11
N GLN C 1010 7.99 -19.49 -9.25
CA GLN C 1010 8.36 -20.91 -9.13
C GLN C 1010 8.11 -21.64 -10.45
N GLN C 1011 7.01 -21.33 -11.12
CA GLN C 1011 6.74 -21.96 -12.41
C GLN C 1011 7.82 -21.61 -13.42
N LEU C 1012 8.29 -20.36 -13.41
CA LEU C 1012 9.35 -19.96 -14.34
C LEU C 1012 10.63 -20.77 -14.10
N ILE C 1013 11.01 -20.93 -12.84
CA ILE C 1013 12.24 -21.70 -12.54
C ILE C 1013 12.09 -23.15 -13.00
N ARG C 1014 10.94 -23.76 -12.68
CA ARG C 1014 10.74 -25.16 -13.07
C ARG C 1014 10.73 -25.31 -14.59
N ALA C 1015 10.14 -24.33 -15.30
CA ALA C 1015 10.12 -24.38 -16.75
C ALA C 1015 11.51 -24.28 -17.33
N ALA C 1016 12.38 -23.44 -16.74
CA ALA C 1016 13.75 -23.37 -17.22
C ALA C 1016 14.47 -24.71 -17.03
N GLU C 1017 14.28 -25.35 -15.88
CA GLU C 1017 14.91 -26.66 -15.67
C GLU C 1017 14.42 -27.69 -16.69
N ILE C 1018 13.11 -27.72 -16.94
CA ILE C 1018 12.55 -28.66 -17.90
C ILE C 1018 13.08 -28.37 -19.30
N ARG C 1019 13.26 -27.10 -19.64
CA ARG C 1019 13.82 -26.75 -20.95
C ARG C 1019 15.23 -27.27 -21.10
N ALA C 1020 16.04 -27.15 -20.04
CA ALA C 1020 17.40 -27.70 -20.11
C ALA C 1020 17.36 -29.22 -20.33
N SER C 1021 16.48 -29.91 -19.61
CA SER C 1021 16.37 -31.36 -19.78
C SER C 1021 15.92 -31.72 -21.19
N ALA C 1022 14.99 -30.95 -21.76
CA ALA C 1022 14.52 -31.21 -23.11
C ALA C 1022 15.62 -30.99 -24.14
N ASN C 1023 16.45 -29.96 -23.94
CA ASN C 1023 17.58 -29.74 -24.84
C ASN C 1023 18.55 -30.92 -24.77
N LEU C 1024 18.84 -31.41 -23.57
CA LEU C 1024 19.70 -32.59 -23.46
C LEU C 1024 19.10 -33.80 -24.17
N ALA C 1025 17.79 -34.01 -24.01
CA ALA C 1025 17.14 -35.15 -24.67
C ALA C 1025 17.21 -35.02 -26.17
N ALA C 1026 17.00 -33.81 -26.70
CA ALA C 1026 17.09 -33.61 -28.14
C ALA C 1026 18.49 -33.89 -28.66
N THR C 1027 19.51 -33.42 -27.95
CA THR C 1027 20.88 -33.71 -28.36
C THR C 1027 21.17 -35.21 -28.35
N LYS C 1028 20.70 -35.90 -27.31
CA LYS C 1028 20.92 -37.35 -27.23
C LYS C 1028 20.23 -38.07 -28.38
N MET C 1029 18.99 -37.69 -28.68
CA MET C 1029 18.28 -38.33 -29.79
C MET C 1029 18.98 -38.07 -31.12
N SER C 1030 19.49 -36.86 -31.31
CA SER C 1030 20.17 -36.54 -32.57
C SER C 1030 21.47 -37.32 -32.71
N GLU C 1031 22.27 -37.38 -31.64
CA GLU C 1031 23.63 -37.89 -31.76
C GLU C 1031 23.78 -39.36 -31.42
N CYS C 1032 22.73 -40.04 -30.97
CA CYS C 1032 22.83 -41.45 -30.66
C CYS C 1032 21.88 -42.33 -31.45
N VAL C 1033 20.71 -41.84 -31.83
CA VAL C 1033 19.78 -42.65 -32.61
C VAL C 1033 20.14 -42.61 -34.09
N LEU C 1034 20.36 -41.41 -34.63
CA LEU C 1034 20.67 -41.23 -36.04
C LEU C 1034 22.14 -41.45 -36.36
N GLY C 1035 22.90 -42.10 -35.49
CA GLY C 1035 24.30 -42.33 -35.75
C GLY C 1035 24.92 -43.14 -34.64
N GLN C 1036 26.23 -43.32 -34.75
CA GLN C 1036 27.02 -44.03 -33.75
C GLN C 1036 27.96 -43.04 -33.06
N SER C 1037 27.95 -43.03 -31.74
CA SER C 1037 28.70 -42.05 -30.98
C SER C 1037 29.99 -42.67 -30.44
N LYS C 1038 31.08 -41.92 -30.53
CA LYS C 1038 32.37 -42.34 -30.01
C LYS C 1038 32.70 -41.70 -28.67
N ARG C 1039 31.83 -40.84 -28.14
CA ARG C 1039 32.06 -40.19 -26.87
C ARG C 1039 31.59 -41.10 -25.71
N VAL C 1040 32.43 -41.19 -24.69
CA VAL C 1040 32.29 -42.25 -23.70
C VAL C 1040 31.13 -41.96 -22.76
N ASP C 1041 30.38 -43.01 -22.41
CA ASP C 1041 29.34 -43.00 -21.39
C ASP C 1041 28.18 -42.08 -21.72
N PHE C 1042 28.18 -41.46 -22.91
CA PHE C 1042 27.05 -40.63 -23.30
C PHE C 1042 25.79 -41.46 -23.46
N CYS C 1043 25.90 -42.64 -24.09
CA CYS C 1043 24.76 -43.50 -24.35
C CYS C 1043 25.13 -44.93 -23.93
N GLY C 1044 24.87 -45.26 -22.67
CA GLY C 1044 25.02 -46.62 -22.18
C GLY C 1044 26.42 -46.92 -21.69
N LYS C 1045 26.50 -47.96 -20.87
CA LYS C 1045 27.76 -48.44 -20.31
C LYS C 1045 28.31 -49.55 -21.21
N GLY C 1046 29.47 -49.32 -21.81
CA GLY C 1046 30.07 -50.20 -22.79
C GLY C 1046 30.44 -49.40 -24.02
N TYR C 1047 30.57 -50.10 -25.15
CA TYR C 1047 30.81 -49.44 -26.42
C TYR C 1047 29.49 -49.34 -27.18
N HIS C 1048 29.07 -48.12 -27.50
CA HIS C 1048 27.75 -47.91 -28.08
C HIS C 1048 27.64 -48.59 -29.43
N LEU C 1049 26.49 -49.19 -29.70
CA LEU C 1049 26.17 -49.80 -30.98
C LEU C 1049 24.97 -49.16 -31.65
N MET C 1050 23.83 -49.08 -30.96
CA MET C 1050 22.68 -48.42 -31.58
C MET C 1050 21.60 -48.16 -30.53
N SER C 1051 20.83 -47.11 -30.74
CA SER C 1051 19.78 -46.72 -29.80
C SER C 1051 18.41 -46.78 -30.44
N PHE C 1052 17.40 -47.02 -29.61
CA PHE C 1052 16.01 -47.11 -30.05
C PHE C 1052 15.16 -46.19 -29.16
N PRO C 1053 14.34 -45.32 -29.76
CA PRO C 1053 13.48 -44.45 -28.96
C PRO C 1053 12.10 -45.04 -28.73
N GLN C 1054 11.50 -44.65 -27.61
CA GLN C 1054 10.13 -44.99 -27.27
C GLN C 1054 9.49 -43.78 -26.59
N SER C 1055 8.18 -43.66 -26.74
CA SER C 1055 7.47 -42.50 -26.24
C SER C 1055 7.00 -42.72 -24.81
N ALA C 1056 6.86 -41.61 -24.08
CA ALA C 1056 6.38 -41.58 -22.71
C ALA C 1056 5.36 -40.46 -22.58
N PRO C 1057 4.51 -40.48 -21.55
CA PRO C 1057 3.46 -39.46 -21.46
C PRO C 1057 3.98 -38.03 -21.46
N HIS C 1058 5.09 -37.75 -20.77
CA HIS C 1058 5.71 -36.44 -20.80
C HIS C 1058 7.23 -36.57 -20.93
N GLY C 1059 7.68 -37.44 -21.82
CA GLY C 1059 9.11 -37.62 -21.98
C GLY C 1059 9.40 -38.66 -23.03
N VAL C 1060 10.65 -39.13 -23.03
CA VAL C 1060 11.12 -40.11 -24.00
C VAL C 1060 11.98 -41.13 -23.26
N VAL C 1061 12.04 -42.34 -23.82
CA VAL C 1061 12.80 -43.44 -23.23
C VAL C 1061 13.73 -43.98 -24.30
N PHE C 1062 15.00 -44.20 -23.94
CA PHE C 1062 16.01 -44.69 -24.87
C PHE C 1062 16.45 -46.08 -24.46
N LEU C 1063 16.54 -46.99 -25.44
CA LEU C 1063 17.12 -48.30 -25.24
C LEU C 1063 18.46 -48.33 -25.97
N HIS C 1064 19.55 -48.47 -25.23
CA HIS C 1064 20.88 -48.45 -25.79
C HIS C 1064 21.42 -49.86 -25.91
N VAL C 1065 21.73 -50.28 -27.12
CA VAL C 1065 22.40 -51.55 -27.37
C VAL C 1065 23.89 -51.27 -27.45
N THR C 1066 24.65 -51.95 -26.60
CA THR C 1066 26.07 -51.73 -26.43
C THR C 1066 26.82 -53.05 -26.39
N TYR C 1067 28.11 -52.98 -26.65
CA TYR C 1067 29.02 -54.11 -26.68
C TYR C 1067 29.86 -54.09 -25.41
N VAL C 1068 29.93 -55.23 -24.72
CA VAL C 1068 30.63 -55.34 -23.45
C VAL C 1068 31.53 -56.57 -23.51
N PRO C 1069 32.85 -56.41 -23.41
CA PRO C 1069 33.74 -57.59 -23.42
C PRO C 1069 33.66 -58.35 -22.11
N ALA C 1070 34.06 -59.61 -22.17
CA ALA C 1070 34.06 -60.48 -21.00
C ALA C 1070 34.99 -61.65 -21.25
N GLN C 1071 35.29 -62.39 -20.18
CA GLN C 1071 36.07 -63.62 -20.26
C GLN C 1071 37.47 -63.36 -20.83
N GLU C 1072 38.26 -62.63 -20.05
CA GLU C 1072 39.61 -62.25 -20.44
C GLU C 1072 40.62 -63.34 -20.07
N LYS C 1073 41.79 -63.25 -20.69
CA LYS C 1073 42.89 -64.18 -20.44
C LYS C 1073 44.20 -63.40 -20.38
N ASN C 1074 45.15 -63.93 -19.62
CA ASN C 1074 46.47 -63.31 -19.47
C ASN C 1074 47.38 -63.71 -20.63
N PHE C 1075 48.30 -62.80 -20.97
CA PHE C 1075 49.27 -63.04 -22.03
C PHE C 1075 50.50 -62.17 -21.78
N THR C 1076 51.58 -62.50 -22.48
CA THR C 1076 52.82 -61.76 -22.41
C THR C 1076 53.00 -60.92 -23.67
N THR C 1077 53.48 -59.70 -23.50
CA THR C 1077 53.62 -58.75 -24.61
C THR C 1077 55.08 -58.34 -24.80
N ALA C 1078 55.31 -57.65 -25.91
CA ALA C 1078 56.61 -57.09 -26.25
C ALA C 1078 56.38 -55.98 -27.27
N PRO C 1079 57.10 -54.87 -27.20
CA PRO C 1079 56.80 -53.75 -28.10
C PRO C 1079 57.42 -53.85 -29.49
N ALA C 1080 58.32 -54.79 -29.74
CA ALA C 1080 58.99 -54.87 -31.03
C ALA C 1080 59.54 -56.28 -31.23
N ILE C 1081 60.05 -56.53 -32.43
CA ILE C 1081 60.62 -57.83 -32.79
C ILE C 1081 61.94 -57.59 -33.53
N CYS C 1082 63.01 -58.21 -33.06
CA CYS C 1082 64.29 -58.19 -33.79
C CYS C 1082 64.25 -59.24 -34.90
N HIS C 1083 64.69 -58.84 -36.08
CA HIS C 1083 64.80 -59.76 -37.21
C HIS C 1083 65.85 -59.21 -38.16
N ASP C 1084 67.03 -59.82 -38.18
CA ASP C 1084 68.13 -59.41 -39.04
C ASP C 1084 68.48 -57.94 -38.82
N GLY C 1085 68.55 -57.55 -37.55
CA GLY C 1085 68.86 -56.18 -37.20
C GLY C 1085 67.78 -55.18 -37.59
N LYS C 1086 66.52 -55.59 -37.50
CA LYS C 1086 65.39 -54.72 -37.81
C LYS C 1086 64.35 -54.83 -36.72
N ALA C 1087 63.58 -53.77 -36.54
CA ALA C 1087 62.52 -53.72 -35.54
C ALA C 1087 61.17 -53.67 -36.24
N HIS C 1088 60.29 -54.60 -35.89
CA HIS C 1088 58.97 -54.73 -36.50
C HIS C 1088 57.89 -54.37 -35.51
N PHE C 1089 56.99 -53.47 -35.91
CA PHE C 1089 55.85 -53.05 -35.12
C PHE C 1089 54.56 -53.47 -35.81
N PRO C 1090 53.51 -53.76 -35.06
CA PRO C 1090 52.26 -54.23 -35.69
C PRO C 1090 51.53 -53.09 -36.38
N ARG C 1091 50.95 -53.39 -37.54
CA ARG C 1091 50.13 -52.40 -38.24
C ARG C 1091 48.92 -52.02 -37.40
N GLU C 1092 48.18 -53.01 -36.91
CA GLU C 1092 47.07 -52.79 -36.01
C GLU C 1092 46.90 -54.05 -35.16
N GLY C 1093 46.87 -53.88 -33.85
CA GLY C 1093 46.83 -55.00 -32.95
C GLY C 1093 47.95 -54.98 -31.93
N VAL C 1094 48.32 -56.15 -31.42
CA VAL C 1094 49.31 -56.23 -30.36
C VAL C 1094 49.96 -57.62 -30.42
N PHE C 1095 51.26 -57.65 -30.11
CA PHE C 1095 52.00 -58.90 -30.02
C PHE C 1095 51.64 -59.62 -28.72
N VAL C 1096 51.36 -60.91 -28.81
CA VAL C 1096 51.11 -61.75 -27.65
C VAL C 1096 51.86 -63.06 -27.82
N SER C 1097 52.02 -63.78 -26.71
CA SER C 1097 52.68 -65.08 -26.73
C SER C 1097 52.06 -65.97 -25.68
N ASN C 1098 51.86 -67.24 -26.03
CA ASN C 1098 51.26 -68.21 -25.14
C ASN C 1098 52.30 -69.08 -24.43
N GLY C 1099 53.58 -68.74 -24.54
CA GLY C 1099 54.61 -69.50 -23.88
C GLY C 1099 55.65 -70.06 -24.82
N THR C 1100 55.22 -70.46 -26.00
CA THR C 1100 56.12 -71.07 -26.98
C THR C 1100 56.20 -70.32 -28.31
N HIS C 1101 55.14 -69.64 -28.72
CA HIS C 1101 55.11 -68.96 -30.01
C HIS C 1101 54.48 -67.59 -29.85
N TRP C 1102 54.78 -66.71 -30.79
CA TRP C 1102 54.28 -65.34 -30.79
C TRP C 1102 53.26 -65.15 -31.91
N PHE C 1103 52.29 -64.29 -31.66
CA PHE C 1103 51.23 -64.01 -32.61
C PHE C 1103 50.83 -62.54 -32.49
N VAL C 1104 50.03 -62.07 -33.44
CA VAL C 1104 49.44 -60.74 -33.40
C VAL C 1104 47.94 -60.89 -33.25
N THR C 1105 47.35 -60.16 -32.31
CA THR C 1105 45.91 -60.20 -32.09
C THR C 1105 45.35 -58.79 -32.07
N GLN C 1106 44.15 -58.62 -32.61
CA GLN C 1106 43.46 -57.35 -32.49
C GLN C 1106 43.12 -57.09 -31.02
N ARG C 1107 43.06 -55.80 -30.67
CA ARG C 1107 43.06 -55.43 -29.26
C ARG C 1107 41.82 -55.92 -28.52
N ASN C 1108 40.65 -55.83 -29.16
CA ASN C 1108 39.38 -56.03 -28.46
C ASN C 1108 38.85 -57.46 -28.58
N PHE C 1109 39.61 -58.37 -29.18
CA PHE C 1109 39.22 -59.76 -29.27
C PHE C 1109 40.47 -60.62 -29.24
N TYR C 1110 40.31 -61.92 -29.38
CA TYR C 1110 41.43 -62.85 -29.36
C TYR C 1110 41.37 -63.73 -30.60
N GLU C 1111 41.99 -63.26 -31.69
CA GLU C 1111 42.24 -64.08 -32.86
C GLU C 1111 43.72 -64.03 -33.16
N PRO C 1112 44.46 -65.12 -32.97
CA PRO C 1112 45.91 -65.09 -33.20
C PRO C 1112 46.25 -65.33 -34.66
N GLN C 1113 47.27 -64.61 -35.13
CA GLN C 1113 47.72 -64.69 -36.50
C GLN C 1113 49.23 -64.87 -36.53
N ILE C 1114 49.71 -65.61 -37.53
CA ILE C 1114 51.15 -65.79 -37.70
C ILE C 1114 51.77 -64.46 -38.13
N ILE C 1115 52.91 -64.12 -37.51
CA ILE C 1115 53.56 -62.84 -37.78
C ILE C 1115 54.22 -62.90 -39.14
N THR C 1116 53.76 -62.07 -40.06
CA THR C 1116 54.35 -61.95 -41.40
C THR C 1116 54.84 -60.51 -41.59
N THR C 1117 55.29 -60.22 -42.80
CA THR C 1117 55.71 -58.87 -43.15
C THR C 1117 54.58 -58.05 -43.75
N ASP C 1118 53.37 -58.60 -43.82
CA ASP C 1118 52.22 -57.88 -44.33
C ASP C 1118 51.38 -57.24 -43.24
N ASN C 1119 51.48 -57.73 -42.00
CA ASN C 1119 50.78 -57.14 -40.86
C ASN C 1119 51.72 -56.41 -39.92
N THR C 1120 52.98 -56.20 -40.32
CA THR C 1120 53.93 -55.45 -39.54
C THR C 1120 54.70 -54.50 -40.44
N PHE C 1121 55.24 -53.44 -39.86
CA PHE C 1121 56.06 -52.47 -40.58
C PHE C 1121 57.34 -52.21 -39.82
N VAL C 1122 58.43 -52.02 -40.56
CA VAL C 1122 59.76 -51.88 -39.99
C VAL C 1122 60.15 -50.41 -39.95
N SER C 1123 60.85 -50.01 -38.90
CA SER C 1123 61.32 -48.63 -38.77
C SER C 1123 62.60 -48.65 -37.93
N GLY C 1124 63.75 -48.62 -38.60
CA GLY C 1124 65.02 -48.58 -37.92
C GLY C 1124 65.47 -49.94 -37.43
N ASN C 1125 66.57 -49.93 -36.69
CA ASN C 1125 67.13 -51.13 -36.09
C ASN C 1125 66.65 -51.30 -34.66
N CYS C 1126 66.67 -52.55 -34.19
CA CYS C 1126 66.16 -52.87 -32.86
C CYS C 1126 67.28 -52.75 -31.83
N ASP C 1127 67.69 -51.52 -31.59
CA ASP C 1127 68.68 -51.22 -30.57
C ASP C 1127 68.33 -50.00 -29.72
N VAL C 1128 67.21 -49.34 -29.98
CA VAL C 1128 66.82 -48.15 -29.24
C VAL C 1128 65.62 -48.40 -28.33
N VAL C 1129 64.70 -49.28 -28.70
CA VAL C 1129 63.56 -49.63 -27.87
C VAL C 1129 64.08 -50.47 -26.71
N ILE C 1130 63.28 -50.66 -25.67
CA ILE C 1130 63.75 -51.26 -24.43
C ILE C 1130 63.47 -52.76 -24.37
N GLY C 1131 62.28 -53.19 -24.79
CA GLY C 1131 61.87 -54.56 -24.53
C GLY C 1131 61.75 -55.49 -25.72
N ILE C 1132 62.69 -55.45 -26.66
CA ILE C 1132 62.55 -56.24 -27.88
C ILE C 1132 62.82 -57.70 -27.55
N VAL C 1133 62.32 -58.60 -28.40
CA VAL C 1133 62.65 -60.01 -28.32
C VAL C 1133 63.20 -60.49 -29.66
N ASN C 1134 63.50 -61.78 -29.77
CA ASN C 1134 64.09 -62.35 -30.98
C ASN C 1134 63.25 -63.41 -31.67
N ASN C 1135 61.95 -63.17 -31.88
CA ASN C 1135 61.20 -64.05 -32.75
C ASN C 1135 61.51 -63.71 -34.21
N THR C 1136 61.04 -64.56 -35.12
CA THR C 1136 61.32 -64.42 -36.54
C THR C 1136 60.04 -64.09 -37.30
N VAL C 1137 60.19 -63.32 -38.37
CA VAL C 1137 59.08 -62.83 -39.18
C VAL C 1137 59.00 -63.68 -40.44
N TYR C 1138 57.82 -64.26 -40.69
CA TYR C 1138 57.61 -65.06 -41.88
C TYR C 1138 57.49 -64.18 -43.11
N ASP C 1139 58.07 -64.64 -44.22
CA ASP C 1139 58.01 -63.93 -45.48
C ASP C 1139 57.11 -64.67 -46.46
N PRO C 1140 55.99 -64.08 -46.88
CA PRO C 1140 55.07 -64.79 -47.78
C PRO C 1140 55.50 -64.84 -49.23
N LEU C 1141 56.74 -64.45 -49.55
CA LEU C 1141 57.22 -64.46 -50.93
C LEU C 1141 58.19 -65.59 -51.23
N GLN C 1142 58.92 -66.07 -50.23
CA GLN C 1142 59.86 -67.17 -50.46
C GLN C 1142 59.17 -68.45 -50.90
N PRO C 1143 58.11 -68.94 -50.25
CA PRO C 1143 57.49 -70.19 -50.72
C PRO C 1143 56.95 -70.10 -52.13
N GLU C 1144 56.46 -68.94 -52.56
CA GLU C 1144 55.92 -68.75 -53.89
C GLU C 1144 56.99 -68.43 -54.92
N LEU C 1145 58.26 -68.36 -54.51
CA LEU C 1145 59.34 -68.11 -55.46
C LEU C 1145 59.45 -69.24 -56.49
N ASP C 1146 59.31 -70.49 -56.03
CA ASP C 1146 59.39 -71.64 -56.93
C ASP C 1146 58.18 -71.72 -57.84
N GLU D 5 -6.37 52.20 10.39
CA GLU D 5 -7.81 52.42 10.54
C GLU D 5 -8.55 51.11 10.78
N VAL D 6 -8.97 50.89 12.03
CA VAL D 6 -9.69 49.67 12.37
C VAL D 6 -11.05 49.68 11.70
N GLN D 7 -11.46 48.52 11.18
CA GLN D 7 -12.71 48.41 10.43
C GLN D 7 -13.14 46.95 10.43
N LEU D 8 -14.35 46.68 10.92
CA LEU D 8 -14.83 45.32 11.03
C LEU D 8 -16.26 45.23 10.51
N LEU D 9 -16.65 44.03 10.06
CA LEU D 9 -17.96 43.78 9.50
C LEU D 9 -18.75 42.81 10.36
N GLN D 10 -20.04 43.09 10.53
CA GLN D 10 -21.00 42.14 11.09
C GLN D 10 -22.32 42.36 10.36
N SER D 11 -22.61 41.48 9.40
CA SER D 11 -23.79 41.60 8.53
C SER D 11 -24.57 40.29 8.61
N ALA D 12 -25.49 40.20 9.57
CA ALA D 12 -26.37 39.05 9.70
C ALA D 12 -27.80 39.48 10.00
N GLY D 13 -28.21 40.62 9.49
CA GLY D 13 -29.55 41.12 9.70
C GLY D 13 -30.59 40.41 8.86
N GLY D 14 -30.84 39.14 9.16
CA GLY D 14 -31.82 38.36 8.43
C GLY D 14 -32.58 37.39 9.30
N LEU D 15 -33.90 37.33 9.12
CA LEU D 15 -34.72 36.41 9.88
C LEU D 15 -34.38 34.98 9.54
N VAL D 16 -34.39 34.12 10.55
CA VAL D 16 -34.05 32.71 10.41
C VAL D 16 -35.26 31.87 10.80
N GLN D 17 -35.56 30.87 9.97
CA GLN D 17 -36.66 29.96 10.25
C GLN D 17 -36.30 29.06 11.43
N PRO D 18 -37.30 28.50 12.11
CA PRO D 18 -37.00 27.59 13.22
C PRO D 18 -36.15 26.42 12.78
N GLY D 19 -35.17 26.08 13.61
CA GLY D 19 -34.26 24.99 13.30
C GLY D 19 -33.44 25.22 12.05
N GLY D 20 -33.01 26.46 11.81
CA GLY D 20 -32.25 26.78 10.62
C GLY D 20 -30.76 26.89 10.90
N SER D 21 -30.01 27.16 9.82
CA SER D 21 -28.56 27.32 9.89
C SER D 21 -28.21 28.72 9.43
N LEU D 22 -27.34 29.39 10.18
CA LEU D 22 -26.93 30.76 9.89
C LEU D 22 -25.42 30.85 9.78
N ARG D 23 -24.97 31.70 8.86
CA ARG D 23 -23.55 31.86 8.56
C ARG D 23 -23.16 33.32 8.78
N LEU D 24 -22.20 33.56 9.65
CA LEU D 24 -21.73 34.91 9.94
C LEU D 24 -20.39 35.18 9.26
N SER D 25 -19.91 36.41 9.43
CA SER D 25 -18.63 36.81 8.85
C SER D 25 -18.13 38.07 9.54
N CYS D 26 -16.90 38.01 10.05
CA CYS D 26 -16.18 39.19 10.53
C CYS D 26 -14.90 39.29 9.70
N ALA D 27 -14.71 40.43 9.05
CA ALA D 27 -13.60 40.63 8.13
C ALA D 27 -12.42 41.26 8.88
N ALA D 28 -11.41 41.69 8.13
CA ALA D 28 -10.23 42.32 8.69
C ALA D 28 -9.90 43.58 7.90
N SER D 29 -9.11 44.45 8.51
CA SER D 29 -8.75 45.74 7.92
C SER D 29 -7.25 45.97 8.00
N GLY D 30 -6.47 44.96 7.63
CA GLY D 30 -5.03 45.11 7.57
C GLY D 30 -4.26 44.14 8.45
N PHE D 31 -4.84 43.78 9.59
CA PHE D 31 -4.20 42.90 10.55
C PHE D 31 -4.63 41.46 10.31
N THR D 32 -3.68 40.55 10.37
CA THR D 32 -3.99 39.13 10.20
C THR D 32 -4.80 38.62 11.39
N VAL D 33 -5.74 37.71 11.10
CA VAL D 33 -6.60 37.15 12.14
C VAL D 33 -6.00 35.94 12.83
N SER D 34 -4.98 35.31 12.24
CA SER D 34 -4.38 34.12 12.83
C SER D 34 -3.21 34.44 13.76
N ALA D 35 -2.81 35.70 13.87
CA ALA D 35 -1.72 36.10 14.75
C ALA D 35 -2.20 36.80 16.01
N ASN D 36 -3.51 36.99 16.17
CA ASN D 36 -4.06 37.71 17.30
C ASN D 36 -5.31 37.01 17.80
N TYR D 37 -5.70 37.34 19.02
CA TYR D 37 -6.79 36.64 19.70
C TYR D 37 -8.13 37.19 19.24
N MET D 38 -9.01 36.32 18.79
CA MET D 38 -10.36 36.68 18.37
C MET D 38 -11.36 36.29 19.45
N SER D 39 -12.42 37.08 19.58
CA SER D 39 -13.42 36.85 20.62
C SER D 39 -14.79 37.30 20.14
N TRP D 40 -15.83 36.70 20.73
CA TRP D 40 -17.22 37.00 20.42
C TRP D 40 -18.00 37.18 21.71
N VAL D 41 -18.89 38.17 21.72
CA VAL D 41 -19.75 38.42 22.88
C VAL D 41 -21.20 38.56 22.43
N ARG D 42 -22.09 38.14 23.31
CA ARG D 42 -23.53 38.28 23.14
C ARG D 42 -24.00 39.45 24.00
N GLN D 43 -24.59 40.45 23.36
CA GLN D 43 -24.99 41.67 24.06
C GLN D 43 -26.12 41.40 25.05
N ALA D 44 -27.05 40.52 24.69
CA ALA D 44 -28.21 40.19 25.52
C ALA D 44 -28.97 41.44 25.92
N PRO D 45 -29.73 42.05 25.00
CA PRO D 45 -30.46 43.28 25.34
C PRO D 45 -31.44 43.04 26.48
N GLY D 46 -31.59 44.04 27.33
CA GLY D 46 -32.35 43.91 28.56
C GLY D 46 -31.55 43.37 29.72
N LYS D 47 -30.26 43.12 29.55
CA LYS D 47 -29.39 42.63 30.61
C LYS D 47 -27.95 42.94 30.22
N GLY D 48 -27.00 42.43 31.00
CA GLY D 48 -25.60 42.63 30.70
C GLY D 48 -25.11 41.75 29.57
N LEU D 49 -23.85 41.97 29.20
CA LEU D 49 -23.23 41.20 28.13
C LEU D 49 -22.73 39.85 28.64
N GLU D 50 -22.36 38.98 27.70
CA GLU D 50 -21.86 37.66 28.02
C GLU D 50 -20.83 37.26 26.97
N TRP D 51 -19.96 36.34 27.33
CA TRP D 51 -18.95 35.82 26.41
C TRP D 51 -19.52 34.63 25.62
N VAL D 52 -18.98 34.42 24.42
CA VAL D 52 -19.46 33.33 23.56
C VAL D 52 -18.31 32.39 23.24
N SER D 53 -17.28 32.89 22.57
CA SER D 53 -16.17 32.03 22.16
C SER D 53 -14.93 32.89 21.92
N VAL D 54 -13.79 32.22 21.98
CA VAL D 54 -12.49 32.82 21.69
C VAL D 54 -11.77 31.95 20.68
N ILE D 55 -11.28 32.57 19.61
CA ILE D 55 -10.43 31.90 18.62
C ILE D 55 -8.99 32.32 18.87
N TYR D 56 -8.17 31.36 19.30
CA TYR D 56 -6.76 31.59 19.49
C TYR D 56 -6.03 31.70 18.16
N PRO D 57 -4.86 32.34 18.14
CA PRO D 57 -3.92 32.11 17.03
C PRO D 57 -3.62 30.63 16.94
N GLY D 58 -3.42 30.13 15.73
CA GLY D 58 -3.50 28.70 15.62
C GLY D 58 -4.89 28.33 15.14
N GLY D 59 -5.82 28.17 16.07
CA GLY D 59 -7.13 27.69 15.73
C GLY D 59 -7.80 26.88 16.81
N SER D 60 -7.10 26.68 17.93
CA SER D 60 -7.75 26.16 19.12
C SER D 60 -8.86 27.10 19.59
N THR D 61 -10.02 26.54 19.85
CA THR D 61 -11.22 27.32 20.15
C THR D 61 -11.67 27.08 21.58
N PHE D 62 -12.13 28.14 22.24
CA PHE D 62 -12.72 28.03 23.56
C PHE D 62 -14.15 28.53 23.53
N TYR D 63 -15.07 27.75 24.10
CA TYR D 63 -16.49 28.07 24.09
C TYR D 63 -16.96 28.43 25.49
N ALA D 64 -18.12 29.09 25.56
CA ALA D 64 -18.71 29.43 26.83
C ALA D 64 -19.34 28.20 27.48
N ASP D 65 -19.68 28.33 28.76
CA ASP D 65 -20.29 27.23 29.49
C ASP D 65 -21.74 27.02 29.10
N SER D 66 -22.44 28.09 28.71
CA SER D 66 -23.86 27.97 28.37
C SER D 66 -24.07 27.10 27.13
N VAL D 67 -23.27 27.32 26.09
CA VAL D 67 -23.41 26.60 24.83
C VAL D 67 -22.20 25.70 24.63
N LYS D 68 -22.46 24.40 24.40
CA LYS D 68 -21.42 23.41 24.20
C LYS D 68 -21.70 22.64 22.93
N GLY D 69 -20.69 22.52 22.07
CA GLY D 69 -20.79 21.68 20.87
C GLY D 69 -21.55 22.21 19.68
N ARG D 70 -22.74 22.77 19.90
CA ARG D 70 -23.57 23.17 18.76
C ARG D 70 -22.96 24.33 17.99
N PHE D 71 -22.29 25.24 18.69
CA PHE D 71 -21.63 26.36 18.02
C PHE D 71 -20.35 25.89 17.32
N THR D 72 -20.12 26.40 16.11
CA THR D 72 -18.96 26.02 15.30
C THR D 72 -18.42 27.27 14.61
N ILE D 73 -17.31 27.80 15.12
CA ILE D 73 -16.71 29.00 14.57
C ILE D 73 -15.40 28.63 13.88
N SER D 74 -15.22 29.14 12.66
CA SER D 74 -14.09 28.79 11.82
C SER D 74 -13.43 30.06 11.29
N ARG D 75 -12.15 29.97 10.99
CA ARG D 75 -11.35 31.08 10.50
C ARG D 75 -10.83 30.75 9.11
N ASP D 76 -10.98 31.71 8.19
CA ASP D 76 -10.57 31.55 6.80
C ASP D 76 -9.44 32.54 6.54
N ASN D 77 -8.22 32.02 6.40
CA ASN D 77 -7.07 32.87 6.13
C ASN D 77 -6.99 33.30 4.68
N SER D 78 -7.57 32.52 3.76
CA SER D 78 -7.58 32.91 2.35
C SER D 78 -8.38 34.18 2.13
N LYS D 79 -9.52 34.30 2.81
CA LYS D 79 -10.39 35.45 2.69
C LYS D 79 -10.32 36.38 3.88
N ASN D 80 -9.51 36.05 4.89
CA ASN D 80 -9.31 36.87 6.08
C ASN D 80 -10.64 37.14 6.80
N THR D 81 -11.29 36.06 7.20
CA THR D 81 -12.62 36.13 7.79
C THR D 81 -12.75 35.20 8.99
N LEU D 82 -13.78 35.45 9.78
CA LEU D 82 -14.01 34.84 11.09
C LEU D 82 -15.40 34.21 11.16
N TYR D 83 -15.72 33.34 10.20
CA TYR D 83 -17.07 32.82 10.06
C TYR D 83 -17.53 32.07 11.30
N LEU D 84 -18.85 32.05 11.51
CA LEU D 84 -19.47 31.28 12.57
C LEU D 84 -20.75 30.67 12.02
N GLN D 85 -20.89 29.35 12.16
CA GLN D 85 -22.06 28.63 11.65
C GLN D 85 -22.91 28.18 12.82
N MET D 86 -24.09 28.78 12.96
CA MET D 86 -25.07 28.34 13.96
C MET D 86 -25.97 27.28 13.33
N ASN D 87 -26.08 26.13 13.99
CA ASN D 87 -27.02 25.10 13.60
C ASN D 87 -28.41 25.47 14.13
N SER D 88 -29.31 24.49 14.15
CA SER D 88 -30.67 24.69 14.63
C SER D 88 -30.72 25.46 15.94
N LEU D 89 -31.34 26.64 15.91
CA LEU D 89 -31.39 27.54 17.04
C LEU D 89 -32.71 27.39 17.78
N ARG D 90 -32.69 27.76 19.06
CA ARG D 90 -33.84 27.63 19.95
C ARG D 90 -34.29 29.01 20.43
N VAL D 91 -35.25 29.01 21.36
CA VAL D 91 -35.85 30.24 21.86
C VAL D 91 -34.82 31.03 22.67
N GLU D 92 -35.12 32.31 22.90
CA GLU D 92 -34.32 33.21 23.73
C GLU D 92 -32.84 33.22 23.33
N ASP D 93 -32.61 33.18 22.01
CA ASP D 93 -31.27 33.36 21.45
C ASP D 93 -31.20 34.59 20.56
N THR D 94 -32.13 35.53 20.73
CA THR D 94 -32.16 36.77 19.96
C THR D 94 -31.38 37.84 20.70
N ALA D 95 -30.22 38.22 20.16
CA ALA D 95 -29.37 39.23 20.78
C ALA D 95 -28.37 39.72 19.73
N VAL D 96 -27.47 40.61 20.15
CA VAL D 96 -26.42 41.12 19.28
C VAL D 96 -25.18 40.25 19.48
N TYR D 97 -24.38 40.11 18.42
CA TYR D 97 -23.36 39.08 18.34
C TYR D 97 -21.98 39.69 18.05
N TYR D 98 -21.57 40.63 18.89
CA TYR D 98 -20.36 41.41 18.62
C TYR D 98 -19.14 40.51 18.50
N CYS D 99 -18.21 40.90 17.62
CA CYS D 99 -16.93 40.23 17.49
C CYS D 99 -15.81 41.26 17.62
N ALA D 100 -14.63 40.80 18.04
CA ALA D 100 -13.53 41.71 18.31
C ALA D 100 -12.23 40.94 18.42
N ARG D 101 -11.15 41.71 18.56
CA ARG D 101 -9.84 41.18 18.91
C ARG D 101 -9.63 41.26 20.43
N ASP D 102 -8.77 40.40 20.94
CA ASP D 102 -8.55 40.29 22.38
C ASP D 102 -7.08 40.45 22.70
N LEU D 103 -6.77 41.41 23.58
CA LEU D 103 -5.43 41.60 24.13
C LEU D 103 -5.53 41.81 25.64
N SER D 104 -6.29 40.93 26.29
CA SER D 104 -6.73 41.12 27.68
C SER D 104 -5.69 41.75 28.60
N VAL D 105 -4.44 41.29 28.50
CA VAL D 105 -3.40 41.84 29.36
C VAL D 105 -3.15 43.30 29.06
N ALA D 106 -3.02 43.65 27.77
CA ALA D 106 -2.78 45.03 27.35
C ALA D 106 -3.91 45.46 26.42
N GLY D 107 -5.02 45.90 27.01
CA GLY D 107 -6.15 46.36 26.25
C GLY D 107 -7.16 45.26 26.00
N ALA D 108 -8.30 45.30 26.69
CA ALA D 108 -9.32 44.26 26.60
C ALA D 108 -10.40 44.71 25.64
N PHE D 109 -10.42 44.11 24.45
CA PHE D 109 -11.40 44.42 23.40
C PHE D 109 -11.35 45.90 23.04
N ASP D 110 -10.18 46.32 22.53
CA ASP D 110 -9.97 47.72 22.18
C ASP D 110 -10.89 48.16 21.05
N ILE D 111 -11.10 47.29 20.05
CA ILE D 111 -11.97 47.59 18.93
C ILE D 111 -13.09 46.56 18.89
N TRP D 112 -14.14 46.86 18.14
CA TRP D 112 -15.30 46.00 18.04
C TRP D 112 -15.80 45.96 16.61
N GLY D 113 -16.77 45.09 16.35
CA GLY D 113 -17.45 45.08 15.06
C GLY D 113 -18.45 46.21 14.93
N GLN D 114 -19.55 45.96 14.22
CA GLN D 114 -20.59 46.97 14.04
C GLN D 114 -21.95 46.57 14.60
N GLY D 115 -22.15 45.32 14.95
CA GLY D 115 -23.41 44.86 15.51
C GLY D 115 -24.27 44.18 14.47
N THR D 116 -25.11 43.26 14.95
CA THR D 116 -26.04 42.53 14.10
C THR D 116 -27.18 42.02 14.96
N LEU D 117 -28.27 41.65 14.28
CA LEU D 117 -29.46 41.15 14.96
C LEU D 117 -29.87 39.83 14.33
N VAL D 118 -30.11 38.82 15.17
CA VAL D 118 -30.57 37.51 14.73
C VAL D 118 -31.88 37.22 15.46
N THR D 119 -32.93 36.94 14.71
CA THR D 119 -34.27 36.78 15.28
C THR D 119 -34.47 35.33 15.73
N VAL D 120 -35.71 35.02 16.12
CA VAL D 120 -36.10 33.69 16.58
C VAL D 120 -37.46 33.36 15.96
N SER D 121 -37.95 32.16 16.24
CA SER D 121 -39.24 31.74 15.69
C SER D 121 -40.36 32.69 16.15
N SER D 122 -41.22 33.05 15.20
CA SER D 122 -42.34 33.95 15.43
C SER D 122 -41.88 35.29 16.03
N ILE D 139 -17.70 33.29 37.83
CA ILE D 139 -17.41 34.49 38.58
C ILE D 139 -18.66 35.34 38.74
N VAL D 140 -19.00 35.67 39.98
CA VAL D 140 -20.18 36.46 40.31
C VAL D 140 -19.73 37.91 40.42
N LEU D 141 -19.99 38.69 39.38
CA LEU D 141 -19.60 40.09 39.32
C LEU D 141 -20.86 40.96 39.18
N THR D 142 -20.94 42.00 40.00
CA THR D 142 -22.08 42.90 40.02
C THR D 142 -21.61 44.35 40.01
N GLN D 143 -22.54 45.27 39.80
CA GLN D 143 -22.28 46.69 39.86
C GLN D 143 -23.26 47.34 40.84
N SER D 144 -22.72 48.08 41.81
CA SER D 144 -23.47 48.54 42.96
C SER D 144 -24.38 49.76 42.72
N PRO D 145 -23.84 50.90 42.21
CA PRO D 145 -24.57 52.17 42.36
C PRO D 145 -25.97 52.20 41.77
N GLY D 146 -26.09 51.94 40.47
CA GLY D 146 -27.37 52.05 39.81
C GLY D 146 -27.46 53.27 38.90
N THR D 147 -28.66 53.83 38.73
CA THR D 147 -28.83 54.94 37.80
C THR D 147 -28.02 56.16 38.22
N LEU D 148 -28.17 56.58 39.48
CA LEU D 148 -27.43 57.71 40.05
C LEU D 148 -27.58 58.96 39.15
N SER D 149 -28.81 59.47 39.14
CA SER D 149 -29.11 60.68 38.38
C SER D 149 -28.25 61.85 38.89
N LEU D 150 -27.66 62.58 37.96
CA LEU D 150 -26.74 63.66 38.31
C LEU D 150 -26.84 64.75 37.26
N SER D 151 -26.14 65.85 37.51
CA SER D 151 -26.07 67.01 36.62
C SER D 151 -24.62 67.34 36.31
N PRO D 152 -24.35 67.94 35.16
CA PRO D 152 -22.97 68.29 34.83
C PRO D 152 -22.41 69.34 35.78
N GLY D 153 -21.10 69.26 36.00
CA GLY D 153 -20.40 70.18 36.88
C GLY D 153 -19.76 69.55 38.10
N GLU D 154 -19.93 68.25 38.34
CA GLU D 154 -19.31 67.59 39.50
C GLU D 154 -18.85 66.21 39.06
N ARG D 155 -18.44 65.40 40.04
CA ARG D 155 -17.93 64.06 39.80
C ARG D 155 -18.96 63.02 40.22
N ALA D 156 -18.72 61.79 39.80
CA ALA D 156 -19.58 60.66 40.14
C ALA D 156 -18.72 59.43 40.35
N THR D 157 -19.25 58.48 41.11
CA THR D 157 -18.54 57.25 41.46
C THR D 157 -19.35 56.04 41.00
N LEU D 158 -18.67 55.09 40.36
CA LEU D 158 -19.28 53.84 39.92
C LEU D 158 -18.49 52.69 40.52
N SER D 159 -19.18 51.80 41.22
CA SER D 159 -18.55 50.72 41.97
C SER D 159 -18.90 49.38 41.34
N CYS D 160 -17.87 48.56 41.08
CA CYS D 160 -18.04 47.22 40.54
C CYS D 160 -17.44 46.24 41.55
N ARG D 161 -18.23 45.26 41.96
CA ARG D 161 -17.84 44.30 42.97
C ARG D 161 -17.75 42.89 42.38
N ALA D 162 -16.87 42.08 42.96
CA ALA D 162 -16.71 40.70 42.54
C ALA D 162 -16.75 39.79 43.76
N SER D 163 -17.22 38.56 43.56
CA SER D 163 -17.27 37.58 44.63
C SER D 163 -16.02 36.74 44.73
N GLN D 164 -15.24 36.65 43.65
CA GLN D 164 -13.99 35.89 43.67
C GLN D 164 -12.80 36.71 44.15
N SER D 165 -12.91 38.04 44.14
CA SER D 165 -11.87 38.94 44.63
C SER D 165 -10.55 38.73 43.87
N VAL D 166 -10.61 39.04 42.57
CA VAL D 166 -9.41 38.95 41.75
C VAL D 166 -8.37 39.95 42.25
N SER D 167 -7.11 39.54 42.21
CA SER D 167 -6.06 40.29 42.92
C SER D 167 -5.82 41.70 42.41
N SER D 168 -5.26 41.85 41.21
CA SER D 168 -4.78 43.16 40.79
C SER D 168 -5.42 43.71 39.53
N SER D 169 -5.32 43.01 38.40
CA SER D 169 -5.45 43.68 37.10
C SER D 169 -6.22 42.82 36.09
N TYR D 170 -7.35 42.27 36.51
CA TYR D 170 -8.17 41.45 35.62
C TYR D 170 -9.58 42.00 35.44
N LEU D 171 -9.74 43.32 35.53
CA LEU D 171 -11.01 43.98 35.32
C LEU D 171 -10.87 45.03 34.22
N ALA D 172 -11.89 45.14 33.38
CA ALA D 172 -11.91 46.11 32.30
C ALA D 172 -13.24 46.86 32.31
N TRP D 173 -13.21 48.09 31.81
CA TRP D 173 -14.38 48.95 31.78
C TRP D 173 -14.71 49.34 30.35
N TYR D 174 -15.99 49.29 30.01
CA TYR D 174 -16.47 49.56 28.66
C TYR D 174 -17.62 50.55 28.70
N GLN D 175 -17.76 51.30 27.61
CA GLN D 175 -18.80 52.32 27.47
C GLN D 175 -19.69 51.96 26.28
N GLN D 176 -20.85 51.38 26.57
CA GLN D 176 -21.81 51.09 25.52
C GLN D 176 -22.41 52.37 24.97
N LYS D 177 -22.70 52.37 23.68
CA LYS D 177 -23.29 53.52 23.02
C LYS D 177 -24.59 53.12 22.34
N PRO D 178 -25.60 54.00 22.34
CA PRO D 178 -26.88 53.65 21.72
C PRO D 178 -26.77 53.42 20.22
N GLY D 179 -26.95 52.12 19.82
CA GLY D 179 -26.89 51.73 18.43
C GLY D 179 -25.50 51.52 17.89
N GLN D 180 -24.45 51.79 18.67
CA GLN D 180 -23.08 51.65 18.21
C GLN D 180 -22.38 50.54 19.00
N ALA D 181 -21.09 50.34 18.72
CA ALA D 181 -20.24 49.35 19.35
C ALA D 181 -19.66 49.91 20.65
N PRO D 182 -19.34 49.03 21.61
CA PRO D 182 -18.72 49.49 22.85
C PRO D 182 -17.33 50.05 22.61
N ARG D 183 -16.88 50.91 23.52
CA ARG D 183 -15.53 51.47 23.47
C ARG D 183 -14.82 51.17 24.78
N LEU D 184 -13.57 50.73 24.67
CA LEU D 184 -12.77 50.40 25.85
C LEU D 184 -12.39 51.67 26.60
N LEU D 185 -12.64 51.68 27.92
CA LEU D 185 -12.32 52.82 28.76
C LEU D 185 -10.99 52.65 29.47
N ILE D 186 -10.84 51.57 30.23
CA ILE D 186 -9.61 51.29 30.95
C ILE D 186 -9.42 49.77 31.02
N TYR D 187 -8.17 49.33 30.91
CA TYR D 187 -7.82 47.92 30.98
C TYR D 187 -6.98 47.67 32.22
N GLY D 188 -7.41 46.74 33.06
CA GLY D 188 -6.69 46.40 34.26
C GLY D 188 -6.78 47.41 35.39
N ALA D 189 -7.61 48.44 35.24
CA ALA D 189 -7.78 49.51 36.22
C ALA D 189 -6.47 50.21 36.55
N SER D 190 -5.51 50.20 35.63
CA SER D 190 -4.22 50.85 35.84
C SER D 190 -3.87 51.84 34.74
N SER D 191 -4.15 51.51 33.48
CA SER D 191 -3.81 52.36 32.36
C SER D 191 -5.01 52.49 31.43
N ARG D 192 -5.36 53.72 31.06
CA ARG D 192 -6.46 53.97 30.16
C ARG D 192 -6.04 53.68 28.71
N ALA D 193 -7.05 53.48 27.87
CA ALA D 193 -6.80 53.27 26.45
C ALA D 193 -6.47 54.58 25.76
N THR D 194 -5.80 54.47 24.60
CA THR D 194 -5.49 55.65 23.82
C THR D 194 -6.75 56.28 23.24
N GLY D 195 -6.75 57.61 23.17
CA GLY D 195 -7.93 58.35 22.76
C GLY D 195 -8.91 58.65 23.86
N ILE D 196 -8.67 58.15 25.07
CA ILE D 196 -9.55 58.43 26.20
C ILE D 196 -9.14 59.76 26.84
N PRO D 197 -10.07 60.68 27.07
CA PRO D 197 -9.71 61.96 27.70
C PRO D 197 -9.22 61.76 29.13
N ASP D 198 -8.57 62.80 29.64
CA ASP D 198 -7.97 62.78 30.98
C ASP D 198 -8.98 63.03 32.08
N ARG D 199 -10.28 62.89 31.81
CA ARG D 199 -11.33 63.10 32.80
C ARG D 199 -11.86 61.80 33.38
N PHE D 200 -11.21 60.68 33.10
CA PHE D 200 -11.61 59.37 33.62
C PHE D 200 -10.54 58.85 34.55
N SER D 201 -10.94 58.41 35.74
CA SER D 201 -10.00 57.88 36.72
C SER D 201 -10.54 56.60 37.31
N GLY D 202 -9.64 55.78 37.84
CA GLY D 202 -10.02 54.52 38.44
C GLY D 202 -9.16 54.20 39.64
N SER D 203 -9.73 53.43 40.57
CA SER D 203 -9.03 53.05 41.79
C SER D 203 -9.72 51.84 42.38
N GLY D 204 -9.29 51.42 43.56
CA GLY D 204 -9.86 50.28 44.24
C GLY D 204 -9.00 49.03 44.08
N SER D 205 -9.20 48.09 44.99
CA SER D 205 -8.44 46.85 44.97
C SER D 205 -9.18 45.79 45.78
N GLY D 206 -8.75 44.55 45.61
CA GLY D 206 -9.29 43.42 46.34
C GLY D 206 -10.54 42.81 45.75
N THR D 207 -11.70 43.45 45.98
CA THR D 207 -12.96 42.91 45.51
C THR D 207 -13.83 43.99 44.86
N ASP D 208 -13.56 45.25 45.19
CA ASP D 208 -14.35 46.37 44.72
C ASP D 208 -13.44 47.35 43.98
N PHE D 209 -13.94 47.87 42.87
CA PHE D 209 -13.21 48.83 42.05
C PHE D 209 -14.11 50.00 41.72
N THR D 210 -13.53 51.19 41.71
CA THR D 210 -14.29 52.43 41.54
C THR D 210 -13.79 53.19 40.31
N LEU D 211 -14.74 53.75 39.57
CA LEU D 211 -14.45 54.60 38.42
C LEU D 211 -15.09 55.96 38.66
N THR D 212 -14.38 57.01 38.25
CA THR D 212 -14.80 58.38 38.50
C THR D 212 -14.69 59.19 37.21
N ILE D 213 -15.73 59.97 36.94
CA ILE D 213 -15.77 60.90 35.81
C ILE D 213 -15.69 62.32 36.37
N SER D 214 -14.85 63.14 35.74
CA SER D 214 -14.67 64.53 36.15
C SER D 214 -15.08 65.45 35.01
N ARG D 215 -15.71 66.58 35.37
CA ARG D 215 -16.16 67.58 34.41
C ARG D 215 -17.03 66.93 33.32
N LEU D 216 -18.18 66.45 33.78
CA LEU D 216 -19.07 65.67 32.92
C LEU D 216 -19.46 66.46 31.68
N GLU D 217 -19.34 65.80 30.52
CA GLU D 217 -19.60 66.33 29.21
C GLU D 217 -20.92 65.78 28.66
N PRO D 218 -21.66 66.57 27.88
CA PRO D 218 -22.89 66.04 27.28
C PRO D 218 -22.67 64.81 26.43
N GLU D 219 -21.52 64.68 25.79
CA GLU D 219 -21.19 63.47 25.02
C GLU D 219 -20.56 62.40 25.92
N ASP D 220 -21.23 62.13 27.05
CA ASP D 220 -20.81 61.08 27.96
C ASP D 220 -21.97 60.29 28.54
N PHE D 221 -23.21 60.63 28.21
CA PHE D 221 -24.36 59.93 28.78
C PHE D 221 -24.49 58.55 28.14
N ALA D 222 -23.90 57.54 28.78
CA ALA D 222 -23.82 56.21 28.18
C ALA D 222 -23.75 55.17 29.27
N VAL D 223 -24.02 53.93 28.88
CA VAL D 223 -24.00 52.80 29.81
C VAL D 223 -22.56 52.38 30.06
N TYR D 224 -22.25 52.06 31.31
CA TYR D 224 -20.93 51.60 31.70
C TYR D 224 -20.99 50.14 32.15
N TYR D 225 -20.05 49.33 31.68
CA TYR D 225 -19.95 47.94 32.04
C TYR D 225 -18.57 47.63 32.59
N CYS D 226 -18.50 46.67 33.51
CA CYS D 226 -17.24 46.12 33.99
C CYS D 226 -17.22 44.62 33.71
N GLN D 227 -16.15 44.17 33.05
CA GLN D 227 -15.98 42.77 32.68
C GLN D 227 -14.75 42.20 33.36
N GLN D 228 -14.86 40.98 33.88
CA GLN D 228 -13.73 40.31 34.48
C GLN D 228 -13.12 39.33 33.49
N TYR D 229 -11.78 39.29 33.45
CA TYR D 229 -11.07 38.43 32.50
C TYR D 229 -9.91 37.75 33.23
N GLY D 230 -9.11 37.02 32.47
CA GLY D 230 -8.00 36.27 33.04
C GLY D 230 -8.44 35.22 34.04
N SER D 231 -9.59 34.61 33.79
CA SER D 231 -10.20 33.69 34.74
C SER D 231 -11.18 32.80 33.97
N SER D 232 -12.09 32.15 34.69
CA SER D 232 -13.16 31.32 34.14
C SER D 232 -13.95 32.12 33.11
N PRO D 233 -14.79 31.47 32.25
CA PRO D 233 -15.50 32.17 31.17
C PRO D 233 -15.97 33.58 31.51
N TYR D 234 -15.70 34.51 30.60
CA TYR D 234 -15.80 35.93 30.89
C TYR D 234 -17.22 36.32 31.32
N THR D 235 -17.31 37.19 32.31
CA THR D 235 -18.58 37.70 32.80
C THR D 235 -18.54 39.21 32.89
N PHE D 236 -19.62 39.85 32.45
CA PHE D 236 -19.82 41.29 32.54
C PHE D 236 -20.71 41.63 33.73
N GLY D 237 -20.85 42.93 33.98
CA GLY D 237 -21.81 43.39 34.95
C GLY D 237 -23.21 43.49 34.37
N GLN D 238 -24.18 43.76 35.26
CA GLN D 238 -25.56 43.89 34.81
C GLN D 238 -25.76 45.10 33.93
N GLY D 239 -25.14 46.23 34.28
CA GLY D 239 -25.26 47.44 33.50
C GLY D 239 -25.67 48.66 34.32
N THR D 240 -24.92 49.74 34.18
CA THR D 240 -25.18 50.99 34.90
C THR D 240 -25.39 52.10 33.89
N LYS D 241 -26.49 52.84 34.05
CA LYS D 241 -26.86 53.91 33.14
C LYS D 241 -26.64 55.27 33.79
N LEU D 242 -26.73 56.31 32.97
CA LEU D 242 -26.59 57.70 33.42
C LEU D 242 -27.83 58.48 33.01
N GLU D 243 -28.32 59.30 33.93
CA GLU D 243 -29.56 60.04 33.73
C GLU D 243 -29.41 61.42 34.35
N ILE D 244 -30.16 62.39 33.81
CA ILE D 244 -30.11 63.77 34.27
C ILE D 244 -31.42 64.10 34.97
N LYS D 245 -31.32 64.61 36.20
CA LYS D 245 -32.48 64.93 37.01
C LYS D 245 -33.28 66.09 36.41
N GLU E 5 -62.13 66.84 4.77
CA GLU E 5 -62.31 66.95 6.21
C GLU E 5 -61.53 65.88 6.95
N VAL E 6 -60.21 65.94 6.85
CA VAL E 6 -59.35 64.97 7.52
C VAL E 6 -59.32 65.25 9.01
N GLN E 7 -59.28 64.20 9.82
CA GLN E 7 -59.26 64.32 11.27
C GLN E 7 -58.27 63.33 11.85
N LEU E 8 -57.51 63.77 12.85
CA LEU E 8 -56.56 62.93 13.57
C LEU E 8 -56.91 62.99 15.05
N LEU E 9 -57.48 61.91 15.57
CA LEU E 9 -57.94 61.84 16.95
C LEU E 9 -56.94 61.09 17.82
N GLN E 10 -56.84 61.52 19.07
CA GLN E 10 -55.99 60.87 20.06
C GLN E 10 -56.76 60.72 21.36
N SER E 11 -56.44 59.65 22.10
CA SER E 11 -57.09 59.39 23.39
C SER E 11 -56.05 58.69 24.28
N ALA E 12 -55.35 59.49 25.09
CA ALA E 12 -54.35 58.96 26.01
C ALA E 12 -54.36 59.66 27.35
N GLY E 13 -55.46 60.31 27.73
CA GLY E 13 -55.52 61.05 28.98
C GLY E 13 -55.70 60.17 30.19
N GLY E 14 -54.66 59.42 30.54
CA GLY E 14 -54.70 58.55 31.72
C GLY E 14 -53.44 58.62 32.55
N LEU E 15 -53.60 58.64 33.87
CA LEU E 15 -52.45 58.68 34.76
C LEU E 15 -51.68 57.37 34.72
N VAL E 16 -50.39 57.46 35.00
CA VAL E 16 -49.48 56.32 34.88
C VAL E 16 -48.82 56.07 36.23
N GLN E 17 -48.85 54.82 36.68
CA GLN E 17 -48.14 54.41 37.87
C GLN E 17 -46.63 54.38 37.60
N PRO E 18 -45.80 54.45 38.64
CA PRO E 18 -44.35 54.44 38.42
C PRO E 18 -43.92 53.19 37.67
N GLY E 19 -43.19 53.41 36.58
CA GLY E 19 -42.78 52.31 35.72
C GLY E 19 -43.95 51.59 35.07
N GLY E 20 -44.99 52.33 34.69
CA GLY E 20 -46.17 51.74 34.10
C GLY E 20 -46.08 51.63 32.58
N SER E 21 -47.15 51.08 32.01
CA SER E 21 -47.27 50.90 30.57
C SER E 21 -48.49 51.65 30.06
N LEU E 22 -48.34 52.34 28.93
CA LEU E 22 -49.44 53.06 28.30
C LEU E 22 -49.40 52.83 26.81
N ARG E 23 -50.56 52.92 26.16
CA ARG E 23 -50.68 52.72 24.72
C ARG E 23 -51.43 53.90 24.13
N LEU E 24 -50.74 54.73 23.35
CA LEU E 24 -51.40 55.82 22.66
C LEU E 24 -52.12 55.30 21.41
N SER E 25 -52.91 56.18 20.80
CA SER E 25 -53.66 55.79 19.61
C SER E 25 -53.81 57.00 18.69
N CYS E 26 -53.44 56.81 17.43
CA CYS E 26 -53.68 57.81 16.38
C CYS E 26 -54.40 57.11 15.23
N ALA E 27 -55.50 57.71 14.78
CA ALA E 27 -56.33 57.12 13.75
C ALA E 27 -56.21 57.93 12.46
N ALA E 28 -56.95 57.50 11.43
CA ALA E 28 -56.98 58.19 10.15
C ALA E 28 -58.44 58.35 9.71
N SER E 29 -58.68 59.36 8.87
CA SER E 29 -60.03 59.73 8.47
C SER E 29 -60.10 59.90 6.95
N GLY E 30 -59.58 58.92 6.21
CA GLY E 30 -59.69 58.94 4.77
C GLY E 30 -58.45 58.52 4.02
N PHE E 31 -57.28 58.79 4.59
CA PHE E 31 -56.01 58.46 3.97
C PHE E 31 -55.41 57.23 4.63
N THR E 32 -54.95 56.29 3.80
CA THR E 32 -54.34 55.07 4.32
C THR E 32 -52.98 55.39 4.95
N VAL E 33 -52.70 54.73 6.07
CA VAL E 33 -51.41 54.92 6.74
C VAL E 33 -50.29 54.11 6.11
N SER E 34 -50.60 53.25 5.15
CA SER E 34 -49.63 52.36 4.54
C SER E 34 -48.90 52.96 3.36
N ALA E 35 -49.18 54.22 3.02
CA ALA E 35 -48.54 54.87 1.88
C ALA E 35 -48.03 56.28 2.18
N ASN E 36 -48.02 56.70 3.43
CA ASN E 36 -47.58 58.04 3.80
C ASN E 36 -46.79 57.99 5.10
N TYR E 37 -45.94 58.99 5.28
CA TYR E 37 -45.09 59.06 6.46
C TYR E 37 -45.88 59.56 7.66
N MET E 38 -45.50 59.06 8.84
CA MET E 38 -46.03 59.54 10.11
C MET E 38 -44.88 59.88 11.05
N SER E 39 -45.11 60.87 11.91
CA SER E 39 -44.08 61.35 12.82
C SER E 39 -44.74 61.77 14.13
N TRP E 40 -43.95 61.77 15.19
CA TRP E 40 -44.41 62.14 16.53
C TRP E 40 -43.52 63.26 17.05
N VAL E 41 -44.15 64.27 17.67
CA VAL E 41 -43.42 65.41 18.21
C VAL E 41 -43.88 65.67 19.64
N ARG E 42 -42.89 65.95 20.50
CA ARG E 42 -43.13 66.26 21.90
C ARG E 42 -43.24 67.77 22.06
N GLN E 43 -44.37 68.22 22.59
CA GLN E 43 -44.60 69.66 22.73
C GLN E 43 -43.67 70.29 23.78
N ALA E 44 -43.45 69.58 24.89
CA ALA E 44 -42.60 70.06 25.98
C ALA E 44 -43.02 71.44 26.45
N PRO E 45 -44.13 71.57 27.17
CA PRO E 45 -44.59 72.89 27.59
C PRO E 45 -43.54 73.60 28.43
N GLY E 46 -43.45 74.91 28.25
CA GLY E 46 -42.38 75.70 28.83
C GLY E 46 -41.11 75.71 28.02
N LYS E 47 -41.11 75.11 26.83
CA LYS E 47 -39.92 75.02 25.99
C LYS E 47 -40.38 74.72 24.57
N GLY E 48 -39.43 74.81 23.64
CA GLY E 48 -39.72 74.51 22.25
C GLY E 48 -40.05 73.05 22.03
N LEU E 49 -40.62 72.77 20.86
CA LEU E 49 -41.01 71.42 20.50
C LEU E 49 -39.79 70.58 20.12
N GLU E 50 -39.98 69.26 20.16
CA GLU E 50 -38.93 68.31 19.78
C GLU E 50 -39.49 67.21 18.90
N TRP E 51 -38.70 66.16 18.69
CA TRP E 51 -39.04 65.05 17.83
C TRP E 51 -38.95 63.73 18.59
N VAL E 52 -39.76 62.75 18.18
CA VAL E 52 -39.78 61.45 18.84
C VAL E 52 -39.44 60.35 17.85
N SER E 53 -40.25 60.21 16.79
CA SER E 53 -40.06 59.11 15.86
C SER E 53 -40.60 59.48 14.49
N VAL E 54 -40.05 58.83 13.47
CA VAL E 54 -40.56 58.92 12.10
C VAL E 54 -40.71 57.51 11.55
N ILE E 55 -41.85 57.25 10.91
CA ILE E 55 -42.12 55.99 10.22
C ILE E 55 -42.37 56.30 8.75
N TYR E 56 -41.72 55.56 7.88
CA TYR E 56 -41.93 55.67 6.44
C TYR E 56 -42.96 54.65 5.99
N PRO E 57 -43.47 54.76 4.76
CA PRO E 57 -44.17 53.62 4.17
C PRO E 57 -43.23 52.42 4.10
N GLY E 58 -43.80 51.23 4.24
CA GLY E 58 -42.98 50.14 4.72
C GLY E 58 -43.19 49.98 6.21
N GLY E 59 -42.40 50.67 7.02
CA GLY E 59 -42.52 50.57 8.46
C GLY E 59 -41.21 50.56 9.21
N SER E 60 -40.11 50.88 8.52
CA SER E 60 -38.88 51.19 9.22
C SER E 60 -39.05 52.48 10.02
N THR E 61 -38.63 52.45 11.28
CA THR E 61 -38.83 53.54 12.21
C THR E 61 -37.49 54.08 12.68
N PHE E 62 -37.35 55.40 12.68
CA PHE E 62 -36.19 56.07 13.24
C PHE E 62 -36.59 56.89 14.45
N TYR E 63 -35.84 56.73 15.54
CA TYR E 63 -36.12 57.37 16.82
C TYR E 63 -35.24 58.60 17.00
N ALA E 64 -35.57 59.39 18.02
CA ALA E 64 -34.78 60.56 18.34
C ALA E 64 -33.44 60.15 18.95
N ASP E 65 -32.54 61.13 19.08
CA ASP E 65 -31.24 60.86 19.67
C ASP E 65 -31.34 60.69 21.18
N SER E 66 -32.22 61.45 21.83
CA SER E 66 -32.34 61.38 23.28
C SER E 66 -32.91 60.04 23.73
N VAL E 67 -33.96 59.56 23.07
CA VAL E 67 -34.63 58.32 23.45
C VAL E 67 -34.23 57.23 22.45
N LYS E 68 -33.81 56.08 22.98
CA LYS E 68 -33.36 54.97 22.14
C LYS E 68 -33.83 53.66 22.74
N GLY E 69 -34.34 52.78 21.89
CA GLY E 69 -34.69 51.42 22.30
C GLY E 69 -35.97 51.21 23.07
N ARG E 70 -36.20 51.99 24.12
CA ARG E 70 -37.35 51.74 25.00
C ARG E 70 -38.67 51.98 24.29
N PHE E 71 -38.73 52.94 23.36
CA PHE E 71 -39.97 53.20 22.65
C PHE E 71 -40.29 52.05 21.70
N THR E 72 -41.60 51.80 21.53
CA THR E 72 -42.08 50.72 20.66
C THR E 72 -43.28 51.24 19.89
N ILE E 73 -43.07 51.57 18.62
CA ILE E 73 -44.12 52.09 17.76
C ILE E 73 -44.51 51.02 16.75
N SER E 74 -45.79 51.00 16.39
CA SER E 74 -46.30 50.00 15.47
C SER E 74 -47.50 50.56 14.73
N ARG E 75 -47.77 50.00 13.56
CA ARG E 75 -48.88 50.41 12.70
C ARG E 75 -49.78 49.21 12.46
N ASP E 76 -51.09 49.45 12.53
CA ASP E 76 -52.09 48.40 12.28
C ASP E 76 -52.99 48.89 11.15
N ASN E 77 -52.77 48.35 9.95
CA ASN E 77 -53.56 48.76 8.80
C ASN E 77 -54.98 48.17 8.86
N SER E 78 -55.15 47.03 9.51
CA SER E 78 -56.47 46.41 9.60
C SER E 78 -57.46 47.32 10.33
N LYS E 79 -57.02 47.95 11.42
CA LYS E 79 -57.85 48.88 12.17
C LYS E 79 -57.45 50.34 11.89
N ASN E 80 -56.41 50.56 11.08
CA ASN E 80 -55.98 51.89 10.65
C ASN E 80 -55.57 52.74 11.87
N THR E 81 -54.56 52.26 12.58
CA THR E 81 -54.08 52.88 13.81
C THR E 81 -52.56 52.96 13.82
N LEU E 82 -52.06 53.87 14.67
CA LEU E 82 -50.66 54.25 14.73
C LEU E 82 -50.12 54.06 16.14
N TYR E 83 -50.28 52.86 16.69
CA TYR E 83 -50.09 52.64 18.11
C TYR E 83 -48.65 52.92 18.54
N LEU E 84 -48.50 53.42 19.76
CA LEU E 84 -47.20 53.73 20.34
C LEU E 84 -47.24 53.33 21.81
N GLN E 85 -46.30 52.48 22.24
CA GLN E 85 -46.30 51.93 23.58
C GLN E 85 -45.22 52.60 24.42
N MET E 86 -45.63 53.17 25.54
CA MET E 86 -44.70 53.68 26.55
C MET E 86 -44.52 52.62 27.62
N ASN E 87 -43.29 52.12 27.76
CA ASN E 87 -42.92 51.17 28.81
C ASN E 87 -42.58 51.94 30.08
N SER E 88 -41.92 51.28 31.02
CA SER E 88 -41.49 51.91 32.26
C SER E 88 -40.78 53.22 31.96
N LEU E 89 -41.37 54.32 32.43
CA LEU E 89 -40.92 55.67 32.10
C LEU E 89 -40.21 56.30 33.30
N ARG E 90 -39.28 57.20 33.00
CA ARG E 90 -38.48 57.89 34.00
C ARG E 90 -39.04 59.29 34.24
N VAL E 91 -38.30 60.07 35.02
CA VAL E 91 -38.71 61.44 35.32
C VAL E 91 -38.54 62.32 34.08
N GLU E 92 -39.15 63.50 34.14
CA GLU E 92 -39.07 64.50 33.07
C GLU E 92 -39.59 63.93 31.74
N ASP E 93 -40.87 63.54 31.74
CA ASP E 93 -41.51 62.99 30.56
C ASP E 93 -42.93 63.52 30.38
N THR E 94 -43.31 64.57 31.11
CA THR E 94 -44.67 65.11 31.05
C THR E 94 -44.73 66.17 29.95
N ALA E 95 -45.41 65.84 28.86
CA ALA E 95 -45.57 66.75 27.74
C ALA E 95 -46.65 66.19 26.82
N VAL E 96 -46.91 66.90 25.72
CA VAL E 96 -47.90 66.50 24.73
C VAL E 96 -47.19 65.72 23.64
N TYR E 97 -47.94 64.80 23.00
CA TYR E 97 -47.37 63.77 22.15
C TYR E 97 -47.97 63.82 20.74
N TYR E 98 -47.94 64.98 20.11
CA TYR E 98 -48.64 65.17 18.85
C TYR E 98 -48.15 64.18 17.80
N CYS E 99 -49.09 63.70 16.98
CA CYS E 99 -48.76 62.83 15.85
C CYS E 99 -49.29 63.45 14.57
N ALA E 100 -48.50 63.36 13.51
CA ALA E 100 -48.85 64.05 12.28
C ALA E 100 -48.18 63.40 11.09
N ARG E 101 -48.83 63.48 9.93
CA ARG E 101 -48.21 63.01 8.69
C ARG E 101 -47.05 63.93 8.30
N ASP E 102 -46.01 63.33 7.73
CA ASP E 102 -44.79 64.05 7.41
C ASP E 102 -44.58 64.03 5.90
N LEU E 103 -44.56 65.21 5.29
CA LEU E 103 -44.23 65.38 3.88
C LEU E 103 -43.25 66.54 3.74
N SER E 104 -42.21 66.52 4.59
CA SER E 104 -41.33 67.68 4.80
C SER E 104 -40.92 68.38 3.51
N VAL E 105 -40.65 67.61 2.45
CA VAL E 105 -40.23 68.22 1.19
C VAL E 105 -41.37 69.03 0.59
N ALA E 106 -42.58 68.48 0.56
CA ALA E 106 -43.76 69.16 0.01
C ALA E 106 -44.80 69.27 1.11
N GLY E 107 -44.67 70.32 1.92
CA GLY E 107 -45.61 70.57 3.00
C GLY E 107 -45.19 69.90 4.30
N ALA E 108 -44.80 70.70 5.28
CA ALA E 108 -44.26 70.18 6.53
C ALA E 108 -45.37 70.18 7.58
N PHE E 109 -45.82 68.99 7.97
CA PHE E 109 -46.83 68.81 9.01
C PHE E 109 -48.09 69.62 8.71
N ASP E 110 -48.70 69.29 7.57
CA ASP E 110 -49.90 70.02 7.13
C ASP E 110 -51.06 69.84 8.12
N ILE E 111 -51.25 68.62 8.61
CA ILE E 111 -52.31 68.32 9.57
C ILE E 111 -51.69 67.63 10.78
N TRP E 112 -52.22 67.93 11.96
CA TRP E 112 -51.72 67.42 13.23
C TRP E 112 -52.83 66.62 13.92
N GLY E 113 -52.48 65.99 15.04
CA GLY E 113 -53.48 65.36 15.88
C GLY E 113 -54.24 66.35 16.74
N GLN E 114 -54.79 65.87 17.86
CA GLN E 114 -55.52 66.73 18.78
C GLN E 114 -54.78 67.01 20.07
N GLY E 115 -53.86 66.15 20.47
CA GLY E 115 -53.08 66.37 21.67
C GLY E 115 -53.54 65.49 22.81
N THR E 116 -52.64 65.29 23.77
CA THR E 116 -52.89 64.49 24.95
C THR E 116 -51.94 64.95 26.05
N LEU E 117 -51.92 64.21 27.16
CA LEU E 117 -51.06 64.54 28.29
C LEU E 117 -50.79 63.28 29.09
N VAL E 118 -49.52 62.92 29.23
CA VAL E 118 -49.09 61.79 30.03
C VAL E 118 -48.25 62.32 31.17
N THR E 119 -48.63 61.99 32.40
CA THR E 119 -47.98 62.52 33.58
C THR E 119 -46.82 61.61 34.01
N VAL E 120 -46.25 61.89 35.17
CA VAL E 120 -45.16 61.13 35.74
C VAL E 120 -45.53 60.76 37.18
N SER E 121 -44.73 59.89 37.79
CA SER E 121 -44.99 59.47 39.16
C SER E 121 -44.97 60.67 40.10
N SER E 122 -45.96 60.72 40.99
CA SER E 122 -46.13 61.82 41.94
C SER E 122 -46.15 63.17 41.24
N ILE E 139 -27.94 70.02 15.52
CA ILE E 139 -28.55 71.20 14.91
C ILE E 139 -28.74 72.30 15.93
N VAL E 140 -28.24 73.48 15.61
CA VAL E 140 -28.38 74.66 16.47
C VAL E 140 -29.23 75.67 15.71
N LEU E 141 -30.53 75.67 16.02
CA LEU E 141 -31.49 76.58 15.40
C LEU E 141 -32.12 77.45 16.49
N THR E 142 -32.10 78.76 16.26
CA THR E 142 -32.55 79.71 17.28
C THR E 142 -33.44 80.75 16.62
N GLN E 143 -34.37 81.30 17.41
CA GLN E 143 -35.22 82.39 16.96
C GLN E 143 -34.81 83.66 17.69
N SER E 144 -34.43 84.68 16.93
CA SER E 144 -33.77 85.86 17.48
C SER E 144 -34.70 86.86 18.17
N PRO E 145 -35.77 87.36 17.50
CA PRO E 145 -36.46 88.57 18.00
C PRO E 145 -36.97 88.48 19.43
N GLY E 146 -37.84 87.50 19.71
CA GLY E 146 -38.44 87.41 21.02
C GLY E 146 -39.88 87.87 21.05
N THR E 147 -40.32 88.46 22.16
CA THR E 147 -41.72 88.86 22.28
C THR E 147 -42.09 89.92 21.25
N LEU E 148 -41.32 91.00 21.18
CA LEU E 148 -41.56 92.10 20.24
C LEU E 148 -43.00 92.59 20.31
N SER E 149 -43.36 93.13 21.48
CA SER E 149 -44.71 93.64 21.68
C SER E 149 -45.00 94.78 20.73
N LEU E 150 -46.14 94.70 20.05
CA LEU E 150 -46.54 95.71 19.07
C LEU E 150 -48.06 95.85 19.12
N SER E 151 -48.61 96.57 18.16
CA SER E 151 -50.04 96.80 18.03
C SER E 151 -50.48 96.57 16.59
N PRO E 152 -51.74 96.21 16.37
CA PRO E 152 -52.21 96.02 15.00
C PRO E 152 -52.16 97.32 14.20
N GLY E 153 -51.93 97.19 12.90
CA GLY E 153 -51.83 98.32 12.00
C GLY E 153 -50.52 98.42 11.24
N GLU E 154 -49.53 97.58 11.55
CA GLU E 154 -48.26 97.58 10.85
C GLU E 154 -47.80 96.14 10.69
N ARG E 155 -46.56 95.95 10.27
CA ARG E 155 -45.97 94.63 10.10
C ARG E 155 -44.91 94.39 11.16
N ALA E 156 -44.35 93.18 11.14
CA ALA E 156 -43.30 92.79 12.08
C ALA E 156 -42.40 91.78 11.40
N THR E 157 -41.19 91.64 11.93
CA THR E 157 -40.17 90.76 11.37
C THR E 157 -39.77 89.72 12.41
N LEU E 158 -39.72 88.45 11.98
CA LEU E 158 -39.25 87.35 12.82
C LEU E 158 -38.05 86.70 12.13
N SER E 159 -36.96 86.56 12.88
CA SER E 159 -35.70 86.06 12.35
C SER E 159 -35.37 84.72 12.97
N CYS E 160 -35.03 83.74 12.14
CA CYS E 160 -34.62 82.41 12.59
C CYS E 160 -33.25 82.10 12.02
N ARG E 161 -32.28 81.85 12.89
CA ARG E 161 -30.91 81.57 12.50
C ARG E 161 -30.58 80.09 12.68
N ALA E 162 -29.75 79.58 11.79
CA ALA E 162 -29.30 78.20 11.87
C ALA E 162 -27.77 78.17 11.77
N SER E 163 -27.15 77.35 12.62
CA SER E 163 -25.69 77.27 12.66
C SER E 163 -25.10 76.48 11.50
N GLN E 164 -25.79 75.47 11.01
CA GLN E 164 -25.28 74.64 9.92
C GLN E 164 -25.46 75.29 8.55
N SER E 165 -26.25 76.36 8.46
CA SER E 165 -26.45 77.10 7.20
C SER E 165 -26.98 76.17 6.11
N VAL E 166 -28.17 75.64 6.33
CA VAL E 166 -28.78 74.75 5.35
C VAL E 166 -29.02 75.51 4.05
N SER E 167 -28.85 74.81 2.93
CA SER E 167 -28.68 75.48 1.65
C SER E 167 -29.88 76.31 1.19
N SER E 168 -30.98 75.64 0.80
CA SER E 168 -32.06 76.37 0.14
C SER E 168 -33.41 76.27 0.86
N SER E 169 -33.95 75.07 1.04
CA SER E 169 -35.39 74.93 1.30
C SER E 169 -35.67 73.83 2.32
N TYR E 170 -34.92 73.81 3.42
CA TYR E 170 -35.11 72.78 4.44
C TYR E 170 -35.52 73.35 5.79
N LEU E 171 -36.25 74.47 5.77
CA LEU E 171 -36.81 75.05 6.99
C LEU E 171 -38.26 75.45 6.73
N ALA E 172 -39.11 75.21 7.74
CA ALA E 172 -40.52 75.53 7.66
C ALA E 172 -40.94 76.29 8.92
N TRP E 173 -42.17 76.81 8.90
CA TRP E 173 -42.69 77.62 10.00
C TRP E 173 -44.01 77.03 10.50
N TYR E 174 -44.22 77.10 11.80
CA TYR E 174 -45.42 76.58 12.45
C TYR E 174 -46.03 77.64 13.35
N GLN E 175 -47.34 77.58 13.47
CA GLN E 175 -48.09 78.50 14.33
C GLN E 175 -48.87 77.69 15.37
N GLN E 176 -48.75 78.07 16.63
CA GLN E 176 -49.42 77.38 17.72
C GLN E 176 -50.79 78.00 17.97
N LYS E 177 -51.47 77.49 18.98
CA LYS E 177 -52.75 78.04 19.43
C LYS E 177 -53.07 77.48 20.81
N PRO E 178 -53.47 78.33 21.77
CA PRO E 178 -53.76 77.82 23.12
C PRO E 178 -54.89 76.80 23.13
N GLY E 179 -54.50 75.53 23.47
CA GLY E 179 -55.44 74.43 23.56
C GLY E 179 -55.75 73.74 22.24
N GLN E 180 -55.39 74.35 21.12
CA GLN E 180 -55.64 73.76 19.81
C GLN E 180 -54.37 73.06 19.34
N ALA E 181 -54.38 72.56 18.10
CA ALA E 181 -53.27 71.87 17.49
C ALA E 181 -52.42 72.84 16.68
N PRO E 182 -51.12 72.56 16.56
CA PRO E 182 -50.25 73.44 15.76
C PRO E 182 -50.68 73.47 14.29
N ARG E 183 -50.42 74.59 13.64
CA ARG E 183 -50.78 74.81 12.25
C ARG E 183 -49.54 75.11 11.43
N LEU E 184 -49.64 74.86 10.14
CA LEU E 184 -48.56 75.12 9.18
C LEU E 184 -48.75 76.51 8.58
N LEU E 185 -47.64 77.25 8.46
CA LEU E 185 -47.65 78.58 7.87
C LEU E 185 -46.99 78.59 6.49
N ILE E 186 -45.75 78.12 6.40
CA ILE E 186 -45.03 78.08 5.14
C ILE E 186 -44.07 76.90 5.17
N TYR E 187 -43.95 76.23 4.03
CA TYR E 187 -43.05 75.08 3.89
C TYR E 187 -41.95 75.43 2.89
N GLY E 188 -40.70 75.25 3.32
CA GLY E 188 -39.57 75.56 2.49
C GLY E 188 -39.23 77.04 2.39
N ALA E 189 -39.93 77.89 3.13
CA ALA E 189 -39.71 79.35 3.13
C ALA E 189 -39.84 79.95 1.74
N SER E 190 -40.59 79.31 0.85
CA SER E 190 -40.77 79.81 -0.51
C SER E 190 -42.24 79.98 -0.89
N SER E 191 -43.11 79.06 -0.46
CA SER E 191 -44.52 79.13 -0.77
C SER E 191 -45.32 78.67 0.43
N ARG E 192 -46.41 79.37 0.72
CA ARG E 192 -47.24 79.05 1.87
C ARG E 192 -48.13 77.85 1.57
N ALA E 193 -48.72 77.29 2.63
CA ALA E 193 -49.58 76.14 2.50
C ALA E 193 -50.98 76.56 2.05
N THR E 194 -51.82 75.56 1.76
CA THR E 194 -53.19 75.82 1.35
C THR E 194 -53.99 76.41 2.51
N GLY E 195 -54.86 77.36 2.18
CA GLY E 195 -55.64 78.06 3.18
C GLY E 195 -54.91 79.18 3.89
N ILE E 196 -53.61 79.31 3.69
CA ILE E 196 -52.83 80.39 4.29
C ILE E 196 -53.04 81.67 3.48
N PRO E 197 -53.49 82.76 4.10
CA PRO E 197 -53.74 83.98 3.33
C PRO E 197 -52.48 84.79 3.05
N ASP E 198 -52.66 85.79 2.18
CA ASP E 198 -51.55 86.54 1.60
C ASP E 198 -50.98 87.60 2.52
N ARG E 199 -51.28 87.55 3.83
CA ARG E 199 -50.72 88.49 4.79
C ARG E 199 -49.46 87.97 5.46
N PHE E 200 -48.97 86.80 5.05
CA PHE E 200 -47.74 86.22 5.57
C PHE E 200 -46.75 86.07 4.43
N SER E 201 -45.51 86.50 4.67
CA SER E 201 -44.46 86.40 3.66
C SER E 201 -43.18 85.87 4.31
N GLY E 202 -42.34 85.25 3.49
CA GLY E 202 -41.08 84.72 3.96
C GLY E 202 -39.98 84.95 2.96
N SER E 203 -38.77 85.12 3.47
CA SER E 203 -37.59 85.38 2.64
C SER E 203 -36.35 85.01 3.43
N GLY E 204 -35.18 85.31 2.88
CA GLY E 204 -33.93 85.04 3.53
C GLY E 204 -33.25 83.79 2.97
N SER E 205 -31.93 83.74 3.16
CA SER E 205 -31.14 82.61 2.68
C SER E 205 -29.82 82.59 3.41
N GLY E 206 -29.10 81.47 3.27
CA GLY E 206 -27.78 81.32 3.85
C GLY E 206 -27.77 80.86 5.28
N THR E 207 -28.08 81.76 6.21
CA THR E 207 -27.99 81.45 7.64
C THR E 207 -29.28 81.83 8.36
N ASP E 208 -29.94 82.88 7.87
CA ASP E 208 -31.11 83.45 8.52
C ASP E 208 -32.31 83.44 7.57
N PHE E 209 -33.47 83.16 8.13
CA PHE E 209 -34.74 83.22 7.41
C PHE E 209 -35.68 84.18 8.13
N THR E 210 -36.33 85.05 7.37
CA THR E 210 -37.16 86.11 7.90
C THR E 210 -38.62 85.88 7.49
N LEU E 211 -39.53 86.14 8.42
CA LEU E 211 -40.96 86.03 8.18
C LEU E 211 -41.62 87.35 8.57
N THR E 212 -42.62 87.76 7.78
CA THR E 212 -43.28 89.05 7.96
C THR E 212 -44.79 88.85 7.94
N ILE E 213 -45.47 89.41 8.93
CA ILE E 213 -46.92 89.39 9.02
C ILE E 213 -47.42 90.82 8.83
N SER E 214 -48.13 91.06 7.75
CA SER E 214 -48.66 92.38 7.44
C SER E 214 -50.15 92.44 7.75
N ARG E 215 -50.60 93.63 8.16
CA ARG E 215 -52.01 93.89 8.49
C ARG E 215 -52.51 92.91 9.57
N LEU E 216 -51.91 93.07 10.75
CA LEU E 216 -52.19 92.18 11.87
C LEU E 216 -53.69 92.14 12.18
N GLU E 217 -54.20 90.93 12.34
CA GLU E 217 -55.60 90.66 12.62
C GLU E 217 -55.76 90.05 14.01
N PRO E 218 -56.95 90.11 14.59
CA PRO E 218 -57.15 89.51 15.92
C PRO E 218 -56.82 88.02 15.97
N GLU E 219 -57.09 87.28 14.89
CA GLU E 219 -56.77 85.85 14.86
C GLU E 219 -55.38 85.59 14.29
N ASP E 220 -54.38 86.31 14.81
CA ASP E 220 -52.99 86.12 14.43
C ASP E 220 -52.02 86.08 15.60
N PHE E 221 -52.44 86.47 16.80
CA PHE E 221 -51.55 86.50 17.96
C PHE E 221 -51.35 85.06 18.44
N ALA E 222 -50.24 84.45 18.07
CA ALA E 222 -49.95 83.07 18.43
C ALA E 222 -48.45 82.85 18.43
N VAL E 223 -48.04 81.76 19.09
CA VAL E 223 -46.62 81.43 19.16
C VAL E 223 -46.15 80.96 17.79
N TYR E 224 -45.00 81.47 17.36
CA TYR E 224 -44.44 81.16 16.05
C TYR E 224 -43.15 80.38 16.24
N TYR E 225 -43.04 79.24 15.54
CA TYR E 225 -41.88 78.38 15.60
C TYR E 225 -41.27 78.22 14.21
N CYS E 226 -39.96 78.05 14.16
CA CYS E 226 -39.26 77.67 12.94
C CYS E 226 -38.60 76.31 13.17
N GLN E 227 -38.80 75.39 12.23
CA GLN E 227 -38.32 74.02 12.34
C GLN E 227 -37.46 73.67 11.15
N GLN E 228 -36.46 72.82 11.38
CA GLN E 228 -35.57 72.38 10.31
C GLN E 228 -35.86 70.92 9.95
N TYR E 229 -35.67 70.59 8.68
CA TYR E 229 -35.89 69.24 8.19
C TYR E 229 -34.87 68.94 7.10
N GLY E 230 -35.04 67.79 6.45
CA GLY E 230 -34.12 67.40 5.39
C GLY E 230 -32.69 67.21 5.86
N SER E 231 -32.51 66.74 7.09
CA SER E 231 -31.20 66.63 7.70
C SER E 231 -31.31 65.68 8.89
N SER E 232 -30.30 65.72 9.77
CA SER E 232 -30.28 65.01 11.03
C SER E 232 -31.53 65.33 11.85
N PRO E 233 -31.85 64.55 12.92
CA PRO E 233 -33.12 64.71 13.64
C PRO E 233 -33.65 66.13 13.76
N TYR E 234 -34.95 66.28 13.49
CA TYR E 234 -35.58 67.58 13.35
C TYR E 234 -35.49 68.38 14.65
N THR E 235 -35.29 69.69 14.52
CA THR E 235 -35.26 70.59 15.66
C THR E 235 -36.16 71.79 15.40
N PHE E 236 -36.87 72.20 16.45
CA PHE E 236 -37.73 73.38 16.45
C PHE E 236 -37.03 74.52 17.19
N GLY E 237 -37.57 75.72 17.03
CA GLY E 237 -37.06 76.86 17.76
C GLY E 237 -37.48 76.86 19.22
N GLN E 238 -36.89 77.79 19.97
CA GLN E 238 -37.21 77.90 21.39
C GLN E 238 -38.63 78.39 21.61
N GLY E 239 -39.12 79.29 20.75
CA GLY E 239 -40.48 79.78 20.87
C GLY E 239 -40.58 81.29 20.93
N THR E 240 -41.32 81.87 20.01
CA THR E 240 -41.53 83.32 19.94
C THR E 240 -43.02 83.61 20.13
N LYS E 241 -43.33 84.47 21.09
CA LYS E 241 -44.71 84.81 21.43
C LYS E 241 -45.03 86.22 20.97
N LEU E 242 -46.27 86.42 20.57
CA LEU E 242 -46.77 87.73 20.15
C LEU E 242 -47.63 88.30 21.26
N GLU E 243 -47.31 89.53 21.68
CA GLU E 243 -47.97 90.15 22.82
C GLU E 243 -48.28 91.60 22.46
N ILE E 244 -49.33 92.12 23.09
CA ILE E 244 -49.82 93.48 22.82
C ILE E 244 -49.43 94.38 23.99
N LYS E 245 -48.77 95.50 23.68
CA LYS E 245 -48.32 96.42 24.72
C LYS E 245 -49.50 97.02 25.48
N GLU F 5 -55.07 16.91 65.88
CA GLU F 5 -54.73 18.32 65.70
C GLU F 5 -53.63 18.47 64.66
N VAL F 6 -54.02 18.89 63.46
CA VAL F 6 -53.08 19.11 62.35
C VAL F 6 -52.81 20.60 62.22
N GLN F 7 -51.54 20.96 62.12
CA GLN F 7 -51.14 22.35 62.00
C GLN F 7 -50.04 22.47 60.94
N LEU F 8 -50.14 23.52 60.12
CA LEU F 8 -49.13 23.81 59.10
C LEU F 8 -48.65 25.24 59.33
N LEU F 9 -47.35 25.40 59.50
CA LEU F 9 -46.75 26.69 59.83
C LEU F 9 -45.84 27.14 58.68
N GLN F 10 -45.88 28.45 58.41
CA GLN F 10 -45.05 29.05 57.37
C GLN F 10 -44.39 30.31 57.91
N SER F 11 -43.23 30.64 57.34
CA SER F 11 -42.50 31.86 57.74
C SER F 11 -41.82 32.41 56.48
N ALA F 12 -42.50 33.37 55.84
CA ALA F 12 -41.96 33.99 54.63
C ALA F 12 -42.26 35.50 54.59
N GLY F 13 -42.53 36.11 55.74
CA GLY F 13 -42.86 37.53 55.77
C GLY F 13 -41.66 38.43 55.64
N GLY F 14 -41.04 38.44 54.46
CA GLY F 14 -39.89 39.28 54.22
C GLY F 14 -39.82 39.82 52.80
N LEU F 15 -39.61 41.12 52.66
CA LEU F 15 -39.46 41.72 51.35
C LEU F 15 -38.20 41.20 50.66
N VAL F 16 -38.27 41.07 49.35
CA VAL F 16 -37.18 40.51 48.54
C VAL F 16 -36.67 41.59 47.61
N GLN F 17 -35.35 41.77 47.59
CA GLN F 17 -34.73 42.68 46.65
C GLN F 17 -34.84 42.12 45.23
N PRO F 18 -34.80 42.98 44.21
CA PRO F 18 -34.93 42.48 42.84
C PRO F 18 -33.72 41.62 42.46
N GLY F 19 -34.01 40.46 41.90
CA GLY F 19 -32.97 39.50 41.57
C GLY F 19 -32.39 38.79 42.77
N GLY F 20 -33.09 38.79 43.90
CA GLY F 20 -32.62 38.15 45.11
C GLY F 20 -33.15 36.73 45.27
N SER F 21 -32.72 36.09 46.34
CA SER F 21 -33.07 34.71 46.64
C SER F 21 -33.82 34.65 47.97
N LEU F 22 -34.80 33.75 48.05
CA LEU F 22 -35.60 33.58 49.27
C LEU F 22 -35.76 32.10 49.57
N ARG F 23 -36.16 31.81 50.81
CA ARG F 23 -36.41 30.43 51.25
C ARG F 23 -37.68 30.41 52.08
N LEU F 24 -38.68 29.65 51.61
CA LEU F 24 -39.91 29.45 52.36
C LEU F 24 -39.83 28.15 53.15
N SER F 25 -40.83 27.94 54.02
CA SER F 25 -40.84 26.76 54.87
C SER F 25 -42.27 26.33 55.15
N CYS F 26 -42.51 25.02 55.05
CA CYS F 26 -43.76 24.40 55.47
C CYS F 26 -43.42 23.23 56.37
N ALA F 27 -44.05 23.17 57.54
CA ALA F 27 -43.73 22.16 58.54
C ALA F 27 -44.80 21.07 58.55
N ALA F 28 -44.68 20.14 59.48
CA ALA F 28 -45.65 19.06 59.65
C ALA F 28 -45.96 18.91 61.13
N SER F 29 -47.14 18.37 61.42
CA SER F 29 -47.65 18.26 62.78
C SER F 29 -48.23 16.87 63.03
N GLY F 30 -47.47 15.84 62.65
CA GLY F 30 -47.87 14.48 62.97
C GLY F 30 -47.81 13.51 61.81
N PHE F 31 -48.03 14.00 60.60
CA PHE F 31 -48.03 13.16 59.40
C PHE F 31 -46.67 13.26 58.72
N THR F 32 -46.12 12.11 58.35
CA THR F 32 -44.83 12.08 57.68
C THR F 32 -44.95 12.67 56.28
N VAL F 33 -43.98 13.54 55.93
CA VAL F 33 -44.00 14.18 54.62
C VAL F 33 -43.44 13.27 53.53
N SER F 34 -42.71 12.22 53.90
CA SER F 34 -42.08 11.34 52.92
C SER F 34 -43.02 10.29 52.38
N ALA F 35 -44.27 10.23 52.86
CA ALA F 35 -45.21 9.22 52.43
C ALA F 35 -46.51 9.79 51.86
N ASN F 36 -46.65 11.11 51.78
CA ASN F 36 -47.90 11.69 51.33
C ASN F 36 -47.63 12.77 50.29
N TYR F 37 -48.71 13.20 49.63
CA TYR F 37 -48.63 14.21 48.58
C TYR F 37 -48.64 15.61 49.19
N MET F 38 -47.88 16.51 48.58
CA MET F 38 -47.90 17.93 48.92
C MET F 38 -48.08 18.75 47.66
N SER F 39 -48.67 19.94 47.81
CA SER F 39 -48.93 20.80 46.67
C SER F 39 -48.82 22.26 47.11
N TRP F 40 -48.37 23.10 46.18
CA TRP F 40 -48.26 24.54 46.40
C TRP F 40 -49.21 25.27 45.47
N VAL F 41 -49.97 26.21 46.02
CA VAL F 41 -50.94 26.97 45.25
C VAL F 41 -50.74 28.46 45.50
N ARG F 42 -50.87 29.22 44.42
CA ARG F 42 -50.73 30.66 44.43
C ARG F 42 -52.11 31.28 44.57
N GLN F 43 -52.30 32.06 45.63
CA GLN F 43 -53.61 32.63 45.94
C GLN F 43 -54.05 33.64 44.88
N ALA F 44 -53.11 34.46 44.39
CA ALA F 44 -53.37 35.48 43.38
C ALA F 44 -54.52 36.38 43.81
N PRO F 45 -54.30 37.28 44.77
CA PRO F 45 -55.40 38.14 45.24
C PRO F 45 -55.95 39.00 44.10
N GLY F 46 -57.26 39.16 44.10
CA GLY F 46 -57.95 39.87 43.04
C GLY F 46 -58.34 39.03 41.85
N LYS F 47 -57.90 37.77 41.79
CA LYS F 47 -58.22 36.87 40.69
C LYS F 47 -58.39 35.47 41.26
N GLY F 48 -58.49 34.48 40.38
CA GLY F 48 -58.60 33.11 40.81
C GLY F 48 -57.26 32.51 41.22
N LEU F 49 -57.34 31.48 42.05
CA LEU F 49 -56.14 30.79 42.50
C LEU F 49 -55.54 29.96 41.37
N GLU F 50 -54.26 29.62 41.52
CA GLU F 50 -53.55 28.85 40.50
C GLU F 50 -52.59 27.90 41.18
N TRP F 51 -51.91 27.09 40.38
CA TRP F 51 -51.03 26.03 40.83
C TRP F 51 -49.57 26.47 40.70
N VAL F 52 -48.71 25.90 41.54
CA VAL F 52 -47.27 26.17 41.45
C VAL F 52 -46.52 24.86 41.27
N SER F 53 -46.60 23.97 42.26
CA SER F 53 -45.80 22.75 42.23
C SER F 53 -46.45 21.68 43.10
N VAL F 54 -46.07 20.43 42.82
CA VAL F 54 -46.48 19.26 43.58
C VAL F 54 -45.28 18.35 43.82
N ILE F 55 -45.18 17.83 45.03
CA ILE F 55 -44.19 16.83 45.42
C ILE F 55 -44.94 15.55 45.80
N TYR F 56 -44.67 14.48 45.07
CA TYR F 56 -45.19 13.17 45.42
C TYR F 56 -44.31 12.54 46.49
N PRO F 57 -44.77 11.46 47.13
CA PRO F 57 -43.84 10.60 47.85
C PRO F 57 -42.78 10.09 46.89
N GLY F 58 -41.57 9.87 47.42
CA GLY F 58 -40.44 9.86 46.51
C GLY F 58 -39.74 11.20 46.53
N GLY F 59 -40.17 12.11 45.65
CA GLY F 59 -39.53 13.40 45.54
C GLY F 59 -39.37 13.91 44.12
N SER F 60 -40.05 13.26 43.18
CA SER F 60 -40.19 13.85 41.85
C SER F 60 -40.96 15.16 41.94
N THR F 61 -40.49 16.16 41.21
CA THR F 61 -41.03 17.52 41.29
C THR F 61 -41.88 17.80 40.06
N PHE F 62 -43.09 18.30 40.28
CA PHE F 62 -43.95 18.71 39.18
C PHE F 62 -44.24 20.20 39.29
N TYR F 63 -44.04 20.92 38.18
CA TYR F 63 -44.22 22.37 38.14
C TYR F 63 -45.42 22.72 37.27
N ALA F 64 -45.88 23.96 37.40
CA ALA F 64 -46.96 24.44 36.57
C ALA F 64 -46.50 24.62 35.13
N ASP F 65 -47.44 24.89 34.23
CA ASP F 65 -47.12 25.04 32.81
C ASP F 65 -46.44 26.37 32.51
N SER F 66 -46.92 27.46 33.10
CA SER F 66 -46.36 28.77 32.80
C SER F 66 -44.92 28.90 33.34
N VAL F 67 -44.68 28.41 34.55
CA VAL F 67 -43.39 28.57 35.22
C VAL F 67 -42.62 27.26 35.12
N LYS F 68 -41.35 27.34 34.73
CA LYS F 68 -40.53 26.16 34.47
C LYS F 68 -39.14 26.34 35.06
N GLY F 69 -38.74 25.41 35.92
CA GLY F 69 -37.36 25.27 36.32
C GLY F 69 -36.84 26.15 37.44
N ARG F 70 -37.19 27.43 37.41
CA ARG F 70 -36.57 28.39 38.34
C ARG F 70 -36.91 28.08 39.80
N PHE F 71 -38.16 27.74 40.07
CA PHE F 71 -38.57 27.46 41.44
C PHE F 71 -37.94 26.14 41.89
N THR F 72 -37.29 26.12 43.06
CA THR F 72 -36.61 24.90 43.49
C THR F 72 -37.23 24.39 44.77
N ILE F 73 -38.01 23.32 44.66
CA ILE F 73 -38.74 22.75 45.80
C ILE F 73 -38.03 21.47 46.24
N SER F 74 -37.86 21.32 47.56
CA SER F 74 -37.19 20.17 48.12
C SER F 74 -37.86 19.79 49.43
N ARG F 75 -37.79 18.50 49.76
CA ARG F 75 -38.36 17.96 50.99
C ARG F 75 -37.22 17.48 51.89
N ASP F 76 -37.23 17.93 53.15
CA ASP F 76 -36.19 17.58 54.11
C ASP F 76 -36.84 16.76 55.22
N ASN F 77 -36.56 15.45 55.23
CA ASN F 77 -37.09 14.58 56.26
C ASN F 77 -36.38 14.76 57.60
N SER F 78 -35.16 15.30 57.59
CA SER F 78 -34.43 15.48 58.84
C SER F 78 -35.14 16.45 59.77
N LYS F 79 -35.65 17.56 59.23
CA LYS F 79 -36.36 18.55 60.01
C LYS F 79 -37.86 18.57 59.72
N ASN F 80 -38.35 17.61 58.92
CA ASN F 80 -39.77 17.52 58.58
C ASN F 80 -40.26 18.83 57.94
N THR F 81 -39.65 19.18 56.82
CA THR F 81 -39.89 20.45 56.17
C THR F 81 -40.09 20.28 54.67
N LEU F 82 -40.74 21.28 54.08
CA LEU F 82 -41.15 21.27 52.68
C LEU F 82 -40.57 22.47 51.97
N TYR F 83 -39.25 22.64 52.08
CA TYR F 83 -38.61 23.90 51.71
C TYR F 83 -38.82 24.23 50.23
N LEU F 84 -38.95 25.52 49.95
CA LEU F 84 -39.08 26.00 48.59
C LEU F 84 -38.19 27.23 48.44
N GLN F 85 -37.17 27.13 47.60
CA GLN F 85 -36.24 28.22 47.36
C GLN F 85 -36.68 29.00 46.13
N MET F 86 -36.77 30.32 46.32
CA MET F 86 -37.22 31.26 45.31
C MET F 86 -35.98 31.91 44.69
N ASN F 87 -35.81 31.74 43.39
CA ASN F 87 -34.70 32.35 42.68
C ASN F 87 -35.02 33.81 42.38
N SER F 88 -34.25 34.42 41.47
CA SER F 88 -34.44 35.81 41.06
C SER F 88 -35.89 36.08 40.73
N LEU F 89 -36.49 37.01 41.46
CA LEU F 89 -37.92 37.31 41.34
C LEU F 89 -38.13 38.49 40.41
N ARG F 90 -39.10 38.35 39.50
CA ARG F 90 -39.43 39.35 38.50
C ARG F 90 -40.76 40.02 38.85
N VAL F 91 -41.24 40.85 37.92
CA VAL F 91 -42.47 41.60 38.14
C VAL F 91 -43.68 40.66 38.22
N GLU F 92 -44.76 41.17 38.81
CA GLU F 92 -46.07 40.51 38.86
C GLU F 92 -45.99 39.08 39.42
N ASP F 93 -45.24 38.94 40.51
CA ASP F 93 -45.17 37.68 41.25
C ASP F 93 -45.62 37.85 42.69
N THR F 94 -46.49 38.83 42.95
CA THR F 94 -46.94 39.13 44.30
C THR F 94 -48.25 38.42 44.57
N ALA F 95 -48.21 37.42 45.45
CA ALA F 95 -49.39 36.66 45.86
C ALA F 95 -49.01 35.86 47.09
N VAL F 96 -49.94 35.01 47.53
CA VAL F 96 -49.72 34.15 48.68
C VAL F 96 -49.38 32.76 48.14
N TYR F 97 -48.64 31.99 48.95
CA TYR F 97 -47.98 30.77 48.50
C TYR F 97 -48.41 29.56 49.31
N TYR F 98 -49.72 29.32 49.41
CA TYR F 98 -50.23 28.28 50.29
C TYR F 98 -49.63 26.92 49.95
N CYS F 99 -49.44 26.10 50.99
CA CYS F 99 -49.00 24.72 50.83
C CYS F 99 -49.97 23.81 51.56
N ALA F 100 -50.25 22.65 50.97
CA ALA F 100 -51.27 21.77 51.54
C ALA F 100 -51.06 20.35 51.04
N ARG F 101 -51.43 19.40 51.90
CA ARG F 101 -51.41 18.00 51.49
C ARG F 101 -52.53 17.71 50.50
N ASP F 102 -52.29 16.74 49.62
CA ASP F 102 -53.22 16.44 48.53
C ASP F 102 -53.61 14.98 48.57
N LEU F 103 -54.92 14.72 48.52
CA LEU F 103 -55.50 13.38 48.40
C LEU F 103 -56.58 13.40 47.32
N SER F 104 -56.23 13.95 46.16
CA SER F 104 -57.19 14.37 45.14
C SER F 104 -58.39 13.45 44.97
N VAL F 105 -58.15 12.13 44.87
CA VAL F 105 -59.24 11.20 44.63
C VAL F 105 -60.18 11.16 45.84
N ALA F 106 -59.63 11.01 47.03
CA ALA F 106 -60.41 10.92 48.26
C ALA F 106 -60.06 12.11 49.15
N GLY F 107 -60.74 13.24 48.92
CA GLY F 107 -60.52 14.44 49.70
C GLY F 107 -59.50 15.35 49.06
N ALA F 108 -59.95 16.46 48.49
CA ALA F 108 -59.08 17.38 47.76
C ALA F 108 -58.67 18.51 48.69
N PHE F 109 -57.40 18.50 49.09
CA PHE F 109 -56.81 19.56 49.93
C PHE F 109 -57.60 19.71 51.23
N ASP F 110 -57.58 18.65 52.04
CA ASP F 110 -58.37 18.65 53.27
C ASP F 110 -57.90 19.72 54.24
N ILE F 111 -56.58 19.87 54.41
CA ILE F 111 -56.01 20.88 55.30
C ILE F 111 -55.00 21.70 54.51
N TRP F 112 -54.93 22.98 54.81
CA TRP F 112 -54.06 23.93 54.12
C TRP F 112 -53.10 24.55 55.14
N GLY F 113 -52.20 25.40 54.65
CA GLY F 113 -51.33 26.15 55.54
C GLY F 113 -52.04 27.32 56.20
N GLN F 114 -51.34 28.44 56.35
CA GLN F 114 -51.92 29.63 56.94
C GLN F 114 -51.82 30.86 56.04
N GLY F 115 -50.71 31.03 55.33
CA GLY F 115 -50.58 32.15 54.43
C GLY F 115 -49.38 33.04 54.72
N THR F 116 -48.94 33.78 53.71
CA THR F 116 -47.80 34.69 53.82
C THR F 116 -47.95 35.76 52.74
N LEU F 117 -46.87 36.50 52.50
CA LEU F 117 -46.91 37.56 51.50
C LEU F 117 -45.50 37.78 50.96
N VAL F 118 -45.37 37.73 49.63
CA VAL F 118 -44.11 37.98 48.94
C VAL F 118 -44.34 39.15 47.99
N THR F 119 -43.50 40.18 48.09
CA THR F 119 -43.65 41.39 47.32
C THR F 119 -42.65 41.40 46.15
N VAL F 120 -42.61 42.52 45.44
CA VAL F 120 -41.72 42.73 44.31
C VAL F 120 -40.98 44.05 44.55
N SER F 121 -39.98 44.32 43.72
CA SER F 121 -39.23 45.57 43.83
C SER F 121 -40.18 46.77 43.71
N SER F 122 -39.97 47.76 44.58
CA SER F 122 -40.82 48.95 44.67
C SER F 122 -42.28 48.55 44.92
N ILE F 139 -57.41 23.64 30.65
CA ILE F 139 -58.78 23.53 31.14
C ILE F 139 -59.42 24.90 31.26
N VAL F 140 -60.59 25.06 30.64
CA VAL F 140 -61.37 26.29 30.72
C VAL F 140 -62.50 26.04 31.70
N LEU F 141 -62.34 26.53 32.92
CA LEU F 141 -63.33 26.37 33.98
C LEU F 141 -63.86 27.73 34.38
N THR F 142 -65.19 27.85 34.44
CA THR F 142 -65.84 29.13 34.68
C THR F 142 -66.93 28.93 35.72
N GLN F 143 -67.24 29.99 36.47
CA GLN F 143 -68.34 29.99 37.42
C GLN F 143 -69.39 30.98 36.94
N SER F 144 -70.63 30.50 36.78
CA SER F 144 -71.68 31.23 36.09
C SER F 144 -72.37 32.31 36.93
N PRO F 145 -72.94 31.98 38.11
CA PRO F 145 -73.91 32.89 38.74
C PRO F 145 -73.39 34.31 38.99
N GLY F 146 -72.31 34.44 39.75
CA GLY F 146 -71.82 35.74 40.13
C GLY F 146 -72.06 36.06 41.59
N THR F 147 -72.17 37.35 41.93
CA THR F 147 -72.33 37.73 43.32
C THR F 147 -73.62 37.18 43.92
N LEU F 148 -74.73 37.29 43.18
CA LEU F 148 -76.04 36.78 43.60
C LEU F 148 -76.37 37.19 45.04
N SER F 149 -76.50 38.49 45.24
CA SER F 149 -76.84 39.01 46.55
C SER F 149 -78.20 38.48 47.01
N LEU F 150 -78.24 37.94 48.23
CA LEU F 150 -79.45 37.32 48.76
C LEU F 150 -79.52 37.60 50.25
N SER F 151 -80.48 36.97 50.92
CA SER F 151 -80.67 37.10 52.35
C SER F 151 -80.83 35.72 52.97
N PRO F 152 -80.46 35.56 54.25
CA PRO F 152 -80.62 34.26 54.90
C PRO F 152 -82.09 33.87 55.00
N GLY F 153 -82.34 32.57 54.96
CA GLY F 153 -83.69 32.02 55.03
C GLY F 153 -84.09 31.18 53.84
N GLU F 154 -83.31 31.17 52.76
CA GLU F 154 -83.60 30.36 51.59
C GLU F 154 -82.29 29.75 51.11
N ARG F 155 -82.34 29.07 49.97
CA ARG F 155 -81.19 28.42 49.38
C ARG F 155 -80.69 29.21 48.17
N ALA F 156 -79.58 28.74 47.60
CA ALA F 156 -78.98 29.37 46.43
C ALA F 156 -78.31 28.29 45.59
N THR F 157 -78.04 28.62 44.34
CA THR F 157 -77.42 27.71 43.39
C THR F 157 -76.16 28.35 42.82
N LEU F 158 -75.05 27.61 42.84
CA LEU F 158 -73.79 28.05 42.25
C LEU F 158 -73.40 27.04 41.18
N SER F 159 -73.22 27.51 39.96
CA SER F 159 -72.96 26.66 38.80
C SER F 159 -71.52 26.84 38.34
N CYS F 160 -70.83 25.72 38.15
CA CYS F 160 -69.45 25.72 37.67
C CYS F 160 -69.40 24.88 36.39
N ARG F 161 -69.08 25.53 35.27
CA ARG F 161 -68.99 24.90 33.96
C ARG F 161 -67.54 24.60 33.61
N ALA F 162 -67.35 23.49 32.88
CA ALA F 162 -66.03 23.11 32.40
C ALA F 162 -66.09 22.84 30.90
N SER F 163 -65.03 23.21 30.20
CA SER F 163 -64.95 23.00 28.76
C SER F 163 -64.60 21.57 28.38
N GLN F 164 -63.77 20.89 29.17
CA GLN F 164 -63.35 19.53 28.86
C GLN F 164 -64.37 18.48 29.27
N SER F 165 -65.36 18.85 30.08
CA SER F 165 -66.47 17.97 30.46
C SER F 165 -65.95 16.69 31.13
N VAL F 166 -65.32 16.90 32.30
CA VAL F 166 -64.76 15.77 33.03
C VAL F 166 -65.88 14.80 33.41
N SER F 167 -65.55 13.51 33.41
CA SER F 167 -66.57 12.47 33.45
C SER F 167 -67.40 12.45 34.73
N SER F 168 -66.81 12.04 35.85
CA SER F 168 -67.60 11.81 37.07
C SER F 168 -67.18 12.67 38.26
N SER F 169 -65.94 12.53 38.74
CA SER F 169 -65.63 12.95 40.10
C SER F 169 -64.25 13.60 40.19
N TYR F 170 -63.92 14.50 39.27
CA TYR F 170 -62.64 15.18 39.30
C TYR F 170 -62.79 16.69 39.53
N LEU F 171 -63.86 17.10 40.22
CA LEU F 171 -64.08 18.48 40.57
C LEU F 171 -64.42 18.58 42.05
N ALA F 172 -63.91 19.62 42.70
CA ALA F 172 -64.14 19.84 44.12
C ALA F 172 -64.42 21.31 44.38
N TRP F 173 -64.82 21.62 45.61
CA TRP F 173 -65.19 22.97 46.00
C TRP F 173 -64.47 23.36 47.29
N TYR F 174 -63.98 24.60 47.31
CA TYR F 174 -63.31 25.16 48.47
C TYR F 174 -64.02 26.45 48.90
N GLN F 175 -63.80 26.83 50.15
CA GLN F 175 -64.38 28.05 50.71
C GLN F 175 -63.24 28.94 51.21
N GLN F 176 -63.11 30.12 50.63
CA GLN F 176 -62.13 31.10 51.08
C GLN F 176 -62.68 31.88 52.27
N LYS F 177 -61.77 32.47 53.04
CA LYS F 177 -62.15 33.28 54.18
C LYS F 177 -61.16 34.43 54.28
N PRO F 178 -61.64 35.68 54.45
CA PRO F 178 -60.73 36.82 54.54
C PRO F 178 -59.76 36.70 55.71
N GLY F 179 -58.44 36.57 55.35
CA GLY F 179 -57.37 36.44 56.32
C GLY F 179 -57.09 35.03 56.79
N GLN F 180 -57.91 34.06 56.38
CA GLN F 180 -57.74 32.68 56.78
C GLN F 180 -57.34 31.83 55.58
N ALA F 181 -57.19 30.51 55.80
CA ALA F 181 -56.81 29.56 54.77
C ALA F 181 -58.05 28.95 54.12
N PRO F 182 -57.97 28.56 52.85
CA PRO F 182 -59.11 27.91 52.19
C PRO F 182 -59.45 26.60 52.88
N ARG F 183 -60.75 26.29 52.89
CA ARG F 183 -61.26 25.09 53.54
C ARG F 183 -62.08 24.27 52.55
N LEU F 184 -61.89 22.96 52.60
CA LEU F 184 -62.62 22.04 51.74
C LEU F 184 -64.07 21.93 52.19
N LEU F 185 -64.98 21.91 51.22
CA LEU F 185 -66.40 21.72 51.49
C LEU F 185 -66.90 20.36 51.00
N ILE F 186 -66.70 20.06 49.73
CA ILE F 186 -67.10 18.78 49.15
C ILE F 186 -66.00 18.30 48.21
N TYR F 187 -65.68 17.02 48.28
CA TYR F 187 -64.66 16.42 47.43
C TYR F 187 -65.33 15.48 46.43
N GLY F 188 -65.01 15.66 45.16
CA GLY F 188 -65.61 14.85 44.11
C GLY F 188 -67.04 15.20 43.78
N ALA F 189 -67.58 16.29 44.34
CA ALA F 189 -68.94 16.74 44.11
C ALA F 189 -69.98 15.68 44.43
N SER F 190 -69.64 14.73 45.29
CA SER F 190 -70.58 13.66 45.67
C SER F 190 -70.78 13.57 47.18
N SER F 191 -69.73 13.74 47.97
CA SER F 191 -69.82 13.67 49.41
C SER F 191 -68.95 14.75 50.03
N ARG F 192 -69.47 15.41 51.07
CA ARG F 192 -68.75 16.49 51.72
C ARG F 192 -67.64 15.94 52.60
N ALA F 193 -66.72 16.83 52.98
CA ALA F 193 -65.59 16.45 53.82
C ALA F 193 -66.03 16.28 55.27
N THR F 194 -65.12 15.76 56.09
CA THR F 194 -65.41 15.54 57.50
C THR F 194 -65.59 16.87 58.23
N GLY F 195 -66.60 16.92 59.09
CA GLY F 195 -66.91 18.13 59.83
C GLY F 195 -67.74 19.14 59.08
N ILE F 196 -68.06 18.89 57.82
CA ILE F 196 -68.86 19.83 57.03
C ILE F 196 -70.33 19.66 57.39
N PRO F 197 -71.03 20.75 57.72
CA PRO F 197 -72.46 20.63 58.06
C PRO F 197 -73.28 20.14 56.87
N ASP F 198 -74.40 19.49 57.19
CA ASP F 198 -75.21 18.81 56.19
C ASP F 198 -76.09 19.76 55.37
N ARG F 199 -75.87 21.06 55.44
CA ARG F 199 -76.64 22.01 54.64
C ARG F 199 -76.00 22.30 53.29
N PHE F 200 -74.90 21.64 52.96
CA PHE F 200 -74.24 21.79 51.67
C PHE F 200 -74.53 20.57 50.81
N SER F 201 -75.00 20.81 49.59
CA SER F 201 -75.36 19.73 48.67
C SER F 201 -74.76 20.00 47.30
N GLY F 202 -74.51 18.94 46.56
CA GLY F 202 -73.95 19.06 45.22
C GLY F 202 -74.63 18.10 44.27
N SER F 203 -74.70 18.52 43.01
CA SER F 203 -75.32 17.70 41.97
C SER F 203 -74.78 18.16 40.61
N GLY F 204 -75.30 17.59 39.54
CA GLY F 204 -74.87 17.91 38.20
C GLY F 204 -73.94 16.85 37.62
N SER F 205 -73.89 16.81 36.29
CA SER F 205 -73.07 15.84 35.60
C SER F 205 -72.79 16.33 34.19
N GLY F 206 -71.77 15.73 33.57
CA GLY F 206 -71.43 16.02 32.19
C GLY F 206 -70.53 17.23 32.00
N THR F 207 -71.09 18.43 32.12
CA THR F 207 -70.36 19.66 31.84
C THR F 207 -70.34 20.65 32.99
N ASP F 208 -71.41 20.70 33.80
CA ASP F 208 -71.50 21.65 34.89
C ASP F 208 -71.81 20.93 36.19
N PHE F 209 -71.46 21.57 37.29
CA PHE F 209 -71.75 21.09 38.63
C PHE F 209 -72.40 22.21 39.43
N THR F 210 -73.45 21.85 40.17
CA THR F 210 -74.22 22.82 40.94
C THR F 210 -74.06 22.53 42.43
N LEU F 211 -73.86 23.59 43.20
CA LEU F 211 -73.73 23.51 44.65
C LEU F 211 -74.82 24.37 45.29
N THR F 212 -75.43 23.85 46.35
CA THR F 212 -76.54 24.51 47.02
C THR F 212 -76.28 24.54 48.51
N ILE F 213 -76.47 25.72 49.12
CA ILE F 213 -76.37 25.89 50.57
C ILE F 213 -77.76 26.21 51.09
N SER F 214 -78.25 25.40 52.00
CA SER F 214 -79.56 25.59 52.61
C SER F 214 -79.40 26.27 53.96
N ARG F 215 -80.46 26.98 54.37
CA ARG F 215 -80.54 27.68 55.66
C ARG F 215 -79.25 28.45 55.96
N LEU F 216 -79.00 29.45 55.11
CA LEU F 216 -77.78 30.24 55.19
C LEU F 216 -77.61 30.84 56.58
N GLU F 217 -76.39 30.72 57.12
CA GLU F 217 -76.03 31.14 58.46
C GLU F 217 -75.05 32.31 58.40
N PRO F 218 -74.94 33.09 59.49
CA PRO F 218 -73.95 34.19 59.49
C PRO F 218 -72.53 33.73 59.22
N GLU F 219 -72.14 32.55 59.70
CA GLU F 219 -70.82 32.01 59.40
C GLU F 219 -70.85 31.17 58.13
N ASP F 220 -71.44 31.73 57.08
CA ASP F 220 -71.46 31.10 55.76
C ASP F 220 -71.19 32.06 54.62
N PHE F 221 -71.21 33.38 54.85
CA PHE F 221 -71.00 34.36 53.81
C PHE F 221 -69.52 34.38 53.44
N ALA F 222 -69.15 33.63 52.41
CA ALA F 222 -67.74 33.51 52.03
C ALA F 222 -67.65 33.17 50.55
N VAL F 223 -66.46 33.39 50.00
CA VAL F 223 -66.21 33.13 48.59
C VAL F 223 -66.10 31.63 48.36
N TYR F 224 -66.75 31.14 47.31
CA TYR F 224 -66.72 29.73 46.93
C TYR F 224 -65.91 29.58 45.65
N TYR F 225 -65.02 28.58 45.64
CA TYR F 225 -64.22 28.25 44.46
C TYR F 225 -64.51 26.82 44.04
N CYS F 226 -64.54 26.59 42.72
CA CYS F 226 -64.63 25.25 42.16
C CYS F 226 -63.34 24.96 41.42
N GLN F 227 -62.75 23.80 41.68
CA GLN F 227 -61.44 23.46 41.13
C GLN F 227 -61.52 22.08 40.47
N GLN F 228 -60.64 21.88 39.48
CA GLN F 228 -60.57 20.62 38.76
C GLN F 228 -59.24 19.93 39.03
N TYR F 229 -59.27 18.60 39.06
CA TYR F 229 -58.07 17.80 39.29
C TYR F 229 -58.16 16.55 38.42
N GLY F 230 -57.19 15.65 38.59
CA GLY F 230 -57.14 14.42 37.82
C GLY F 230 -56.99 14.64 36.33
N SER F 231 -56.24 15.67 35.95
CA SER F 231 -56.12 16.06 34.55
C SER F 231 -54.89 16.98 34.44
N SER F 232 -54.79 17.70 33.32
CA SER F 232 -53.77 18.72 33.09
C SER F 232 -53.78 19.73 34.24
N PRO F 233 -52.72 20.57 34.41
CA PRO F 233 -52.57 21.41 35.60
C PRO F 233 -53.86 21.97 36.20
N TYR F 234 -53.99 21.84 37.52
CA TYR F 234 -55.23 22.17 38.20
C TYR F 234 -55.63 23.62 37.97
N THR F 235 -56.92 23.84 37.74
CA THR F 235 -57.46 25.18 37.58
C THR F 235 -58.60 25.40 38.58
N PHE F 236 -58.61 26.60 39.15
CA PHE F 236 -59.65 27.06 40.06
C PHE F 236 -60.56 28.05 39.35
N GLY F 237 -61.71 28.33 39.97
CA GLY F 237 -62.62 29.31 39.44
C GLY F 237 -62.13 30.73 39.66
N GLN F 238 -62.80 31.67 39.00
CA GLN F 238 -62.45 33.08 39.13
C GLN F 238 -62.72 33.58 40.54
N GLY F 239 -63.82 33.15 41.15
CA GLY F 239 -64.18 33.57 42.48
C GLY F 239 -65.58 34.12 42.58
N THR F 240 -66.40 33.52 43.44
CA THR F 240 -67.79 33.92 43.64
C THR F 240 -67.98 34.32 45.09
N LYS F 241 -68.13 35.62 45.34
CA LYS F 241 -68.34 36.14 46.68
C LYS F 241 -69.82 36.21 47.00
N LEU F 242 -70.14 36.08 48.29
CA LEU F 242 -71.51 36.19 48.78
C LEU F 242 -71.65 37.49 49.55
N GLU F 243 -72.61 38.33 49.13
CA GLU F 243 -72.80 39.65 49.70
C GLU F 243 -74.28 39.87 49.92
N ILE F 244 -74.60 40.70 50.92
CA ILE F 244 -75.98 40.89 51.37
C ILE F 244 -76.54 42.17 50.76
N LYS F 245 -77.75 42.09 50.22
CA LYS F 245 -78.40 43.24 49.61
C LYS F 245 -78.69 44.32 50.64
#